data_7TAX
#
_entry.id   7TAX
#
_cell.length_a   1.00
_cell.length_b   1.00
_cell.length_c   1.00
_cell.angle_alpha   90.00
_cell.angle_beta   90.00
_cell.angle_gamma   90.00
#
_symmetry.space_group_name_H-M   'P 1'
#
loop_
_entity.id
_entity.type
_entity.pdbx_description
1 polymer 'CRISPR-associated protein Csy1'
2 polymer 'CRISPR type I-F/YPEST-associated protein Csy2'
3 polymer 'CRISPR-associated endonuclease Cas6/Csy4'
4 polymer 'CRISPR type I-F/YPEST-associated protein Csy3'
5 polymer AcrIF24
6 polymer 'RNA (61-MER)'
7 polymer "DNA (5'-D(P*AP*TP*AP*GP*CP*TP*CP*GP*AP*TP*TP*CP*GP*AP*GP*CP*TP*AP*A)-3')"
8 polymer "DNA (5'-D(P*TP*TP*AP*GP*CP*TP*CP*GP*AP*AP*TP*CP*GP*AP*GP*CP*TP*AP*T)-3')"
#
loop_
_entity_poly.entity_id
_entity_poly.type
_entity_poly.pdbx_seq_one_letter_code
_entity_poly.pdbx_strand_id
1 'polypeptide(L)'
;MTSPLPTPTWQELRQFIESFIQERLQGKLDKLQPDEDDKRQTLLATHRREAWLADAARRVGQLQLVTHTLKPIHPDARGS
NLHSLPQAPGQPGLAGSHELGDRLVSDVVGNAAALDVFKFLSLQYQGKNLLNWLTEDSAEALQALSDNAEQAREWRQAFI
GITTVKGAPASHSLAKQLYFPLPGSGYHLLAPLFPTSLVHHVHALLREARFGDAAKAAREARSRQESWPHGFSEYPNLAI
QKFGGTKPQNISQLNNERRGENWLLPSLPPNWQRQNVNAPMRHSSVFEHDFGRTPEVSRLTRTLQRFLAKTVHNNLAIRQ
RRAQLVAQICDEALQYAARLRELEPGWSATPGCQLHDAEQLWLDPLRAQTDETFLQRRLRGDWPAEVGNRFANWLNRAVS
SDSQILGSPEAAQWSQELSKELTMFKEILEDERD
;
A
2 'polypeptide(L)'
;MSVTDPEALLLLPRLSIQNANAISSPLTWGFPSPGAFTGFVHALQRRVGISLDIELDGVGIVCHRFEAQISQPAGKRTKV
FNLTRNPLNRDGSTAAIVEEGRAHLEVSLLLGVHGDGLDDHPAQEIARQVQEQAGAMRLAGGSILPWCNERFPAPNAELL
MLGGSDEQRRKNQRRLTRRLLPGFALVSREALLQQHLETLRTTLPEATTLDALLDLCRINFEPPATSSEEEASPPDAAWQ
VRDKPGWLVPIPAGYNALSPLYLPGEVRNARDRETPLRFVENLFGLGEWLSPHRVAALSDLLWYHHAEPDKGLYRWSTPR
FVEHAIA
;
B
3 'polypeptide(L)'
;MDHYLDIRLRPDPEFPPAQLMSVLFGKLHQALVAQGGDRIGVSFPDLDESRSRLGERLRIHASADDLRALLARPWLEGLR
DHLQFGEPAVVPHPTPYRQVSRVQAKSNPERLRRRLMRRHDLSEEEARKRIPDTVARALDLPFVTLRSQSTGQHFRLFIR
HGPLQVTAEEGGFTCYGLSKGGFVPWF
;
C
4 'polypeptide(L)'
;MKSSHHHHHHENLYFQSNASKPILSTASVLAFERKLDPSDALMSAGAWAQRDASQEWPAVTVREKSVRGTISNRLKTKDR
DPAKLDASIQSPNLQTVDVANLPSDADTLKVRFTLRVLGGAGTPSACNDAAYRDKLLQTVATYVNDQGFAELARRYAHNL
ANARFLWRNRVGAEAVEVRINHIRQGEVARAWRFDALAIGLRDFKADAELDALAELIASGLSGSGHVLLEVVAFARIGDG
QEVFPSQELILDKGDKKGQKSKTLYSVRDAAAIHSQKIGNALRTIDTWYPDEDGLGPIAVEPYGSVTSQGKAYRQPKQKL
DFYTLLDNWVLRDEAPAVEQQHYVIANLIRGGVFGEAEEK
;
D,E,F,G,H,I
5 'polypeptide(L)'
;MNAIHIGPFSITPAARGLHYGGLPHHQWTLYYGPREMAIKTLPDSYTSSEVRDEFSDIIAEFVIDARHRYAPDVLELVNS
DGDAVLARVAVSRLPEALSGCIPDDRFPYWLLTASRPRLGLPVTLNEYTALAVELSAPPLAWITGLLPGEVLTHDAEEWR
PPTSWELRHVVGEGSFTGVSGAAAAALLGMSATNFRKYTAGDSAANRQKISFAAWHYLLDRLGVKRAS
;
J,K
6 'polyribonucleotide' CUAAGAAAUUCACGGCGGGCUUGAUGUCCGCGUCUACCUGAUUCACUGCCGUAUAGGCAGC M
7 'polydeoxyribonucleotide' (DA)(DT)(DA)(DG)(DC)(DT)(DC)(DG)(DA)(DT)(DT)(DC)(DG)(DA)(DG)(DC)(DT)(DA)(DA) Y
8 'polydeoxyribonucleotide' (DT)(DT)(DA)(DG)(DC)(DT)(DC)(DG)(DA)(DA)(DT)(DC)(DG)(DA)(DG)(DC)(DT)(DA)(DT) X
#
# COMPACT_ATOMS: atom_id res chain seq x y z
N PRO A 8 -46.76 51.55 18.51
CA PRO A 8 -47.28 52.90 18.33
C PRO A 8 -48.34 53.26 19.38
N THR A 9 -49.11 52.27 19.82
CA THR A 9 -50.16 52.45 20.79
C THR A 9 -49.85 51.67 22.06
N TRP A 10 -50.06 52.29 23.22
CA TRP A 10 -49.82 51.59 24.47
C TRP A 10 -50.91 50.56 24.75
N GLN A 11 -52.11 50.75 24.21
CA GLN A 11 -53.19 49.80 24.41
C GLN A 11 -52.86 48.44 23.80
N GLU A 12 -52.30 48.43 22.59
CA GLU A 12 -51.97 47.16 21.97
C GLU A 12 -50.80 46.47 22.67
N LEU A 13 -49.83 47.24 23.17
CA LEU A 13 -48.75 46.63 23.95
C LEU A 13 -49.27 46.02 25.24
N ARG A 14 -50.21 46.70 25.91
CA ARG A 14 -50.86 46.12 27.08
C ARG A 14 -51.61 44.84 26.70
N GLN A 15 -52.26 44.84 25.52
CA GLN A 15 -52.94 43.64 25.05
C GLN A 15 -51.97 42.48 24.85
N PHE A 16 -50.81 42.76 24.23
CA PHE A 16 -49.82 41.71 24.02
C PHE A 16 -49.27 41.17 25.33
N ILE A 17 -48.93 42.06 26.27
CA ILE A 17 -48.32 41.57 27.51
C ILE A 17 -49.35 40.81 28.34
N GLU A 18 -50.62 41.25 28.33
CA GLU A 18 -51.67 40.51 29.01
C GLU A 18 -51.89 39.16 28.34
N SER A 19 -51.82 39.10 27.02
CA SER A 19 -51.92 37.82 26.33
C SER A 19 -50.80 36.87 26.73
N PHE A 20 -49.55 37.35 26.71
CA PHE A 20 -48.42 36.50 27.06
C PHE A 20 -48.49 36.00 28.49
N ILE A 21 -48.87 36.87 29.44
CA ILE A 21 -49.04 36.36 30.80
C ILE A 21 -50.24 35.42 30.88
N GLN A 22 -51.18 35.51 29.93
CA GLN A 22 -52.28 34.55 29.92
C GLN A 22 -51.81 33.16 29.49
N GLU A 23 -50.99 33.06 28.42
CA GLU A 23 -50.44 31.74 28.12
C GLU A 23 -49.51 31.24 29.23
N ARG A 24 -48.77 32.15 29.88
CA ARG A 24 -47.93 31.73 30.99
C ARG A 24 -48.76 31.19 32.15
N LEU A 25 -49.88 31.85 32.46
CA LEU A 25 -50.77 31.41 33.52
C LEU A 25 -51.36 30.04 33.21
N GLN A 26 -51.91 29.87 32.01
CA GLN A 26 -52.53 28.59 31.69
C GLN A 26 -51.48 27.48 31.59
N GLY A 27 -50.27 27.82 31.14
CA GLY A 27 -49.21 26.82 31.09
C GLY A 27 -48.76 26.37 32.47
N LYS A 28 -48.61 27.31 33.41
CA LYS A 28 -48.20 26.89 34.75
C LYS A 28 -49.32 26.16 35.48
N LEU A 29 -50.58 26.53 35.22
CA LEU A 29 -51.69 25.77 35.78
C LEU A 29 -51.76 24.35 35.21
N ASP A 30 -51.51 24.19 33.90
CA ASP A 30 -51.53 22.85 33.31
C ASP A 30 -50.36 22.00 33.78
N LYS A 31 -49.16 22.61 33.88
CA LYS A 31 -47.99 21.86 34.31
C LYS A 31 -48.07 21.48 35.78
N LEU A 32 -48.49 22.42 36.64
CA LEU A 32 -48.61 22.12 38.05
C LEU A 32 -49.77 21.18 38.36
N GLN A 33 -50.87 21.33 37.61
CA GLN A 33 -52.10 20.56 37.82
C GLN A 33 -52.58 20.67 39.27
N PRO A 34 -52.73 21.89 39.81
CA PRO A 34 -53.08 22.05 41.22
C PRO A 34 -54.56 21.74 41.45
N ASP A 35 -54.82 20.64 42.16
CA ASP A 35 -56.17 20.26 42.54
C ASP A 35 -56.47 20.55 44.00
N GLU A 36 -55.48 20.99 44.77
CA GLU A 36 -55.66 21.31 46.18
C GLU A 36 -54.60 22.33 46.59
N ASP A 37 -54.51 22.59 47.89
CA ASP A 37 -53.54 23.47 48.53
C ASP A 37 -53.66 24.93 48.10
N ASP A 38 -54.72 25.28 47.37
CA ASP A 38 -55.01 26.66 46.95
C ASP A 38 -53.86 27.27 46.16
N LYS A 39 -53.20 26.45 45.35
CA LYS A 39 -52.09 26.94 44.54
C LYS A 39 -52.57 27.75 43.34
N ARG A 40 -53.69 27.34 42.73
CA ARG A 40 -54.19 28.03 41.55
C ARG A 40 -54.66 29.44 41.88
N GLN A 41 -55.31 29.62 43.04
CA GLN A 41 -55.77 30.94 43.44
C GLN A 41 -54.58 31.89 43.69
N THR A 42 -53.53 31.38 44.35
CA THR A 42 -52.34 32.19 44.56
C THR A 42 -51.62 32.51 43.26
N LEU A 43 -51.61 31.55 42.32
CA LEU A 43 -50.99 31.81 41.02
C LEU A 43 -51.76 32.86 40.23
N LEU A 44 -53.09 32.81 40.28
CA LEU A 44 -53.92 33.78 39.57
C LEU A 44 -53.99 35.12 40.27
N ALA A 45 -53.66 35.19 41.56
CA ALA A 45 -53.67 36.46 42.29
C ALA A 45 -52.32 37.14 42.32
N THR A 46 -51.29 36.53 41.74
CA THR A 46 -49.95 37.09 41.77
C THR A 46 -49.30 37.22 40.39
N HIS A 47 -49.91 36.66 39.35
CA HIS A 47 -49.31 36.64 38.02
C HIS A 47 -50.31 37.12 36.97
N ARG A 48 -51.12 38.12 37.32
CA ARG A 48 -52.10 38.66 36.39
C ARG A 48 -52.24 40.18 36.42
N ARG A 49 -51.50 40.88 37.28
CA ARG A 49 -51.70 42.31 37.46
C ARG A 49 -50.32 42.96 37.60
N GLU A 50 -50.32 44.21 38.08
CA GLU A 50 -49.07 44.96 38.24
C GLU A 50 -48.21 44.40 39.35
N ALA A 51 -48.77 43.57 40.24
CA ALA A 51 -47.96 42.85 41.22
C ALA A 51 -46.94 41.95 40.54
N TRP A 52 -47.33 41.32 39.43
CA TRP A 52 -46.37 40.53 38.66
C TRP A 52 -45.28 41.41 38.08
N LEU A 53 -45.58 42.66 37.73
CA LEU A 53 -44.54 43.58 37.32
C LEU A 53 -43.61 43.92 38.47
N ALA A 54 -44.16 44.02 39.69
CA ALA A 54 -43.32 44.23 40.86
C ALA A 54 -42.39 43.04 41.09
N ASP A 55 -42.90 41.82 40.94
CA ASP A 55 -42.02 40.65 41.04
C ASP A 55 -40.99 40.62 39.91
N ALA A 56 -41.38 41.07 38.72
CA ALA A 56 -40.44 41.14 37.60
C ALA A 56 -39.30 42.12 37.91
N ALA A 57 -39.64 43.28 38.46
CA ALA A 57 -38.61 44.24 38.87
C ALA A 57 -37.73 43.67 39.98
N ARG A 58 -38.31 42.86 40.88
CA ARG A 58 -37.50 42.18 41.89
C ARG A 58 -36.54 41.17 41.26
N ARG A 59 -37.02 40.42 40.27
CA ARG A 59 -36.21 39.36 39.68
C ARG A 59 -35.14 39.89 38.74
N VAL A 60 -35.35 41.07 38.15
CA VAL A 60 -34.37 41.64 37.24
C VAL A 60 -33.06 41.93 37.97
N GLY A 61 -33.13 42.37 39.22
CA GLY A 61 -31.93 42.70 39.99
C GLY A 61 -31.01 41.52 40.24
N GLN A 62 -31.53 40.29 40.14
CA GLN A 62 -30.70 39.10 40.29
C GLN A 62 -30.12 38.61 38.96
N LEU A 63 -30.64 39.07 37.83
CA LEU A 63 -30.17 38.67 36.52
C LEU A 63 -29.42 39.80 35.85
N GLN A 64 -28.73 39.46 34.76
CA GLN A 64 -27.96 40.43 34.00
C GLN A 64 -27.75 39.93 32.58
N LEU A 65 -27.93 40.81 31.61
CA LEU A 65 -27.54 40.50 30.23
C LEU A 65 -26.09 40.87 30.00
N VAL A 66 -25.32 39.91 29.49
CA VAL A 66 -23.88 40.06 29.28
C VAL A 66 -23.52 39.53 27.90
N THR A 67 -22.34 39.92 27.42
CA THR A 67 -21.77 39.37 26.21
C THR A 67 -20.46 38.64 26.44
N HIS A 68 -19.76 38.94 27.53
CA HIS A 68 -18.56 38.21 27.93
C HIS A 68 -18.69 37.83 29.39
N THR A 69 -18.93 36.55 29.65
CA THR A 69 -19.13 36.04 30.99
C THR A 69 -17.86 35.38 31.51
N LEU A 70 -17.81 35.24 32.84
CA LEU A 70 -16.64 34.72 33.54
C LEU A 70 -16.82 33.30 34.06
N LYS A 71 -18.06 32.81 34.13
CA LYS A 71 -18.41 31.56 34.77
C LYS A 71 -17.88 30.30 34.07
N PRO A 72 -17.61 30.31 32.75
CA PRO A 72 -16.80 29.21 32.18
C PRO A 72 -15.46 29.02 32.85
N ILE A 73 -14.74 30.10 33.15
CA ILE A 73 -13.61 30.00 34.08
C ILE A 73 -14.17 29.60 35.43
N HIS A 74 -13.34 28.91 36.25
CA HIS A 74 -13.69 28.00 37.33
C HIS A 74 -14.96 28.41 38.06
N PRO A 75 -16.01 27.58 38.04
CA PRO A 75 -17.34 28.04 38.47
C PRO A 75 -17.45 28.50 39.90
N ASP A 76 -16.44 28.26 40.74
CA ASP A 76 -16.42 28.85 42.08
C ASP A 76 -15.92 30.29 42.08
N ALA A 77 -15.57 30.84 40.92
CA ALA A 77 -15.08 32.21 40.82
C ALA A 77 -16.26 33.17 40.75
N ARG A 78 -16.25 34.18 41.63
CA ARG A 78 -17.27 35.22 41.67
C ARG A 78 -16.64 36.51 41.16
N GLY A 79 -16.91 36.87 39.92
CA GLY A 79 -16.36 38.06 39.33
C GLY A 79 -17.38 38.93 38.64
N SER A 80 -16.93 39.95 37.92
CA SER A 80 -17.81 40.89 37.25
C SER A 80 -17.94 40.48 35.79
N ASN A 81 -19.16 40.11 35.39
CA ASN A 81 -19.46 39.79 34.00
C ASN A 81 -19.80 41.08 33.26
N LEU A 82 -19.40 41.17 31.99
CA LEU A 82 -19.52 42.39 31.23
C LEU A 82 -20.39 42.20 29.99
N HIS A 83 -21.12 43.25 29.64
CA HIS A 83 -21.87 43.34 28.38
C HIS A 83 -21.24 44.46 27.57
N SER A 84 -20.18 44.14 26.83
CA SER A 84 -19.42 45.14 26.11
C SER A 84 -19.08 44.62 24.72
N LEU A 85 -19.13 45.53 23.75
CA LEU A 85 -18.68 45.27 22.39
C LEU A 85 -17.40 46.05 22.14
N PRO A 86 -16.26 45.38 21.92
CA PRO A 86 -15.01 46.11 21.68
C PRO A 86 -15.05 46.86 20.36
N GLN A 87 -14.25 47.93 20.29
CA GLN A 87 -14.16 48.72 19.08
C GLN A 87 -13.42 47.94 17.98
N ALA A 88 -13.75 48.26 16.74
CA ALA A 88 -13.13 47.61 15.61
C ALA A 88 -11.73 48.16 15.39
N PRO A 89 -10.69 47.33 15.46
CA PRO A 89 -9.32 47.84 15.27
C PRO A 89 -9.05 48.21 13.82
N GLY A 90 -8.06 49.09 13.63
CA GLY A 90 -7.56 49.39 12.31
C GLY A 90 -6.58 48.37 11.77
N GLN A 91 -6.01 47.53 12.64
CA GLN A 91 -5.07 46.52 12.19
C GLN A 91 -5.79 45.43 11.40
N PRO A 92 -5.15 44.87 10.39
CA PRO A 92 -5.82 43.92 9.50
C PRO A 92 -5.67 42.47 9.93
N GLY A 93 -6.53 41.62 9.36
CA GLY A 93 -6.40 40.18 9.46
C GLY A 93 -6.56 39.58 10.85
N LEU A 94 -7.60 39.99 11.58
CA LEU A 94 -7.86 39.44 12.90
C LEU A 94 -9.34 39.56 13.21
N ALA A 95 -9.86 38.56 13.92
CA ALA A 95 -11.28 38.46 14.24
C ALA A 95 -11.51 38.79 15.71
N GLY A 96 -12.78 38.81 16.11
CA GLY A 96 -13.14 39.12 17.47
C GLY A 96 -14.63 39.43 17.57
N SER A 97 -14.98 40.04 18.71
CA SER A 97 -16.38 40.39 18.97
C SER A 97 -16.82 41.63 18.21
N HIS A 98 -15.88 42.39 17.66
CA HIS A 98 -16.24 43.63 16.98
C HIS A 98 -16.85 43.38 15.60
N GLU A 99 -16.71 42.17 15.07
CA GLU A 99 -17.48 41.82 13.87
C GLU A 99 -18.95 41.61 14.18
N LEU A 100 -19.27 41.23 15.43
CA LEU A 100 -20.66 40.95 15.80
C LEU A 100 -21.44 42.25 15.83
N GLY A 101 -22.33 42.42 14.85
CA GLY A 101 -23.18 43.60 14.78
C GLY A 101 -24.63 43.28 15.07
N ASP A 102 -25.43 43.17 14.01
CA ASP A 102 -26.83 42.83 14.19
C ASP A 102 -27.03 41.35 14.47
N ARG A 103 -26.03 40.53 14.20
CA ARG A 103 -26.11 39.08 14.47
C ARG A 103 -25.50 38.77 15.84
N LEU A 104 -26.03 39.43 16.87
CA LEU A 104 -25.56 39.30 18.23
C LEU A 104 -26.65 38.70 19.10
N VAL A 105 -26.28 37.76 19.96
CA VAL A 105 -27.19 37.14 20.92
C VAL A 105 -26.65 37.43 22.31
N SER A 106 -27.52 37.95 23.19
CA SER A 106 -27.12 38.39 24.52
C SER A 106 -27.28 37.25 25.52
N ASP A 107 -26.23 37.02 26.30
CA ASP A 107 -26.22 36.02 27.35
C ASP A 107 -26.99 36.50 28.57
N VAL A 108 -27.45 35.55 29.38
CA VAL A 108 -28.12 35.82 30.64
C VAL A 108 -27.38 35.10 31.75
N VAL A 109 -27.01 35.84 32.79
CA VAL A 109 -26.29 35.28 33.93
C VAL A 109 -27.07 35.59 35.20
N GLY A 110 -27.18 34.61 36.09
CA GLY A 110 -27.90 34.76 37.34
C GLY A 110 -28.67 33.52 37.72
N ASN A 111 -29.84 33.71 38.33
CA ASN A 111 -30.69 32.59 38.69
C ASN A 111 -31.29 31.95 37.45
N ALA A 112 -31.49 30.63 37.52
CA ALA A 112 -32.00 29.86 36.39
C ALA A 112 -33.53 29.74 36.41
N ALA A 113 -34.20 30.33 37.40
CA ALA A 113 -35.65 30.30 37.47
C ALA A 113 -36.31 31.63 37.17
N ALA A 114 -35.55 32.71 37.11
CA ALA A 114 -36.08 34.04 36.82
C ALA A 114 -35.94 34.44 35.37
N LEU A 115 -35.61 33.49 34.48
CA LEU A 115 -35.40 33.80 33.07
C LEU A 115 -36.69 34.09 32.31
N ASP A 116 -37.85 33.96 32.95
CA ASP A 116 -39.11 34.34 32.31
C ASP A 116 -39.16 35.83 32.01
N VAL A 117 -38.64 36.66 32.92
CA VAL A 117 -38.58 38.09 32.67
C VAL A 117 -37.63 38.41 31.51
N PHE A 118 -36.66 37.54 31.22
CA PHE A 118 -35.79 37.77 30.08
C PHE A 118 -36.54 37.63 28.77
N LYS A 119 -37.35 36.58 28.63
CA LYS A 119 -38.11 36.43 27.39
C LYS A 119 -39.27 37.41 27.33
N PHE A 120 -39.72 37.89 28.50
CA PHE A 120 -40.71 38.97 28.48
C PHE A 120 -40.09 40.30 28.04
N LEU A 121 -38.83 40.55 28.42
CA LEU A 121 -38.14 41.77 28.06
C LEU A 121 -37.57 41.75 26.64
N SER A 122 -37.33 40.56 26.08
CA SER A 122 -36.82 40.43 24.73
C SER A 122 -37.93 40.25 23.70
N LEU A 123 -39.11 40.78 23.98
CA LEU A 123 -40.25 40.62 23.08
C LEU A 123 -40.16 41.59 21.91
N GLN A 124 -40.80 41.21 20.81
CA GLN A 124 -40.92 42.05 19.61
C GLN A 124 -42.41 42.19 19.33
N TYR A 125 -43.05 43.18 19.97
CA TYR A 125 -44.49 43.33 19.88
C TYR A 125 -44.91 44.01 18.59
N GLN A 126 -44.36 45.20 18.33
CA GLN A 126 -44.75 45.99 17.16
C GLN A 126 -43.69 45.99 16.06
N GLY A 127 -42.64 45.18 16.20
CA GLY A 127 -41.67 45.07 15.13
C GLY A 127 -40.22 44.95 15.56
N LYS A 128 -39.92 45.32 16.81
CA LYS A 128 -38.54 45.30 17.29
C LYS A 128 -38.54 45.18 18.80
N ASN A 129 -37.33 45.15 19.38
CA ASN A 129 -37.14 44.75 20.76
C ASN A 129 -37.62 45.81 21.74
N LEU A 130 -37.93 45.37 22.96
CA LEU A 130 -38.36 46.29 24.02
C LEU A 130 -37.22 47.10 24.59
N LEU A 131 -35.98 46.64 24.42
CA LEU A 131 -34.83 47.32 25.02
C LEU A 131 -34.67 48.73 24.45
N ASN A 132 -34.67 48.85 23.13
CA ASN A 132 -34.55 50.17 22.51
C ASN A 132 -35.78 51.02 22.78
N TRP A 133 -36.95 50.40 22.95
CA TRP A 133 -38.15 51.16 23.30
C TRP A 133 -38.03 51.79 24.68
N LEU A 134 -37.52 51.03 25.65
CA LEU A 134 -37.39 51.55 27.01
C LEU A 134 -36.15 52.43 27.20
N THR A 135 -35.18 52.39 26.28
CA THR A 135 -34.07 53.34 26.39
C THR A 135 -34.51 54.75 26.00
N GLU A 136 -35.30 54.88 24.94
CA GLU A 136 -35.74 56.19 24.47
C GLU A 136 -37.07 56.57 25.13
N ASP A 137 -37.37 57.87 25.09
CA ASP A 137 -38.61 58.39 25.66
C ASP A 137 -39.73 58.25 24.62
N SER A 138 -40.13 57.01 24.40
CA SER A 138 -41.19 56.70 23.45
C SER A 138 -42.56 56.82 24.11
N ALA A 139 -43.48 57.49 23.40
CA ALA A 139 -44.84 57.63 23.92
C ALA A 139 -45.58 56.30 23.91
N GLU A 140 -45.29 55.44 22.92
CA GLU A 140 -45.92 54.12 22.88
C GLU A 140 -45.52 53.28 24.07
N ALA A 141 -44.24 53.31 24.44
CA ALA A 141 -43.78 52.64 25.64
C ALA A 141 -43.93 53.57 26.84
N LEU A 142 -43.41 53.12 28.00
CA LEU A 142 -43.34 53.85 29.26
C LEU A 142 -44.71 54.19 29.84
N GLN A 143 -45.81 53.79 29.20
CA GLN A 143 -47.15 53.99 29.72
C GLN A 143 -48.02 52.75 29.68
N ALA A 144 -47.69 51.76 28.83
CA ALA A 144 -48.48 50.54 28.77
C ALA A 144 -48.28 49.67 29.99
N LEU A 145 -47.15 49.83 30.69
CA LEU A 145 -46.84 48.99 31.84
C LEU A 145 -47.26 49.62 33.17
N SER A 146 -47.43 50.94 33.23
CA SER A 146 -47.78 51.60 34.48
C SER A 146 -48.79 52.72 34.22
N ASP A 147 -49.79 52.80 35.09
CA ASP A 147 -50.70 53.94 35.06
C ASP A 147 -50.06 55.18 35.65
N ASN A 148 -49.18 55.02 36.64
CA ASN A 148 -48.50 56.13 37.28
C ASN A 148 -47.13 56.37 36.64
N ALA A 149 -46.68 57.62 36.69
CA ALA A 149 -45.40 57.96 36.09
C ALA A 149 -44.23 57.44 36.90
N GLU A 150 -44.33 57.49 38.24
CA GLU A 150 -43.24 57.05 39.10
C GLU A 150 -43.02 55.55 39.00
N GLN A 151 -44.10 54.77 38.93
CA GLN A 151 -43.98 53.33 38.74
C GLN A 151 -43.34 53.01 37.40
N ALA A 152 -43.73 53.74 36.36
CA ALA A 152 -43.11 53.56 35.05
C ALA A 152 -41.62 53.88 35.09
N ARG A 153 -41.25 54.95 35.79
CA ARG A 153 -39.84 55.34 35.88
C ARG A 153 -39.02 54.29 36.62
N GLU A 154 -39.52 53.80 37.76
CA GLU A 154 -38.75 52.83 38.52
C GLU A 154 -38.65 51.51 37.77
N TRP A 155 -39.74 51.09 37.10
CA TRP A 155 -39.68 49.88 36.29
C TRP A 155 -38.75 50.04 35.09
N ARG A 156 -38.71 51.24 34.51
CA ARG A 156 -37.81 51.50 33.38
C ARG A 156 -36.36 51.44 33.81
N GLN A 157 -36.01 52.09 34.94
CA GLN A 157 -34.64 52.00 35.42
C GLN A 157 -34.27 50.57 35.80
N ALA A 158 -35.20 49.83 36.40
CA ALA A 158 -34.92 48.43 36.73
C ALA A 158 -34.66 47.60 35.48
N PHE A 159 -35.51 47.75 34.45
CA PHE A 159 -35.38 46.93 33.26
C PHE A 159 -34.25 47.39 32.35
N ILE A 160 -33.76 48.62 32.51
CA ILE A 160 -32.62 49.08 31.72
C ILE A 160 -31.28 48.80 32.41
N GLY A 161 -31.24 48.79 33.75
CA GLY A 161 -29.99 48.49 34.44
C GLY A 161 -29.54 47.05 34.33
N ILE A 162 -30.36 46.17 33.74
CA ILE A 162 -29.97 44.78 33.54
C ILE A 162 -28.83 44.64 32.53
N THR A 163 -28.61 45.61 31.66
CA THR A 163 -27.52 45.56 30.70
C THR A 163 -26.26 46.26 31.18
N THR A 164 -26.29 46.85 32.38
CA THR A 164 -25.14 47.56 32.93
C THR A 164 -24.39 46.69 33.92
N VAL A 165 -23.13 47.07 34.16
CA VAL A 165 -22.30 46.33 35.11
C VAL A 165 -22.79 46.58 36.53
N LYS A 166 -23.01 45.50 37.27
CA LYS A 166 -23.52 45.56 38.63
C LYS A 166 -22.38 45.36 39.60
N GLY A 167 -22.17 46.33 40.49
CA GLY A 167 -21.09 46.28 41.45
C GLY A 167 -19.78 46.81 40.90
N ALA A 168 -18.79 46.83 41.78
CA ALA A 168 -17.47 47.28 41.39
C ALA A 168 -16.83 46.26 40.44
N PRO A 169 -15.95 46.73 39.53
CA PRO A 169 -15.27 45.79 38.63
C PRO A 169 -14.33 44.86 39.36
N ALA A 170 -14.58 43.55 39.30
CA ALA A 170 -13.80 42.58 40.02
C ALA A 170 -13.65 41.31 39.20
N SER A 171 -12.45 40.76 39.16
CA SER A 171 -12.16 39.47 38.56
C SER A 171 -11.59 38.55 39.64
N HIS A 172 -12.20 37.39 39.81
CA HIS A 172 -11.90 36.52 40.95
C HIS A 172 -10.49 35.92 40.82
N SER A 173 -10.05 35.30 41.92
CA SER A 173 -8.74 34.65 41.95
C SER A 173 -8.67 33.50 40.96
N LEU A 174 -9.75 32.73 40.85
CA LEU A 174 -9.78 31.60 39.91
C LEU A 174 -9.86 32.05 38.46
N ALA A 175 -10.15 33.33 38.22
CA ALA A 175 -10.14 33.85 36.87
C ALA A 175 -8.71 34.12 36.41
N LYS A 176 -8.54 34.22 35.10
CA LYS A 176 -7.22 34.39 34.52
C LYS A 176 -6.86 35.87 34.46
N GLN A 177 -5.62 36.19 34.84
CA GLN A 177 -5.06 37.53 34.71
C GLN A 177 -3.64 37.40 34.17
N LEU A 178 -3.37 38.03 33.03
CA LEU A 178 -2.16 37.75 32.27
C LEU A 178 -1.41 39.04 32.01
N TYR A 179 -0.18 39.13 32.50
CA TYR A 179 0.64 40.33 32.27
C TYR A 179 0.98 40.46 30.79
N PHE A 180 0.86 41.68 30.28
CA PHE A 180 1.28 42.01 28.93
C PHE A 180 2.31 43.12 28.98
N PRO A 181 3.53 42.89 28.50
CA PRO A 181 4.57 43.94 28.59
C PRO A 181 4.26 45.11 27.67
N LEU A 182 4.25 46.30 28.24
CA LEU A 182 4.10 47.53 27.47
C LEU A 182 5.36 47.76 26.64
N PRO A 183 5.25 48.54 25.55
CA PRO A 183 6.46 48.79 24.74
C PRO A 183 7.58 49.46 25.51
N GLY A 184 7.29 50.51 26.29
CA GLY A 184 8.30 51.06 27.17
C GLY A 184 8.07 50.79 28.64
N SER A 185 8.80 49.81 29.18
CA SER A 185 8.96 49.56 30.61
C SER A 185 7.63 49.59 31.39
N GLY A 186 6.74 48.66 31.06
CA GLY A 186 5.47 48.62 31.74
C GLY A 186 4.71 47.34 31.50
N TYR A 187 3.65 47.16 32.29
CA TYR A 187 2.79 46.00 32.21
C TYR A 187 1.34 46.41 32.43
N HIS A 188 0.43 45.61 31.88
CA HIS A 188 -1.00 45.71 32.17
C HIS A 188 -1.51 44.31 32.47
N LEU A 189 -2.61 44.24 33.23
CA LEU A 189 -2.97 42.98 33.88
C LEU A 189 -3.83 42.05 33.02
N LEU A 190 -4.69 42.59 32.16
CA LEU A 190 -5.39 41.84 31.11
C LEU A 190 -6.10 40.58 31.63
N ALA A 191 -7.16 40.81 32.40
CA ALA A 191 -8.03 39.71 32.81
C ALA A 191 -9.06 39.47 31.71
N PRO A 192 -8.97 38.38 30.96
CA PRO A 192 -9.93 38.15 29.87
C PRO A 192 -11.18 37.43 30.34
N LEU A 193 -12.28 37.73 29.66
CA LEU A 193 -13.56 37.07 29.91
C LEU A 193 -13.92 36.20 28.72
N PHE A 194 -14.70 35.15 29.00
CA PHE A 194 -15.07 34.20 27.97
C PHE A 194 -16.08 34.83 27.02
N PRO A 195 -15.78 34.94 25.73
CA PRO A 195 -16.74 35.55 24.80
C PRO A 195 -17.86 34.60 24.44
N THR A 196 -18.90 34.55 25.28
CA THR A 196 -20.00 33.63 25.05
C THR A 196 -20.80 33.99 23.80
N SER A 197 -20.82 35.27 23.40
CA SER A 197 -21.48 35.66 22.17
C SER A 197 -20.75 35.11 20.95
N LEU A 198 -19.41 35.20 20.94
CA LEU A 198 -18.64 34.64 19.83
C LEU A 198 -18.80 33.13 19.73
N VAL A 199 -18.74 32.43 20.85
CA VAL A 199 -18.85 30.98 20.77
C VAL A 199 -20.27 30.57 20.40
N HIS A 200 -21.27 31.37 20.79
CA HIS A 200 -22.64 31.09 20.33
C HIS A 200 -22.78 31.30 18.83
N HIS A 201 -22.18 32.37 18.29
CA HIS A 201 -22.26 32.63 16.86
C HIS A 201 -21.53 31.57 16.05
N VAL A 202 -20.32 31.19 16.51
CA VAL A 202 -19.58 30.13 15.84
C VAL A 202 -20.27 28.79 16.00
N HIS A 203 -20.93 28.55 17.14
CA HIS A 203 -21.71 27.33 17.32
C HIS A 203 -22.87 27.28 16.33
N ALA A 204 -23.54 28.41 16.12
CA ALA A 204 -24.62 28.46 15.14
C ALA A 204 -24.10 28.20 13.73
N LEU A 205 -22.96 28.82 13.38
CA LEU A 205 -22.38 28.61 12.05
C LEU A 205 -21.97 27.15 11.85
N LEU A 206 -21.31 26.56 12.85
CA LEU A 206 -20.86 25.19 12.72
C LEU A 206 -22.02 24.21 12.72
N ARG A 207 -23.07 24.49 13.49
CA ARG A 207 -24.25 23.65 13.48
C ARG A 207 -24.96 23.71 12.13
N GLU A 208 -24.98 24.90 11.52
CA GLU A 208 -25.53 25.01 10.16
C GLU A 208 -24.67 24.26 9.16
N ALA A 209 -23.35 24.29 9.34
CA ALA A 209 -22.46 23.64 8.37
C ALA A 209 -22.45 22.12 8.52
N ARG A 210 -22.64 21.60 9.73
CA ARG A 210 -22.55 20.16 9.99
C ARG A 210 -23.90 19.46 10.03
N PHE A 211 -24.98 20.17 10.37
CA PHE A 211 -26.30 19.54 10.47
C PHE A 211 -27.39 20.32 9.74
N GLY A 212 -27.04 21.35 8.98
CA GLY A 212 -28.05 22.10 8.25
C GLY A 212 -28.64 21.30 7.11
N ASP A 213 -29.84 21.72 6.69
CA ASP A 213 -30.57 20.99 5.66
C ASP A 213 -29.86 21.07 4.32
N ALA A 214 -29.46 22.29 3.92
CA ALA A 214 -28.72 22.45 2.68
C ALA A 214 -27.37 21.75 2.73
N ALA A 215 -26.70 21.81 3.89
CA ALA A 215 -25.40 21.17 4.05
C ALA A 215 -25.52 19.66 3.90
N LYS A 216 -26.50 19.04 4.58
CA LYS A 216 -26.65 17.59 4.47
C LYS A 216 -27.18 17.19 3.11
N ALA A 217 -27.94 18.05 2.44
CA ALA A 217 -28.33 17.80 1.06
C ALA A 217 -27.11 17.77 0.15
N ALA A 218 -26.18 18.70 0.36
CA ALA A 218 -24.92 18.68 -0.41
C ALA A 218 -24.09 17.44 -0.09
N ARG A 219 -24.07 17.00 1.18
CA ARG A 219 -23.35 15.77 1.52
C ARG A 219 -23.97 14.56 0.83
N GLU A 220 -25.31 14.50 0.78
CA GLU A 220 -25.97 13.40 0.07
C GLU A 220 -25.74 13.48 -1.42
N ALA A 221 -25.64 14.69 -1.98
CA ALA A 221 -25.30 14.85 -3.39
C ALA A 221 -23.89 14.32 -3.67
N ARG A 222 -22.95 14.58 -2.76
CA ARG A 222 -21.60 14.06 -2.94
C ARG A 222 -21.57 12.54 -2.75
N SER A 223 -22.42 12.01 -1.86
CA SER A 223 -22.45 10.59 -1.61
C SER A 223 -22.89 9.81 -2.85
N ARG A 224 -23.80 10.38 -3.64
CA ARG A 224 -24.21 9.79 -4.91
C ARG A 224 -23.37 10.26 -6.08
N GLN A 225 -22.35 11.08 -5.83
CA GLN A 225 -21.41 11.57 -6.85
C GLN A 225 -22.13 12.31 -7.99
N GLU A 226 -23.14 13.09 -7.63
CA GLU A 226 -23.89 13.90 -8.58
C GLU A 226 -23.61 15.38 -8.34
N SER A 227 -24.11 16.21 -9.24
CA SER A 227 -23.89 17.65 -9.18
C SER A 227 -24.88 18.30 -8.21
N TRP A 228 -24.55 19.52 -7.80
CA TRP A 228 -25.32 20.28 -6.84
C TRP A 228 -24.99 21.74 -7.05
N PRO A 229 -25.93 22.67 -6.79
CA PRO A 229 -25.59 24.09 -7.01
C PRO A 229 -24.61 24.65 -6.00
N HIS A 230 -24.45 24.03 -4.83
CA HIS A 230 -23.48 24.48 -3.84
C HIS A 230 -22.87 23.26 -3.15
N GLY A 231 -21.69 23.48 -2.57
CA GLY A 231 -20.99 22.47 -1.81
C GLY A 231 -21.25 22.56 -0.33
N PHE A 232 -20.34 22.00 0.46
CA PHE A 232 -20.47 22.00 1.91
C PHE A 232 -19.08 22.09 2.52
N SER A 233 -19.03 21.97 3.84
CA SER A 233 -17.79 21.93 4.61
C SER A 233 -17.77 20.68 5.46
N GLU A 234 -16.57 20.32 5.94
CA GLU A 234 -16.40 19.07 6.68
C GLU A 234 -16.12 19.30 8.16
N TYR A 235 -15.23 20.25 8.49
CA TYR A 235 -14.83 20.59 9.86
C TYR A 235 -14.26 19.39 10.61
N PRO A 236 -13.07 18.90 10.26
CA PRO A 236 -12.50 17.76 10.97
C PRO A 236 -11.85 18.16 12.28
N ASN A 237 -11.62 17.15 13.12
CA ASN A 237 -10.84 17.26 14.36
C ASN A 237 -11.39 18.31 15.32
N LEU A 238 -12.72 18.40 15.40
CA LEU A 238 -13.35 19.29 16.35
C LEU A 238 -13.25 18.70 17.75
N ALA A 239 -13.12 19.58 18.74
CA ALA A 239 -12.99 19.18 20.14
C ALA A 239 -14.15 19.73 20.95
N ILE A 240 -14.62 18.95 21.93
CA ILE A 240 -15.74 19.31 22.77
C ILE A 240 -15.23 19.63 24.17
N GLN A 241 -15.47 20.85 24.62
CA GLN A 241 -15.11 21.30 25.97
C GLN A 241 -16.40 21.67 26.68
N LYS A 242 -16.83 20.83 27.61
CA LYS A 242 -18.06 21.11 28.35
C LYS A 242 -17.74 21.90 29.60
N PHE A 243 -18.66 22.79 29.99
CA PHE A 243 -18.43 23.70 31.11
C PHE A 243 -19.17 23.22 32.35
N GLY A 244 -20.43 22.83 32.18
CA GLY A 244 -21.18 22.23 33.27
C GLY A 244 -21.15 20.71 33.17
N GLY A 245 -20.72 20.06 34.25
CA GLY A 245 -20.68 18.61 34.25
C GLY A 245 -22.05 17.98 34.14
N THR A 246 -23.01 18.48 34.93
CA THR A 246 -24.39 18.03 34.85
C THR A 246 -25.41 19.16 34.86
N LYS A 247 -25.02 20.36 35.27
CA LYS A 247 -25.93 21.52 35.35
C LYS A 247 -25.36 22.65 34.51
N PRO A 248 -25.55 22.60 33.19
CA PRO A 248 -25.12 23.72 32.34
C PRO A 248 -25.86 25.03 32.62
N GLN A 249 -27.09 24.96 33.12
CA GLN A 249 -27.87 26.16 33.39
C GLN A 249 -27.30 26.98 34.55
N ASN A 250 -26.45 26.39 35.38
CA ASN A 250 -25.79 27.16 36.44
C ASN A 250 -24.76 28.12 35.90
N ILE A 251 -24.37 27.99 34.63
CA ILE A 251 -23.41 28.90 34.01
C ILE A 251 -24.16 30.05 33.35
N SER A 252 -24.98 29.73 32.35
CA SER A 252 -25.70 30.74 31.59
C SER A 252 -26.79 30.07 30.77
N GLN A 253 -27.67 30.91 30.22
CA GLN A 253 -28.75 30.40 29.38
C GLN A 253 -28.23 29.98 28.01
N LEU A 254 -27.25 30.72 27.47
CA LEU A 254 -26.63 30.30 26.22
C LEU A 254 -25.87 28.99 26.40
N ASN A 255 -25.20 28.81 27.53
CA ASN A 255 -24.59 27.52 27.85
C ASN A 255 -25.63 26.46 28.19
N ASN A 256 -26.89 26.85 28.38
CA ASN A 256 -27.96 25.86 28.51
C ASN A 256 -28.52 25.45 27.16
N GLU A 257 -28.49 26.37 26.18
CA GLU A 257 -28.89 26.02 24.82
C GLU A 257 -27.94 25.00 24.21
N ARG A 258 -26.63 25.24 24.35
CA ARG A 258 -25.60 24.28 23.97
C ARG A 258 -24.96 23.77 25.26
N ARG A 259 -25.27 22.53 25.62
CA ARG A 259 -24.89 22.00 26.93
C ARG A 259 -23.39 21.76 26.98
N GLY A 260 -22.64 22.80 27.33
CA GLY A 260 -21.20 22.75 27.16
C GLY A 260 -20.88 22.97 25.70
N GLU A 261 -20.12 22.02 25.14
CA GLU A 261 -19.88 21.92 23.69
C GLU A 261 -19.30 23.22 23.12
N ASN A 262 -18.08 23.52 23.56
CA ASN A 262 -17.39 24.71 23.10
C ASN A 262 -17.09 24.65 21.60
N TRP A 263 -16.92 23.44 21.05
CA TRP A 263 -16.68 23.19 19.63
C TRP A 263 -15.42 23.93 19.15
N LEU A 264 -14.30 23.52 19.75
CA LEU A 264 -13.01 24.16 19.49
C LEU A 264 -12.45 23.73 18.15
N LEU A 265 -11.74 24.65 17.49
CA LEU A 265 -11.21 24.40 16.15
C LEU A 265 -9.79 23.83 16.24
N PRO A 266 -9.41 22.93 15.31
CA PRO A 266 -8.12 22.25 15.42
C PRO A 266 -6.92 23.07 14.97
N SER A 267 -6.36 23.87 15.88
CA SER A 267 -5.10 24.57 15.61
C SER A 267 -3.96 23.59 15.91
N LEU A 268 -3.66 22.73 14.95
CA LEU A 268 -2.71 21.65 15.16
C LEU A 268 -1.55 21.75 14.18
N PRO A 269 -0.35 21.37 14.61
CA PRO A 269 0.80 21.33 13.69
C PRO A 269 0.72 20.12 12.79
N PRO A 270 1.48 20.09 11.69
CA PRO A 270 1.41 18.93 10.77
C PRO A 270 1.95 17.64 11.36
N ASN A 271 2.84 17.71 12.35
CA ASN A 271 3.41 16.51 12.97
C ASN A 271 2.64 16.06 14.20
N TRP A 272 1.35 16.40 14.30
CA TRP A 272 0.54 16.03 15.45
C TRP A 272 0.08 14.57 15.39
N GLN A 273 0.33 13.87 14.29
CA GLN A 273 -0.05 12.47 14.12
C GLN A 273 1.14 11.67 13.60
N ARG A 274 2.28 11.85 14.25
CA ARG A 274 3.49 11.12 13.88
C ARG A 274 3.29 9.62 14.09
N GLN A 275 3.39 8.84 13.02
CA GLN A 275 3.05 7.42 13.10
C GLN A 275 4.21 6.59 13.66
N ASN A 276 5.35 6.57 12.98
CA ASN A 276 6.52 5.78 13.34
C ASN A 276 7.65 6.12 12.37
N VAL A 277 8.82 5.56 12.63
CA VAL A 277 9.96 5.64 11.73
C VAL A 277 10.38 4.22 11.38
N ASN A 278 10.56 3.96 10.09
CA ASN A 278 10.91 2.63 9.60
C ASN A 278 12.07 2.69 8.62
N ALA A 279 12.87 1.62 8.62
CA ALA A 279 14.05 1.54 7.77
C ALA A 279 13.70 0.84 6.46
N PRO A 280 13.96 1.47 5.30
CA PRO A 280 13.72 0.77 4.02
C PRO A 280 14.77 -0.29 3.73
N MET A 281 14.61 -1.48 4.32
CA MET A 281 15.68 -2.47 4.30
C MET A 281 15.76 -3.19 2.95
N ARG A 282 14.83 -4.10 2.71
CA ARG A 282 14.81 -4.88 1.47
C ARG A 282 13.93 -4.22 0.42
N HIS A 283 14.29 -2.98 0.06
CA HIS A 283 13.68 -2.32 -1.08
C HIS A 283 14.74 -1.52 -1.81
N SER A 284 14.48 -1.25 -3.09
CA SER A 284 15.54 -0.79 -3.98
C SER A 284 15.60 0.72 -4.15
N SER A 285 14.50 1.44 -3.95
CA SER A 285 14.51 2.90 -4.10
C SER A 285 13.46 3.48 -3.18
N VAL A 286 13.88 4.25 -2.18
CA VAL A 286 12.98 4.65 -1.09
C VAL A 286 11.89 5.61 -1.56
N PHE A 287 12.19 6.44 -2.57
CA PHE A 287 11.24 7.50 -2.94
C PHE A 287 9.97 6.95 -3.55
N GLU A 288 10.03 5.80 -4.21
CA GLU A 288 8.87 5.16 -4.80
C GLU A 288 8.35 3.97 -4.00
N HIS A 289 9.05 3.57 -2.95
CA HIS A 289 8.75 2.33 -2.26
C HIS A 289 8.40 2.53 -0.79
N ASP A 290 9.02 3.48 -0.13
CA ASP A 290 8.76 3.74 1.29
C ASP A 290 8.37 5.20 1.51
N PHE A 291 9.01 6.13 0.80
CA PHE A 291 8.62 7.54 0.84
C PHE A 291 7.31 7.80 0.12
N GLY A 292 6.93 6.94 -0.83
CA GLY A 292 5.86 7.29 -1.75
C GLY A 292 4.45 7.15 -1.19
N ARG A 293 4.28 6.36 -0.14
CA ARG A 293 2.95 6.10 0.40
C ARG A 293 2.70 6.73 1.77
N THR A 294 3.50 7.71 2.17
CA THR A 294 3.09 8.53 3.30
C THR A 294 1.93 9.43 2.86
N PRO A 295 0.92 9.62 3.71
CA PRO A 295 -0.32 10.28 3.25
C PRO A 295 -0.12 11.70 2.74
N GLU A 296 0.79 12.46 3.34
CA GLU A 296 0.98 13.84 2.91
C GLU A 296 1.55 13.92 1.50
N VAL A 297 2.59 13.14 1.21
CA VAL A 297 3.16 13.19 -0.13
C VAL A 297 2.21 12.56 -1.14
N SER A 298 1.39 11.60 -0.72
CA SER A 298 0.38 11.04 -1.62
C SER A 298 -0.62 12.10 -2.01
N ARG A 299 -1.08 12.91 -1.05
CA ARG A 299 -1.97 14.02 -1.37
C ARG A 299 -1.28 15.03 -2.27
N LEU A 300 0.00 15.34 -2.01
CA LEU A 300 0.73 16.28 -2.85
C LEU A 300 0.86 15.80 -4.29
N THR A 301 1.21 14.52 -4.50
CA THR A 301 1.32 14.02 -5.86
C THR A 301 -0.04 13.89 -6.54
N ARG A 302 -1.11 13.63 -5.79
CA ARG A 302 -2.43 13.63 -6.42
C ARG A 302 -2.85 15.05 -6.82
N THR A 303 -2.55 16.06 -6.01
CA THR A 303 -2.79 17.44 -6.41
C THR A 303 -1.95 17.81 -7.63
N LEU A 304 -0.70 17.35 -7.69
CA LEU A 304 0.13 17.58 -8.87
C LEU A 304 -0.44 16.87 -10.10
N GLN A 305 -0.99 15.67 -9.92
CA GLN A 305 -1.66 14.95 -11.00
C GLN A 305 -2.85 15.75 -11.52
N ARG A 306 -3.65 16.30 -10.62
CA ARG A 306 -4.81 17.08 -11.03
C ARG A 306 -4.40 18.39 -11.71
N PHE A 307 -3.35 19.03 -11.22
CA PHE A 307 -2.92 20.31 -11.76
C PHE A 307 -2.09 20.18 -13.02
N LEU A 308 -1.58 18.98 -13.33
CA LEU A 308 -0.81 18.80 -14.55
C LEU A 308 -1.68 19.00 -15.79
N ALA A 309 -2.91 18.48 -15.77
CA ALA A 309 -3.85 18.66 -16.87
C ALA A 309 -4.88 19.71 -16.47
N LYS A 310 -4.53 20.97 -16.70
CA LYS A 310 -5.37 22.09 -16.33
C LYS A 310 -5.26 23.17 -17.38
N THR A 311 -6.27 24.05 -17.41
CA THR A 311 -6.29 25.15 -18.35
C THR A 311 -5.23 26.19 -18.00
N VAL A 312 -4.82 26.96 -19.00
CA VAL A 312 -3.75 27.94 -18.85
C VAL A 312 -4.31 29.35 -18.96
N HIS A 313 -5.60 29.52 -18.64
CA HIS A 313 -6.19 30.85 -18.59
C HIS A 313 -5.57 31.68 -17.47
N ASN A 314 -5.34 31.06 -16.32
CA ASN A 314 -4.69 31.68 -15.17
C ASN A 314 -3.31 31.08 -14.96
N ASN A 315 -2.58 30.89 -16.07
CA ASN A 315 -1.37 30.06 -16.08
C ASN A 315 -0.30 30.55 -15.13
N LEU A 316 -0.21 31.87 -14.91
CA LEU A 316 0.76 32.41 -13.98
C LEU A 316 0.47 31.94 -12.55
N ALA A 317 -0.78 32.10 -12.11
CA ALA A 317 -1.16 31.65 -10.77
C ALA A 317 -1.08 30.13 -10.65
N ILE A 318 -1.43 29.42 -11.71
CA ILE A 318 -1.36 27.95 -11.67
C ILE A 318 0.09 27.48 -11.54
N ARG A 319 1.00 28.10 -12.30
CA ARG A 319 2.42 27.75 -12.21
C ARG A 319 2.99 28.12 -10.85
N GLN A 320 2.56 29.25 -10.29
CA GLN A 320 2.98 29.62 -8.94
C GLN A 320 2.52 28.59 -7.91
N ARG A 321 1.25 28.19 -8.00
CA ARG A 321 0.71 27.19 -7.07
C ARG A 321 1.46 25.86 -7.20
N ARG A 322 1.75 25.45 -8.44
CA ARG A 322 2.52 24.22 -8.63
C ARG A 322 3.97 24.38 -8.16
N ALA A 323 4.50 25.60 -8.19
CA ALA A 323 5.85 25.83 -7.68
C ALA A 323 5.93 25.61 -6.19
N GLN A 324 5.04 26.23 -5.41
CA GLN A 324 5.02 25.88 -3.98
C GLN A 324 4.52 24.46 -3.73
N LEU A 325 3.80 23.85 -4.69
CA LEU A 325 3.46 22.45 -4.55
C LEU A 325 4.72 21.57 -4.53
N VAL A 326 5.51 21.62 -5.60
CA VAL A 326 6.73 20.81 -5.67
C VAL A 326 7.71 21.24 -4.58
N ALA A 327 7.65 22.51 -4.15
CA ALA A 327 8.38 22.91 -2.95
C ALA A 327 7.91 22.14 -1.72
N GLN A 328 6.60 21.89 -1.61
CA GLN A 328 6.11 21.12 -0.47
C GLN A 328 6.55 19.66 -0.54
N ILE A 329 6.59 19.07 -1.75
CA ILE A 329 7.14 17.71 -1.86
C ILE A 329 8.61 17.66 -1.44
N CYS A 330 9.42 18.64 -1.88
CA CYS A 330 10.83 18.59 -1.50
C CYS A 330 11.03 18.87 -0.02
N ASP A 331 10.20 19.75 0.57
CA ASP A 331 10.25 19.99 2.00
C ASP A 331 9.89 18.73 2.79
N GLU A 332 8.87 18.00 2.33
CA GLU A 332 8.50 16.76 3.00
C GLU A 332 9.58 15.69 2.85
N ALA A 333 10.28 15.68 1.72
CA ALA A 333 11.41 14.76 1.57
C ALA A 333 12.52 15.08 2.57
N LEU A 334 12.83 16.37 2.74
CA LEU A 334 13.85 16.78 3.70
C LEU A 334 13.42 16.43 5.12
N GLN A 335 12.15 16.64 5.45
CA GLN A 335 11.63 16.27 6.76
C GLN A 335 11.71 14.77 6.99
N TYR A 336 11.43 13.98 5.94
CA TYR A 336 11.44 12.52 6.07
C TYR A 336 12.86 12.00 6.30
N ALA A 337 13.84 12.60 5.62
CA ALA A 337 15.24 12.25 5.93
C ALA A 337 15.62 12.68 7.35
N ALA A 338 15.14 13.84 7.78
CA ALA A 338 15.46 14.32 9.12
C ALA A 338 14.88 13.40 10.20
N ARG A 339 13.69 12.83 9.96
CA ARG A 339 13.15 11.91 10.96
C ARG A 339 13.74 10.51 10.82
N LEU A 340 14.30 10.14 9.65
CA LEU A 340 15.09 8.92 9.60
C LEU A 340 16.44 9.10 10.29
N ARG A 341 16.89 10.35 10.47
CA ARG A 341 18.14 10.60 11.16
C ARG A 341 18.11 10.18 12.64
N GLU A 342 16.93 9.93 13.20
CA GLU A 342 16.80 9.50 14.60
C GLU A 342 16.81 7.98 14.76
N LEU A 343 17.02 7.24 13.68
CA LEU A 343 17.09 5.77 13.76
C LEU A 343 18.48 5.35 14.23
N GLU A 344 18.76 4.05 14.14
CA GLU A 344 20.06 3.54 14.53
C GLU A 344 21.14 4.05 13.56
N PRO A 345 22.35 4.32 14.05
CA PRO A 345 23.39 4.87 13.18
C PRO A 345 23.80 3.96 12.03
N GLY A 346 23.73 2.65 12.21
CA GLY A 346 24.23 1.73 11.21
C GLY A 346 23.20 0.81 10.59
N TRP A 347 22.01 1.32 10.29
CA TRP A 347 21.00 0.49 9.64
C TRP A 347 21.32 0.26 8.18
N SER A 348 22.16 1.12 7.58
CA SER A 348 22.48 0.99 6.16
C SER A 348 23.46 -0.15 5.89
N ALA A 349 24.13 -0.65 6.92
CA ALA A 349 25.12 -1.72 6.76
C ALA A 349 24.50 -3.11 6.89
N THR A 350 23.18 -3.21 7.03
CA THR A 350 22.54 -4.51 7.16
C THR A 350 22.61 -5.27 5.84
N PRO A 351 22.64 -6.60 5.89
CA PRO A 351 22.70 -7.39 4.66
C PRO A 351 21.41 -7.30 3.87
N GLY A 352 21.53 -7.46 2.55
CA GLY A 352 20.38 -7.40 1.67
C GLY A 352 20.77 -7.23 0.21
N CYS A 353 20.00 -7.85 -0.69
CA CYS A 353 20.28 -7.73 -2.12
C CYS A 353 19.92 -6.34 -2.64
N GLN A 354 18.80 -5.79 -2.17
CA GLN A 354 18.35 -4.46 -2.57
C GLN A 354 18.21 -3.60 -1.33
N LEU A 355 19.10 -2.62 -1.18
CA LEU A 355 19.07 -1.75 0.00
C LEU A 355 19.28 -0.29 -0.37
N HIS A 356 19.29 0.05 -1.66
CA HIS A 356 19.46 1.42 -2.16
C HIS A 356 20.76 2.04 -1.66
N ASP A 357 21.88 1.42 -2.06
CA ASP A 357 23.18 1.89 -1.64
C ASP A 357 23.52 3.27 -2.19
N ALA A 358 22.97 3.63 -3.36
CA ALA A 358 23.22 4.95 -3.91
C ALA A 358 22.62 6.05 -3.05
N GLU A 359 21.41 5.81 -2.51
CA GLU A 359 20.74 6.77 -1.66
C GLU A 359 21.02 6.55 -0.18
N GLN A 360 21.70 5.46 0.18
CA GLN A 360 21.99 5.19 1.58
C GLN A 360 23.02 6.14 2.15
N LEU A 361 23.81 6.80 1.29
CA LEU A 361 24.74 7.83 1.76
C LEU A 361 23.98 9.01 2.35
N TRP A 362 22.86 9.38 1.74
CA TRP A 362 22.01 10.47 2.22
C TRP A 362 21.00 10.01 3.26
N LEU A 363 20.59 8.74 3.22
CA LEU A 363 19.55 8.27 4.13
C LEU A 363 20.08 8.12 5.56
N ASP A 364 21.35 7.77 5.71
CA ASP A 364 21.99 7.58 7.01
C ASP A 364 23.30 8.35 7.10
N PRO A 365 23.26 9.65 7.41
CA PRO A 365 24.50 10.38 7.69
C PRO A 365 25.32 9.81 8.84
N LEU A 366 24.68 9.22 9.85
CA LEU A 366 25.33 8.84 11.09
C LEU A 366 26.22 7.62 10.95
N ARG A 367 26.20 6.93 9.81
CA ARG A 367 27.09 5.80 9.60
C ARG A 367 28.56 6.23 9.53
N ALA A 368 28.83 7.49 9.20
CA ALA A 368 30.19 7.98 9.11
C ALA A 368 30.89 8.01 10.47
N GLN A 369 30.12 8.07 11.56
CA GLN A 369 30.73 8.10 12.88
C GLN A 369 31.36 6.76 13.25
N THR A 370 30.63 5.66 13.01
CA THR A 370 31.17 4.34 13.31
C THR A 370 32.20 3.92 12.28
N ASP A 371 32.01 4.31 11.02
CA ASP A 371 32.92 3.96 9.93
C ASP A 371 33.81 5.17 9.66
N GLU A 372 34.92 5.25 10.39
CA GLU A 372 35.83 6.39 10.25
C GLU A 372 36.52 6.38 8.90
N THR A 373 36.90 5.21 8.40
CA THR A 373 37.60 5.10 7.13
C THR A 373 36.85 4.28 6.08
N PHE A 374 35.74 3.64 6.45
CA PHE A 374 35.01 2.81 5.49
C PHE A 374 34.13 3.66 4.58
N LEU A 375 33.32 4.56 5.18
CA LEU A 375 32.37 5.33 4.40
C LEU A 375 32.34 6.82 4.72
N GLN A 376 33.07 7.29 5.74
CA GLN A 376 33.05 8.72 6.07
C GLN A 376 33.74 9.53 4.98
N ARG A 377 34.94 9.12 4.56
CA ARG A 377 35.66 9.84 3.51
C ARG A 377 34.95 9.75 2.18
N ARG A 378 34.30 8.63 1.89
CA ARG A 378 33.53 8.50 0.66
C ARG A 378 32.37 9.48 0.62
N LEU A 379 31.65 9.61 1.74
CA LEU A 379 30.54 10.56 1.80
C LEU A 379 31.05 12.00 1.76
N ARG A 380 32.21 12.27 2.37
CA ARG A 380 32.76 13.62 2.36
C ARG A 380 33.20 14.03 0.96
N GLY A 381 33.97 13.18 0.28
CA GLY A 381 34.50 13.51 -1.01
C GLY A 381 33.51 13.43 -2.16
N ASP A 382 32.63 12.42 -2.11
CA ASP A 382 31.67 12.24 -3.20
C ASP A 382 30.63 13.35 -3.23
N TRP A 383 30.08 13.71 -2.05
CA TRP A 383 28.99 14.66 -1.89
C TRP A 383 27.83 14.28 -2.78
N PRO A 384 27.09 13.21 -2.44
CA PRO A 384 26.09 12.66 -3.37
C PRO A 384 24.93 13.61 -3.66
N ALA A 385 24.88 14.10 -4.90
CA ALA A 385 23.77 14.92 -5.36
C ALA A 385 22.98 14.26 -6.48
N GLU A 386 23.27 13.01 -6.82
CA GLU A 386 22.45 12.26 -7.77
C GLU A 386 21.16 11.79 -7.14
N VAL A 387 21.04 11.89 -5.82
CA VAL A 387 19.78 11.61 -5.14
C VAL A 387 18.70 12.58 -5.61
N GLY A 388 19.07 13.84 -5.83
CA GLY A 388 18.14 14.79 -6.43
C GLY A 388 17.71 14.37 -7.82
N ASN A 389 18.64 13.84 -8.62
CA ASN A 389 18.29 13.33 -9.94
C ASN A 389 17.33 12.15 -9.86
N ARG A 390 17.56 11.25 -8.92
CA ARG A 390 16.66 10.10 -8.76
C ARG A 390 15.27 10.54 -8.31
N PHE A 391 15.20 11.53 -7.41
CA PHE A 391 13.91 12.03 -6.98
C PHE A 391 13.20 12.78 -8.11
N ALA A 392 13.96 13.46 -8.96
CA ALA A 392 13.38 14.09 -10.14
C ALA A 392 12.84 13.05 -11.12
N ASN A 393 13.55 11.93 -11.29
CA ASN A 393 13.04 10.84 -12.10
C ASN A 393 11.77 10.24 -11.51
N TRP A 394 11.72 10.13 -10.18
CA TRP A 394 10.50 9.67 -9.52
C TRP A 394 9.34 10.64 -9.76
N LEU A 395 9.62 11.95 -9.70
CA LEU A 395 8.58 12.94 -9.98
C LEU A 395 8.13 12.90 -11.43
N ASN A 396 9.05 12.61 -12.36
CA ASN A 396 8.67 12.43 -13.76
C ASN A 396 7.81 11.18 -13.92
N ARG A 397 8.09 10.13 -13.17
CA ARG A 397 7.19 8.99 -13.13
C ARG A 397 5.86 9.31 -12.47
N ALA A 398 5.81 10.33 -11.61
CA ALA A 398 4.61 10.69 -10.87
C ALA A 398 3.80 11.80 -11.52
N VAL A 399 4.21 12.30 -12.68
CA VAL A 399 3.46 13.34 -13.37
C VAL A 399 2.66 12.68 -14.48
N SER A 400 1.54 13.29 -14.86
CA SER A 400 0.67 12.73 -15.87
C SER A 400 1.35 12.70 -17.23
N SER A 401 1.17 11.60 -17.96
CA SER A 401 1.82 11.41 -19.26
C SER A 401 0.94 12.03 -20.35
N ASP A 402 0.96 13.36 -20.38
CA ASP A 402 0.20 14.13 -21.36
C ASP A 402 1.15 14.61 -22.46
N SER A 403 0.90 14.17 -23.69
CA SER A 403 1.72 14.59 -24.82
C SER A 403 1.44 16.02 -25.25
N GLN A 404 0.24 16.53 -24.96
CA GLN A 404 -0.08 17.92 -25.32
C GLN A 404 0.79 18.90 -24.56
N ILE A 405 1.04 18.64 -23.27
CA ILE A 405 1.93 19.50 -22.50
C ILE A 405 3.36 19.36 -23.00
N LEU A 406 3.78 18.12 -23.33
CA LEU A 406 5.14 17.89 -23.79
C LEU A 406 5.43 18.59 -25.11
N GLY A 407 4.46 18.58 -26.03
CA GLY A 407 4.66 19.28 -27.29
C GLY A 407 4.70 20.79 -27.13
N SER A 408 3.87 21.33 -26.24
CA SER A 408 3.77 22.76 -26.02
C SER A 408 4.82 23.23 -25.02
N PRO A 409 4.87 24.54 -24.72
CA PRO A 409 5.86 25.05 -23.77
C PRO A 409 5.47 24.86 -22.31
N GLU A 410 4.30 24.27 -22.03
CA GLU A 410 3.89 24.01 -20.66
C GLU A 410 4.87 23.05 -19.97
N ALA A 411 5.32 22.01 -20.69
CA ALA A 411 6.35 21.14 -20.15
C ALA A 411 7.67 21.87 -19.99
N ALA A 412 7.94 22.88 -20.82
CA ALA A 412 9.16 23.67 -20.66
C ALA A 412 9.13 24.46 -19.36
N GLN A 413 8.00 25.13 -19.08
CA GLN A 413 7.89 25.86 -17.81
C GLN A 413 7.91 24.91 -16.61
N TRP A 414 7.25 23.75 -16.74
CA TRP A 414 7.26 22.77 -15.66
C TRP A 414 8.66 22.24 -15.41
N SER A 415 9.42 21.97 -16.47
CA SER A 415 10.78 21.51 -16.32
C SER A 415 11.68 22.59 -15.73
N GLN A 416 11.43 23.86 -16.08
CA GLN A 416 12.23 24.95 -15.52
C GLN A 416 12.00 25.10 -14.03
N GLU A 417 10.72 25.08 -13.60
CA GLU A 417 10.44 25.20 -12.17
C GLU A 417 10.90 23.96 -11.41
N LEU A 418 10.81 22.78 -12.04
CA LEU A 418 11.36 21.57 -11.44
C LEU A 418 12.87 21.67 -11.30
N SER A 419 13.55 22.24 -12.31
CA SER A 419 15.00 22.41 -12.22
C SER A 419 15.37 23.37 -11.10
N LYS A 420 14.59 24.44 -10.93
CA LYS A 420 14.85 25.36 -9.82
C LYS A 420 14.66 24.68 -8.46
N GLU A 421 13.57 23.94 -8.29
CA GLU A 421 13.33 23.29 -7.01
C GLU A 421 14.36 22.20 -6.73
N LEU A 422 14.75 21.44 -7.77
CA LEU A 422 15.77 20.41 -7.58
C LEU A 422 17.17 20.98 -7.37
N THR A 423 17.49 22.15 -7.93
CA THR A 423 18.81 22.70 -7.63
C THR A 423 18.83 23.29 -6.22
N MET A 424 17.70 23.83 -5.75
CA MET A 424 17.62 24.20 -4.33
C MET A 424 17.75 22.98 -3.43
N PHE A 425 17.08 21.89 -3.79
CA PHE A 425 17.14 20.66 -3.00
C PHE A 425 18.55 20.07 -2.98
N LYS A 426 19.23 20.11 -4.14
CA LYS A 426 20.61 19.67 -4.23
C LYS A 426 21.54 20.55 -3.40
N GLU A 427 21.30 21.86 -3.38
CA GLU A 427 22.10 22.73 -2.51
C GLU A 427 21.84 22.43 -1.03
N ILE A 428 20.62 21.99 -0.69
CA ILE A 428 20.36 21.55 0.68
C ILE A 428 21.19 20.32 1.01
N LEU A 429 21.19 19.33 0.12
CA LEU A 429 21.98 18.12 0.36
C LEU A 429 23.49 18.32 0.19
N GLU A 430 23.92 19.45 -0.39
CA GLU A 430 25.35 19.66 -0.62
C GLU A 430 26.11 19.81 0.70
N ASP A 431 25.65 20.70 1.57
CA ASP A 431 26.36 20.99 2.83
C ASP A 431 25.84 20.15 4.01
N GLU A 432 25.76 18.84 3.82
CA GLU A 432 25.36 17.95 4.90
C GLU A 432 26.53 17.49 5.76
N ARG A 433 27.76 17.76 5.35
CA ARG A 433 28.94 17.30 6.07
C ARG A 433 29.38 18.26 7.18
N ASP A 434 28.79 19.44 7.27
CA ASP A 434 29.19 20.44 8.27
C ASP A 434 28.83 19.98 9.68
N VAL B 3 10.04 44.40 16.08
CA VAL B 3 10.16 45.85 16.20
C VAL B 3 11.63 46.25 16.11
N THR B 4 12.52 45.27 16.24
CA THR B 4 13.96 45.53 16.20
C THR B 4 14.67 44.32 15.60
N ASP B 5 15.86 44.57 15.08
CA ASP B 5 16.66 43.50 14.48
C ASP B 5 17.60 42.93 15.53
N PRO B 6 17.53 41.64 15.84
CA PRO B 6 18.45 41.06 16.84
C PRO B 6 19.87 41.00 16.31
N GLU B 7 20.84 41.18 17.21
CA GLU B 7 22.24 41.04 16.83
C GLU B 7 22.65 39.57 16.75
N ALA B 8 21.90 38.67 17.37
CA ALA B 8 22.21 37.25 17.34
C ALA B 8 20.93 36.45 17.53
N LEU B 9 21.01 35.17 17.22
CA LEU B 9 19.91 34.23 17.40
C LEU B 9 20.33 33.17 18.41
N LEU B 10 19.50 32.98 19.45
CA LEU B 10 19.77 32.02 20.51
C LEU B 10 18.86 30.83 20.30
N LEU B 11 19.44 29.69 19.91
CA LEU B 11 18.68 28.47 19.67
C LEU B 11 18.62 27.68 20.98
N LEU B 12 17.52 27.86 21.71
CA LEU B 12 17.21 26.91 22.76
C LEU B 12 16.96 25.54 22.14
N PRO B 13 17.62 24.49 22.63
CA PRO B 13 17.52 23.18 21.97
C PRO B 13 16.18 22.52 22.20
N ARG B 14 16.05 21.25 21.80
CA ARG B 14 14.81 20.51 21.91
C ARG B 14 14.33 20.46 23.36
N LEU B 15 13.23 21.17 23.64
CA LEU B 15 12.68 21.26 24.99
C LEU B 15 11.44 20.37 25.04
N SER B 16 11.49 19.35 25.89
CA SER B 16 10.36 18.45 26.06
C SER B 16 9.42 19.04 27.09
N ILE B 17 8.25 19.48 26.65
CA ILE B 17 7.26 20.12 27.51
C ILE B 17 6.21 19.08 27.85
N GLN B 18 5.90 18.93 29.13
CA GLN B 18 5.15 17.77 29.57
C GLN B 18 3.65 17.92 29.35
N ASN B 19 3.01 18.84 30.07
CA ASN B 19 1.55 19.00 29.98
C ASN B 19 1.25 20.47 29.70
N ALA B 20 1.32 20.84 28.43
CA ALA B 20 1.05 22.20 27.99
C ALA B 20 -0.45 22.42 27.82
N ASN B 21 -0.88 23.66 28.01
CA ASN B 21 -2.29 24.02 27.90
C ASN B 21 -2.71 23.87 26.44
N ALA B 22 -3.46 22.80 26.15
CA ALA B 22 -3.96 22.57 24.80
C ALA B 22 -5.18 23.44 24.48
N ILE B 23 -5.72 24.14 25.47
CA ILE B 23 -6.84 25.06 25.25
C ILE B 23 -6.20 26.41 24.94
N SER B 24 -5.94 26.64 23.66
CA SER B 24 -5.23 27.86 23.26
C SER B 24 -6.13 29.08 23.33
N SER B 25 -7.39 28.93 22.91
CA SER B 25 -8.32 30.06 22.83
C SER B 25 -9.73 29.56 23.10
N PRO B 26 -10.70 30.44 23.33
CA PRO B 26 -12.09 29.98 23.49
C PRO B 26 -12.67 29.32 22.24
N LEU B 27 -12.05 29.47 21.07
CA LEU B 27 -12.55 28.86 19.86
C LEU B 27 -11.59 27.87 19.19
N THR B 28 -10.34 27.79 19.64
CA THR B 28 -9.36 26.89 19.04
C THR B 28 -8.71 26.04 20.11
N TRP B 29 -8.28 24.84 19.71
CA TRP B 29 -7.55 23.91 20.56
C TRP B 29 -6.35 23.37 19.80
N GLY B 30 -5.44 22.72 20.54
CA GLY B 30 -4.30 22.09 19.92
C GLY B 30 -2.98 22.63 20.41
N PHE B 31 -2.24 23.27 19.52
CA PHE B 31 -0.96 23.86 19.91
C PHE B 31 -1.20 25.08 20.80
N PRO B 32 -0.33 25.33 21.77
CA PRO B 32 -0.50 26.50 22.64
C PRO B 32 -0.35 27.81 21.87
N SER B 33 -0.91 28.86 22.46
CA SER B 33 -0.89 30.17 21.84
C SER B 33 0.54 30.72 21.77
N PRO B 34 0.85 31.49 20.73
CA PRO B 34 2.18 32.16 20.69
C PRO B 34 2.39 33.15 21.82
N GLY B 35 1.30 33.63 22.43
CA GLY B 35 1.43 34.49 23.60
C GLY B 35 2.12 33.79 24.75
N ALA B 36 1.91 32.48 24.91
CA ALA B 36 2.61 31.72 25.93
C ALA B 36 4.11 31.73 25.68
N PHE B 37 4.53 31.54 24.43
CA PHE B 37 5.95 31.50 24.10
C PHE B 37 6.59 32.88 24.28
N THR B 38 5.88 33.93 23.85
CA THR B 38 6.41 35.28 24.03
C THR B 38 6.50 35.65 25.50
N GLY B 39 5.51 35.25 26.31
CA GLY B 39 5.59 35.47 27.74
C GLY B 39 6.71 34.69 28.41
N PHE B 40 6.96 33.47 27.93
CA PHE B 40 8.07 32.67 28.47
C PHE B 40 9.40 33.33 28.15
N VAL B 41 9.55 33.86 26.93
CA VAL B 41 10.78 34.56 26.57
C VAL B 41 10.94 35.84 27.38
N HIS B 42 9.83 36.56 27.62
CA HIS B 42 9.91 37.76 28.43
C HIS B 42 10.26 37.42 29.87
N ALA B 43 9.76 36.29 30.37
CA ALA B 43 10.14 35.84 31.71
C ALA B 43 11.61 35.45 31.78
N LEU B 44 12.12 34.85 30.71
CA LEU B 44 13.56 34.58 30.63
C LEU B 44 14.37 35.86 30.69
N GLN B 45 13.93 36.88 29.96
CA GLN B 45 14.61 38.18 30.02
C GLN B 45 14.50 38.81 31.40
N ARG B 46 13.35 38.65 32.07
CA ARG B 46 13.13 39.25 33.37
C ARG B 46 13.93 38.53 34.45
N ARG B 47 14.24 37.25 34.25
CA ARG B 47 14.92 36.46 35.27
C ARG B 47 16.44 36.42 35.06
N VAL B 48 16.89 36.14 33.84
CA VAL B 48 18.31 36.04 33.56
C VAL B 48 18.79 37.03 32.51
N GLY B 49 17.91 37.58 31.67
CA GLY B 49 18.35 38.49 30.63
C GLY B 49 18.92 39.80 31.16
N ILE B 50 18.34 40.31 32.25
CA ILE B 50 18.82 41.56 32.83
C ILE B 50 20.19 41.38 33.45
N SER B 51 20.41 40.24 34.12
CA SER B 51 21.70 39.99 34.77
C SER B 51 22.82 39.82 33.75
N LEU B 52 22.50 39.37 32.54
CA LEU B 52 23.48 39.21 31.49
C LEU B 52 23.64 40.46 30.63
N ASP B 53 22.93 41.54 30.95
CA ASP B 53 22.99 42.81 30.23
C ASP B 53 22.61 42.64 28.76
N ILE B 54 21.67 41.73 28.50
CA ILE B 54 21.19 41.46 27.15
C ILE B 54 19.67 41.62 27.15
N GLU B 55 19.09 41.52 25.95
CA GLU B 55 17.65 41.57 25.77
C GLU B 55 17.21 40.35 24.98
N LEU B 56 16.18 39.66 25.49
CA LEU B 56 15.63 38.46 24.87
C LEU B 56 14.23 38.80 24.36
N ASP B 57 14.15 39.17 23.08
CA ASP B 57 12.88 39.49 22.45
C ASP B 57 12.80 38.77 21.11
N GLY B 58 11.67 38.10 20.88
CA GLY B 58 11.49 37.32 19.67
C GLY B 58 11.69 35.84 19.91
N VAL B 59 10.75 35.01 19.42
CA VAL B 59 10.80 33.58 19.63
C VAL B 59 10.40 32.87 18.34
N GLY B 60 11.15 31.84 17.97
CA GLY B 60 10.81 31.00 16.85
C GLY B 60 10.35 29.63 17.29
N ILE B 61 9.14 29.25 16.90
CA ILE B 61 8.51 28.02 17.37
C ILE B 61 8.52 27.01 16.24
N VAL B 62 9.06 25.82 16.51
CA VAL B 62 9.27 24.83 15.46
C VAL B 62 8.45 23.54 15.67
N CYS B 63 8.09 23.18 16.90
CA CYS B 63 7.23 22.03 17.20
C CYS B 63 7.76 20.73 16.58
N HIS B 64 8.89 20.29 17.12
CA HIS B 64 9.48 19.03 16.65
C HIS B 64 8.56 17.85 16.89
N ARG B 65 7.74 17.90 17.95
CA ARG B 65 6.81 16.83 18.24
C ARG B 65 5.63 17.38 19.02
N PHE B 66 4.43 16.89 18.69
CA PHE B 66 3.20 17.31 19.35
C PHE B 66 2.38 16.08 19.70
N GLU B 67 1.70 16.13 20.85
CA GLU B 67 0.84 15.05 21.29
C GLU B 67 -0.11 15.59 22.35
N ALA B 68 -1.40 15.58 22.04
CA ALA B 68 -2.43 16.07 22.95
C ALA B 68 -3.16 14.90 23.60
N GLN B 69 -3.43 15.02 24.91
CA GLN B 69 -4.16 13.99 25.63
C GLN B 69 -5.65 14.10 25.28
N ILE B 70 -5.99 13.49 24.15
CA ILE B 70 -7.33 13.52 23.61
C ILE B 70 -7.76 12.10 23.27
N SER B 71 -9.07 11.91 23.17
CA SER B 71 -9.64 10.64 22.76
C SER B 71 -10.87 10.90 21.90
N GLN B 72 -11.17 9.95 21.02
CA GLN B 72 -12.36 10.05 20.18
C GLN B 72 -13.40 9.05 20.64
N PRO B 73 -14.54 9.49 21.16
CA PRO B 73 -15.57 8.54 21.59
C PRO B 73 -16.15 7.77 20.41
N ALA B 74 -16.60 6.55 20.70
CA ALA B 74 -17.18 5.71 19.67
C ALA B 74 -18.48 6.30 19.15
N GLY B 75 -18.64 6.30 17.83
CA GLY B 75 -19.82 6.84 17.20
C GLY B 75 -19.81 8.33 17.00
N LYS B 76 -18.79 9.03 17.47
CA LYS B 76 -18.64 10.46 17.24
C LYS B 76 -17.38 10.72 16.45
N ARG B 77 -17.41 11.76 15.62
CA ARG B 77 -16.25 12.14 14.83
C ARG B 77 -15.45 13.25 15.49
N THR B 78 -16.02 13.94 16.47
CA THR B 78 -15.31 14.95 17.24
C THR B 78 -14.45 14.29 18.32
N LYS B 79 -13.82 15.11 19.15
CA LYS B 79 -12.87 14.61 20.13
C LYS B 79 -13.15 15.23 21.50
N VAL B 80 -12.70 14.55 22.54
CA VAL B 80 -12.84 15.01 23.92
C VAL B 80 -11.46 15.00 24.57
N PHE B 81 -11.34 15.74 25.67
CA PHE B 81 -10.08 15.90 26.37
C PHE B 81 -10.03 14.97 27.58
N ASN B 82 -8.93 14.24 27.71
CA ASN B 82 -8.69 13.45 28.91
C ASN B 82 -8.41 14.37 30.09
N LEU B 83 -8.98 14.03 31.24
CA LEU B 83 -8.96 14.90 32.41
C LEU B 83 -8.17 14.26 33.55
N THR B 84 -8.07 15.01 34.64
CA THR B 84 -7.37 14.60 35.83
C THR B 84 -8.36 14.53 37.00
N ARG B 85 -8.12 13.60 37.92
CA ARG B 85 -8.98 13.47 39.09
C ARG B 85 -8.48 14.43 40.17
N ASN B 86 -9.23 15.52 40.36
CA ASN B 86 -8.87 16.51 41.37
C ASN B 86 -9.18 15.98 42.77
N PRO B 87 -8.56 16.56 43.81
CA PRO B 87 -8.86 16.12 45.17
C PRO B 87 -10.30 16.43 45.56
N LEU B 88 -10.80 15.64 46.51
CA LEU B 88 -12.18 15.76 46.96
C LEU B 88 -12.39 17.05 47.75
N ASN B 89 -13.65 17.42 47.92
CA ASN B 89 -14.03 18.59 48.68
C ASN B 89 -13.85 18.33 50.18
N ARG B 90 -14.11 19.36 50.99
CA ARG B 90 -13.99 19.21 52.44
C ARG B 90 -15.07 18.33 53.03
N ASP B 91 -16.14 18.06 52.29
CA ASP B 91 -17.21 17.17 52.75
C ASP B 91 -17.12 15.77 52.15
N GLY B 92 -16.03 15.46 51.45
CA GLY B 92 -15.82 14.12 50.93
C GLY B 92 -16.51 13.80 49.63
N SER B 93 -17.03 14.78 48.91
CA SER B 93 -17.70 14.55 47.64
C SER B 93 -16.82 15.02 46.48
N THR B 94 -17.11 14.49 45.30
CA THR B 94 -16.37 14.86 44.10
C THR B 94 -16.69 16.30 43.71
N ALA B 95 -15.64 17.08 43.46
CA ALA B 95 -15.82 18.47 43.05
C ALA B 95 -16.31 18.56 41.61
N ALA B 96 -16.82 19.72 41.25
CA ALA B 96 -17.28 19.96 39.88
C ALA B 96 -16.08 19.97 38.94
N ILE B 97 -16.21 19.25 37.83
CA ILE B 97 -15.09 19.07 36.90
C ILE B 97 -14.98 20.29 36.00
N VAL B 98 -13.80 20.90 35.97
CA VAL B 98 -13.48 21.99 35.05
C VAL B 98 -12.55 21.43 33.99
N GLU B 99 -13.03 21.38 32.75
CA GLU B 99 -12.30 20.70 31.68
C GLU B 99 -11.13 21.56 31.21
N GLU B 100 -9.93 20.97 31.21
CA GLU B 100 -8.73 21.60 30.67
C GLU B 100 -7.98 20.60 29.82
N GLY B 101 -7.39 21.10 28.73
CA GLY B 101 -6.63 20.26 27.82
C GLY B 101 -5.14 20.36 28.09
N ARG B 102 -4.50 19.20 28.16
CA ARG B 102 -3.09 19.09 28.52
C ARG B 102 -2.38 18.25 27.47
N ALA B 103 -1.24 18.74 26.98
CA ALA B 103 -0.60 18.17 25.81
C ALA B 103 0.90 18.09 26.00
N HIS B 104 1.53 17.19 25.24
CA HIS B 104 2.98 16.98 25.28
C HIS B 104 3.62 17.65 24.07
N LEU B 105 4.65 18.45 24.31
CA LEU B 105 5.35 19.16 23.24
C LEU B 105 6.80 18.72 23.17
N GLU B 106 7.45 19.07 22.06
CA GLU B 106 8.91 19.03 21.93
C GLU B 106 9.26 20.15 20.96
N VAL B 107 9.78 21.26 21.49
CA VAL B 107 10.03 22.45 20.70
C VAL B 107 11.46 22.92 20.93
N SER B 108 11.95 23.71 19.97
CA SER B 108 13.22 24.41 20.09
C SER B 108 12.98 25.85 19.69
N LEU B 109 13.50 26.78 20.49
CA LEU B 109 13.17 28.19 20.36
C LEU B 109 14.36 29.00 19.87
N LEU B 110 14.11 29.88 18.91
CA LEU B 110 15.11 30.84 18.43
C LEU B 110 14.85 32.17 19.11
N LEU B 111 15.72 32.55 20.04
CA LEU B 111 15.56 33.77 20.81
C LEU B 111 16.41 34.89 20.20
N GLY B 112 15.77 36.03 19.95
CA GLY B 112 16.49 37.19 19.44
C GLY B 112 17.23 37.92 20.54
N VAL B 113 18.55 38.07 20.38
CA VAL B 113 19.40 38.64 21.41
C VAL B 113 20.04 39.90 20.85
N HIS B 114 19.96 40.99 21.62
CA HIS B 114 20.65 42.24 21.26
C HIS B 114 21.00 42.98 22.54
N GLY B 115 22.23 43.47 22.62
CA GLY B 115 22.71 44.14 23.80
C GLY B 115 24.23 44.16 23.85
N ASP B 116 24.74 44.64 24.99
CA ASP B 116 26.18 44.72 25.17
C ASP B 116 26.76 43.47 25.84
N GLY B 117 25.91 42.65 26.45
CA GLY B 117 26.40 41.42 27.08
C GLY B 117 26.89 40.39 26.09
N LEU B 118 26.52 40.51 24.82
CA LEU B 118 27.06 39.62 23.80
C LEU B 118 28.55 39.82 23.63
N ASP B 119 29.01 41.07 23.65
CA ASP B 119 30.44 41.34 23.64
C ASP B 119 31.06 41.24 25.02
N ASP B 120 30.26 41.45 26.07
CA ASP B 120 30.77 41.36 27.43
C ASP B 120 31.02 39.92 27.88
N HIS B 121 30.25 38.96 27.39
CA HIS B 121 30.35 37.58 27.81
C HIS B 121 30.50 36.68 26.59
N PRO B 122 31.15 35.52 26.76
CA PRO B 122 31.20 34.56 25.65
C PRO B 122 29.81 34.05 25.28
N ALA B 123 29.64 33.74 23.99
CA ALA B 123 28.33 33.31 23.49
C ALA B 123 27.91 31.98 24.11
N GLN B 124 28.85 31.05 24.25
CA GLN B 124 28.53 29.76 24.86
C GLN B 124 28.12 29.91 26.32
N GLU B 125 28.74 30.84 27.04
CA GLU B 125 28.42 31.02 28.45
C GLU B 125 27.00 31.56 28.64
N ILE B 126 26.62 32.59 27.88
CA ILE B 126 25.28 33.14 28.02
C ILE B 126 24.25 32.15 27.49
N ALA B 127 24.56 31.43 26.42
CA ALA B 127 23.65 30.40 25.91
C ALA B 127 23.42 29.33 26.96
N ARG B 128 24.49 28.87 27.62
CA ARG B 128 24.36 27.90 28.68
C ARG B 128 23.51 28.43 29.83
N GLN B 129 23.84 29.63 30.33
CA GLN B 129 23.14 30.16 31.50
C GLN B 129 21.66 30.37 31.20
N VAL B 130 21.32 30.77 29.98
CA VAL B 130 19.92 30.82 29.57
C VAL B 130 19.32 29.42 29.55
N GLN B 131 20.10 28.41 29.16
CA GLN B 131 19.56 27.04 29.12
C GLN B 131 19.21 26.52 30.52
N GLU B 132 20.14 26.64 31.48
CA GLU B 132 19.76 26.19 32.83
C GLU B 132 18.84 27.18 33.54
N GLN B 133 18.66 28.39 33.02
CA GLN B 133 17.56 29.20 33.54
C GLN B 133 16.20 28.68 33.06
N ALA B 134 16.10 28.35 31.77
CA ALA B 134 14.86 27.82 31.21
C ALA B 134 14.57 26.41 31.68
N GLY B 135 15.58 25.68 32.15
CA GLY B 135 15.37 24.30 32.59
C GLY B 135 14.59 24.16 33.88
N ALA B 136 14.28 25.27 34.55
CA ALA B 136 13.48 25.26 35.77
C ALA B 136 12.27 26.17 35.62
N MET B 137 11.65 26.16 34.44
CA MET B 137 10.52 27.06 34.17
C MET B 137 9.38 26.32 33.49
N ARG B 138 8.35 27.06 33.09
CA ARG B 138 7.19 26.54 32.39
C ARG B 138 7.00 27.30 31.09
N LEU B 139 6.47 26.62 30.08
CA LEU B 139 6.31 27.21 28.76
C LEU B 139 4.85 27.45 28.38
N ALA B 140 3.98 26.47 28.62
CA ALA B 140 2.56 26.66 28.38
C ALA B 140 1.73 26.03 29.50
N GLY B 141 2.14 26.21 30.74
CA GLY B 141 1.51 25.55 31.87
C GLY B 141 2.10 24.20 32.22
N GLY B 142 3.09 23.73 31.47
CA GLY B 142 3.68 22.42 31.71
C GLY B 142 5.15 22.53 32.07
N SER B 143 5.64 21.51 32.77
CA SER B 143 7.04 21.46 33.15
C SER B 143 7.91 21.18 31.93
N ILE B 144 9.22 21.40 32.09
CA ILE B 144 10.19 21.23 31.02
C ILE B 144 11.11 20.08 31.38
N LEU B 145 11.17 19.05 30.53
CA LEU B 145 11.98 17.88 30.81
C LEU B 145 13.44 18.14 30.41
N PRO B 146 14.39 18.03 31.33
CA PRO B 146 15.74 18.54 31.08
C PRO B 146 16.74 17.55 30.49
N TRP B 147 16.28 16.42 29.95
CA TRP B 147 17.11 15.51 29.15
C TRP B 147 18.28 14.94 29.96
N CYS B 148 17.93 14.10 30.93
CA CYS B 148 18.93 13.44 31.77
C CYS B 148 19.13 11.99 31.37
N ASN B 149 20.41 11.59 31.25
CA ASN B 149 20.83 10.20 31.06
C ASN B 149 20.21 9.56 29.82
N GLU B 150 20.06 10.33 28.76
CA GLU B 150 19.80 9.79 27.44
C GLU B 150 21.14 9.59 26.73
N ARG B 151 21.09 9.37 25.41
CA ARG B 151 22.31 9.11 24.65
C ARG B 151 23.24 10.32 24.66
N PHE B 152 22.73 11.50 24.31
CA PHE B 152 23.50 12.74 24.39
C PHE B 152 22.55 13.94 24.40
N PRO B 153 22.75 14.89 25.31
CA PRO B 153 21.92 16.09 25.30
C PRO B 153 22.28 17.00 24.13
N ALA B 154 21.31 17.83 23.74
CA ALA B 154 21.52 18.80 22.68
C ALA B 154 22.03 20.10 23.28
N PRO B 155 23.25 20.54 22.97
CA PRO B 155 23.77 21.78 23.57
C PRO B 155 23.10 23.01 22.98
N ASN B 156 23.07 24.06 23.80
CA ASN B 156 22.60 25.36 23.35
C ASN B 156 23.66 26.01 22.46
N ALA B 157 23.20 26.76 21.46
CA ALA B 157 24.09 27.36 20.46
C ALA B 157 23.60 28.76 20.13
N GLU B 158 24.41 29.76 20.42
CA GLU B 158 24.13 31.13 20.03
C GLU B 158 25.00 31.53 18.86
N LEU B 159 24.39 32.07 17.81
CA LEU B 159 25.11 32.50 16.62
C LEU B 159 24.85 33.97 16.36
N LEU B 160 25.93 34.74 16.23
CA LEU B 160 25.82 36.15 15.88
C LEU B 160 25.40 36.28 14.42
N MET B 161 24.39 37.12 14.16
CA MET B 161 23.92 37.32 12.79
C MET B 161 24.89 38.12 11.95
N LEU B 162 25.72 38.97 12.56
CA LEU B 162 26.72 39.74 11.83
C LEU B 162 27.89 38.82 11.50
N GLY B 163 27.74 38.09 10.40
CA GLY B 163 28.79 37.18 9.97
C GLY B 163 29.95 37.92 9.31
N GLY B 164 31.05 37.20 9.11
CA GLY B 164 32.21 37.80 8.47
C GLY B 164 31.98 38.05 6.99
N SER B 165 31.04 37.34 6.39
CA SER B 165 30.71 37.50 4.99
C SER B 165 29.29 37.03 4.74
N ASP B 166 28.77 37.34 3.55
CA ASP B 166 27.45 36.87 3.17
C ASP B 166 27.42 35.35 3.05
N GLU B 167 28.48 34.76 2.49
CA GLU B 167 28.56 33.30 2.40
C GLU B 167 28.59 32.65 3.78
N GLN B 168 29.37 33.22 4.71
CA GLN B 168 29.44 32.68 6.06
C GLN B 168 28.10 32.78 6.77
N ARG B 169 27.42 33.93 6.62
CA ARG B 169 26.10 34.11 7.22
C ARG B 169 25.10 33.12 6.64
N ARG B 170 25.14 32.92 5.33
CA ARG B 170 24.19 32.01 4.67
C ARG B 170 24.44 30.56 5.11
N LYS B 171 25.72 30.17 5.23
CA LYS B 171 26.06 28.84 5.70
C LYS B 171 25.63 28.64 7.16
N ASN B 172 25.84 29.66 8.00
CA ASN B 172 25.42 29.56 9.40
C ASN B 172 23.90 29.43 9.51
N GLN B 173 23.16 30.20 8.70
CA GLN B 173 21.71 30.11 8.69
C GLN B 173 21.24 28.72 8.25
N ARG B 174 21.89 28.17 7.21
CA ARG B 174 21.49 26.84 6.74
C ARG B 174 21.82 25.75 7.75
N ARG B 175 22.97 25.86 8.44
CA ARG B 175 23.28 24.85 9.45
C ARG B 175 22.36 24.95 10.66
N LEU B 176 22.01 26.17 11.07
CA LEU B 176 21.02 26.34 12.13
C LEU B 176 19.66 25.79 11.72
N THR B 177 19.29 25.97 10.45
CA THR B 177 18.06 25.37 9.95
C THR B 177 18.13 23.85 9.96
N ARG B 178 19.32 23.29 9.64
CA ARG B 178 19.50 21.86 9.69
C ARG B 178 19.38 21.32 11.11
N ARG B 179 19.76 22.12 12.12
CA ARG B 179 19.62 21.70 13.51
C ARG B 179 18.17 21.43 13.86
N LEU B 180 17.28 22.39 13.61
CA LEU B 180 15.86 22.26 13.90
C LEU B 180 15.05 21.75 12.70
N LEU B 181 15.53 20.69 12.07
CA LEU B 181 14.91 20.23 10.84
C LEU B 181 13.62 19.42 11.04
N PRO B 182 13.55 18.43 11.96
CA PRO B 182 12.24 17.72 12.04
C PRO B 182 11.16 18.54 12.73
N GLY B 183 10.75 19.63 12.11
CA GLY B 183 9.75 20.50 12.70
C GLY B 183 9.19 21.45 11.66
N PHE B 184 8.25 22.28 12.10
CA PHE B 184 7.56 23.21 11.22
C PHE B 184 7.47 24.57 11.92
N ALA B 185 8.03 25.60 11.28
CA ALA B 185 7.99 26.94 11.86
C ALA B 185 6.56 27.49 11.84
N LEU B 186 6.20 28.20 12.91
CA LEU B 186 4.88 28.79 13.05
C LEU B 186 4.97 30.29 12.78
N VAL B 187 4.19 30.76 11.81
CA VAL B 187 4.17 32.17 11.43
C VAL B 187 2.72 32.65 11.39
N SER B 188 2.55 33.96 11.33
CA SER B 188 1.23 34.58 11.28
C SER B 188 0.94 35.11 9.88
N ARG B 189 -0.35 35.10 9.51
CA ARG B 189 -0.78 35.38 8.15
C ARG B 189 -1.94 36.39 8.17
N GLU B 190 -1.74 37.51 8.87
CA GLU B 190 -2.77 38.55 8.91
C GLU B 190 -3.05 39.13 7.54
N ALA B 191 -2.00 39.37 6.75
CA ALA B 191 -2.18 39.91 5.40
C ALA B 191 -2.92 38.93 4.51
N LEU B 192 -2.60 37.64 4.62
CA LEU B 192 -3.31 36.62 3.87
C LEU B 192 -4.77 36.54 4.27
N LEU B 193 -5.06 36.68 5.58
CA LEU B 193 -6.43 36.65 6.05
C LEU B 193 -7.22 37.84 5.51
N GLN B 194 -6.62 39.04 5.51
CA GLN B 194 -7.29 40.19 4.93
C GLN B 194 -7.49 40.05 3.43
N GLN B 195 -6.51 39.51 2.71
CA GLN B 195 -6.66 39.30 1.28
C GLN B 195 -7.79 38.31 0.98
N HIS B 196 -7.87 37.22 1.74
CA HIS B 196 -8.96 36.27 1.57
C HIS B 196 -10.30 36.89 1.96
N LEU B 197 -10.32 37.78 2.95
CA LEU B 197 -11.58 38.44 3.31
C LEU B 197 -12.06 39.37 2.21
N GLU B 198 -11.14 40.13 1.58
CA GLU B 198 -11.53 40.95 0.45
C GLU B 198 -12.03 40.09 -0.72
N THR B 199 -11.35 38.97 -0.98
CA THR B 199 -11.80 38.07 -2.04
C THR B 199 -13.19 37.51 -1.74
N LEU B 200 -13.44 37.17 -0.47
CA LEU B 200 -14.75 36.68 -0.06
C LEU B 200 -15.81 37.77 -0.20
N ARG B 201 -15.45 39.02 0.09
CA ARG B 201 -16.40 40.12 -0.03
C ARG B 201 -16.76 40.38 -1.49
N THR B 202 -15.78 40.28 -2.40
CA THR B 202 -16.13 40.33 -3.82
C THR B 202 -16.93 39.10 -4.24
N THR B 203 -16.74 37.97 -3.54
CA THR B 203 -17.57 36.80 -3.81
C THR B 203 -19.01 37.04 -3.35
N LEU B 204 -19.18 37.54 -2.12
CA LEU B 204 -20.50 37.92 -1.62
C LEU B 204 -20.31 38.97 -0.54
N PRO B 205 -21.16 40.01 -0.49
CA PRO B 205 -20.93 41.12 0.43
C PRO B 205 -21.22 40.79 1.89
N GLU B 206 -21.12 41.82 2.75
CA GLU B 206 -21.37 41.77 4.21
C GLU B 206 -20.74 40.54 4.88
N ALA B 207 -19.57 40.11 4.39
CA ALA B 207 -18.87 38.97 4.98
C ALA B 207 -17.83 39.48 5.98
N THR B 208 -17.90 38.97 7.20
CA THR B 208 -16.96 39.34 8.25
C THR B 208 -15.67 38.54 8.11
N THR B 209 -14.64 38.99 8.84
CA THR B 209 -13.35 38.29 8.79
C THR B 209 -13.40 36.98 9.55
N LEU B 210 -14.40 36.79 10.42
CA LEU B 210 -14.58 35.50 11.07
C LEU B 210 -14.95 34.41 10.06
N ASP B 211 -15.80 34.75 9.09
CA ASP B 211 -16.16 33.78 8.07
C ASP B 211 -14.99 33.48 7.15
N ALA B 212 -14.16 34.49 6.87
CA ALA B 212 -12.95 34.25 6.08
C ALA B 212 -11.95 33.38 6.82
N LEU B 213 -11.82 33.58 8.14
CA LEU B 213 -10.94 32.73 8.94
C LEU B 213 -11.46 31.31 9.01
N LEU B 214 -12.78 31.14 9.12
CA LEU B 214 -13.37 29.80 9.13
C LEU B 214 -13.19 29.11 7.79
N ASP B 215 -13.37 29.85 6.69
CA ASP B 215 -13.26 29.25 5.36
C ASP B 215 -11.85 28.82 5.03
N LEU B 216 -10.84 29.53 5.55
CA LEU B 216 -9.45 29.21 5.28
C LEU B 216 -8.96 27.99 6.05
N CYS B 217 -9.74 27.48 7.00
CA CYS B 217 -9.34 26.36 7.84
C CYS B 217 -10.20 25.11 7.62
N ARG B 218 -11.47 25.29 7.28
CA ARG B 218 -12.35 24.17 7.02
C ARG B 218 -12.00 23.50 5.69
N ILE B 219 -12.40 22.23 5.57
CA ILE B 219 -12.21 21.49 4.33
C ILE B 219 -13.43 21.75 3.45
N ASN B 220 -13.21 22.44 2.34
CA ASN B 220 -14.30 22.81 1.45
C ASN B 220 -14.43 21.80 0.31
N PHE B 221 -15.67 21.37 0.05
CA PHE B 221 -15.98 20.47 -1.05
C PHE B 221 -16.78 21.24 -2.10
N GLU B 222 -16.35 21.14 -3.35
CA GLU B 222 -17.03 21.82 -4.44
C GLU B 222 -17.55 20.80 -5.44
N PRO B 223 -18.73 21.02 -6.03
CA PRO B 223 -19.25 20.07 -7.01
C PRO B 223 -18.49 20.18 -8.32
N PRO B 224 -18.55 19.15 -9.18
CA PRO B 224 -17.93 19.19 -10.51
C PRO B 224 -18.47 20.32 -11.39
N TRP B 239 -16.45 15.74 -7.58
CA TRP B 239 -16.40 16.44 -6.30
C TRP B 239 -14.97 16.67 -5.84
N GLN B 240 -14.50 17.90 -5.97
CA GLN B 240 -13.13 18.25 -5.64
C GLN B 240 -13.07 18.96 -4.29
N VAL B 241 -11.84 19.27 -3.85
CA VAL B 241 -11.59 19.95 -2.59
C VAL B 241 -10.82 21.22 -2.90
N ARG B 242 -11.29 22.35 -2.36
CA ARG B 242 -10.58 23.61 -2.52
C ARG B 242 -9.23 23.54 -1.79
N ASP B 243 -8.15 23.60 -2.55
CA ASP B 243 -6.82 23.45 -1.98
C ASP B 243 -6.43 24.67 -1.16
N LYS B 244 -5.55 24.45 -0.19
CA LYS B 244 -5.02 25.51 0.65
C LYS B 244 -3.52 25.71 0.37
N PRO B 245 -3.04 26.95 0.41
CA PRO B 245 -1.60 27.18 0.17
C PRO B 245 -0.69 26.51 1.18
N GLY B 246 -1.11 26.40 2.42
CA GLY B 246 -0.31 25.79 3.47
C GLY B 246 -1.16 25.06 4.48
N TRP B 247 -0.70 25.05 5.73
CA TRP B 247 -1.43 24.34 6.77
C TRP B 247 -2.60 25.19 7.29
N LEU B 248 -2.35 26.48 7.55
CA LEU B 248 -3.38 27.49 7.79
C LEU B 248 -4.25 27.17 9.01
N VAL B 249 -3.62 27.20 10.18
CA VAL B 249 -4.34 27.03 11.45
C VAL B 249 -4.95 28.34 11.90
N PRO B 250 -6.05 28.33 12.66
CA PRO B 250 -6.51 29.55 13.32
C PRO B 250 -5.87 29.74 14.69
N ILE B 251 -5.26 30.89 14.93
CA ILE B 251 -4.55 31.12 16.18
C ILE B 251 -5.05 32.39 16.86
N PRO B 252 -4.97 32.47 18.18
CA PRO B 252 -5.29 33.75 18.86
C PRO B 252 -4.22 34.78 18.57
N ALA B 253 -4.64 35.94 18.07
CA ALA B 253 -3.71 36.98 17.64
C ALA B 253 -3.44 38.01 18.72
N GLY B 254 -4.04 37.89 19.88
CA GLY B 254 -3.80 38.81 20.96
C GLY B 254 -5.07 39.06 21.75
N TYR B 255 -5.12 40.22 22.40
CA TYR B 255 -6.24 40.61 23.22
C TYR B 255 -6.69 42.02 22.83
N ASN B 256 -8.01 42.23 22.81
CA ASN B 256 -8.59 43.54 22.53
C ASN B 256 -9.33 44.05 23.77
N ALA B 257 -9.31 45.37 23.95
CA ALA B 257 -9.87 45.98 25.16
C ALA B 257 -11.37 45.75 25.26
N LEU B 258 -11.83 45.45 26.47
CA LEU B 258 -13.26 45.29 26.76
C LEU B 258 -13.77 46.25 27.82
N SER B 259 -12.90 47.01 28.47
CA SER B 259 -13.27 47.89 29.56
C SER B 259 -12.24 49.00 29.63
N PRO B 260 -12.61 50.18 30.14
CA PRO B 260 -11.63 51.25 30.34
C PRO B 260 -10.53 50.83 31.31
N LEU B 261 -9.34 51.38 31.09
CA LEU B 261 -8.16 51.01 31.86
C LEU B 261 -8.31 51.49 33.30
N TYR B 262 -8.44 50.55 34.23
CA TYR B 262 -8.60 50.87 35.64
C TYR B 262 -7.26 51.13 36.30
N LEU B 263 -7.29 51.84 37.41
CA LEU B 263 -6.10 52.07 38.21
C LEU B 263 -5.68 50.77 38.89
N PRO B 264 -4.41 50.67 39.32
CA PRO B 264 -3.94 49.44 39.97
C PRO B 264 -4.73 49.05 41.21
N GLY B 265 -5.32 49.99 41.93
CA GLY B 265 -6.07 49.68 43.12
C GLY B 265 -7.57 49.60 42.97
N GLU B 266 -8.10 49.92 41.78
CA GLU B 266 -9.56 49.93 41.60
C GLU B 266 -10.13 48.52 41.60
N VAL B 267 -9.51 47.61 40.85
CA VAL B 267 -10.11 46.30 40.61
C VAL B 267 -9.93 45.42 41.84
N ARG B 268 -11.04 44.91 42.35
CA ARG B 268 -10.99 43.94 43.44
C ARG B 268 -10.47 42.60 42.94
N ASN B 269 -9.70 41.92 43.79
CA ASN B 269 -9.18 40.57 43.55
C ASN B 269 -8.24 40.54 42.35
N ALA B 270 -7.43 41.58 42.21
CA ALA B 270 -6.46 41.63 41.12
C ALA B 270 -5.26 40.73 41.45
N ARG B 271 -4.37 40.57 40.46
CA ARG B 271 -3.14 39.82 40.72
C ARG B 271 -2.19 40.60 41.61
N ASP B 272 -2.11 41.92 41.41
CA ASP B 272 -1.37 42.79 42.30
C ASP B 272 -2.04 44.15 42.34
N ARG B 273 -1.55 45.02 43.21
CA ARG B 273 -2.04 46.39 43.33
C ARG B 273 -1.04 47.41 42.83
N GLU B 274 -0.11 47.01 41.95
CA GLU B 274 0.86 47.91 41.37
C GLU B 274 0.73 48.01 39.85
N THR B 275 -0.16 47.24 39.24
CA THR B 275 -0.31 47.20 37.80
C THR B 275 -1.76 47.49 37.42
N PRO B 276 -2.00 48.38 36.45
CA PRO B 276 -3.37 48.60 35.98
C PRO B 276 -3.98 47.35 35.37
N LEU B 277 -5.29 47.20 35.57
CA LEU B 277 -6.02 46.03 35.08
C LEU B 277 -7.10 46.48 34.12
N ARG B 278 -7.12 45.87 32.94
CA ARG B 278 -8.13 46.13 31.93
C ARG B 278 -8.72 44.80 31.47
N PHE B 279 -10.04 44.69 31.48
CA PHE B 279 -10.68 43.50 30.95
C PHE B 279 -10.54 43.45 29.44
N VAL B 280 -10.23 42.27 28.92
CA VAL B 280 -9.99 42.07 27.50
C VAL B 280 -10.78 40.87 27.00
N GLU B 281 -10.61 40.58 25.72
CA GLU B 281 -11.25 39.47 25.02
C GLU B 281 -10.36 39.07 23.85
N ASN B 282 -10.43 37.80 23.47
CA ASN B 282 -9.45 37.24 22.55
C ASN B 282 -9.64 37.76 21.12
N LEU B 283 -8.53 38.02 20.45
CA LEU B 283 -8.49 38.31 19.03
C LEU B 283 -7.98 37.09 18.27
N PHE B 284 -8.73 36.67 17.27
CA PHE B 284 -8.43 35.45 16.52
C PHE B 284 -7.89 35.81 15.15
N GLY B 285 -6.69 35.30 14.83
CA GLY B 285 -6.07 35.56 13.56
C GLY B 285 -5.67 34.30 12.83
N LEU B 286 -4.98 34.44 11.71
CA LEU B 286 -4.54 33.30 10.91
C LEU B 286 -3.07 33.01 11.17
N GLY B 287 -2.73 31.72 11.17
CA GLY B 287 -1.35 31.29 11.31
C GLY B 287 -1.03 30.24 10.28
N GLU B 288 0.27 29.93 10.14
CA GLU B 288 0.72 28.93 9.18
C GLU B 288 1.86 28.12 9.78
N TRP B 289 1.82 26.81 9.54
CA TRP B 289 2.92 25.91 9.88
C TRP B 289 3.66 25.55 8.60
N LEU B 290 4.96 25.85 8.57
CA LEU B 290 5.76 25.65 7.36
C LEU B 290 7.17 25.21 7.73
N SER B 291 7.80 24.51 6.79
CA SER B 291 9.15 23.99 7.02
C SER B 291 10.14 25.14 7.11
N PRO B 292 11.15 25.04 7.99
CA PRO B 292 12.10 26.16 8.17
C PRO B 292 12.97 26.47 6.95
N HIS B 293 13.04 25.58 5.96
CA HIS B 293 13.79 25.87 4.75
C HIS B 293 13.13 26.94 3.89
N ARG B 294 11.83 27.19 4.06
CA ARG B 294 11.10 28.16 3.24
C ARG B 294 11.04 29.54 3.87
N VAL B 295 12.06 29.91 4.62
CA VAL B 295 12.18 31.27 5.13
C VAL B 295 13.55 31.81 4.74
N ALA B 296 13.58 33.10 4.38
CA ALA B 296 14.82 33.72 3.93
C ALA B 296 15.85 33.78 5.06
N ALA B 297 15.44 34.29 6.22
CA ALA B 297 16.29 34.34 7.38
C ALA B 297 15.53 33.78 8.57
N LEU B 298 16.26 33.13 9.48
CA LEU B 298 15.63 32.53 10.65
C LEU B 298 15.13 33.56 11.64
N SER B 299 15.55 34.83 11.52
CA SER B 299 15.04 35.88 12.37
C SER B 299 13.68 36.39 11.93
N ASP B 300 13.18 35.94 10.76
CA ASP B 300 11.86 36.33 10.31
C ASP B 300 10.75 35.55 11.01
N LEU B 301 11.10 34.49 11.75
CA LEU B 301 10.12 33.68 12.46
C LEU B 301 9.86 34.17 13.87
N LEU B 302 10.51 35.24 14.30
CA LEU B 302 10.46 35.66 15.70
C LEU B 302 9.14 36.36 16.00
N TRP B 303 8.53 35.99 17.12
CA TRP B 303 7.25 36.54 17.55
C TRP B 303 7.50 37.68 18.54
N TYR B 304 6.83 38.81 18.32
CA TYR B 304 7.04 39.99 19.14
C TYR B 304 5.72 40.47 19.74
N HIS B 305 5.84 41.19 20.85
CA HIS B 305 4.69 41.83 21.48
C HIS B 305 4.41 43.18 20.84
N HIS B 306 3.12 43.49 20.65
CA HIS B 306 2.69 44.78 20.12
C HIS B 306 1.50 45.22 20.97
N ALA B 307 1.76 46.03 22.00
CA ALA B 307 0.73 46.36 22.97
C ALA B 307 -0.19 47.47 22.48
N GLU B 308 0.36 48.68 22.25
CA GLU B 308 -0.37 49.88 21.86
C GLU B 308 -1.52 50.14 22.84
N PRO B 309 -1.22 50.53 24.09
CA PRO B 309 -2.24 50.48 25.15
C PRO B 309 -3.35 51.51 25.03
N ASP B 310 -3.26 52.46 24.08
CA ASP B 310 -4.26 53.51 24.01
C ASP B 310 -5.59 52.98 23.48
N LYS B 311 -5.55 52.04 22.54
CA LYS B 311 -6.75 51.50 21.92
C LYS B 311 -6.99 50.04 22.26
N GLY B 312 -6.30 49.52 23.27
CA GLY B 312 -6.33 48.09 23.54
C GLY B 312 -5.32 47.37 22.68
N LEU B 313 -5.80 46.42 21.87
CA LEU B 313 -4.98 45.77 20.83
C LEU B 313 -3.70 45.15 21.38
N TYR B 314 -3.81 44.50 22.54
CA TYR B 314 -2.67 43.83 23.16
C TYR B 314 -2.39 42.57 22.33
N ARG B 315 -1.50 42.72 21.36
CA ARG B 315 -1.30 41.74 20.31
C ARG B 315 0.11 41.16 20.35
N TRP B 316 0.21 39.92 19.90
CA TRP B 316 1.49 39.28 19.60
C TRP B 316 1.44 38.84 18.15
N SER B 317 2.55 39.02 17.44
CA SER B 317 2.62 38.65 16.03
C SER B 317 4.08 38.47 15.65
N THR B 318 4.29 37.96 14.43
CA THR B 318 5.63 37.84 13.86
C THR B 318 5.69 38.71 12.61
N PRO B 319 6.19 39.94 12.75
CA PRO B 319 6.33 40.82 11.57
C PRO B 319 7.50 40.40 10.70
N ARG B 320 7.83 41.24 9.70
CA ARG B 320 8.99 41.10 8.81
C ARG B 320 9.14 39.68 8.23
N PHE B 321 8.04 38.96 8.08
CA PHE B 321 8.08 37.60 7.58
C PHE B 321 8.19 37.58 6.06
N VAL B 322 7.27 38.23 5.38
CA VAL B 322 7.33 38.37 3.93
C VAL B 322 7.44 39.83 3.54
N MET C 1 84.28 14.48 0.28
CA MET C 1 83.15 14.96 1.04
C MET C 1 82.88 16.43 0.67
N ASP C 2 83.89 17.06 0.08
CA ASP C 2 83.79 18.48 -0.25
C ASP C 2 82.92 18.72 -1.48
N HIS C 3 82.63 17.66 -2.25
CA HIS C 3 81.80 17.79 -3.43
C HIS C 3 80.39 17.29 -3.17
N TYR C 4 79.47 17.64 -4.08
CA TYR C 4 78.10 17.15 -4.00
C TYR C 4 77.54 17.06 -5.41
N LEU C 5 76.56 16.16 -5.57
CA LEU C 5 75.82 16.01 -6.82
C LEU C 5 74.33 16.14 -6.52
N ASP C 6 73.64 16.95 -7.30
CA ASP C 6 72.25 17.27 -7.05
C ASP C 6 71.35 16.58 -8.06
N ILE C 7 70.33 15.89 -7.57
CA ILE C 7 69.37 15.18 -8.41
C ILE C 7 67.99 15.79 -8.19
N ARG C 8 67.40 16.35 -9.24
CA ARG C 8 66.05 16.87 -9.19
C ARG C 8 65.08 15.88 -9.82
N LEU C 9 63.89 15.80 -9.25
CA LEU C 9 62.85 14.90 -9.74
C LEU C 9 62.04 15.61 -10.81
N ARG C 10 62.12 15.11 -12.04
CA ARG C 10 61.20 15.55 -13.07
C ARG C 10 59.79 15.09 -12.71
N PRO C 11 58.79 15.98 -12.79
CA PRO C 11 57.40 15.53 -12.58
C PRO C 11 57.01 14.50 -13.61
N ASP C 12 56.24 13.52 -13.18
CA ASP C 12 55.96 12.37 -14.01
C ASP C 12 54.46 12.25 -14.23
N PRO C 13 54.00 12.18 -15.47
CA PRO C 13 52.55 12.05 -15.74
C PRO C 13 51.99 10.66 -15.48
N GLU C 14 52.80 9.71 -15.01
CA GLU C 14 52.33 8.36 -14.77
C GLU C 14 52.61 7.93 -13.33
N PHE C 15 53.60 8.54 -12.70
CA PHE C 15 54.02 8.13 -11.37
C PHE C 15 54.14 9.33 -10.44
N PRO C 16 53.62 9.22 -9.20
CA PRO C 16 53.97 10.20 -8.18
C PRO C 16 55.44 10.09 -7.81
N PRO C 17 56.05 11.16 -7.31
CA PRO C 17 57.50 11.14 -7.07
C PRO C 17 57.96 10.21 -5.95
N ALA C 18 57.04 9.69 -5.12
CA ALA C 18 57.46 8.87 -3.99
C ALA C 18 58.04 7.53 -4.46
N GLN C 19 57.34 6.84 -5.37
CA GLN C 19 57.86 5.56 -5.86
C GLN C 19 59.05 5.76 -6.78
N LEU C 20 59.12 6.90 -7.48
CA LEU C 20 60.34 7.23 -8.22
C LEU C 20 61.53 7.39 -7.29
N MET C 21 61.31 8.07 -6.15
CA MET C 21 62.35 8.20 -5.13
C MET C 21 62.77 6.83 -4.60
N SER C 22 61.79 5.95 -4.36
CA SER C 22 62.13 4.61 -3.88
C SER C 22 62.96 3.84 -4.91
N VAL C 23 62.57 3.92 -6.18
CA VAL C 23 63.29 3.20 -7.23
C VAL C 23 64.73 3.71 -7.34
N LEU C 24 64.90 5.04 -7.37
CA LEU C 24 66.26 5.57 -7.48
C LEU C 24 67.08 5.30 -6.23
N PHE C 25 66.44 5.26 -5.06
CA PHE C 25 67.17 4.96 -3.83
C PHE C 25 67.64 3.52 -3.82
N GLY C 26 66.81 2.60 -4.31
CA GLY C 26 67.26 1.22 -4.47
C GLY C 26 68.38 1.09 -5.48
N LYS C 27 68.30 1.83 -6.59
CA LYS C 27 69.37 1.79 -7.58
C LYS C 27 70.68 2.32 -7.01
N LEU C 28 70.64 3.41 -6.24
CA LEU C 28 71.87 3.93 -5.66
C LEU C 28 72.39 3.03 -4.55
N HIS C 29 71.51 2.34 -3.83
CA HIS C 29 71.96 1.32 -2.87
C HIS C 29 72.70 0.19 -3.57
N GLN C 30 72.16 -0.30 -4.70
CA GLN C 30 72.85 -1.33 -5.46
C GLN C 30 74.18 -0.82 -6.00
N ALA C 31 74.21 0.42 -6.46
CA ALA C 31 75.43 1.01 -6.99
C ALA C 31 76.50 1.14 -5.90
N LEU C 32 76.09 1.53 -4.68
CA LEU C 32 77.06 1.66 -3.60
C LEU C 32 77.51 0.29 -3.09
N VAL C 33 76.64 -0.71 -3.12
CA VAL C 33 77.04 -2.06 -2.75
C VAL C 33 78.07 -2.59 -3.74
N ALA C 34 77.84 -2.38 -5.04
CA ALA C 34 78.80 -2.83 -6.04
C ALA C 34 80.11 -2.05 -5.94
N GLN C 35 80.02 -0.72 -5.78
CA GLN C 35 81.20 0.13 -5.75
C GLN C 35 81.97 0.01 -4.44
N GLY C 36 81.26 -0.01 -3.31
CA GLY C 36 81.89 -0.01 -2.00
C GLY C 36 82.21 1.40 -1.52
N GLY C 37 82.88 1.46 -0.37
CA GLY C 37 83.24 2.71 0.24
C GLY C 37 82.28 3.11 1.35
N ASP C 38 82.77 3.94 2.26
CA ASP C 38 82.02 4.36 3.43
C ASP C 38 82.07 5.88 3.60
N ARG C 39 82.04 6.63 2.51
CA ARG C 39 82.12 8.08 2.54
C ARG C 39 81.08 8.71 1.63
N ILE C 40 79.89 8.11 1.58
CA ILE C 40 78.81 8.58 0.71
C ILE C 40 77.66 9.04 1.60
N GLY C 41 77.33 10.34 1.53
CA GLY C 41 76.30 10.93 2.36
C GLY C 41 75.09 11.35 1.55
N VAL C 42 73.91 11.16 2.12
CA VAL C 42 72.66 11.53 1.48
C VAL C 42 72.11 12.80 2.12
N SER C 43 71.25 13.49 1.38
CA SER C 43 70.66 14.73 1.85
C SER C 43 69.33 14.95 1.15
N PHE C 44 68.39 15.53 1.89
CA PHE C 44 67.09 15.95 1.34
C PHE C 44 67.01 17.46 1.42
N PRO C 45 67.34 18.18 0.33
CA PRO C 45 67.36 19.65 0.38
C PRO C 45 66.02 20.28 0.69
N ASP C 46 64.92 19.67 0.28
CA ASP C 46 63.58 20.22 0.47
C ASP C 46 62.72 19.29 1.33
N LEU C 47 63.32 18.76 2.40
CA LEU C 47 62.58 17.92 3.33
C LEU C 47 61.62 18.78 4.16
N ASP C 48 60.34 18.44 4.12
CA ASP C 48 59.32 19.17 4.85
C ASP C 48 58.95 18.38 6.10
N GLU C 49 59.18 18.98 7.27
CA GLU C 49 58.86 18.36 8.55
C GLU C 49 57.43 18.59 8.99
N SER C 50 56.67 19.43 8.27
CA SER C 50 55.29 19.69 8.64
C SER C 50 54.41 18.49 8.33
N ARG C 51 54.63 17.83 7.19
CA ARG C 51 53.82 16.69 6.77
C ARG C 51 54.67 15.48 6.46
N SER C 52 55.93 15.45 6.94
CA SER C 52 56.87 14.34 6.73
C SER C 52 57.05 14.04 5.24
N ARG C 53 57.15 15.09 4.42
CA ARG C 53 57.32 14.92 3.00
C ARG C 53 58.77 14.69 2.64
N LEU C 54 59.02 13.72 1.75
CA LEU C 54 60.38 13.43 1.31
C LEU C 54 60.97 14.60 0.54
N GLY C 55 60.19 15.24 -0.32
CA GLY C 55 60.65 16.33 -1.13
C GLY C 55 60.76 15.95 -2.59
N GLU C 56 61.03 16.96 -3.43
CA GLU C 56 61.13 16.76 -4.86
C GLU C 56 62.56 17.01 -5.37
N ARG C 57 63.54 17.01 -4.48
CA ARG C 57 64.94 17.20 -4.86
C ARG C 57 65.82 16.33 -3.99
N LEU C 58 66.88 15.79 -4.59
CA LEU C 58 67.83 14.92 -3.90
C LEU C 58 69.24 15.48 -4.03
N ARG C 59 70.00 15.39 -2.94
CA ARG C 59 71.41 15.77 -2.93
C ARG C 59 72.23 14.63 -2.36
N ILE C 60 73.21 14.16 -3.13
CA ILE C 60 74.14 13.12 -2.69
C ILE C 60 75.50 13.76 -2.48
N HIS C 61 76.16 13.40 -1.39
CA HIS C 61 77.41 14.02 -0.98
C HIS C 61 78.52 12.98 -0.98
N ALA C 62 79.62 13.28 -1.66
CA ALA C 62 80.76 12.39 -1.76
C ALA C 62 81.98 13.20 -2.16
N SER C 63 83.12 12.53 -2.28
CA SER C 63 84.33 13.15 -2.80
C SER C 63 84.32 13.08 -4.32
N ALA C 64 85.33 13.72 -4.94
CA ALA C 64 85.38 13.77 -6.40
C ALA C 64 85.60 12.38 -6.99
N ASP C 65 86.54 11.63 -6.43
CA ASP C 65 86.78 10.27 -6.91
C ASP C 65 85.58 9.36 -6.68
N ASP C 66 84.94 9.48 -5.50
CA ASP C 66 83.74 8.70 -5.23
C ASP C 66 82.61 9.07 -6.18
N LEU C 67 82.44 10.37 -6.46
CA LEU C 67 81.36 10.79 -7.36
C LEU C 67 81.59 10.32 -8.78
N ARG C 68 82.85 10.38 -9.27
CA ARG C 68 83.10 9.89 -10.62
C ARG C 68 83.00 8.36 -10.69
N ALA C 69 83.35 7.67 -9.60
CA ALA C 69 83.13 6.22 -9.56
C ALA C 69 81.64 5.88 -9.59
N LEU C 70 80.82 6.67 -8.89
CA LEU C 70 79.38 6.44 -8.90
C LEU C 70 78.78 6.72 -10.28
N LEU C 71 79.15 7.84 -10.91
CA LEU C 71 78.57 8.15 -12.20
C LEU C 71 79.14 7.28 -13.32
N ALA C 72 80.32 6.68 -13.10
CA ALA C 72 80.86 5.75 -14.08
C ALA C 72 80.11 4.43 -14.06
N ARG C 73 79.53 4.06 -12.92
CA ARG C 73 78.77 2.83 -12.81
C ARG C 73 77.51 2.93 -13.68
N PRO C 74 77.15 1.85 -14.41
CA PRO C 74 76.03 1.95 -15.36
C PRO C 74 74.65 1.84 -14.72
N TRP C 75 74.55 2.06 -13.41
CA TRP C 75 73.25 2.03 -12.74
C TRP C 75 72.34 3.15 -13.24
N LEU C 76 72.91 4.23 -13.78
CA LEU C 76 72.15 5.38 -14.24
C LEU C 76 71.27 5.06 -15.44
N GLU C 77 71.55 3.97 -16.16
CA GLU C 77 70.74 3.59 -17.30
C GLU C 77 69.34 3.17 -16.86
N GLY C 78 68.33 3.59 -17.62
CA GLY C 78 66.95 3.28 -17.30
C GLY C 78 66.29 4.23 -16.33
N LEU C 79 66.93 5.34 -15.99
CA LEU C 79 66.36 6.29 -15.04
C LEU C 79 66.60 7.75 -15.44
N ARG C 80 67.23 8.00 -16.58
CA ARG C 80 67.49 9.36 -17.02
C ARG C 80 66.22 10.12 -17.42
N ASP C 81 65.13 9.41 -17.71
CA ASP C 81 63.93 10.07 -18.19
C ASP C 81 63.20 10.82 -17.08
N HIS C 82 63.61 10.65 -15.83
CA HIS C 82 62.88 11.22 -14.70
C HIS C 82 63.74 12.06 -13.77
N LEU C 83 65.05 12.16 -13.99
CA LEU C 83 65.93 12.87 -13.08
C LEU C 83 66.81 13.88 -13.81
N GLN C 84 67.33 14.84 -13.05
CA GLN C 84 68.40 15.73 -13.47
C GLN C 84 69.70 15.29 -12.83
N PHE C 85 70.80 15.49 -13.54
CA PHE C 85 72.14 15.27 -13.00
C PHE C 85 72.99 16.51 -13.26
N GLY C 86 73.36 17.21 -12.21
CA GLY C 86 74.13 18.43 -12.35
C GLY C 86 75.61 18.16 -12.49
N GLU C 87 76.43 18.88 -11.73
CA GLU C 87 77.87 18.71 -11.78
C GLU C 87 78.42 18.51 -10.37
N PRO C 88 79.50 17.73 -10.22
CA PRO C 88 80.10 17.55 -8.90
C PRO C 88 80.80 18.81 -8.41
N ALA C 89 80.02 19.79 -7.96
CA ALA C 89 80.55 21.07 -7.51
C ALA C 89 80.92 21.01 -6.04
N VAL C 90 81.84 21.91 -5.65
CA VAL C 90 82.27 21.98 -4.26
C VAL C 90 81.16 22.59 -3.42
N VAL C 91 80.90 21.98 -2.26
CA VAL C 91 79.87 22.45 -1.33
C VAL C 91 80.26 23.83 -0.80
N PRO C 92 79.29 24.69 -0.47
CA PRO C 92 79.64 26.00 0.10
C PRO C 92 80.33 25.86 1.45
N HIS C 93 81.30 26.76 1.68
CA HIS C 93 82.04 26.72 2.95
C HIS C 93 81.18 27.08 4.15
N PRO C 94 80.41 28.20 4.18
CA PRO C 94 79.60 28.45 5.39
C PRO C 94 78.26 27.72 5.41
N THR C 95 78.30 26.43 5.76
CA THR C 95 77.10 25.61 5.76
C THR C 95 76.98 24.87 7.09
N PRO C 96 75.83 24.93 7.74
CA PRO C 96 75.61 24.08 8.94
C PRO C 96 75.56 22.62 8.56
N TYR C 97 75.92 21.77 9.52
CA TYR C 97 76.02 20.33 9.30
C TYR C 97 74.96 19.61 10.11
N ARG C 98 74.36 18.58 9.52
CA ARG C 98 73.38 17.73 10.17
C ARG C 98 73.63 16.28 9.77
N GLN C 99 73.09 15.37 10.59
CA GLN C 99 73.29 13.95 10.38
C GLN C 99 72.01 13.29 9.86
N VAL C 100 72.19 12.19 9.14
CA VAL C 100 71.09 11.38 8.64
C VAL C 100 71.20 9.99 9.27
N SER C 101 70.07 9.46 9.73
CA SER C 101 70.05 8.19 10.44
C SER C 101 68.81 7.39 10.05
N ARG C 102 68.99 6.08 9.89
CA ARG C 102 67.89 5.17 9.62
C ARG C 102 67.29 4.74 10.96
N VAL C 103 66.05 5.15 11.22
CA VAL C 103 65.36 4.84 12.46
C VAL C 103 64.36 3.73 12.16
N GLN C 104 64.66 2.53 12.63
CA GLN C 104 63.76 1.40 12.46
C GLN C 104 62.77 1.36 13.63
N ALA C 105 61.80 0.45 13.55
CA ALA C 105 60.77 0.35 14.57
C ALA C 105 60.34 -1.10 14.72
N LYS C 106 59.88 -1.43 15.92
CA LYS C 106 59.31 -2.75 16.21
C LYS C 106 57.80 -2.71 16.08
N SER C 107 57.34 -2.46 14.85
CA SER C 107 55.92 -2.27 14.59
C SER C 107 55.14 -3.57 14.64
N ASN C 108 55.80 -4.71 14.51
CA ASN C 108 55.10 -5.99 14.51
C ASN C 108 55.41 -6.76 15.78
N PRO C 109 54.44 -6.99 16.66
CA PRO C 109 54.73 -7.74 17.89
C PRO C 109 55.07 -9.20 17.66
N GLU C 110 54.51 -9.81 16.61
CA GLU C 110 54.72 -11.24 16.38
C GLU C 110 56.16 -11.55 15.97
N ARG C 111 56.86 -10.60 15.34
CA ARG C 111 58.29 -10.80 15.09
C ARG C 111 59.06 -10.97 16.39
N LEU C 112 58.78 -10.11 17.37
CA LEU C 112 59.48 -10.22 18.64
C LEU C 112 59.00 -11.42 19.45
N ARG C 113 57.75 -11.84 19.25
CA ARG C 113 57.29 -13.08 19.86
C ARG C 113 58.03 -14.29 19.30
N ARG C 114 58.23 -14.32 17.98
CA ARG C 114 59.06 -15.36 17.37
C ARG C 114 60.50 -15.28 17.84
N ARG C 115 61.01 -14.07 18.05
CA ARG C 115 62.38 -13.90 18.53
C ARG C 115 62.54 -14.46 19.93
N LEU C 116 61.63 -14.10 20.85
CA LEU C 116 61.71 -14.63 22.21
C LEU C 116 61.40 -16.12 22.26
N MET C 117 60.67 -16.65 21.27
CA MET C 117 60.54 -18.09 21.14
C MET C 117 61.90 -18.74 20.87
N ARG C 118 62.72 -18.11 20.05
CA ARG C 118 64.05 -18.60 19.72
C ARG C 118 65.09 -18.26 20.79
N ARG C 119 64.75 -17.39 21.74
CA ARG C 119 65.67 -17.00 22.81
C ARG C 119 65.30 -17.58 24.17
N HIS C 120 64.03 -17.56 24.56
CA HIS C 120 63.61 -18.04 25.87
C HIS C 120 62.73 -19.27 25.83
N ASP C 121 62.36 -19.77 24.63
CA ASP C 121 61.54 -20.98 24.47
C ASP C 121 60.19 -20.85 25.18
N LEU C 122 59.54 -19.70 24.99
CA LEU C 122 58.23 -19.49 25.59
C LEU C 122 57.12 -19.96 24.65
N SER C 123 55.92 -20.12 25.21
CA SER C 123 54.79 -20.61 24.45
C SER C 123 54.09 -19.45 23.73
N GLU C 124 52.98 -19.79 23.06
CA GLU C 124 52.22 -18.78 22.33
C GLU C 124 51.49 -17.83 23.29
N GLU C 125 50.82 -18.39 24.30
CA GLU C 125 50.07 -17.55 25.23
C GLU C 125 50.99 -16.75 26.15
N GLU C 126 52.17 -17.29 26.47
CA GLU C 126 53.13 -16.54 27.25
C GLU C 126 53.61 -15.30 26.51
N ALA C 127 53.89 -15.45 25.21
CA ALA C 127 54.30 -14.30 24.41
C ALA C 127 53.14 -13.34 24.17
N ARG C 128 51.92 -13.88 24.05
CA ARG C 128 50.74 -13.03 23.87
C ARG C 128 50.48 -12.17 25.11
N LYS C 129 50.60 -12.76 26.30
CA LYS C 129 50.39 -12.00 27.52
C LYS C 129 51.56 -11.07 27.80
N ARG C 130 52.79 -11.50 27.49
CA ARG C 130 53.96 -10.67 27.73
C ARG C 130 54.00 -9.48 26.77
N ILE C 131 53.62 -9.69 25.51
CA ILE C 131 53.65 -8.64 24.51
C ILE C 131 52.23 -8.37 24.02
N PRO C 132 51.62 -7.26 24.40
CA PRO C 132 50.30 -6.90 23.87
C PRO C 132 50.42 -6.37 22.44
N ASP C 133 49.28 -6.22 21.79
CA ASP C 133 49.23 -5.77 20.40
C ASP C 133 49.33 -4.25 20.26
N THR C 134 49.38 -3.52 21.38
CA THR C 134 49.47 -2.06 21.35
C THR C 134 50.91 -1.56 21.39
N VAL C 135 51.90 -2.45 21.37
CA VAL C 135 53.30 -2.03 21.41
C VAL C 135 53.85 -1.66 20.04
N ALA C 136 53.00 -1.59 19.01
CA ALA C 136 53.44 -1.18 17.69
C ALA C 136 53.92 0.26 17.71
N ARG C 137 55.03 0.52 17.02
CA ARG C 137 55.67 1.83 17.01
C ARG C 137 55.26 2.57 15.75
N ALA C 138 54.58 3.71 15.91
CA ALA C 138 54.18 4.56 14.80
C ALA C 138 55.13 5.75 14.73
N LEU C 139 55.75 5.94 13.57
CA LEU C 139 56.73 7.00 13.36
C LEU C 139 56.17 8.02 12.39
N ASP C 140 56.25 9.30 12.77
CA ASP C 140 55.86 10.39 11.89
C ASP C 140 57.09 10.92 11.13
N LEU C 141 57.76 9.98 10.46
CA LEU C 141 58.99 10.25 9.74
C LEU C 141 58.83 9.88 8.27
N PRO C 142 59.51 10.59 7.37
CA PRO C 142 59.49 10.19 5.95
C PRO C 142 60.14 8.84 5.76
N PHE C 143 59.67 8.10 4.75
CA PHE C 143 60.03 6.71 4.59
C PHE C 143 60.05 6.35 3.11
N VAL C 144 60.74 5.24 2.81
CA VAL C 144 60.76 4.65 1.47
C VAL C 144 60.52 3.16 1.58
N THR C 145 59.69 2.63 0.69
CA THR C 145 59.32 1.21 0.70
C THR C 145 60.12 0.48 -0.37
N LEU C 146 60.96 -0.47 0.05
CA LEU C 146 61.80 -1.23 -0.86
C LEU C 146 61.80 -2.70 -0.48
N ARG C 147 62.14 -3.53 -1.47
CA ARG C 147 62.38 -4.95 -1.28
C ARG C 147 63.84 -5.25 -1.60
N SER C 148 64.42 -6.20 -0.88
CA SER C 148 65.83 -6.51 -0.98
C SER C 148 66.06 -7.73 -1.87
N GLN C 149 67.24 -7.78 -2.48
CA GLN C 149 67.62 -8.95 -3.28
C GLN C 149 67.90 -10.16 -2.38
N SER C 150 68.49 -9.92 -1.21
CA SER C 150 68.78 -11.00 -0.29
C SER C 150 67.48 -11.61 0.28
N THR C 151 66.59 -10.75 0.78
CA THR C 151 65.28 -11.17 1.27
C THR C 151 64.22 -10.38 0.51
N GLY C 152 63.34 -11.09 -0.18
CA GLY C 152 62.35 -10.47 -1.05
C GLY C 152 61.24 -9.72 -0.34
N GLN C 153 61.20 -9.75 0.99
CA GLN C 153 60.19 -9.03 1.73
C GLN C 153 60.37 -7.52 1.57
N HIS C 154 59.25 -6.81 1.39
CA HIS C 154 59.29 -5.36 1.24
C HIS C 154 59.44 -4.70 2.60
N PHE C 155 60.54 -3.96 2.77
CA PHE C 155 60.85 -3.29 4.04
C PHE C 155 60.74 -1.78 3.88
N ARG C 156 60.25 -1.14 4.93
CA ARG C 156 60.13 0.32 4.97
C ARG C 156 61.30 0.90 5.74
N LEU C 157 61.98 1.87 5.15
CA LEU C 157 63.17 2.48 5.73
C LEU C 157 62.90 3.95 5.99
N PHE C 158 62.86 4.32 7.27
CA PHE C 158 62.65 5.71 7.66
C PHE C 158 63.96 6.49 7.61
N ILE C 159 63.89 7.74 7.14
CA ILE C 159 65.03 8.64 7.09
C ILE C 159 64.68 9.88 7.91
N ARG C 160 65.57 10.24 8.84
CA ARG C 160 65.37 11.40 9.70
C ARG C 160 66.63 12.25 9.68
N HIS C 161 66.45 13.57 9.59
CA HIS C 161 67.56 14.50 9.56
C HIS C 161 67.77 15.10 10.94
N GLY C 162 69.03 15.10 11.40
CA GLY C 162 69.34 15.56 12.74
C GLY C 162 69.40 17.07 12.84
N PRO C 163 69.67 17.55 14.05
CA PRO C 163 69.76 18.99 14.28
C PRO C 163 70.96 19.61 13.57
N LEU C 164 70.85 20.90 13.30
CA LEU C 164 71.90 21.64 12.59
C LEU C 164 73.04 21.94 13.56
N GLN C 165 74.25 21.51 13.22
CA GLN C 165 75.43 21.81 14.00
C GLN C 165 76.25 22.91 13.31
N VAL C 166 77.38 23.26 13.92
CA VAL C 166 78.30 24.24 13.34
C VAL C 166 79.58 23.60 12.82
N THR C 167 79.82 22.32 13.11
CA THR C 167 81.00 21.62 12.64
C THR C 167 80.70 20.14 12.55
N ALA C 168 81.54 19.43 11.81
CA ALA C 168 81.38 17.99 11.59
C ALA C 168 82.72 17.29 11.75
N GLU C 169 82.68 16.11 12.37
CA GLU C 169 83.86 15.27 12.52
C GLU C 169 83.74 14.06 11.59
N GLU C 170 84.84 13.32 11.49
CA GLU C 170 84.90 12.15 10.62
C GLU C 170 83.97 11.06 11.13
N GLY C 171 83.24 10.43 10.20
CA GLY C 171 82.32 9.36 10.56
C GLY C 171 82.13 8.42 9.40
N GLY C 172 81.39 7.34 9.67
CA GLY C 172 81.13 6.33 8.66
C GLY C 172 79.80 6.53 7.95
N PHE C 173 79.57 5.67 6.96
CA PHE C 173 78.35 5.72 6.16
C PHE C 173 77.94 4.29 5.81
N THR C 174 76.62 4.04 5.81
CA THR C 174 76.11 2.71 5.52
C THR C 174 75.96 2.50 4.02
N CYS C 175 75.44 1.32 3.66
CA CYS C 175 75.21 1.01 2.26
CA CYS C 175 75.20 1.00 2.26
C CYS C 175 74.07 1.82 1.67
N TYR C 176 73.15 2.31 2.50
CA TYR C 176 72.05 3.15 2.03
C TYR C 176 72.45 4.61 1.89
N GLY C 177 73.67 4.97 2.27
CA GLY C 177 74.08 6.35 2.36
C GLY C 177 73.79 7.01 3.69
N LEU C 178 73.09 6.33 4.59
CA LEU C 178 72.80 6.87 5.91
C LEU C 178 74.05 6.85 6.78
N SER C 179 74.18 7.85 7.63
CA SER C 179 75.37 8.01 8.46
C SER C 179 75.26 7.18 9.73
N LYS C 180 76.32 6.45 10.05
CA LYS C 180 76.45 5.76 11.33
C LYS C 180 77.22 6.59 12.35
N GLY C 181 77.19 7.91 12.22
CA GLY C 181 77.96 8.79 13.08
C GLY C 181 78.53 9.97 12.32
N GLY C 182 78.30 10.00 11.01
CA GLY C 182 78.78 11.08 10.18
C GLY C 182 77.78 12.21 10.05
N PHE C 183 78.17 13.21 9.26
CA PHE C 183 77.34 14.40 9.05
C PHE C 183 77.38 14.80 7.59
N VAL C 184 76.36 15.54 7.16
CA VAL C 184 76.31 16.12 5.82
C VAL C 184 75.99 17.61 5.95
N PRO C 185 76.56 18.46 5.10
CA PRO C 185 76.24 19.88 5.15
C PRO C 185 74.82 20.17 4.67
N TRP C 186 74.28 21.28 5.16
CA TRP C 186 72.94 21.73 4.82
C TRP C 186 73.02 23.06 4.08
N PHE C 187 72.44 23.10 2.88
CA PHE C 187 72.38 24.33 2.10
C PHE C 187 71.26 24.25 1.05
N ILE D 23 22.41 27.26 -38.31
CA ILE D 23 23.23 27.53 -37.13
C ILE D 23 24.33 26.47 -37.02
N LEU D 24 24.00 25.24 -37.41
CA LEU D 24 24.90 24.09 -37.41
C LEU D 24 25.47 23.90 -35.99
N SER D 25 24.59 23.55 -35.05
CA SER D 25 25.03 23.31 -33.69
C SER D 25 25.57 21.89 -33.54
N THR D 26 26.23 21.66 -32.40
CA THR D 26 26.79 20.34 -32.12
C THR D 26 25.66 19.33 -31.88
N ALA D 27 25.84 18.12 -32.40
CA ALA D 27 24.84 17.08 -32.26
C ALA D 27 24.73 16.63 -30.80
N SER D 28 23.53 16.17 -30.43
CA SER D 28 23.30 15.75 -29.05
C SER D 28 23.97 14.42 -28.74
N VAL D 29 24.21 13.59 -29.75
CA VAL D 29 25.06 12.41 -29.61
C VAL D 29 26.12 12.44 -30.71
N LEU D 30 27.38 12.31 -30.30
CA LEU D 30 28.50 12.34 -31.24
C LEU D 30 29.53 11.30 -30.82
N ALA D 31 29.07 10.08 -30.53
CA ALA D 31 29.96 9.01 -30.11
C ALA D 31 30.93 8.64 -31.24
N PHE D 32 32.19 8.43 -30.88
CA PHE D 32 33.22 7.98 -31.80
C PHE D 32 33.77 6.65 -31.32
N GLU D 33 33.89 5.70 -32.24
CA GLU D 33 34.63 4.49 -31.91
C GLU D 33 36.13 4.77 -31.92
N ARG D 34 36.86 4.05 -31.08
CA ARG D 34 38.29 4.30 -30.92
C ARG D 34 39.07 3.73 -32.09
N LYS D 35 40.14 4.43 -32.47
CA LYS D 35 41.16 3.92 -33.37
C LYS D 35 42.35 3.46 -32.54
N LEU D 36 43.29 2.76 -33.20
CA LEU D 36 44.47 2.19 -32.55
C LEU D 36 44.07 1.22 -31.42
N ASP D 37 43.45 0.12 -31.82
CA ASP D 37 42.91 -0.84 -30.83
C ASP D 37 44.04 -1.63 -30.20
N PRO D 38 44.25 -1.56 -28.88
CA PRO D 38 45.28 -2.38 -28.26
C PRO D 38 44.70 -3.65 -27.63
N SER D 39 45.43 -4.75 -27.81
CA SER D 39 45.05 -5.98 -27.15
C SER D 39 45.54 -5.97 -25.71
N ASP D 40 45.06 -6.94 -24.94
CA ASP D 40 45.51 -7.10 -23.56
C ASP D 40 46.94 -7.61 -23.57
N ALA D 41 47.84 -6.86 -22.93
CA ALA D 41 49.27 -7.15 -23.01
C ALA D 41 49.63 -8.25 -22.02
N LEU D 42 49.95 -9.43 -22.55
CA LEU D 42 50.33 -10.58 -21.73
C LEU D 42 51.70 -10.35 -21.11
N MET D 43 52.07 -11.19 -20.15
CA MET D 43 53.43 -11.20 -19.61
C MET D 43 53.95 -12.62 -19.62
N SER D 44 55.26 -12.74 -19.81
CA SER D 44 55.91 -14.05 -19.83
C SER D 44 57.33 -13.90 -19.30
N ALA D 45 57.90 -15.02 -18.87
CA ALA D 45 59.21 -15.04 -18.24
C ALA D 45 60.24 -15.64 -19.21
N GLY D 46 61.37 -14.94 -19.36
CA GLY D 46 62.40 -15.39 -20.27
C GLY D 46 63.77 -14.93 -19.83
N ALA D 47 64.78 -15.50 -20.47
CA ALA D 47 66.17 -15.19 -20.21
C ALA D 47 66.76 -14.43 -21.38
N TRP D 48 67.57 -13.41 -21.08
CA TRP D 48 68.19 -12.60 -22.12
C TRP D 48 69.20 -13.43 -22.92
N ALA D 49 69.45 -12.98 -24.15
CA ALA D 49 70.23 -13.64 -25.20
C ALA D 49 69.58 -14.93 -25.69
N GLN D 50 68.40 -15.28 -25.20
CA GLN D 50 67.62 -16.41 -25.68
C GLN D 50 66.28 -15.94 -26.23
N ARG D 51 66.06 -14.62 -26.23
CA ARG D 51 64.82 -14.00 -26.67
C ARG D 51 64.53 -14.21 -28.15
N ASP D 52 65.52 -14.62 -28.95
CA ASP D 52 65.27 -14.91 -30.36
C ASP D 52 64.44 -16.18 -30.55
N ALA D 53 64.30 -17.01 -29.51
CA ALA D 53 63.46 -18.19 -29.54
C ALA D 53 62.28 -18.05 -28.59
N SER D 54 61.74 -16.84 -28.48
CA SER D 54 60.65 -16.55 -27.55
C SER D 54 59.33 -17.03 -28.14
N GLN D 55 59.12 -18.34 -28.05
CA GLN D 55 57.91 -18.97 -28.57
C GLN D 55 57.19 -19.81 -27.52
N GLU D 56 57.93 -20.50 -26.64
CA GLU D 56 57.33 -21.30 -25.59
C GLU D 56 57.90 -20.95 -24.22
N TRP D 57 58.09 -19.66 -23.95
CA TRP D 57 58.47 -19.23 -22.62
C TRP D 57 57.31 -19.41 -21.65
N PRO D 58 57.58 -19.66 -20.36
CA PRO D 58 56.50 -19.68 -19.38
C PRO D 58 55.97 -18.28 -19.11
N ALA D 59 54.74 -18.23 -18.60
CA ALA D 59 54.03 -16.99 -18.37
C ALA D 59 54.08 -16.62 -16.90
N VAL D 60 54.22 -15.32 -16.63
CA VAL D 60 54.23 -14.83 -15.24
C VAL D 60 52.84 -14.97 -14.65
N THR D 61 52.76 -15.64 -13.50
CA THR D 61 51.49 -15.93 -12.84
C THR D 61 51.38 -15.17 -11.53
N VAL D 62 50.19 -14.66 -11.25
CA VAL D 62 49.94 -13.99 -9.97
C VAL D 62 49.65 -15.05 -8.91
N ARG D 63 50.38 -14.99 -7.81
CA ARG D 63 50.25 -15.95 -6.73
C ARG D 63 49.82 -15.23 -5.45
N GLU D 64 49.21 -16.00 -4.55
CA GLU D 64 48.67 -15.47 -3.30
C GLU D 64 49.65 -15.72 -2.17
N LYS D 65 50.13 -14.64 -1.55
CA LYS D 65 50.98 -14.72 -0.38
C LYS D 65 50.39 -13.83 0.72
N SER D 66 50.20 -14.43 1.90
CA SER D 66 49.61 -13.71 3.03
C SER D 66 50.69 -12.91 3.75
N VAL D 67 50.39 -11.63 4.00
CA VAL D 67 51.33 -10.75 4.69
C VAL D 67 50.76 -10.33 6.03
N GLN D 95 46.86 -10.66 6.71
CA GLN D 95 46.11 -10.16 5.56
C GLN D 95 46.61 -10.81 4.27
N THR D 96 45.69 -11.14 3.38
CA THR D 96 46.00 -11.82 2.12
C THR D 96 46.10 -10.80 1.01
N VAL D 97 47.19 -10.84 0.24
CA VAL D 97 47.40 -9.97 -0.90
C VAL D 97 47.90 -10.81 -2.07
N ASP D 98 47.75 -10.26 -3.27
CA ASP D 98 48.25 -10.89 -4.48
C ASP D 98 49.52 -10.18 -4.94
N VAL D 99 50.52 -10.96 -5.32
CA VAL D 99 51.78 -10.44 -5.83
C VAL D 99 52.15 -11.20 -7.09
N ALA D 100 52.91 -10.54 -7.96
CA ALA D 100 53.41 -11.14 -9.19
C ALA D 100 54.90 -10.81 -9.30
N ASN D 101 55.72 -11.85 -9.43
CA ASN D 101 57.16 -11.67 -9.51
C ASN D 101 57.73 -12.63 -10.53
N LEU D 102 58.88 -12.24 -11.09
CA LEU D 102 59.54 -13.06 -12.09
C LEU D 102 60.16 -14.30 -11.43
N PRO D 103 60.19 -15.43 -12.14
CA PRO D 103 60.80 -16.64 -11.58
C PRO D 103 62.30 -16.48 -11.34
N SER D 104 62.87 -17.49 -10.66
CA SER D 104 64.26 -17.42 -10.23
C SER D 104 65.22 -17.45 -11.42
N ASP D 105 65.01 -18.40 -12.34
CA ASP D 105 65.90 -18.54 -13.49
C ASP D 105 65.43 -17.74 -14.69
N ALA D 106 65.19 -16.44 -14.48
CA ALA D 106 64.76 -15.55 -15.54
C ALA D 106 65.11 -14.13 -15.15
N ASP D 107 65.42 -13.31 -16.17
CA ASP D 107 65.73 -11.90 -15.95
C ASP D 107 65.02 -10.98 -16.93
N THR D 108 64.22 -11.49 -17.85
CA THR D 108 63.59 -10.67 -18.89
C THR D 108 62.09 -10.87 -18.88
N LEU D 109 61.35 -9.76 -18.94
CA LEU D 109 59.91 -9.78 -19.13
C LEU D 109 59.58 -9.80 -20.62
N LYS D 110 58.41 -10.34 -20.94
CA LYS D 110 58.03 -10.59 -22.33
C LYS D 110 56.62 -10.03 -22.58
N VAL D 111 56.42 -8.76 -22.23
CA VAL D 111 55.14 -8.10 -22.45
C VAL D 111 54.86 -8.03 -23.95
N ARG D 112 53.80 -8.70 -24.38
CA ARG D 112 53.43 -8.78 -25.79
C ARG D 112 51.95 -8.42 -25.95
N PHE D 113 51.65 -7.64 -26.99
CA PHE D 113 50.28 -7.30 -27.31
C PHE D 113 50.17 -7.08 -28.81
N THR D 114 48.95 -6.79 -29.26
CA THR D 114 48.66 -6.63 -30.68
C THR D 114 47.87 -5.35 -30.88
N LEU D 115 48.19 -4.62 -31.95
CA LEU D 115 47.61 -3.30 -32.22
C LEU D 115 47.03 -3.27 -33.62
N ARG D 116 45.78 -2.80 -33.72
CA ARG D 116 45.11 -2.59 -34.99
C ARG D 116 44.96 -1.11 -35.25
N VAL D 117 45.45 -0.65 -36.40
CA VAL D 117 45.29 0.74 -36.83
C VAL D 117 44.15 0.78 -37.83
N LEU D 118 43.09 1.52 -37.51
CA LEU D 118 41.81 1.39 -38.19
C LEU D 118 41.67 2.35 -39.36
N GLY D 119 41.73 3.65 -39.08
CA GLY D 119 41.43 4.66 -40.08
C GLY D 119 39.98 5.13 -39.99
N GLY D 120 39.69 6.17 -40.76
CA GLY D 120 38.38 6.79 -40.73
C GLY D 120 38.08 7.44 -39.39
N ALA D 121 39.05 8.20 -38.87
CA ALA D 121 38.91 8.78 -37.54
C ALA D 121 37.83 9.84 -37.49
N GLY D 122 37.57 10.51 -38.63
CA GLY D 122 36.60 11.58 -38.65
C GLY D 122 35.15 11.15 -38.61
N THR D 123 34.85 9.92 -39.00
CA THR D 123 33.46 9.45 -39.08
C THR D 123 32.97 9.07 -37.69
N PRO D 124 31.88 9.68 -37.20
CA PRO D 124 31.30 9.23 -35.93
C PRO D 124 30.40 8.01 -36.12
N SER D 125 30.37 7.18 -35.08
CA SER D 125 29.50 6.01 -35.11
C SER D 125 28.03 6.39 -34.88
N ALA D 126 27.79 7.43 -34.08
CA ALA D 126 26.45 7.89 -33.79
C ALA D 126 26.42 9.40 -33.88
N CYS D 127 25.43 9.94 -34.59
CA CYS D 127 25.29 11.37 -34.80
C CYS D 127 23.82 11.70 -34.94
N ASN D 128 23.45 12.96 -34.66
CA ASN D 128 22.06 13.38 -34.88
C ASN D 128 21.95 14.27 -36.11
N ASP D 129 22.71 15.36 -36.14
CA ASP D 129 22.62 16.34 -37.22
C ASP D 129 23.45 15.86 -38.40
N ALA D 130 22.81 15.77 -39.58
CA ALA D 130 23.54 15.41 -40.78
C ALA D 130 24.42 16.55 -41.26
N ALA D 131 23.97 17.80 -41.10
CA ALA D 131 24.77 18.95 -41.48
C ALA D 131 26.03 19.05 -40.63
N TYR D 132 25.90 18.80 -39.32
CA TYR D 132 27.06 18.82 -38.44
C TYR D 132 28.04 17.71 -38.79
N ARG D 133 27.52 16.52 -39.12
CA ARG D 133 28.37 15.42 -39.55
C ARG D 133 29.12 15.76 -40.83
N ASP D 134 28.43 16.37 -41.79
CA ASP D 134 29.07 16.76 -43.05
C ASP D 134 30.14 17.82 -42.82
N LYS D 135 29.85 18.81 -41.95
CA LYS D 135 30.83 19.84 -41.65
C LYS D 135 32.06 19.28 -40.94
N LEU D 136 31.84 18.38 -39.98
CA LEU D 136 32.96 17.75 -39.29
C LEU D 136 33.78 16.89 -40.23
N LEU D 137 33.13 16.14 -41.13
CA LEU D 137 33.86 15.34 -42.10
C LEU D 137 34.67 16.22 -43.06
N GLN D 138 34.10 17.35 -43.46
CA GLN D 138 34.85 18.29 -44.30
C GLN D 138 36.05 18.86 -43.56
N THR D 139 35.89 19.19 -42.28
CA THR D 139 37.00 19.71 -41.49
C THR D 139 38.11 18.68 -41.35
N VAL D 140 37.74 17.43 -41.08
CA VAL D 140 38.73 16.36 -41.00
C VAL D 140 39.39 16.13 -42.36
N ALA D 141 38.63 16.28 -43.45
CA ALA D 141 39.21 16.14 -44.78
C ALA D 141 40.24 17.22 -45.06
N THR D 142 39.96 18.47 -44.67
CA THR D 142 40.95 19.53 -44.81
C THR D 142 42.19 19.25 -43.95
N TYR D 143 41.98 18.73 -42.73
CA TYR D 143 43.14 18.38 -41.90
C TYR D 143 43.99 17.30 -42.56
N VAL D 144 43.35 16.29 -43.14
CA VAL D 144 44.09 15.20 -43.78
C VAL D 144 44.81 15.71 -45.02
N ASN D 145 44.17 16.59 -45.79
CA ASN D 145 44.80 17.11 -46.99
C ASN D 145 45.98 18.03 -46.66
N ASP D 146 45.88 18.79 -45.57
CA ASP D 146 46.99 19.64 -45.16
C ASP D 146 48.18 18.79 -44.71
N GLN D 147 47.95 17.83 -43.83
CA GLN D 147 48.97 16.83 -43.50
C GLN D 147 48.29 15.49 -43.34
N GLY D 148 48.86 14.46 -43.97
CA GLY D 148 48.23 13.16 -44.01
C GLY D 148 48.58 12.27 -42.83
N PHE D 149 48.13 12.67 -41.64
CA PHE D 149 48.40 11.96 -40.39
C PHE D 149 49.90 11.75 -40.19
N ALA D 150 50.68 12.83 -40.37
CA ALA D 150 52.13 12.70 -40.39
C ALA D 150 52.72 12.76 -38.98
N GLU D 151 52.47 13.86 -38.27
CA GLU D 151 53.11 14.05 -36.97
C GLU D 151 52.53 13.13 -35.91
N LEU D 152 51.19 12.95 -35.92
CA LEU D 152 50.55 12.07 -34.96
C LEU D 152 51.06 10.65 -35.10
N ALA D 153 51.25 10.19 -36.34
CA ALA D 153 51.77 8.85 -36.56
C ALA D 153 53.22 8.73 -36.10
N ARG D 154 54.02 9.78 -36.26
CA ARG D 154 55.39 9.76 -35.74
C ARG D 154 55.40 9.65 -34.23
N ARG D 155 54.51 10.36 -33.55
CA ARG D 155 54.44 10.24 -32.09
C ARG D 155 53.93 8.88 -31.64
N TYR D 156 52.94 8.32 -32.34
CA TYR D 156 52.48 6.97 -32.00
C TYR D 156 53.56 5.93 -32.23
N ALA D 157 54.32 6.07 -33.32
CA ALA D 157 55.43 5.15 -33.59
C ALA D 157 56.52 5.30 -32.53
N HIS D 158 56.79 6.52 -32.08
CA HIS D 158 57.71 6.71 -30.96
C HIS D 158 57.22 6.01 -29.70
N ASN D 159 55.97 6.25 -29.30
CA ASN D 159 55.42 5.62 -28.09
C ASN D 159 55.37 4.10 -28.21
N LEU D 160 55.28 3.57 -29.43
CA LEU D 160 55.46 2.13 -29.61
C LEU D 160 56.93 1.73 -29.52
N ALA D 161 57.85 2.63 -29.88
CA ALA D 161 59.26 2.28 -29.92
C ALA D 161 59.83 2.08 -28.52
N ASN D 162 59.57 3.01 -27.60
CA ASN D 162 59.98 2.81 -26.21
C ASN D 162 58.85 2.14 -25.46
N ALA D 163 59.20 1.18 -24.61
CA ALA D 163 58.21 0.37 -23.91
C ALA D 163 57.57 1.15 -22.75
N ARG D 164 56.91 2.25 -23.10
CA ARG D 164 56.14 2.99 -22.10
C ARG D 164 54.93 2.20 -21.64
N PHE D 165 54.42 1.30 -22.48
CA PHE D 165 53.36 0.40 -22.06
C PHE D 165 53.81 -0.56 -20.97
N LEU D 166 55.12 -0.77 -20.82
CA LEU D 166 55.67 -1.31 -19.57
C LEU D 166 55.77 -0.15 -18.60
N TRP D 167 54.69 0.09 -17.87
CA TRP D 167 54.59 1.26 -17.01
C TRP D 167 55.62 1.23 -15.89
N ARG D 168 55.49 0.29 -14.96
CA ARG D 168 56.43 0.15 -13.86
C ARG D 168 57.47 -0.93 -14.10
N ASN D 169 57.47 -1.55 -15.28
CA ASN D 169 58.47 -2.54 -15.65
C ASN D 169 59.58 -1.97 -16.53
N ARG D 170 59.65 -0.65 -16.65
CA ARG D 170 60.66 0.01 -17.45
C ARG D 170 61.61 0.90 -16.64
N VAL D 171 61.15 1.46 -15.53
CA VAL D 171 62.02 2.32 -14.72
C VAL D 171 63.10 1.51 -14.03
N GLY D 172 62.78 0.31 -13.57
CA GLY D 172 63.73 -0.55 -12.88
C GLY D 172 64.44 -1.56 -13.73
N ALA D 173 64.42 -1.41 -15.06
CA ALA D 173 65.03 -2.36 -15.97
C ALA D 173 66.29 -1.73 -16.58
N GLU D 174 67.39 -2.49 -16.56
CA GLU D 174 68.67 -1.99 -17.05
C GLU D 174 68.78 -2.04 -18.56
N ALA D 175 67.93 -2.81 -19.24
CA ALA D 175 67.98 -2.91 -20.69
C ALA D 175 66.60 -3.32 -21.19
N VAL D 176 66.00 -2.49 -22.05
CA VAL D 176 64.66 -2.72 -22.57
C VAL D 176 64.74 -2.76 -24.09
N GLU D 177 64.23 -3.84 -24.68
CA GLU D 177 64.22 -4.01 -26.14
C GLU D 177 62.79 -4.23 -26.61
N VAL D 178 62.44 -3.58 -27.72
CA VAL D 178 61.09 -3.62 -28.28
C VAL D 178 61.17 -4.14 -29.70
N ARG D 179 60.38 -5.18 -29.99
CA ARG D 179 60.29 -5.75 -31.32
C ARG D 179 58.87 -5.55 -31.84
N ILE D 180 58.75 -5.00 -33.05
CA ILE D 180 57.46 -4.70 -33.67
C ILE D 180 57.42 -5.34 -35.04
N ASN D 181 56.40 -6.16 -35.28
CA ASN D 181 56.23 -6.85 -36.55
C ASN D 181 54.97 -6.34 -37.26
N HIS D 182 55.07 -6.22 -38.57
CA HIS D 182 53.92 -5.90 -39.42
C HIS D 182 53.47 -7.22 -40.06
N ILE D 183 52.56 -7.91 -39.38
CA ILE D 183 52.09 -9.21 -39.85
C ILE D 183 51.02 -9.01 -40.91
N ARG D 184 51.14 -9.75 -42.02
CA ARG D 184 50.20 -9.68 -43.12
C ARG D 184 49.86 -11.09 -43.56
N GLN D 185 48.56 -11.43 -43.51
CA GLN D 185 48.05 -12.75 -43.86
C GLN D 185 48.72 -13.85 -43.02
N GLY D 186 48.97 -13.54 -41.75
CA GLY D 186 49.59 -14.48 -40.84
C GLY D 186 51.10 -14.54 -40.90
N GLU D 187 51.73 -13.82 -41.82
CA GLU D 187 53.18 -13.80 -41.96
C GLU D 187 53.70 -12.39 -41.75
N VAL D 188 54.91 -12.29 -41.22
CA VAL D 188 55.53 -11.00 -40.92
C VAL D 188 55.99 -10.39 -42.24
N ALA D 189 55.41 -9.25 -42.61
CA ALA D 189 55.78 -8.58 -43.85
C ALA D 189 56.94 -7.61 -43.65
N ARG D 190 56.98 -6.93 -42.50
CA ARG D 190 58.01 -5.96 -42.22
C ARG D 190 58.28 -5.93 -40.73
N ALA D 191 59.48 -6.38 -40.33
CA ALA D 191 59.83 -6.51 -38.93
C ALA D 191 60.70 -5.34 -38.48
N TRP D 192 60.48 -4.92 -37.24
CA TRP D 192 61.23 -3.83 -36.63
C TRP D 192 61.85 -4.32 -35.33
N ARG D 193 62.91 -3.63 -34.90
CA ARG D 193 63.57 -3.96 -33.64
C ARG D 193 64.24 -2.69 -33.13
N PHE D 194 63.69 -2.13 -32.05
CA PHE D 194 64.20 -0.91 -31.45
C PHE D 194 64.82 -1.21 -30.08
N ASP D 195 65.54 -0.23 -29.55
CA ASP D 195 66.01 -0.25 -28.17
C ASP D 195 65.36 0.92 -27.45
N ALA D 196 64.65 0.63 -26.36
CA ALA D 196 63.85 1.64 -25.69
C ALA D 196 64.69 2.68 -24.97
N LEU D 197 65.95 2.38 -24.66
CA LEU D 197 66.76 3.33 -23.90
C LEU D 197 67.20 4.51 -24.75
N ALA D 198 67.54 4.25 -26.02
CA ALA D 198 67.98 5.33 -26.91
C ALA D 198 66.84 6.29 -27.23
N ILE D 199 65.60 5.78 -27.26
CA ILE D 199 64.43 6.60 -27.56
C ILE D 199 63.86 7.07 -26.23
N GLY D 200 64.05 8.35 -25.93
CA GLY D 200 63.63 8.87 -24.65
C GLY D 200 62.12 9.02 -24.55
N LEU D 201 61.66 9.25 -23.32
CA LEU D 201 60.24 9.43 -23.04
C LEU D 201 59.78 10.86 -23.24
N ARG D 202 60.69 11.80 -23.42
CA ARG D 202 60.37 13.22 -23.40
C ARG D 202 60.74 13.97 -24.68
N ASP D 203 61.55 13.37 -25.55
CA ASP D 203 61.92 13.97 -26.81
C ASP D 203 61.34 13.14 -27.95
N PHE D 204 61.01 13.83 -29.05
CA PHE D 204 60.44 13.20 -30.24
C PHE D 204 61.38 13.50 -31.42
N LYS D 205 62.36 12.62 -31.60
CA LYS D 205 63.40 12.79 -32.61
C LYS D 205 62.98 12.12 -33.92
N ALA D 206 63.93 11.93 -34.83
CA ALA D 206 63.68 11.29 -36.11
C ALA D 206 64.65 10.12 -36.29
N ASP D 207 64.17 9.09 -37.00
CA ASP D 207 64.97 7.91 -37.29
C ASP D 207 64.35 7.22 -38.50
N ALA D 208 65.19 6.48 -39.24
CA ALA D 208 64.74 5.84 -40.47
C ALA D 208 63.73 4.73 -40.18
N GLU D 209 64.03 3.86 -39.22
CA GLU D 209 63.08 2.83 -38.82
C GLU D 209 61.85 3.45 -38.18
N LEU D 210 62.05 4.51 -37.39
CA LEU D 210 60.92 5.23 -36.83
C LEU D 210 60.08 5.88 -37.92
N ASP D 211 60.72 6.37 -38.98
CA ASP D 211 59.96 6.94 -40.10
C ASP D 211 59.18 5.88 -40.86
N ALA D 212 59.75 4.68 -41.00
CA ALA D 212 59.03 3.59 -41.65
C ALA D 212 57.82 3.16 -40.83
N LEU D 213 58.00 3.01 -39.51
CA LEU D 213 56.88 2.68 -38.64
C LEU D 213 55.84 3.80 -38.64
N ALA D 214 56.29 5.05 -38.70
CA ALA D 214 55.38 6.19 -38.71
C ALA D 214 54.56 6.24 -40.00
N GLU D 215 55.19 5.95 -41.14
CA GLU D 215 54.41 5.96 -42.38
C GLU D 215 53.48 4.76 -42.44
N LEU D 216 53.84 3.64 -41.81
CA LEU D 216 52.88 2.54 -41.67
C LEU D 216 51.67 2.96 -40.84
N ILE D 217 51.92 3.63 -39.71
CA ILE D 217 50.83 4.10 -38.86
C ILE D 217 49.97 5.13 -39.60
N ALA D 218 50.61 5.98 -40.39
CA ALA D 218 49.89 6.99 -41.16
C ALA D 218 49.03 6.35 -42.24
N SER D 219 49.55 5.31 -42.89
CA SER D 219 48.75 4.57 -43.87
C SER D 219 47.56 3.89 -43.21
N GLY D 220 47.76 3.34 -42.01
CA GLY D 220 46.65 2.75 -41.28
C GLY D 220 45.60 3.77 -40.89
N LEU D 221 46.02 4.92 -40.37
CA LEU D 221 45.09 5.96 -39.91
C LEU D 221 44.40 6.66 -41.07
N SER D 222 45.03 6.72 -42.24
CA SER D 222 44.40 7.35 -43.40
C SER D 222 43.33 6.47 -44.03
N GLY D 223 43.46 5.14 -43.89
CA GLY D 223 42.53 4.21 -44.50
C GLY D 223 43.00 3.60 -45.80
N SER D 224 44.26 3.84 -46.19
CA SER D 224 44.80 3.27 -47.42
C SER D 224 45.09 1.78 -47.32
N GLY D 225 45.06 1.22 -46.12
CA GLY D 225 45.30 -0.20 -45.94
C GLY D 225 44.99 -0.61 -44.52
N HIS D 226 45.05 -1.92 -44.28
CA HIS D 226 44.81 -2.48 -42.97
C HIS D 226 46.14 -2.85 -42.32
N VAL D 227 46.38 -2.33 -41.13
CA VAL D 227 47.66 -2.46 -40.44
C VAL D 227 47.45 -3.26 -39.17
N LEU D 228 48.16 -4.37 -39.04
CA LEU D 228 48.15 -5.20 -37.85
C LEU D 228 49.57 -5.32 -37.33
N LEU D 229 49.78 -4.95 -36.07
CA LEU D 229 51.11 -4.92 -35.48
C LEU D 229 51.15 -5.85 -34.27
N GLU D 230 52.12 -6.76 -34.27
CA GLU D 230 52.42 -7.58 -33.11
C GLU D 230 53.65 -6.98 -32.41
N VAL D 231 53.43 -6.42 -31.22
CA VAL D 231 54.48 -5.72 -30.48
C VAL D 231 54.95 -6.61 -29.35
N VAL D 232 56.23 -6.97 -29.37
CA VAL D 232 56.87 -7.78 -28.34
C VAL D 232 57.95 -6.94 -27.68
N ALA D 233 57.88 -6.81 -26.36
CA ALA D 233 58.85 -6.04 -25.61
C ALA D 233 59.62 -6.91 -24.62
N PHE D 234 60.91 -6.65 -24.52
CA PHE D 234 61.81 -7.39 -23.64
C PHE D 234 62.48 -6.38 -22.72
N ALA D 235 62.43 -6.62 -21.41
CA ALA D 235 63.01 -5.72 -20.42
C ALA D 235 63.78 -6.50 -19.37
N ARG D 236 65.00 -6.08 -19.09
CA ARG D 236 65.86 -6.72 -18.08
C ARG D 236 65.51 -6.17 -16.71
N ILE D 237 64.38 -6.63 -16.17
CA ILE D 237 63.93 -6.16 -14.86
C ILE D 237 64.78 -6.73 -13.73
N GLY D 238 65.52 -7.80 -13.96
CA GLY D 238 66.34 -8.39 -12.92
C GLY D 238 65.95 -9.81 -12.58
N ASP D 239 66.75 -10.47 -11.74
CA ASP D 239 66.49 -11.86 -11.36
C ASP D 239 65.51 -11.90 -10.20
N GLY D 240 64.29 -12.40 -10.46
CA GLY D 240 63.31 -12.56 -9.40
C GLY D 240 62.64 -11.28 -8.95
N GLN D 241 62.84 -10.17 -9.66
CA GLN D 241 62.21 -8.92 -9.27
C GLN D 241 60.72 -8.94 -9.54
N GLU D 242 59.96 -8.23 -8.71
CA GLU D 242 58.51 -8.20 -8.84
C GLU D 242 58.10 -7.41 -10.07
N VAL D 243 57.10 -7.92 -10.79
CA VAL D 243 56.54 -7.24 -11.94
C VAL D 243 55.27 -6.53 -11.52
N PHE D 244 54.78 -5.65 -12.39
CA PHE D 244 53.63 -4.79 -12.07
C PHE D 244 52.57 -4.92 -13.15
N PRO D 245 51.70 -5.93 -13.05
CA PRO D 245 50.54 -5.98 -13.95
C PRO D 245 49.44 -5.02 -13.46
N SER D 246 48.36 -4.97 -14.23
CA SER D 246 47.24 -4.12 -13.88
C SER D 246 46.54 -4.65 -12.63
N GLN D 247 45.94 -3.73 -11.87
CA GLN D 247 45.35 -4.07 -10.58
C GLN D 247 43.82 -4.16 -10.70
N GLU D 248 43.26 -5.23 -10.15
CA GLU D 248 41.83 -5.49 -10.16
C GLU D 248 41.22 -5.19 -8.80
N LEU D 249 39.90 -4.99 -8.80
CA LEU D 249 39.16 -4.79 -7.55
C LEU D 249 38.19 -5.94 -7.31
N LYS D 260 41.51 -10.58 0.74
CA LYS D 260 42.11 -10.09 -0.48
C LYS D 260 41.92 -8.58 -0.62
N SER D 261 42.88 -7.81 -0.09
CA SER D 261 42.78 -6.36 -0.16
C SER D 261 43.06 -5.84 -1.56
N LYS D 262 44.08 -6.38 -2.23
CA LYS D 262 44.42 -5.98 -3.59
C LYS D 262 44.68 -7.23 -4.41
N THR D 263 44.14 -7.25 -5.63
CA THR D 263 44.32 -8.37 -6.55
C THR D 263 44.74 -7.84 -7.91
N LEU D 264 45.39 -8.71 -8.69
CA LEU D 264 46.05 -8.30 -9.92
C LEU D 264 45.34 -8.92 -11.13
N TYR D 265 45.60 -8.34 -12.30
CA TYR D 265 44.89 -8.73 -13.51
C TYR D 265 45.51 -9.96 -14.15
N SER D 266 44.66 -10.86 -14.64
CA SER D 266 45.07 -12.02 -15.41
C SER D 266 43.95 -12.39 -16.36
N VAL D 267 44.29 -13.06 -17.46
CA VAL D 267 43.29 -13.46 -18.44
C VAL D 267 43.03 -14.96 -18.37
N ARG D 268 44.09 -15.78 -18.43
CA ARG D 268 43.97 -17.22 -18.25
C ARG D 268 45.29 -17.72 -17.68
N ASP D 269 45.38 -17.76 -16.34
CA ASP D 269 46.56 -18.25 -15.62
C ASP D 269 47.84 -17.53 -16.05
N ALA D 270 47.73 -16.24 -16.35
CA ALA D 270 48.88 -15.47 -16.83
C ALA D 270 48.63 -14.00 -16.55
N ALA D 271 49.55 -13.35 -15.84
CA ALA D 271 49.42 -11.93 -15.54
C ALA D 271 49.45 -11.11 -16.82
N ALA D 272 48.70 -10.00 -16.82
CA ALA D 272 48.55 -9.21 -18.03
C ALA D 272 48.25 -7.77 -17.66
N ILE D 273 48.38 -6.89 -18.65
CA ILE D 273 48.09 -5.47 -18.52
C ILE D 273 46.80 -5.17 -19.27
N HIS D 274 45.97 -4.29 -18.71
CA HIS D 274 44.72 -3.93 -19.35
C HIS D 274 44.96 -3.25 -20.69
N SER D 275 44.00 -3.42 -21.60
CA SER D 275 44.10 -2.82 -22.93
C SER D 275 44.10 -1.30 -22.84
N GLN D 276 43.27 -0.74 -21.97
CA GLN D 276 43.21 0.71 -21.83
C GLN D 276 44.48 1.30 -21.24
N LYS D 277 45.24 0.53 -20.46
CA LYS D 277 46.55 1.01 -20.01
C LYS D 277 47.52 1.14 -21.17
N ILE D 278 47.53 0.15 -22.08
CA ILE D 278 48.38 0.23 -23.26
C ILE D 278 47.93 1.39 -24.16
N GLY D 279 46.62 1.59 -24.27
CA GLY D 279 46.12 2.71 -25.06
C GLY D 279 46.49 4.05 -24.44
N ASN D 280 46.44 4.15 -23.11
CA ASN D 280 46.83 5.37 -22.43
C ASN D 280 48.31 5.65 -22.60
N ALA D 281 49.14 4.60 -22.56
CA ALA D 281 50.56 4.76 -22.80
C ALA D 281 50.83 5.17 -24.26
N LEU D 282 50.00 4.70 -25.18
CA LEU D 282 50.13 5.11 -26.58
C LEU D 282 49.56 6.50 -26.83
N ARG D 283 48.76 7.03 -25.91
CA ARG D 283 48.21 8.37 -26.03
C ARG D 283 49.11 9.45 -25.44
N THR D 284 50.27 9.09 -24.90
CA THR D 284 51.20 10.09 -24.36
C THR D 284 51.95 10.72 -25.53
N ILE D 285 51.23 11.53 -26.30
CA ILE D 285 51.79 12.20 -27.46
C ILE D 285 51.52 13.69 -27.33
N ASP D 286 50.80 14.07 -26.28
CA ASP D 286 50.41 15.47 -26.08
C ASP D 286 51.55 16.23 -25.43
N THR D 287 52.19 17.11 -26.19
CA THR D 287 53.23 18.00 -25.68
C THR D 287 52.88 19.47 -25.88
N TRP D 288 51.72 19.76 -26.46
CA TRP D 288 51.36 21.12 -26.85
C TRP D 288 50.48 21.82 -25.82
N TYR D 289 50.31 21.24 -24.64
CA TYR D 289 49.62 21.91 -23.55
C TYR D 289 50.53 22.97 -22.95
N PRO D 290 49.95 23.96 -22.22
CA PRO D 290 50.79 25.00 -21.61
C PRO D 290 51.67 24.43 -20.49
N ASP D 291 52.74 23.76 -20.89
CA ASP D 291 53.58 23.04 -19.94
C ASP D 291 54.38 24.01 -19.06
N GLU D 292 54.42 23.70 -17.77
CA GLU D 292 55.26 24.42 -16.82
C GLU D 292 55.81 23.40 -15.81
N ASP D 293 56.90 23.79 -15.15
CA ASP D 293 57.68 22.93 -14.25
C ASP D 293 58.28 21.73 -14.95
N GLY D 294 58.43 21.79 -16.28
CA GLY D 294 59.17 20.76 -17.00
C GLY D 294 58.49 19.42 -17.15
N LEU D 295 57.16 19.38 -17.13
CA LEU D 295 56.45 18.13 -17.37
C LEU D 295 56.58 17.71 -18.84
N GLY D 296 56.69 16.41 -19.05
CA GLY D 296 56.88 15.87 -20.38
C GLY D 296 55.57 15.61 -21.08
N PRO D 297 55.58 14.67 -22.04
CA PRO D 297 54.34 14.31 -22.73
C PRO D 297 53.33 13.68 -21.78
N ILE D 298 52.06 14.04 -21.98
CA ILE D 298 50.97 13.51 -21.16
C ILE D 298 50.00 12.78 -22.07
N ALA D 299 49.16 11.95 -21.45
CA ALA D 299 48.19 11.18 -22.20
C ALA D 299 47.12 12.09 -22.79
N VAL D 300 46.76 11.83 -24.05
CA VAL D 300 45.76 12.62 -24.76
C VAL D 300 44.40 12.33 -24.13
N GLU D 301 43.87 13.30 -23.40
CA GLU D 301 42.58 13.25 -22.73
C GLU D 301 41.83 14.56 -22.97
N PRO D 302 40.50 14.53 -22.95
CA PRO D 302 39.75 15.78 -22.85
C PRO D 302 40.06 16.47 -21.53
N TYR D 303 40.16 17.80 -21.58
CA TYR D 303 40.58 18.64 -20.46
C TYR D 303 41.95 18.24 -19.91
N GLY D 304 42.80 17.66 -20.77
CA GLY D 304 44.18 17.33 -20.47
C GLY D 304 44.48 16.71 -19.12
N SER D 305 43.55 15.88 -18.63
CA SER D 305 43.59 15.41 -17.25
C SER D 305 44.74 14.43 -17.03
N VAL D 306 45.49 14.66 -15.96
CA VAL D 306 46.55 13.76 -15.52
C VAL D 306 46.28 13.40 -14.06
N THR D 307 46.08 12.12 -13.79
CA THR D 307 45.79 11.66 -12.44
C THR D 307 47.02 11.70 -11.54
N SER D 308 48.21 11.44 -12.09
CA SER D 308 49.43 11.41 -11.30
C SER D 308 49.73 12.78 -10.69
N GLN D 309 49.57 13.85 -11.47
CA GLN D 309 49.69 15.20 -10.94
C GLN D 309 48.43 15.67 -10.22
N GLY D 310 47.30 15.00 -10.43
CA GLY D 310 46.06 15.38 -9.78
C GLY D 310 45.46 16.67 -10.28
N LYS D 311 45.93 17.19 -11.40
CA LYS D 311 45.44 18.45 -11.95
C LYS D 311 45.19 18.29 -13.43
N ALA D 312 44.48 19.26 -14.01
CA ALA D 312 44.09 19.23 -15.40
C ALA D 312 44.74 20.41 -16.13
N TYR D 313 45.45 20.10 -17.21
CA TYR D 313 45.90 21.12 -18.15
C TYR D 313 44.83 21.35 -19.20
N ARG D 314 45.00 22.44 -19.97
CA ARG D 314 44.01 22.87 -20.97
C ARG D 314 42.65 23.10 -20.31
N GLN D 315 42.62 24.05 -19.38
CA GLN D 315 41.41 24.35 -18.64
C GLN D 315 40.35 24.95 -19.56
N PRO D 316 39.06 24.77 -19.25
CA PRO D 316 38.01 25.42 -20.04
C PRO D 316 38.07 26.94 -20.00
N LYS D 317 38.65 27.53 -18.95
CA LYS D 317 38.80 28.98 -18.91
C LYS D 317 39.70 29.48 -20.04
N GLN D 318 40.80 28.78 -20.29
CA GLN D 318 41.61 29.07 -21.47
C GLN D 318 41.00 28.42 -22.71
N LYS D 319 41.43 28.90 -23.87
CA LYS D 319 40.96 28.38 -25.15
C LYS D 319 41.86 27.22 -25.61
N LEU D 320 41.91 26.18 -24.77
CA LEU D 320 42.84 25.08 -25.01
C LEU D 320 42.26 23.69 -24.81
N ASP D 321 41.03 23.54 -24.29
CA ASP D 321 40.47 22.20 -24.16
C ASP D 321 39.96 21.71 -25.52
N PHE D 322 39.70 20.41 -25.59
CA PHE D 322 39.31 19.80 -26.86
C PHE D 322 37.96 20.30 -27.35
N TYR D 323 37.02 20.55 -26.43
CA TYR D 323 35.64 20.83 -26.83
C TYR D 323 35.51 22.19 -27.51
N THR D 324 36.12 23.24 -26.93
CA THR D 324 36.00 24.57 -27.51
C THR D 324 36.68 24.66 -28.87
N LEU D 325 37.86 24.05 -29.00
CA LEU D 325 38.54 24.03 -30.28
C LEU D 325 37.77 23.23 -31.32
N LEU D 326 37.21 22.08 -30.94
CA LEU D 326 36.35 21.35 -31.88
C LEU D 326 35.17 22.20 -32.32
N ASP D 327 34.51 22.87 -31.37
CA ASP D 327 33.35 23.69 -31.68
C ASP D 327 33.70 24.80 -32.66
N ASN D 328 34.60 25.71 -32.27
CA ASN D 328 34.88 26.83 -33.15
C ASN D 328 35.65 26.43 -34.40
N TRP D 329 36.21 25.21 -34.45
CA TRP D 329 36.81 24.73 -35.69
C TRP D 329 35.73 24.28 -36.67
N VAL D 330 34.67 23.63 -36.20
CA VAL D 330 33.63 23.15 -37.10
C VAL D 330 32.35 23.99 -37.06
N LEU D 331 32.06 24.71 -35.97
CA LEU D 331 30.90 25.60 -35.97
C LEU D 331 31.22 26.99 -36.48
N ARG D 332 32.22 27.66 -35.90
CA ARG D 332 32.52 29.04 -36.23
C ARG D 332 33.70 29.18 -37.18
N ASP D 333 34.27 28.07 -37.64
CA ASP D 333 35.35 28.03 -38.63
C ASP D 333 36.61 28.76 -38.17
N GLU D 334 36.85 28.84 -36.86
CA GLU D 334 38.11 29.35 -36.34
C GLU D 334 39.08 28.19 -36.17
N ALA D 335 39.84 27.92 -37.23
CA ALA D 335 40.81 26.84 -37.20
C ALA D 335 41.91 27.15 -36.18
N PRO D 336 42.24 26.22 -35.28
CA PRO D 336 43.28 26.50 -34.29
C PRO D 336 44.67 26.23 -34.83
N ALA D 337 45.67 26.30 -33.96
CA ALA D 337 47.05 26.05 -34.37
C ALA D 337 47.23 24.60 -34.81
N VAL D 338 48.34 24.37 -35.54
CA VAL D 338 48.60 23.06 -36.10
C VAL D 338 48.83 22.02 -34.99
N GLU D 339 49.57 22.41 -33.95
CA GLU D 339 49.74 21.51 -32.80
C GLU D 339 48.42 21.28 -32.07
N GLN D 340 47.62 22.34 -31.92
CA GLN D 340 46.33 22.21 -31.25
C GLN D 340 45.37 21.38 -32.07
N GLN D 341 45.39 21.52 -33.40
CA GLN D 341 44.55 20.68 -34.24
C GLN D 341 45.06 19.24 -34.26
N HIS D 342 46.36 19.04 -34.07
CA HIS D 342 46.88 17.69 -33.86
C HIS D 342 46.30 17.09 -32.59
N TYR D 343 46.21 17.89 -31.52
CA TYR D 343 45.58 17.42 -30.29
C TYR D 343 44.10 17.10 -30.49
N VAL D 344 43.40 17.91 -31.27
CA VAL D 344 41.98 17.68 -31.55
C VAL D 344 41.80 16.36 -32.32
N ILE D 345 42.62 16.15 -33.34
CA ILE D 345 42.55 14.90 -34.09
C ILE D 345 42.98 13.71 -33.24
N ALA D 346 43.87 13.92 -32.27
CA ALA D 346 44.22 12.85 -31.34
C ALA D 346 43.03 12.47 -30.47
N ASN D 347 42.28 13.45 -29.97
CA ASN D 347 41.05 13.16 -29.26
C ASN D 347 40.03 12.47 -30.16
N LEU D 348 40.03 12.81 -31.45
CA LEU D 348 39.13 12.15 -32.39
C LEU D 348 39.54 10.70 -32.63
N ILE D 349 40.84 10.43 -32.65
CA ILE D 349 41.35 9.08 -32.85
C ILE D 349 41.06 8.21 -31.64
N ARG D 350 41.24 8.74 -30.43
CA ARG D 350 41.01 7.94 -29.24
C ARG D 350 39.53 7.62 -29.03
N GLY D 351 38.63 8.33 -29.71
CA GLY D 351 37.22 8.11 -29.52
C GLY D 351 36.67 8.85 -28.32
N GLY D 352 35.37 8.71 -28.10
CA GLY D 352 34.73 9.35 -26.98
C GLY D 352 33.23 9.31 -27.10
N VAL D 353 32.58 9.90 -26.09
CA VAL D 353 31.13 9.89 -25.97
C VAL D 353 30.74 11.36 -26.09
N PHE D 354 31.47 12.09 -26.95
CA PHE D 354 31.30 13.52 -27.09
C PHE D 354 29.89 13.87 -27.57
N GLY D 355 29.50 15.12 -27.33
CA GLY D 355 28.17 15.57 -27.70
C GLY D 355 27.42 16.23 -26.56
N GLU D 356 26.52 17.15 -26.90
CA GLU D 356 25.82 17.95 -25.90
C GLU D 356 24.70 17.12 -25.26
N ALA D 357 23.85 17.80 -24.49
CA ALA D 357 22.73 17.15 -23.83
C ALA D 357 21.44 17.94 -24.00
N ILE E 23 -17.40 -1.98 -46.54
CA ILE E 23 -16.97 -0.60 -46.70
C ILE E 23 -15.44 -0.52 -46.68
N LEU E 24 -14.83 -1.62 -46.21
CA LEU E 24 -13.38 -1.84 -46.27
C LEU E 24 -12.60 -0.75 -45.56
N SER E 25 -12.78 -0.71 -44.24
CA SER E 25 -11.91 0.06 -43.36
C SER E 25 -10.83 -0.84 -42.81
N THR E 26 -9.66 -0.26 -42.53
CA THR E 26 -8.54 -1.04 -42.04
C THR E 26 -8.76 -1.49 -40.60
N ALA E 27 -8.23 -2.66 -40.26
CA ALA E 27 -8.54 -3.31 -39.00
C ALA E 27 -7.80 -2.65 -37.83
N SER E 28 -8.35 -2.86 -36.62
CA SER E 28 -7.74 -2.26 -35.43
C SER E 28 -6.56 -3.08 -34.93
N VAL E 29 -6.56 -4.39 -35.18
CA VAL E 29 -5.39 -5.22 -34.91
C VAL E 29 -4.97 -5.86 -36.23
N LEU E 30 -3.68 -5.73 -36.55
CA LEU E 30 -3.10 -6.29 -37.77
C LEU E 30 -1.73 -6.87 -37.46
N ALA E 31 -1.65 -7.66 -36.39
CA ALA E 31 -0.38 -8.25 -35.99
C ALA E 31 0.12 -9.24 -37.04
N PHE E 32 1.42 -9.18 -37.31
CA PHE E 32 2.08 -10.06 -38.28
C PHE E 32 3.21 -10.80 -37.59
N GLU E 33 3.34 -12.09 -37.87
CA GLU E 33 4.47 -12.85 -37.37
C GLU E 33 5.67 -12.69 -38.30
N ARG E 34 6.87 -12.75 -37.73
CA ARG E 34 8.07 -12.47 -38.50
C ARG E 34 8.48 -13.68 -39.33
N LYS E 35 8.85 -13.41 -40.58
CA LYS E 35 9.61 -14.34 -41.39
C LYS E 35 11.09 -14.03 -41.24
N LEU E 36 11.93 -14.92 -41.77
CA LEU E 36 13.38 -14.84 -41.62
C LEU E 36 13.77 -14.83 -40.14
N ASP E 37 13.46 -15.93 -39.46
CA ASP E 37 13.72 -16.02 -38.02
C ASP E 37 15.19 -16.34 -37.77
N PRO E 38 15.96 -15.44 -37.15
CA PRO E 38 17.36 -15.75 -36.86
C PRO E 38 17.57 -16.30 -35.46
N SER E 39 18.60 -17.13 -35.29
CA SER E 39 18.94 -17.62 -33.97
C SER E 39 19.98 -16.69 -33.32
N ASP E 40 20.27 -16.96 -32.06
CA ASP E 40 21.36 -16.25 -31.39
C ASP E 40 22.69 -16.69 -31.99
N ALA E 41 23.55 -15.72 -32.28
CA ALA E 41 24.80 -15.98 -32.98
C ALA E 41 25.92 -16.12 -31.94
N LEU E 42 26.50 -17.32 -31.87
CA LEU E 42 27.54 -17.58 -30.87
C LEU E 42 28.92 -17.26 -31.43
N MET E 43 29.80 -16.80 -30.54
CA MET E 43 31.17 -16.46 -30.91
C MET E 43 32.12 -17.52 -30.38
N SER E 44 32.92 -18.10 -31.27
CA SER E 44 34.08 -18.90 -30.92
C SER E 44 35.27 -18.36 -31.69
N ALA E 45 36.47 -18.77 -31.27
CA ALA E 45 37.70 -18.19 -31.80
C ALA E 45 38.70 -19.28 -32.13
N GLY E 46 39.64 -18.93 -33.00
CA GLY E 46 40.64 -19.87 -33.42
C GLY E 46 41.58 -19.24 -34.41
N ALA E 47 42.24 -20.07 -35.20
CA ALA E 47 43.24 -19.61 -36.16
C ALA E 47 42.72 -19.75 -37.58
N TRP E 48 43.11 -18.80 -38.43
CA TRP E 48 42.79 -18.87 -39.85
C TRP E 48 43.46 -20.09 -40.47
N ALA E 49 42.83 -20.61 -41.54
CA ALA E 49 43.11 -21.87 -42.23
C ALA E 49 42.74 -23.09 -41.40
N GLN E 50 42.24 -22.91 -40.18
CA GLN E 50 41.60 -23.98 -39.42
C GLN E 50 40.08 -23.89 -39.47
N ARG E 51 39.55 -23.06 -40.37
CA ARG E 51 38.10 -22.89 -40.50
C ARG E 51 37.42 -24.19 -40.91
N ASP E 52 38.11 -25.04 -41.68
CA ASP E 52 37.53 -26.33 -42.06
C ASP E 52 37.47 -27.28 -40.87
N ALA E 53 38.31 -27.07 -39.85
CA ALA E 53 38.32 -27.87 -38.64
C ALA E 53 37.86 -27.04 -37.44
N SER E 54 37.07 -26.01 -37.70
CA SER E 54 36.56 -25.10 -36.67
C SER E 54 35.31 -25.64 -35.97
N GLN E 55 35.07 -26.94 -36.02
CA GLN E 55 33.89 -27.50 -35.38
C GLN E 55 34.00 -27.45 -33.85
N GLU E 56 35.21 -27.68 -33.33
CA GLU E 56 35.45 -27.72 -31.89
C GLU E 56 36.30 -26.55 -31.43
N TRP E 57 36.08 -25.37 -32.01
CA TRP E 57 36.80 -24.18 -31.59
C TRP E 57 36.34 -23.76 -30.19
N PRO E 58 37.24 -23.24 -29.35
CA PRO E 58 36.82 -22.75 -28.04
C PRO E 58 35.97 -21.50 -28.16
N ALA E 59 34.92 -21.44 -27.35
CA ALA E 59 34.00 -20.32 -27.41
C ALA E 59 34.61 -19.07 -26.79
N VAL E 60 34.24 -17.91 -27.34
CA VAL E 60 34.68 -16.64 -26.78
C VAL E 60 33.90 -16.37 -25.50
N THR E 61 34.61 -16.22 -24.39
CA THR E 61 34.01 -16.09 -23.08
C THR E 61 34.00 -14.64 -22.64
N VAL E 62 32.85 -14.19 -22.12
CA VAL E 62 32.75 -12.85 -21.57
C VAL E 62 33.53 -12.78 -20.27
N ARG E 63 34.39 -11.78 -20.14
CA ARG E 63 35.35 -11.68 -19.04
C ARG E 63 35.15 -10.36 -18.29
N GLU E 64 35.47 -10.39 -17.00
CA GLU E 64 35.35 -9.24 -16.10
C GLU E 64 36.68 -8.53 -16.00
N LYS E 65 36.66 -7.20 -16.19
CA LYS E 65 37.85 -6.39 -15.98
C LYS E 65 37.46 -5.09 -15.29
N SER E 66 38.43 -4.49 -14.62
CA SER E 66 38.23 -3.23 -13.91
C SER E 66 38.82 -2.08 -14.71
N VAL E 67 38.07 -1.00 -14.83
CA VAL E 67 38.49 0.19 -15.56
C VAL E 67 38.43 1.39 -14.65
N ARG E 68 39.30 2.37 -14.88
CA ARG E 68 39.31 3.65 -14.17
C ARG E 68 39.58 4.74 -15.19
N GLY E 69 38.72 5.76 -15.23
CA GLY E 69 38.85 6.84 -16.18
C GLY E 69 38.66 8.20 -15.53
N THR E 70 39.12 9.23 -16.23
CA THR E 70 38.94 10.60 -15.80
C THR E 70 37.66 11.17 -16.38
N ILE E 71 37.30 12.36 -15.92
CA ILE E 71 36.12 13.04 -16.43
C ILE E 71 36.42 13.56 -17.82
N SER E 72 35.57 13.20 -18.80
CA SER E 72 35.78 13.58 -20.18
C SER E 72 34.51 14.11 -20.85
N ASN E 73 33.39 14.12 -20.14
CA ASN E 73 32.15 14.61 -20.69
C ASN E 73 32.13 16.14 -20.69
N ARG E 74 31.26 16.70 -21.54
CA ARG E 74 31.09 18.15 -21.60
C ARG E 74 30.46 18.65 -20.31
N LEU E 75 30.95 19.77 -19.81
CA LEU E 75 30.37 20.42 -18.65
C LEU E 75 29.38 21.49 -19.09
N LYS E 76 28.47 21.85 -18.17
CA LYS E 76 27.39 22.79 -18.45
C LYS E 76 27.72 24.19 -17.98
N THR E 77 29.00 24.58 -18.08
CA THR E 77 29.53 25.94 -17.90
C THR E 77 29.51 26.33 -16.41
N LYS E 78 28.92 25.50 -15.57
CA LYS E 78 28.95 25.70 -14.13
C LYS E 78 29.86 24.73 -13.42
N ASP E 79 30.27 23.65 -14.08
CA ASP E 79 31.25 22.71 -13.54
C ASP E 79 32.66 23.00 -14.03
N ARG E 80 32.86 24.08 -14.79
CA ARG E 80 34.15 24.43 -15.37
C ARG E 80 35.06 25.15 -14.40
N ASP E 81 34.71 25.23 -13.13
CA ASP E 81 35.57 25.81 -12.11
C ASP E 81 36.83 24.95 -11.98
N PRO E 82 38.03 25.52 -12.10
CA PRO E 82 39.25 24.69 -12.02
C PRO E 82 39.40 23.93 -10.72
N ALA E 83 39.02 24.53 -9.59
CA ALA E 83 39.12 23.83 -8.31
C ALA E 83 38.18 22.63 -8.26
N LYS E 84 36.94 22.81 -8.71
CA LYS E 84 35.98 21.71 -8.72
C LYS E 84 36.38 20.63 -9.71
N LEU E 85 36.89 21.02 -10.88
CA LEU E 85 37.33 20.03 -11.86
C LEU E 85 38.51 19.22 -11.33
N ASP E 86 39.49 19.89 -10.71
CA ASP E 86 40.63 19.19 -10.14
C ASP E 86 40.21 18.28 -8.99
N ALA E 87 39.25 18.73 -8.17
CA ALA E 87 38.76 17.89 -7.08
C ALA E 87 38.01 16.67 -7.60
N SER E 88 37.28 16.83 -8.71
CA SER E 88 36.63 15.68 -9.34
C SER E 88 37.67 14.71 -9.89
N ILE E 89 38.77 15.23 -10.44
CA ILE E 89 39.85 14.37 -10.91
C ILE E 89 40.55 13.67 -9.74
N GLN E 90 40.59 14.28 -8.55
CA GLN E 90 41.12 13.60 -7.37
C GLN E 90 40.36 12.32 -7.03
N SER E 91 39.10 12.22 -7.42
CA SER E 91 38.29 11.02 -7.21
C SER E 91 37.73 10.57 -8.55
N PRO E 92 38.54 9.90 -9.38
CA PRO E 92 38.03 9.39 -10.65
C PRO E 92 37.06 8.24 -10.41
N ASN E 93 36.14 8.06 -11.38
CA ASN E 93 35.16 7.00 -11.24
C ASN E 93 35.79 5.63 -11.42
N LEU E 94 35.36 4.68 -10.58
CA LEU E 94 35.80 3.29 -10.66
C LEU E 94 34.64 2.45 -11.17
N GLN E 95 34.92 1.62 -12.17
CA GLN E 95 33.91 0.79 -12.80
C GLN E 95 34.48 -0.59 -13.08
N THR E 96 33.60 -1.58 -13.15
CA THR E 96 33.93 -2.91 -13.66
C THR E 96 33.04 -3.15 -14.88
N VAL E 97 33.61 -3.71 -15.94
CA VAL E 97 32.88 -3.95 -17.18
C VAL E 97 33.15 -5.36 -17.66
N ASP E 98 32.21 -5.87 -18.45
CA ASP E 98 32.41 -7.12 -19.16
C ASP E 98 33.09 -6.87 -20.50
N VAL E 99 34.10 -7.69 -20.81
CA VAL E 99 34.87 -7.55 -22.03
C VAL E 99 34.96 -8.92 -22.70
N ALA E 100 34.97 -8.92 -24.02
CA ALA E 100 35.15 -10.13 -24.81
C ALA E 100 36.38 -9.96 -25.69
N ASN E 101 37.32 -10.89 -25.56
CA ASN E 101 38.57 -10.87 -26.30
C ASN E 101 38.85 -12.25 -26.87
N LEU E 102 39.63 -12.29 -27.95
CA LEU E 102 40.09 -13.56 -28.46
C LEU E 102 41.17 -14.14 -27.55
N PRO E 103 41.39 -15.45 -27.61
CA PRO E 103 42.61 -16.01 -27.03
C PRO E 103 43.84 -15.46 -27.74
N SER E 104 44.96 -15.43 -27.02
CA SER E 104 46.18 -14.86 -27.55
C SER E 104 46.70 -15.63 -28.76
N ASP E 105 46.53 -16.94 -28.77
CA ASP E 105 46.87 -17.78 -29.92
C ASP E 105 45.69 -17.98 -30.86
N ALA E 106 45.03 -16.90 -31.25
CA ALA E 106 43.85 -16.97 -32.12
C ALA E 106 43.61 -15.60 -32.73
N ASP E 107 43.49 -15.55 -34.05
CA ASP E 107 43.25 -14.30 -34.75
C ASP E 107 41.92 -14.26 -35.50
N THR E 108 41.18 -15.36 -35.54
CA THR E 108 39.95 -15.45 -36.31
C THR E 108 38.75 -15.55 -35.37
N LEU E 109 37.72 -14.76 -35.66
CA LEU E 109 36.44 -14.84 -34.96
C LEU E 109 35.46 -15.66 -35.78
N LYS E 110 34.87 -16.67 -35.16
CA LYS E 110 33.84 -17.49 -35.79
C LYS E 110 32.49 -17.17 -35.15
N VAL E 111 31.53 -16.76 -35.96
CA VAL E 111 30.19 -16.42 -35.51
C VAL E 111 29.20 -17.28 -36.27
N ARG E 112 28.43 -18.09 -35.54
CA ARG E 112 27.54 -19.08 -36.13
C ARG E 112 26.12 -18.90 -35.62
N PHE E 113 25.16 -18.84 -36.54
CA PHE E 113 23.75 -18.84 -36.19
C PHE E 113 22.99 -19.60 -37.27
N THR E 114 21.72 -19.85 -36.99
CA THR E 114 20.83 -20.51 -37.94
C THR E 114 19.66 -19.59 -38.30
N LEU E 115 19.17 -19.73 -39.53
CA LEU E 115 18.09 -18.88 -40.04
C LEU E 115 17.02 -19.77 -40.67
N ARG E 116 15.77 -19.52 -40.29
CA ARG E 116 14.61 -20.19 -40.87
C ARG E 116 13.86 -19.20 -41.74
N VAL E 117 13.57 -19.60 -42.99
CA VAL E 117 12.79 -18.80 -43.91
C VAL E 117 11.45 -19.50 -44.07
N LEU E 118 10.37 -18.82 -43.65
CA LEU E 118 9.10 -19.51 -43.42
C LEU E 118 8.15 -19.42 -44.61
N GLY E 119 7.79 -18.20 -45.01
CA GLY E 119 6.80 -18.05 -46.04
C GLY E 119 5.41 -17.83 -45.49
N GLY E 120 4.58 -17.13 -46.26
CA GLY E 120 3.25 -16.76 -45.80
C GLY E 120 3.23 -15.38 -45.19
N ALA E 121 3.99 -14.46 -45.80
CA ALA E 121 4.20 -13.13 -45.24
C ALA E 121 2.94 -12.29 -45.16
N GLY E 122 2.07 -12.35 -46.16
CA GLY E 122 0.91 -11.49 -46.19
C GLY E 122 -0.25 -11.90 -45.32
N THR E 123 -0.17 -13.06 -44.67
CA THR E 123 -1.25 -13.53 -43.81
C THR E 123 -1.02 -13.03 -42.39
N PRO E 124 -1.90 -12.19 -41.84
CA PRO E 124 -1.71 -11.71 -40.47
C PRO E 124 -1.97 -12.81 -39.45
N SER E 125 -1.34 -12.66 -38.28
CA SER E 125 -1.58 -13.60 -37.19
C SER E 125 -2.81 -13.22 -36.39
N ALA E 126 -3.16 -11.93 -36.36
CA ALA E 126 -4.34 -11.44 -35.67
C ALA E 126 -4.97 -10.33 -36.49
N CYS E 127 -6.29 -10.37 -36.64
CA CYS E 127 -7.02 -9.36 -37.41
C CYS E 127 -8.43 -9.25 -36.86
N ASN E 128 -9.05 -8.08 -37.08
CA ASN E 128 -10.46 -7.88 -36.74
C ASN E 128 -11.37 -8.06 -37.95
N ASP E 129 -11.15 -7.27 -39.00
CA ASP E 129 -12.06 -7.24 -40.14
C ASP E 129 -11.69 -8.36 -41.10
N ALA E 130 -12.68 -9.20 -41.42
CA ALA E 130 -12.45 -10.26 -42.39
C ALA E 130 -12.35 -9.71 -43.80
N ALA E 131 -13.11 -8.65 -44.11
CA ALA E 131 -13.02 -8.04 -45.43
C ALA E 131 -11.65 -7.41 -45.66
N TYR E 132 -11.13 -6.72 -44.64
CA TYR E 132 -9.79 -6.16 -44.74
C TYR E 132 -8.74 -7.25 -44.91
N ARG E 133 -8.89 -8.35 -44.16
CA ARG E 133 -7.95 -9.47 -44.28
C ARG E 133 -7.99 -10.06 -45.68
N ASP E 134 -9.19 -10.24 -46.24
CA ASP E 134 -9.31 -10.79 -47.59
C ASP E 134 -8.71 -9.85 -48.62
N LYS E 135 -8.96 -8.54 -48.49
CA LYS E 135 -8.41 -7.57 -49.44
C LYS E 135 -6.89 -7.52 -49.34
N LEU E 136 -6.35 -7.57 -48.14
CA LEU E 136 -4.90 -7.53 -47.96
C LEU E 136 -4.24 -8.80 -48.50
N LEU E 137 -4.87 -9.96 -48.28
CA LEU E 137 -4.35 -11.19 -48.85
C LEU E 137 -4.42 -11.18 -50.38
N GLN E 138 -5.49 -10.61 -50.95
CA GLN E 138 -5.57 -10.47 -52.39
C GLN E 138 -4.47 -9.55 -52.93
N THR E 139 -4.20 -8.45 -52.21
CA THR E 139 -3.13 -7.55 -52.60
C THR E 139 -1.76 -8.24 -52.57
N VAL E 140 -1.50 -9.01 -51.51
CA VAL E 140 -0.23 -9.71 -51.39
C VAL E 140 -0.10 -10.78 -52.47
N ALA E 141 -1.19 -11.49 -52.77
CA ALA E 141 -1.17 -12.49 -53.82
C ALA E 141 -0.93 -11.85 -55.19
N THR E 142 -1.54 -10.68 -55.43
CA THR E 142 -1.29 -9.95 -56.67
C THR E 142 0.16 -9.55 -56.80
N TYR E 143 0.76 -9.07 -55.69
CA TYR E 143 2.19 -8.74 -55.70
C TYR E 143 3.02 -9.97 -56.01
N VAL E 144 2.77 -11.09 -55.33
CA VAL E 144 3.59 -12.29 -55.48
C VAL E 144 3.48 -12.83 -56.91
N ASN E 145 2.28 -12.77 -57.48
CA ASN E 145 2.11 -13.19 -58.87
C ASN E 145 2.84 -12.27 -59.83
N ASP E 146 2.67 -10.95 -59.67
CA ASP E 146 3.32 -10.02 -60.59
C ASP E 146 4.82 -9.96 -60.35
N GLN E 147 5.24 -9.80 -59.09
CA GLN E 147 6.66 -9.73 -58.74
C GLN E 147 6.89 -10.58 -57.51
N GLY E 148 7.38 -11.80 -57.72
CA GLY E 148 7.59 -12.73 -56.62
C GLY E 148 8.69 -12.28 -55.67
N PHE E 149 9.00 -13.17 -54.73
CA PHE E 149 10.00 -12.87 -53.71
C PHE E 149 11.40 -13.02 -54.27
N ALA E 150 11.74 -12.23 -55.29
CA ALA E 150 13.03 -12.37 -55.97
C ALA E 150 14.01 -11.25 -55.63
N GLU E 151 13.60 -9.99 -55.77
CA GLU E 151 14.46 -8.88 -55.39
C GLU E 151 14.72 -8.87 -53.89
N LEU E 152 13.66 -9.12 -53.10
CA LEU E 152 13.82 -9.17 -51.66
C LEU E 152 14.75 -10.31 -51.25
N ALA E 153 14.61 -11.47 -51.89
CA ALA E 153 15.48 -12.60 -51.59
C ALA E 153 16.92 -12.33 -52.02
N ARG E 154 17.10 -11.64 -53.15
CA ARG E 154 18.46 -11.25 -53.56
C ARG E 154 19.10 -10.34 -52.52
N ARG E 155 18.35 -9.37 -52.01
CA ARG E 155 18.93 -8.45 -51.03
C ARG E 155 19.17 -9.14 -49.69
N TYR E 156 18.28 -10.05 -49.29
CA TYR E 156 18.51 -10.83 -48.07
C TYR E 156 19.74 -11.72 -48.20
N ALA E 157 19.90 -12.37 -49.37
CA ALA E 157 21.09 -13.19 -49.60
C ALA E 157 22.35 -12.35 -49.64
N HIS E 158 22.25 -11.11 -50.12
CA HIS E 158 23.41 -10.21 -50.10
C HIS E 158 23.79 -9.85 -48.67
N ASN E 159 22.81 -9.46 -47.85
CA ASN E 159 23.09 -9.17 -46.44
C ASN E 159 23.51 -10.41 -45.66
N LEU E 160 23.23 -11.59 -46.19
CA LEU E 160 23.69 -12.83 -45.57
C LEU E 160 25.07 -13.24 -46.05
N ALA E 161 25.49 -12.78 -47.24
CA ALA E 161 26.78 -13.17 -47.81
C ALA E 161 27.86 -12.14 -47.48
N ASN E 162 27.47 -10.92 -47.16
CA ASN E 162 28.37 -10.00 -46.48
C ASN E 162 28.02 -9.96 -45.00
N ALA E 163 29.03 -10.08 -44.15
CA ALA E 163 28.81 -10.29 -42.72
C ALA E 163 28.41 -8.98 -42.03
N ARG E 164 27.29 -8.42 -42.48
CA ARG E 164 26.73 -7.24 -41.82
C ARG E 164 26.26 -7.56 -40.41
N PHE E 165 25.89 -8.82 -40.14
CA PHE E 165 25.58 -9.25 -38.78
C PHE E 165 26.82 -9.24 -37.89
N LEU E 166 28.01 -9.20 -38.47
CA LEU E 166 29.24 -8.88 -37.74
C LEU E 166 29.35 -7.36 -37.72
N TRP E 167 28.61 -6.73 -36.80
CA TRP E 167 28.41 -5.29 -36.82
C TRP E 167 29.71 -4.51 -36.64
N ARG E 168 30.35 -4.66 -35.47
CA ARG E 168 31.64 -4.06 -35.23
C ARG E 168 32.78 -5.06 -35.37
N ASN E 169 32.48 -6.30 -35.73
CA ASN E 169 33.48 -7.35 -35.84
C ASN E 169 34.10 -7.45 -37.23
N ARG E 170 33.60 -6.68 -38.21
CA ARG E 170 34.19 -6.66 -39.54
C ARG E 170 34.63 -5.25 -39.94
N VAL E 171 34.55 -4.28 -39.03
CA VAL E 171 34.88 -2.90 -39.39
C VAL E 171 36.38 -2.74 -39.62
N GLY E 172 37.19 -3.62 -39.05
CA GLY E 172 38.63 -3.55 -39.26
C GLY E 172 39.29 -4.90 -39.43
N ALA E 173 38.55 -5.87 -39.94
CA ALA E 173 39.07 -7.22 -40.14
C ALA E 173 39.86 -7.30 -41.43
N GLU E 174 40.99 -8.01 -41.39
CA GLU E 174 41.81 -8.18 -42.59
C GLU E 174 41.07 -8.97 -43.66
N ALA E 175 40.38 -10.03 -43.27
CA ALA E 175 39.62 -10.85 -44.20
C ALA E 175 38.40 -11.41 -43.50
N VAL E 176 37.23 -11.26 -44.12
CA VAL E 176 35.98 -11.77 -43.61
C VAL E 176 35.46 -12.82 -44.59
N GLU E 177 35.18 -14.02 -44.08
CA GLU E 177 34.79 -15.15 -44.91
C GLU E 177 33.64 -15.89 -44.26
N VAL E 178 32.50 -15.94 -44.97
CA VAL E 178 31.27 -16.50 -44.44
C VAL E 178 30.88 -17.71 -45.28
N ARG E 179 30.37 -18.76 -44.62
CA ARG E 179 29.94 -19.97 -45.27
C ARG E 179 28.47 -20.21 -44.97
N ILE E 180 27.70 -20.52 -46.01
CA ILE E 180 26.26 -20.77 -45.88
C ILE E 180 26.01 -22.23 -46.23
N ASN E 181 25.32 -22.93 -45.34
CA ASN E 181 24.95 -24.33 -45.55
C ASN E 181 23.43 -24.46 -45.52
N HIS E 182 22.91 -25.41 -46.31
CA HIS E 182 21.49 -25.69 -46.38
C HIS E 182 21.25 -27.08 -45.81
N ILE E 183 20.35 -27.17 -44.83
CA ILE E 183 20.18 -28.38 -44.02
C ILE E 183 18.80 -28.96 -44.27
N ARG E 184 18.74 -30.27 -44.57
CA ARG E 184 17.49 -31.01 -44.65
C ARG E 184 17.35 -32.03 -43.52
N GLN E 185 18.28 -32.97 -43.39
CA GLN E 185 18.17 -34.05 -42.42
C GLN E 185 19.32 -34.00 -41.43
N GLY E 186 19.67 -32.81 -40.97
CA GLY E 186 20.86 -32.63 -40.18
C GLY E 186 22.14 -32.64 -40.97
N GLU E 187 22.05 -32.68 -42.30
CA GLU E 187 23.20 -32.76 -43.19
C GLU E 187 23.11 -31.65 -44.23
N VAL E 188 24.26 -31.26 -44.77
CA VAL E 188 24.30 -30.15 -45.71
C VAL E 188 23.77 -30.60 -47.07
N ALA E 189 22.74 -29.92 -47.55
CA ALA E 189 22.17 -30.18 -48.86
C ALA E 189 22.91 -29.45 -49.96
N ARG E 190 23.30 -28.19 -49.71
CA ARG E 190 24.15 -27.42 -50.61
C ARG E 190 24.88 -26.38 -49.78
N ALA E 191 26.15 -26.15 -50.12
CA ALA E 191 27.01 -25.25 -49.36
C ALA E 191 27.40 -24.05 -50.21
N TRP E 192 27.49 -22.89 -49.58
CA TRP E 192 27.91 -21.66 -50.22
C TRP E 192 29.17 -21.14 -49.53
N ARG E 193 30.12 -20.67 -50.32
CA ARG E 193 31.36 -20.10 -49.81
C ARG E 193 31.49 -18.69 -50.37
N PHE E 194 31.65 -17.72 -49.49
CA PHE E 194 31.61 -16.30 -49.87
C PHE E 194 32.76 -15.55 -49.22
N ASP E 195 33.21 -14.51 -49.90
CA ASP E 195 34.20 -13.56 -49.37
C ASP E 195 33.45 -12.27 -49.05
N ALA E 196 33.21 -12.03 -47.77
CA ALA E 196 32.30 -10.96 -47.36
C ALA E 196 32.88 -9.56 -47.61
N LEU E 197 34.17 -9.45 -47.89
CA LEU E 197 34.72 -8.13 -48.21
C LEU E 197 34.62 -7.83 -49.70
N ALA E 198 34.52 -8.87 -50.54
CA ALA E 198 34.28 -8.64 -51.96
C ALA E 198 32.87 -8.12 -52.20
N ILE E 199 31.88 -8.74 -51.57
CA ILE E 199 30.51 -8.25 -51.61
C ILE E 199 30.40 -7.11 -50.60
N GLY E 200 30.32 -5.88 -51.10
CA GLY E 200 30.32 -4.73 -50.23
C GLY E 200 29.02 -4.56 -49.47
N LEU E 201 29.03 -3.56 -48.59
CA LEU E 201 27.86 -3.20 -47.80
C LEU E 201 26.96 -2.19 -48.51
N ARG E 202 27.20 -1.95 -49.80
CA ARG E 202 26.58 -0.84 -50.51
C ARG E 202 25.82 -1.25 -51.76
N ASP E 203 26.35 -2.19 -52.53
CA ASP E 203 25.81 -2.53 -53.84
C ASP E 203 25.14 -3.90 -53.80
N PHE E 204 23.95 -3.98 -54.38
CA PHE E 204 23.24 -5.24 -54.54
C PHE E 204 23.43 -5.75 -55.97
N LYS E 205 24.61 -6.32 -56.20
CA LYS E 205 25.02 -6.77 -57.53
C LYS E 205 24.41 -8.13 -57.84
N ALA E 206 24.90 -8.79 -58.88
CA ALA E 206 24.43 -10.10 -59.29
C ALA E 206 25.58 -11.09 -59.37
N ASP E 207 25.40 -12.27 -58.77
CA ASP E 207 26.39 -13.33 -58.79
C ASP E 207 25.66 -14.67 -58.81
N ALA E 208 26.25 -15.65 -59.50
CA ALA E 208 25.57 -16.93 -59.70
C ALA E 208 25.35 -17.67 -58.39
N GLU E 209 26.35 -17.69 -57.51
CA GLU E 209 26.16 -18.28 -56.19
C GLU E 209 25.15 -17.46 -55.38
N LEU E 210 25.24 -16.13 -55.47
CA LEU E 210 24.23 -15.28 -54.86
C LEU E 210 22.86 -15.50 -55.47
N ASP E 211 22.80 -15.75 -56.78
CA ASP E 211 21.51 -16.03 -57.42
C ASP E 211 20.92 -17.34 -56.90
N ALA E 212 21.75 -18.37 -56.71
CA ALA E 212 21.26 -19.64 -56.18
C ALA E 212 20.77 -19.49 -54.75
N LEU E 213 21.52 -18.76 -53.92
CA LEU E 213 21.07 -18.51 -52.55
C LEU E 213 19.78 -17.70 -52.54
N ALA E 214 19.65 -16.74 -53.46
CA ALA E 214 18.43 -15.95 -53.56
C ALA E 214 17.26 -16.81 -54.00
N GLU E 215 17.49 -17.78 -54.89
CA GLU E 215 16.43 -18.70 -55.27
C GLU E 215 15.99 -19.56 -54.09
N LEU E 216 16.94 -19.98 -53.26
CA LEU E 216 16.57 -20.73 -52.06
C LEU E 216 15.75 -19.88 -51.10
N ILE E 217 16.14 -18.62 -50.89
CA ILE E 217 15.38 -17.72 -50.03
C ILE E 217 14.00 -17.46 -50.63
N ALA E 218 13.92 -17.36 -51.96
CA ALA E 218 12.63 -17.17 -52.63
C ALA E 218 11.73 -18.37 -52.43
N SER E 219 12.28 -19.58 -52.54
CA SER E 219 11.48 -20.78 -52.31
C SER E 219 11.01 -20.87 -50.87
N GLY E 220 11.84 -20.40 -49.93
CA GLY E 220 11.41 -20.34 -48.54
C GLY E 220 10.29 -19.34 -48.31
N LEU E 221 10.42 -18.14 -48.90
CA LEU E 221 9.44 -17.09 -48.67
C LEU E 221 8.13 -17.35 -49.41
N SER E 222 8.16 -18.16 -50.46
CA SER E 222 6.96 -18.48 -51.21
C SER E 222 6.18 -19.63 -50.62
N GLY E 223 6.70 -20.30 -49.59
CA GLY E 223 6.06 -21.47 -49.05
C GLY E 223 6.23 -22.72 -49.89
N SER E 224 7.16 -22.72 -50.85
CA SER E 224 7.34 -23.88 -51.71
C SER E 224 7.98 -25.03 -50.96
N GLY E 225 8.95 -24.75 -50.08
CA GLY E 225 9.60 -25.78 -49.32
C GLY E 225 10.23 -25.24 -48.06
N HIS E 226 10.76 -26.14 -47.25
CA HIS E 226 11.44 -25.80 -46.02
C HIS E 226 12.86 -25.32 -46.32
N VAL E 227 13.24 -24.19 -45.73
CA VAL E 227 14.58 -23.63 -45.89
C VAL E 227 15.15 -23.36 -44.50
N LEU E 228 16.16 -24.13 -44.12
CA LEU E 228 16.92 -23.90 -42.89
C LEU E 228 18.38 -23.73 -43.28
N LEU E 229 18.98 -22.61 -42.87
CA LEU E 229 20.37 -22.30 -43.18
C LEU E 229 21.15 -22.05 -41.91
N GLU E 230 22.29 -22.71 -41.76
CA GLU E 230 23.28 -22.32 -40.76
C GLU E 230 24.29 -21.40 -41.41
N VAL E 231 24.66 -20.34 -40.70
CA VAL E 231 25.49 -19.27 -41.25
C VAL E 231 26.69 -19.11 -40.34
N VAL E 232 27.87 -19.44 -40.86
CA VAL E 232 29.13 -19.34 -40.12
C VAL E 232 30.01 -18.32 -40.83
N ALA E 233 30.43 -17.29 -40.10
CA ALA E 233 31.27 -16.24 -40.64
C ALA E 233 32.60 -16.24 -39.90
N PHE E 234 33.69 -16.18 -40.67
CA PHE E 234 35.05 -16.12 -40.11
C PHE E 234 35.64 -14.75 -40.43
N ALA E 235 36.10 -14.06 -39.41
CA ALA E 235 36.74 -12.75 -39.57
C ALA E 235 38.12 -12.77 -38.93
N ARG E 236 39.15 -12.53 -39.74
CA ARG E 236 40.52 -12.44 -39.27
C ARG E 236 40.72 -11.04 -38.70
N ILE E 237 40.70 -10.93 -37.38
CA ILE E 237 40.79 -9.64 -36.71
C ILE E 237 42.20 -9.42 -36.19
N GLY E 238 42.68 -10.33 -35.35
CA GLY E 238 43.99 -10.21 -34.76
C GLY E 238 44.11 -11.04 -33.51
N ASP E 239 45.35 -11.25 -33.10
CA ASP E 239 45.65 -12.09 -31.95
C ASP E 239 45.26 -11.36 -30.66
N GLY E 240 44.26 -11.88 -29.96
CA GLY E 240 43.85 -11.33 -28.70
C GLY E 240 43.08 -10.02 -28.79
N GLN E 241 42.52 -9.70 -29.94
CA GLN E 241 41.78 -8.45 -30.10
C GLN E 241 40.41 -8.55 -29.45
N GLU E 242 39.72 -7.42 -29.38
CA GLU E 242 38.43 -7.30 -28.71
C GLU E 242 37.30 -7.53 -29.70
N VAL E 243 36.39 -8.44 -29.38
CA VAL E 243 35.15 -8.57 -30.13
C VAL E 243 34.02 -7.88 -29.38
N PHE E 244 32.91 -7.65 -30.09
CA PHE E 244 31.83 -6.81 -29.60
C PHE E 244 30.52 -7.58 -29.67
N PRO E 245 30.17 -8.33 -28.64
CA PRO E 245 28.86 -8.99 -28.61
C PRO E 245 27.76 -8.01 -28.26
N SER E 246 26.54 -8.56 -28.15
CA SER E 246 25.39 -7.74 -27.79
C SER E 246 25.49 -7.30 -26.34
N GLN E 247 24.98 -6.11 -26.05
CA GLN E 247 25.07 -5.54 -24.72
C GLN E 247 23.72 -5.59 -24.03
N GLU E 248 23.72 -6.02 -22.78
CA GLU E 248 22.50 -6.13 -21.99
C GLU E 248 22.27 -4.85 -21.21
N LEU E 249 21.32 -4.85 -20.28
CA LEU E 249 21.08 -3.74 -19.38
C LEU E 249 21.40 -4.13 -17.94
N ILE E 250 21.68 -3.12 -17.12
CA ILE E 250 22.02 -3.29 -15.71
C ILE E 250 20.97 -2.57 -14.90
N LEU E 251 20.43 -3.25 -13.88
CA LEU E 251 19.44 -2.63 -13.01
C LEU E 251 20.06 -1.58 -12.10
N ASP E 252 21.38 -1.59 -11.94
CA ASP E 252 22.14 -0.61 -11.16
C ASP E 252 21.67 -0.59 -9.70
N LYS E 253 21.79 -1.75 -9.04
CA LYS E 253 21.44 -1.91 -7.65
C LYS E 253 22.66 -2.10 -6.75
N GLY E 254 23.86 -1.94 -7.29
CA GLY E 254 25.10 -2.13 -6.56
C GLY E 254 25.66 -0.85 -6.00
N ASP E 255 26.96 -0.87 -5.72
CA ASP E 255 27.64 0.28 -5.14
C ASP E 255 28.25 1.14 -6.25
N LYS E 256 28.99 2.17 -5.85
CA LYS E 256 29.61 3.10 -6.79
C LYS E 256 31.04 2.70 -7.15
N LYS E 257 31.62 1.70 -6.48
CA LYS E 257 32.92 1.19 -6.88
C LYS E 257 32.80 0.08 -7.92
N GLY E 258 32.06 -0.98 -7.60
CA GLY E 258 31.71 -1.99 -8.58
C GLY E 258 30.39 -1.67 -9.25
N GLN E 259 30.37 -0.62 -10.06
CA GLN E 259 29.14 -0.15 -10.68
C GLN E 259 28.55 -1.16 -11.65
N LYS E 260 29.38 -2.01 -12.27
CA LYS E 260 28.97 -2.90 -13.34
C LYS E 260 28.28 -2.12 -14.46
N SER E 261 29.02 -1.19 -15.06
CA SER E 261 28.44 -0.25 -16.02
C SER E 261 28.24 -0.87 -17.40
N LYS E 262 28.73 -2.08 -17.63
CA LYS E 262 28.61 -2.71 -18.94
C LYS E 262 28.59 -4.23 -18.78
N THR E 263 27.54 -4.86 -19.28
CA THR E 263 27.45 -6.31 -19.34
C THR E 263 27.13 -6.74 -20.77
N LEU E 264 27.63 -7.91 -21.14
CA LEU E 264 27.52 -8.42 -22.50
C LEU E 264 26.66 -9.67 -22.52
N TYR E 265 26.01 -9.91 -23.67
CA TYR E 265 25.09 -11.02 -23.80
C TYR E 265 25.85 -12.33 -23.98
N SER E 266 25.38 -13.36 -23.28
CA SER E 266 25.90 -14.71 -23.42
C SER E 266 24.79 -15.68 -23.05
N VAL E 267 24.87 -16.91 -23.57
CA VAL E 267 23.84 -17.90 -23.23
C VAL E 267 24.40 -18.94 -22.25
N ARG E 268 25.52 -19.60 -22.59
CA ARG E 268 26.20 -20.52 -21.68
C ARG E 268 27.70 -20.26 -21.78
N ASP E 269 28.16 -19.27 -21.01
CA ASP E 269 29.59 -18.91 -20.91
C ASP E 269 30.23 -18.64 -22.27
N ALA E 270 29.42 -18.18 -23.23
CA ALA E 270 29.90 -17.96 -24.60
C ALA E 270 29.30 -16.65 -25.09
N ALA E 271 30.16 -15.70 -25.46
CA ALA E 271 29.71 -14.41 -25.95
C ALA E 271 28.84 -14.58 -27.19
N ALA E 272 27.73 -13.85 -27.23
CA ALA E 272 26.73 -14.04 -28.26
C ALA E 272 26.16 -12.71 -28.71
N ILE E 273 25.56 -12.73 -29.89
CA ILE E 273 24.85 -11.58 -30.45
C ILE E 273 23.36 -11.87 -30.40
N HIS E 274 22.57 -10.87 -30.03
CA HIS E 274 21.12 -11.03 -29.96
C HIS E 274 20.56 -11.38 -31.34
N SER E 275 19.50 -12.20 -31.34
CA SER E 275 18.90 -12.62 -32.60
C SER E 275 18.24 -11.43 -33.31
N GLN E 276 17.66 -10.51 -32.56
CA GLN E 276 17.04 -9.35 -33.18
C GLN E 276 18.07 -8.43 -33.84
N LYS E 277 19.31 -8.43 -33.34
CA LYS E 277 20.36 -7.66 -34.00
C LYS E 277 20.76 -8.30 -35.33
N ILE E 278 20.84 -9.62 -35.37
CA ILE E 278 21.09 -10.33 -36.63
C ILE E 278 19.95 -10.08 -37.61
N GLY E 279 18.71 -10.08 -37.11
CA GLY E 279 17.58 -9.81 -37.98
C GLY E 279 17.56 -8.38 -38.50
N ASN E 280 17.98 -7.42 -37.68
CA ASN E 280 18.11 -6.04 -38.13
C ASN E 280 19.19 -5.91 -39.20
N ALA E 281 20.31 -6.63 -39.04
CA ALA E 281 21.35 -6.60 -40.06
C ALA E 281 20.88 -7.27 -41.35
N LEU E 282 20.02 -8.28 -41.24
CA LEU E 282 19.50 -8.94 -42.44
C LEU E 282 18.44 -8.09 -43.14
N ARG E 283 17.72 -7.25 -42.40
CA ARG E 283 16.68 -6.42 -42.99
C ARG E 283 17.23 -5.20 -43.72
N THR E 284 18.55 -4.96 -43.68
CA THR E 284 19.15 -3.75 -44.25
C THR E 284 19.17 -3.89 -45.78
N ILE E 285 17.97 -3.73 -46.36
CA ILE E 285 17.79 -3.90 -47.80
C ILE E 285 17.10 -2.67 -48.38
N ASP E 286 16.66 -1.77 -47.50
CA ASP E 286 15.87 -0.62 -47.94
C ASP E 286 16.74 0.44 -48.60
N THR E 287 16.80 0.43 -49.93
CA THR E 287 17.50 1.44 -50.70
C THR E 287 16.55 2.35 -51.47
N TRP E 288 15.31 2.48 -51.01
CA TRP E 288 14.29 3.21 -51.77
C TRP E 288 13.70 4.37 -50.99
N TYR E 289 14.33 4.76 -49.88
CA TYR E 289 13.81 5.86 -49.09
C TYR E 289 13.99 7.19 -49.85
N PRO E 290 13.10 8.17 -49.61
CA PRO E 290 13.14 9.41 -50.40
C PRO E 290 14.44 10.19 -50.29
N ASP E 291 15.14 10.11 -49.16
CA ASP E 291 16.41 10.80 -49.03
C ASP E 291 17.47 10.14 -49.93
N GLU E 292 18.57 10.86 -50.12
CA GLU E 292 19.63 10.37 -50.99
C GLU E 292 20.26 9.11 -50.43
N ASP E 293 20.51 8.13 -51.32
CA ASP E 293 20.99 6.81 -50.94
C ASP E 293 22.51 6.75 -50.85
N GLY E 294 23.17 7.88 -50.67
CA GLY E 294 24.61 7.86 -50.41
C GLY E 294 24.98 7.23 -49.09
N LEU E 295 24.05 7.23 -48.13
CA LEU E 295 24.25 6.46 -46.90
C LEU E 295 24.27 4.96 -47.20
N GLY E 296 23.39 4.52 -48.08
CA GLY E 296 23.29 3.12 -48.43
C GLY E 296 22.00 2.50 -47.95
N PRO E 297 21.94 1.17 -47.91
CA PRO E 297 20.74 0.50 -47.42
C PRO E 297 20.52 0.73 -45.93
N ILE E 298 19.25 0.72 -45.53
CA ILE E 298 18.86 0.81 -44.13
C ILE E 298 17.93 -0.36 -43.83
N ALA E 299 17.75 -0.62 -42.54
CA ALA E 299 16.90 -1.73 -42.12
C ALA E 299 15.44 -1.43 -42.45
N VAL E 300 14.75 -2.43 -42.98
CA VAL E 300 13.33 -2.27 -43.31
C VAL E 300 12.53 -2.19 -42.02
N GLU E 301 11.76 -1.12 -41.87
CA GLU E 301 10.95 -0.86 -40.69
C GLU E 301 10.02 0.29 -41.01
N PRO E 302 8.85 0.36 -40.35
CA PRO E 302 7.96 1.51 -40.54
C PRO E 302 8.65 2.80 -40.12
N TYR E 303 8.36 3.86 -40.87
CA TYR E 303 8.94 5.19 -40.72
C TYR E 303 10.45 5.22 -40.88
N GLY E 304 11.06 4.18 -41.46
CA GLY E 304 12.48 4.08 -41.77
C GLY E 304 13.45 4.64 -40.75
N SER E 305 13.22 4.33 -39.48
CA SER E 305 13.89 5.00 -38.37
C SER E 305 15.16 4.25 -38.00
N VAL E 306 16.31 4.82 -38.35
CA VAL E 306 17.60 4.25 -38.01
C VAL E 306 18.09 4.87 -36.71
N THR E 307 18.56 4.03 -35.79
CA THR E 307 19.00 4.51 -34.48
C THR E 307 20.35 5.21 -34.56
N SER E 308 21.20 4.83 -35.53
CA SER E 308 22.53 5.41 -35.62
C SER E 308 22.48 6.91 -35.90
N GLN E 309 21.75 7.32 -36.94
CA GLN E 309 21.60 8.73 -37.24
C GLN E 309 20.48 9.41 -36.46
N GLY E 310 19.64 8.63 -35.76
CA GLY E 310 18.59 9.19 -34.95
C GLY E 310 17.51 9.93 -35.70
N LYS E 311 17.40 9.73 -37.02
CA LYS E 311 16.41 10.39 -37.84
C LYS E 311 15.55 9.34 -38.53
N ALA E 312 14.48 9.80 -39.17
CA ALA E 312 13.55 8.92 -39.86
C ALA E 312 13.49 9.30 -41.33
N TYR E 313 14.14 8.49 -42.18
CA TYR E 313 13.79 8.50 -43.59
C TYR E 313 12.42 7.86 -43.74
N ARG E 314 11.75 8.18 -44.85
CA ARG E 314 10.35 7.80 -45.08
C ARG E 314 9.44 8.34 -43.97
N GLN E 315 9.44 9.66 -43.82
CA GLN E 315 8.51 10.30 -42.91
C GLN E 315 7.08 10.14 -43.41
N PRO E 316 6.10 10.10 -42.50
CA PRO E 316 4.69 10.10 -42.95
C PRO E 316 4.29 11.36 -43.67
N LYS E 317 5.02 12.46 -43.50
CA LYS E 317 4.68 13.70 -44.20
C LYS E 317 4.94 13.60 -45.70
N GLN E 318 6.00 12.91 -46.11
CA GLN E 318 6.28 12.68 -47.52
C GLN E 318 5.56 11.46 -48.08
N LYS E 319 4.64 10.87 -47.31
CA LYS E 319 3.71 9.82 -47.77
C LYS E 319 4.45 8.58 -48.29
N LEU E 320 5.65 8.31 -47.79
CA LEU E 320 6.41 7.14 -48.19
C LEU E 320 6.67 6.17 -47.05
N ASP E 321 6.00 6.34 -45.91
CA ASP E 321 6.09 5.37 -44.84
C ASP E 321 5.31 4.11 -45.20
N PHE E 322 5.49 3.08 -44.36
CA PHE E 322 4.81 1.80 -44.62
C PHE E 322 3.30 1.92 -44.51
N TYR E 323 2.82 2.68 -43.54
CA TYR E 323 1.39 2.67 -43.23
C TYR E 323 0.58 3.35 -44.33
N THR E 324 1.03 4.53 -44.79
CA THR E 324 0.32 5.23 -45.85
C THR E 324 0.35 4.45 -47.16
N LEU E 325 1.51 3.86 -47.49
CA LEU E 325 1.61 3.05 -48.69
C LEU E 325 0.69 1.83 -48.64
N LEU E 326 0.66 1.15 -47.49
CA LEU E 326 -0.22 -0.01 -47.34
C LEU E 326 -1.69 0.39 -47.44
N ASP E 327 -2.07 1.49 -46.78
CA ASP E 327 -3.45 1.94 -46.81
C ASP E 327 -3.88 2.34 -48.22
N ASN E 328 -3.01 3.04 -48.95
CA ASN E 328 -3.34 3.42 -50.32
C ASN E 328 -3.38 2.20 -51.25
N TRP E 329 -2.49 1.23 -51.04
CA TRP E 329 -2.45 0.06 -51.90
C TRP E 329 -3.66 -0.83 -51.68
N VAL E 330 -4.09 -1.01 -50.43
CA VAL E 330 -5.15 -1.95 -50.12
C VAL E 330 -6.53 -1.30 -50.22
N LEU E 331 -6.70 -0.15 -49.56
CA LEU E 331 -8.03 0.47 -49.49
C LEU E 331 -8.38 1.19 -50.79
N ARG E 332 -7.54 2.15 -51.19
CA ARG E 332 -7.80 2.95 -52.38
C ARG E 332 -7.37 2.26 -53.68
N ASP E 333 -6.74 1.08 -53.58
CA ASP E 333 -6.23 0.34 -54.74
C ASP E 333 -5.20 1.16 -55.53
N GLU E 334 -4.50 2.07 -54.85
CA GLU E 334 -3.45 2.87 -55.48
C GLU E 334 -2.12 2.16 -55.28
N ALA E 335 -1.76 1.33 -56.24
CA ALA E 335 -0.51 0.59 -56.15
C ALA E 335 0.67 1.56 -56.29
N PRO E 336 1.61 1.55 -55.35
CA PRO E 336 2.78 2.44 -55.45
C PRO E 336 3.78 1.90 -56.48
N ALA E 337 4.94 2.54 -56.52
CA ALA E 337 6.03 2.05 -57.35
C ALA E 337 6.48 0.67 -56.87
N VAL E 338 7.10 -0.08 -57.79
CA VAL E 338 7.49 -1.45 -57.48
C VAL E 338 8.52 -1.48 -56.35
N GLU E 339 9.35 -0.45 -56.24
CA GLU E 339 10.28 -0.35 -55.12
C GLU E 339 9.53 -0.15 -53.81
N GLN E 340 8.51 0.70 -53.80
CA GLN E 340 7.77 0.97 -52.58
C GLN E 340 6.95 -0.24 -52.14
N GLN E 341 6.43 -1.00 -53.11
CA GLN E 341 5.71 -2.22 -52.73
C GLN E 341 6.68 -3.32 -52.32
N HIS E 342 7.91 -3.32 -52.85
CA HIS E 342 8.95 -4.19 -52.31
C HIS E 342 9.21 -3.86 -50.85
N TYR E 343 9.27 -2.57 -50.52
CA TYR E 343 9.46 -2.14 -49.14
C TYR E 343 8.29 -2.55 -48.25
N VAL E 344 7.07 -2.43 -48.76
CA VAL E 344 5.89 -2.81 -47.99
C VAL E 344 5.88 -4.31 -47.73
N ILE E 345 6.19 -5.12 -48.74
CA ILE E 345 6.22 -6.57 -48.54
C ILE E 345 7.37 -6.97 -47.63
N ALA E 346 8.49 -6.24 -47.65
CA ALA E 346 9.55 -6.50 -46.69
C ALA E 346 9.10 -6.18 -45.27
N ASN E 347 8.29 -5.13 -45.11
CA ASN E 347 7.71 -4.84 -43.80
C ASN E 347 6.74 -5.92 -43.35
N LEU E 348 6.03 -6.52 -44.30
CA LEU E 348 5.18 -7.67 -43.96
C LEU E 348 6.02 -8.89 -43.59
N ILE E 349 7.20 -9.02 -44.20
CA ILE E 349 8.09 -10.13 -43.89
C ILE E 349 8.67 -10.00 -42.49
N ARG E 350 9.09 -8.78 -42.11
CA ARG E 350 9.69 -8.58 -40.80
C ARG E 350 8.69 -8.74 -39.65
N GLY E 351 7.39 -8.69 -39.93
CA GLY E 351 6.39 -8.78 -38.89
C GLY E 351 6.17 -7.45 -38.19
N GLY E 352 5.18 -7.44 -37.31
CA GLY E 352 4.90 -6.23 -36.57
C GLY E 352 3.56 -6.31 -35.86
N VAL E 353 3.25 -5.23 -35.16
CA VAL E 353 2.05 -5.09 -34.34
C VAL E 353 1.26 -3.95 -34.99
N PHE E 354 1.28 -3.92 -36.32
CA PHE E 354 0.61 -2.87 -37.07
C PHE E 354 -0.87 -2.80 -36.73
N GLY E 355 -1.43 -1.60 -36.78
CA GLY E 355 -2.83 -1.41 -36.48
C GLY E 355 -3.08 -0.83 -35.10
N GLU E 356 -3.39 0.46 -35.05
CA GLU E 356 -3.69 1.14 -33.80
C GLU E 356 -5.18 0.96 -33.50
N ALA E 357 -5.68 1.59 -32.45
CA ALA E 357 -7.09 1.52 -32.06
C ALA E 357 -8.03 1.98 -33.17
N ILE F 23 -43.96 -26.84 -17.49
CA ILE F 23 -43.58 -26.21 -18.75
C ILE F 23 -42.13 -26.58 -19.06
N LEU F 24 -41.41 -27.02 -18.04
CA LEU F 24 -40.01 -27.47 -18.13
C LEU F 24 -39.12 -26.36 -18.68
N SER F 25 -38.98 -25.31 -17.86
CA SER F 25 -38.04 -24.26 -18.15
C SER F 25 -36.61 -24.72 -17.84
N THR F 26 -35.64 -23.95 -18.32
CA THR F 26 -34.24 -24.30 -18.11
C THR F 26 -33.80 -23.95 -16.69
N ALA F 27 -32.73 -24.61 -16.25
CA ALA F 27 -32.24 -24.39 -14.90
C ALA F 27 -31.35 -23.16 -14.84
N SER F 28 -31.41 -22.45 -13.70
CA SER F 28 -30.60 -21.25 -13.53
C SER F 28 -29.13 -21.61 -13.29
N VAL F 29 -28.88 -22.73 -12.61
CA VAL F 29 -27.52 -23.19 -12.34
C VAL F 29 -27.29 -24.45 -13.18
N LEU F 30 -26.37 -24.35 -14.14
CA LEU F 30 -26.09 -25.46 -15.05
C LEU F 30 -24.57 -25.62 -15.23
N ALA F 31 -23.86 -25.67 -14.12
CA ALA F 31 -22.41 -25.84 -14.18
C ALA F 31 -22.05 -27.25 -14.64
N PHE F 32 -21.00 -27.34 -15.46
CA PHE F 32 -20.50 -28.61 -15.97
C PHE F 32 -19.00 -28.70 -15.71
N GLU F 33 -18.53 -29.91 -15.46
CA GLU F 33 -17.10 -30.16 -15.35
C GLU F 33 -16.55 -30.67 -16.66
N ARG F 34 -15.29 -30.36 -16.93
CA ARG F 34 -14.68 -30.67 -18.21
C ARG F 34 -14.19 -32.11 -18.25
N LYS F 35 -14.40 -32.76 -19.40
CA LYS F 35 -13.69 -33.96 -19.75
C LYS F 35 -12.44 -33.57 -20.54
N LEU F 36 -11.61 -34.56 -20.86
CA LEU F 36 -10.36 -34.37 -21.58
C LEU F 36 -9.44 -33.39 -20.84
N ASP F 37 -9.00 -33.80 -19.65
CA ASP F 37 -8.17 -32.95 -18.81
C ASP F 37 -6.70 -33.09 -19.18
N PRO F 38 -6.06 -32.04 -19.72
CA PRO F 38 -4.63 -32.11 -20.00
C PRO F 38 -3.79 -31.52 -18.88
N SER F 39 -2.53 -31.92 -18.80
CA SER F 39 -1.61 -31.31 -17.87
C SER F 39 -0.82 -30.20 -18.55
N ASP F 40 0.02 -29.52 -17.77
CA ASP F 40 0.96 -28.58 -18.36
C ASP F 40 1.98 -29.33 -19.20
N ALA F 41 2.28 -28.80 -20.38
CA ALA F 41 3.14 -29.49 -21.33
C ALA F 41 4.55 -28.91 -21.20
N LEU F 42 5.51 -29.77 -20.81
CA LEU F 42 6.86 -29.32 -20.57
C LEU F 42 7.72 -29.44 -21.81
N MET F 43 8.57 -28.43 -22.03
CA MET F 43 9.40 -28.33 -23.22
C MET F 43 10.83 -28.72 -22.87
N SER F 44 11.35 -29.71 -23.58
CA SER F 44 12.74 -30.14 -23.48
C SER F 44 13.34 -30.17 -24.89
N ALA F 45 14.65 -30.36 -24.96
CA ALA F 45 15.36 -30.16 -26.21
C ALA F 45 16.39 -31.26 -26.43
N GLY F 46 16.71 -31.48 -27.70
CA GLY F 46 17.65 -32.53 -28.06
C GLY F 46 17.83 -32.60 -29.56
N ALA F 47 18.40 -33.70 -30.01
CA ALA F 47 18.72 -33.90 -31.42
C ALA F 47 17.84 -34.98 -32.02
N TRP F 48 17.48 -34.77 -33.29
CA TRP F 48 16.76 -35.78 -34.05
C TRP F 48 17.60 -37.05 -34.17
N ALA F 49 16.90 -38.20 -34.27
CA ALA F 49 17.41 -39.56 -34.35
C ALA F 49 17.97 -40.07 -33.03
N GLN F 50 18.00 -39.21 -32.01
CA GLN F 50 18.16 -39.65 -30.62
C GLN F 50 16.90 -39.40 -29.80
N ARG F 51 15.75 -39.25 -30.46
CA ARG F 51 14.51 -39.00 -29.74
C ARG F 51 13.92 -40.28 -29.14
N ASP F 52 14.45 -41.44 -29.51
CA ASP F 52 14.06 -42.68 -28.85
C ASP F 52 14.65 -42.80 -27.46
N ALA F 53 15.68 -42.00 -27.14
CA ALA F 53 16.29 -41.94 -25.83
C ALA F 53 16.19 -40.52 -25.27
N SER F 54 15.00 -39.94 -25.42
CA SER F 54 14.74 -38.55 -25.04
C SER F 54 14.23 -38.41 -23.62
N GLN F 55 14.25 -39.50 -22.84
CA GLN F 55 13.79 -39.44 -21.46
C GLN F 55 14.68 -38.61 -20.55
N GLU F 56 15.93 -38.37 -20.94
CA GLU F 56 16.87 -37.57 -20.17
C GLU F 56 17.30 -36.31 -20.90
N TRP F 57 16.48 -35.84 -21.85
CA TRP F 57 16.81 -34.61 -22.55
C TRP F 57 16.74 -33.42 -21.60
N PRO F 58 17.68 -32.47 -21.71
CA PRO F 58 17.61 -31.29 -20.84
C PRO F 58 16.41 -30.42 -21.17
N ALA F 59 15.86 -29.79 -20.15
CA ALA F 59 14.68 -28.95 -20.32
C ALA F 59 15.05 -27.63 -20.98
N VAL F 60 14.09 -27.06 -21.69
CA VAL F 60 14.25 -25.74 -22.28
C VAL F 60 14.07 -24.70 -21.17
N THR F 61 15.06 -23.84 -20.98
CA THR F 61 15.08 -22.89 -19.88
C THR F 61 14.69 -21.51 -20.38
N VAL F 62 13.80 -20.84 -19.65
CA VAL F 62 13.40 -19.48 -19.96
C VAL F 62 14.43 -18.55 -19.36
N ARG F 63 15.04 -17.71 -20.20
CA ARG F 63 16.08 -16.78 -19.78
C ARG F 63 15.72 -15.37 -20.26
N GLU F 64 16.58 -14.42 -19.88
CA GLU F 64 16.36 -13.00 -20.16
C GLU F 64 17.33 -12.53 -21.24
N LYS F 65 16.83 -11.66 -22.12
CA LYS F 65 17.67 -10.93 -23.06
C LYS F 65 17.11 -9.53 -23.20
N SER F 66 17.93 -8.63 -23.72
CA SER F 66 17.55 -7.23 -23.89
C SER F 66 17.17 -6.98 -25.33
N VAL F 67 16.09 -6.21 -25.52
CA VAL F 67 15.63 -5.80 -26.84
C VAL F 67 15.60 -4.28 -26.89
N ARG F 68 16.03 -3.72 -28.02
CA ARG F 68 15.94 -2.29 -28.28
C ARG F 68 15.06 -2.08 -29.50
N GLY F 69 14.04 -1.24 -29.36
CA GLY F 69 13.07 -1.05 -30.41
C GLY F 69 12.96 0.41 -30.81
N THR F 70 12.50 0.61 -32.04
CA THR F 70 12.22 1.93 -32.59
C THR F 70 10.72 2.19 -32.55
N ILE F 71 10.31 3.29 -33.16
CA ILE F 71 8.90 3.61 -33.29
C ILE F 71 8.36 2.86 -34.50
N SER F 72 7.56 1.82 -34.25
CA SER F 72 7.04 0.99 -35.33
C SER F 72 5.52 0.85 -35.30
N ASN F 73 4.85 1.59 -34.42
CA ASN F 73 3.40 1.57 -34.33
C ASN F 73 2.80 2.79 -35.02
N ARG F 74 1.49 2.73 -35.25
CA ARG F 74 0.80 3.82 -35.91
C ARG F 74 0.78 5.06 -35.01
N LEU F 75 0.84 6.23 -35.63
CA LEU F 75 0.77 7.51 -34.92
C LEU F 75 -0.55 8.20 -35.25
N LYS F 76 -1.12 8.85 -34.26
CA LYS F 76 -2.49 9.40 -34.36
C LYS F 76 -2.51 10.83 -34.87
N THR F 77 -1.81 11.10 -35.98
CA THR F 77 -1.89 12.33 -36.78
C THR F 77 -1.33 13.55 -36.03
N LYS F 78 -1.00 13.38 -34.74
CA LYS F 78 -0.35 14.42 -33.96
C LYS F 78 1.07 14.06 -33.59
N ASP F 79 1.42 12.78 -33.58
CA ASP F 79 2.78 12.31 -33.38
C ASP F 79 3.53 12.13 -34.69
N ARG F 80 2.90 12.45 -35.82
CA ARG F 80 3.53 12.28 -37.12
C ARG F 80 4.41 13.47 -37.51
N ASP F 81 4.56 14.46 -36.62
CA ASP F 81 5.47 15.56 -36.89
C ASP F 81 6.90 15.04 -36.96
N PRO F 82 7.69 15.47 -37.95
CA PRO F 82 9.08 14.97 -38.07
C PRO F 82 9.93 15.25 -36.85
N ALA F 83 9.76 16.41 -36.22
CA ALA F 83 10.54 16.71 -35.02
C ALA F 83 10.15 15.79 -33.87
N LYS F 84 8.84 15.61 -33.66
CA LYS F 84 8.37 14.73 -32.59
C LYS F 84 8.73 13.27 -32.86
N LEU F 85 8.64 12.84 -34.12
CA LEU F 85 9.01 11.47 -34.47
C LEU F 85 10.50 11.24 -34.25
N ASP F 86 11.33 12.20 -34.67
CA ASP F 86 12.77 12.07 -34.44
C ASP F 86 13.11 12.09 -32.96
N ALA F 87 12.43 12.93 -32.18
CA ALA F 87 12.65 12.95 -30.73
C ALA F 87 12.26 11.63 -30.10
N SER F 88 11.19 11.01 -30.58
CA SER F 88 10.84 9.67 -30.12
C SER F 88 11.88 8.63 -30.53
N ILE F 89 12.53 8.84 -31.67
CA ILE F 89 13.64 7.96 -32.06
C ILE F 89 14.81 8.11 -31.10
N GLN F 90 15.14 9.33 -30.69
CA GLN F 90 16.29 9.54 -29.81
C GLN F 90 16.10 8.96 -28.41
N SER F 91 14.90 8.54 -28.04
CA SER F 91 14.62 7.90 -26.76
C SER F 91 13.96 6.55 -27.05
N PRO F 92 14.73 5.54 -27.41
CA PRO F 92 14.14 4.22 -27.69
C PRO F 92 13.69 3.52 -26.42
N ASN F 93 12.75 2.59 -26.59
CA ASN F 93 12.24 1.82 -25.47
C ASN F 93 13.16 0.64 -25.17
N LEU F 94 13.77 0.66 -23.98
CA LEU F 94 14.63 -0.41 -23.52
C LEU F 94 13.84 -1.30 -22.57
N GLN F 95 13.84 -2.61 -22.84
CA GLN F 95 13.16 -3.55 -21.96
C GLN F 95 13.79 -4.92 -22.10
N THR F 96 13.56 -5.75 -21.10
CA THR F 96 13.98 -7.15 -21.10
C THR F 96 12.78 -8.03 -21.38
N VAL F 97 13.02 -9.13 -22.08
CA VAL F 97 11.96 -10.06 -22.46
C VAL F 97 12.36 -11.47 -22.05
N ASP F 98 11.39 -12.26 -21.61
CA ASP F 98 11.63 -13.68 -21.40
C ASP F 98 11.66 -14.38 -22.75
N VAL F 99 12.72 -15.13 -23.00
CA VAL F 99 12.93 -15.78 -24.29
C VAL F 99 13.33 -17.23 -24.04
N ALA F 100 12.78 -18.13 -24.85
CA ALA F 100 13.10 -19.55 -24.80
C ALA F 100 13.69 -19.95 -26.14
N ASN F 101 14.88 -20.56 -26.11
CA ASN F 101 15.59 -20.95 -27.30
C ASN F 101 16.08 -22.38 -27.15
N LEU F 102 16.22 -23.08 -28.26
CA LEU F 102 16.89 -24.37 -28.24
C LEU F 102 18.39 -24.18 -28.05
N PRO F 103 19.09 -25.17 -27.53
CA PRO F 103 20.56 -25.12 -27.52
C PRO F 103 21.11 -25.14 -28.94
N SER F 104 22.31 -24.58 -29.10
CA SER F 104 22.91 -24.47 -30.41
C SER F 104 23.32 -25.81 -31.00
N ASP F 105 23.37 -26.86 -30.18
CA ASP F 105 23.65 -28.22 -30.64
C ASP F 105 22.41 -29.09 -30.70
N ALA F 106 21.23 -28.52 -30.47
CA ALA F 106 19.97 -29.27 -30.46
C ALA F 106 19.00 -28.62 -31.45
N ASP F 107 18.40 -29.43 -32.31
CA ASP F 107 17.46 -28.95 -33.30
C ASP F 107 16.04 -29.46 -33.09
N THR F 108 15.83 -30.40 -32.17
CA THR F 108 14.53 -31.02 -31.94
C THR F 108 13.97 -30.53 -30.61
N LEU F 109 12.70 -30.12 -30.63
CA LEU F 109 11.98 -29.71 -29.43
C LEU F 109 11.02 -30.82 -29.01
N LYS F 110 11.13 -31.24 -27.75
CA LYS F 110 10.25 -32.25 -27.18
C LYS F 110 9.26 -31.59 -26.23
N VAL F 111 7.98 -31.88 -26.45
CA VAL F 111 6.90 -31.36 -25.60
C VAL F 111 6.06 -32.54 -25.15
N ARG F 112 5.92 -32.71 -23.83
CA ARG F 112 5.28 -33.86 -23.24
C ARG F 112 4.20 -33.40 -22.26
N PHE F 113 3.00 -33.98 -22.39
CA PHE F 113 1.94 -33.77 -21.41
C PHE F 113 1.15 -35.07 -21.30
N THR F 114 0.30 -35.14 -20.28
CA THR F 114 -0.58 -36.29 -20.08
C THR F 114 -2.03 -35.84 -20.20
N LEU F 115 -2.85 -36.67 -20.81
CA LEU F 115 -4.26 -36.37 -21.03
C LEU F 115 -5.11 -37.44 -20.37
N ARG F 116 -6.13 -37.02 -19.64
CA ARG F 116 -7.06 -37.93 -18.97
C ARG F 116 -8.47 -37.69 -19.51
N VAL F 117 -9.12 -38.76 -19.95
CA VAL F 117 -10.48 -38.69 -20.49
C VAL F 117 -11.40 -39.30 -19.45
N LEU F 118 -12.43 -38.55 -19.04
CA LEU F 118 -13.20 -38.91 -17.86
C LEU F 118 -14.45 -39.74 -18.16
N GLY F 119 -15.38 -39.18 -18.93
CA GLY F 119 -16.66 -39.83 -19.10
C GLY F 119 -17.73 -39.25 -18.18
N GLY F 120 -18.97 -39.30 -18.65
CA GLY F 120 -20.06 -38.66 -17.93
C GLY F 120 -20.28 -37.23 -18.35
N ALA F 121 -20.30 -36.97 -19.66
CA ALA F 121 -20.32 -35.60 -20.16
C ALA F 121 -21.67 -34.92 -19.97
N GLY F 122 -22.77 -35.68 -20.09
CA GLY F 122 -24.08 -35.07 -20.04
C GLY F 122 -24.55 -34.74 -18.63
N THR F 123 -23.85 -35.27 -17.63
CA THR F 123 -24.24 -35.03 -16.24
C THR F 123 -23.67 -33.71 -15.75
N PRO F 124 -24.49 -32.74 -15.36
CA PRO F 124 -23.95 -31.48 -14.84
C PRO F 124 -23.38 -31.67 -13.43
N SER F 125 -22.47 -30.76 -13.08
CA SER F 125 -21.91 -30.78 -11.73
C SER F 125 -22.83 -30.07 -10.74
N ALA F 126 -23.61 -29.11 -11.22
CA ALA F 126 -24.60 -28.41 -10.42
C ALA F 126 -25.84 -28.16 -11.27
N CYS F 127 -27.01 -28.46 -10.70
CA CYS F 127 -28.26 -28.31 -11.43
C CYS F 127 -29.37 -27.91 -10.47
N ASN F 128 -30.01 -26.77 -10.73
CA ASN F 128 -31.10 -26.30 -9.89
C ASN F 128 -32.34 -27.17 -10.02
N ASP F 129 -32.75 -27.47 -11.26
CA ASP F 129 -34.00 -28.15 -11.53
C ASP F 129 -33.76 -29.64 -11.72
N ALA F 130 -34.54 -30.46 -11.02
CA ALA F 130 -34.41 -31.90 -11.16
C ALA F 130 -35.04 -32.40 -12.45
N ALA F 131 -36.17 -31.80 -12.85
CA ALA F 131 -36.83 -32.21 -14.09
C ALA F 131 -35.97 -31.85 -15.30
N TYR F 132 -35.37 -30.65 -15.30
CA TYR F 132 -34.45 -30.29 -16.37
C TYR F 132 -33.23 -31.18 -16.38
N ARG F 133 -32.73 -31.54 -15.20
CA ARG F 133 -31.63 -32.50 -15.11
C ARG F 133 -31.98 -33.83 -15.75
N ASP F 134 -33.17 -34.35 -15.44
CA ASP F 134 -33.59 -35.62 -16.01
C ASP F 134 -33.78 -35.52 -17.53
N LYS F 135 -34.38 -34.44 -18.00
CA LYS F 135 -34.58 -34.26 -19.43
C LYS F 135 -33.25 -34.16 -20.18
N LEU F 136 -32.29 -33.43 -19.61
CA LEU F 136 -30.98 -33.31 -20.23
C LEU F 136 -30.26 -34.65 -20.24
N LEU F 137 -30.38 -35.43 -19.16
CA LEU F 137 -29.77 -36.75 -19.13
C LEU F 137 -30.37 -37.67 -20.18
N GLN F 138 -31.71 -37.63 -20.35
CA GLN F 138 -32.34 -38.42 -21.41
C GLN F 138 -31.89 -37.96 -22.79
N THR F 139 -31.74 -36.65 -22.98
CA THR F 139 -31.29 -36.14 -24.28
C THR F 139 -29.89 -36.62 -24.62
N VAL F 140 -28.97 -36.54 -23.65
CA VAL F 140 -27.59 -36.98 -23.89
C VAL F 140 -27.54 -38.49 -24.07
N ALA F 141 -28.34 -39.23 -23.31
CA ALA F 141 -28.39 -40.69 -23.46
C ALA F 141 -28.94 -41.08 -24.83
N THR F 142 -29.95 -40.34 -25.31
CA THR F 142 -30.47 -40.58 -26.66
C THR F 142 -29.41 -40.30 -27.71
N TYR F 143 -28.63 -39.23 -27.53
CA TYR F 143 -27.52 -38.96 -28.43
C TYR F 143 -26.54 -40.13 -28.46
N VAL F 144 -26.07 -40.57 -27.28
CA VAL F 144 -25.05 -41.60 -27.20
C VAL F 144 -25.57 -42.92 -27.75
N ASN F 145 -26.85 -43.22 -27.52
CA ASN F 145 -27.43 -44.44 -28.08
C ASN F 145 -27.54 -44.36 -29.60
N ASP F 146 -27.92 -43.19 -30.13
CA ASP F 146 -28.01 -43.04 -31.57
C ASP F 146 -26.65 -43.10 -32.22
N GLN F 147 -25.77 -42.14 -31.89
CA GLN F 147 -24.37 -42.22 -32.28
C GLN F 147 -23.52 -41.83 -31.07
N GLY F 148 -22.64 -42.73 -30.65
CA GLY F 148 -21.87 -42.52 -29.45
C GLY F 148 -20.80 -41.46 -29.64
N PHE F 149 -19.84 -41.48 -28.72
CA PHE F 149 -18.72 -40.56 -28.79
C PHE F 149 -17.70 -41.05 -29.80
N ALA F 150 -18.09 -41.23 -31.06
CA ALA F 150 -17.21 -41.79 -32.08
C ALA F 150 -16.66 -40.72 -33.02
N GLU F 151 -17.51 -39.81 -33.49
CA GLU F 151 -17.05 -38.70 -34.33
C GLU F 151 -16.23 -37.71 -33.51
N LEU F 152 -16.73 -37.36 -32.33
CA LEU F 152 -16.02 -36.41 -31.46
C LEU F 152 -14.67 -36.97 -31.04
N ALA F 153 -14.63 -38.24 -30.64
CA ALA F 153 -13.36 -38.85 -30.25
C ALA F 153 -12.41 -38.99 -31.43
N ARG F 154 -12.95 -39.21 -32.62
CA ARG F 154 -12.09 -39.28 -33.80
C ARG F 154 -11.44 -37.94 -34.08
N ARG F 155 -12.20 -36.85 -33.93
CA ARG F 155 -11.62 -35.53 -34.16
C ARG F 155 -10.65 -35.13 -33.05
N TYR F 156 -10.95 -35.52 -31.81
CA TYR F 156 -10.01 -35.29 -30.72
C TYR F 156 -8.71 -36.08 -30.93
N ALA F 157 -8.82 -37.32 -31.42
CA ALA F 157 -7.65 -38.12 -31.73
C ALA F 157 -6.87 -37.51 -32.89
N HIS F 158 -7.57 -36.89 -33.84
CA HIS F 158 -6.88 -36.19 -34.92
C HIS F 158 -6.08 -35.01 -34.39
N ASN F 159 -6.69 -34.21 -33.50
CA ASN F 159 -5.95 -33.09 -32.91
C ASN F 159 -4.85 -33.56 -31.97
N LEU F 160 -4.93 -34.79 -31.48
CA LEU F 160 -3.81 -35.39 -30.77
C LEU F 160 -2.70 -35.83 -31.72
N ALA F 161 -3.07 -36.41 -32.87
CA ALA F 161 -2.09 -36.98 -33.78
C ALA F 161 -1.26 -35.89 -34.45
N ASN F 162 -1.90 -34.83 -34.93
CA ASN F 162 -1.15 -33.67 -35.38
C ASN F 162 -0.85 -32.77 -34.18
N ALA F 163 0.27 -32.07 -34.26
CA ALA F 163 0.72 -31.29 -33.12
C ALA F 163 0.07 -29.91 -33.08
N ARG F 164 -1.26 -29.87 -32.98
CA ARG F 164 -1.94 -28.59 -32.88
C ARG F 164 -1.74 -27.96 -31.51
N PHE F 165 -1.51 -28.78 -30.48
CA PHE F 165 -1.12 -28.28 -29.17
C PHE F 165 0.27 -27.65 -29.20
N LEU F 166 1.05 -27.92 -30.25
CA LEU F 166 2.35 -27.31 -30.48
C LEU F 166 2.12 -26.08 -31.34
N TRP F 167 1.60 -25.03 -30.71
CA TRP F 167 0.91 -23.95 -31.42
C TRP F 167 1.77 -23.21 -32.43
N ARG F 168 2.80 -22.50 -31.98
CA ARG F 168 3.68 -21.79 -32.91
C ARG F 168 4.96 -22.55 -33.19
N ASN F 169 5.20 -23.67 -32.51
CA ASN F 169 6.38 -24.49 -32.73
C ASN F 169 6.20 -25.45 -33.90
N ARG F 170 5.00 -25.47 -34.50
CA ARG F 170 4.69 -26.31 -35.64
C ARG F 170 4.70 -25.57 -36.97
N VAL F 171 4.66 -24.24 -36.97
CA VAL F 171 4.46 -23.49 -38.21
C VAL F 171 5.67 -23.63 -39.14
N GLY F 172 6.87 -23.74 -38.60
CA GLY F 172 8.05 -23.84 -39.43
C GLY F 172 8.88 -25.08 -39.21
N ALA F 173 8.37 -26.01 -38.40
CA ALA F 173 9.10 -27.25 -38.14
C ALA F 173 9.11 -28.13 -39.39
N GLU F 174 10.29 -28.66 -39.72
CA GLU F 174 10.46 -29.46 -40.91
C GLU F 174 9.86 -30.86 -40.77
N ALA F 175 10.03 -31.49 -39.61
CA ALA F 175 9.43 -32.79 -39.35
C ALA F 175 8.85 -32.78 -37.96
N VAL F 176 7.58 -33.14 -37.83
CA VAL F 176 6.90 -33.22 -36.54
C VAL F 176 6.39 -34.64 -36.35
N GLU F 177 6.74 -35.25 -35.22
CA GLU F 177 6.30 -36.60 -34.90
C GLU F 177 5.70 -36.59 -33.50
N VAL F 178 4.51 -37.18 -33.36
CA VAL F 178 3.78 -37.23 -32.11
C VAL F 178 3.68 -38.67 -31.66
N ARG F 179 4.08 -38.95 -30.43
CA ARG F 179 3.98 -40.28 -29.83
C ARG F 179 2.97 -40.24 -28.69
N ILE F 180 1.97 -41.12 -28.76
CA ILE F 180 0.91 -41.19 -27.77
C ILE F 180 0.89 -42.60 -27.18
N ASN F 181 1.01 -42.69 -25.87
CA ASN F 181 0.99 -43.96 -25.16
C ASN F 181 -0.24 -44.04 -24.27
N HIS F 182 -0.73 -45.26 -24.06
CA HIS F 182 -1.84 -45.52 -23.15
C HIS F 182 -1.25 -46.11 -21.87
N ILE F 183 -1.31 -45.34 -20.79
CA ILE F 183 -0.66 -45.68 -19.53
C ILE F 183 -1.71 -46.31 -18.63
N ARG F 184 -1.75 -47.64 -18.58
CA ARG F 184 -2.80 -48.30 -17.81
C ARG F 184 -2.46 -48.40 -16.32
N GLN F 185 -1.52 -49.27 -15.96
CA GLN F 185 -1.03 -49.32 -14.57
C GLN F 185 0.38 -48.72 -14.47
N GLY F 186 0.49 -47.45 -14.81
CA GLY F 186 1.81 -46.83 -14.86
C GLY F 186 2.71 -47.35 -15.96
N GLU F 187 2.18 -48.12 -16.90
CA GLU F 187 2.96 -48.77 -17.94
C GLU F 187 2.26 -48.58 -19.28
N VAL F 188 3.05 -48.59 -20.35
CA VAL F 188 2.54 -48.35 -21.70
C VAL F 188 1.77 -49.60 -22.13
N ALA F 189 0.44 -49.52 -22.08
CA ALA F 189 -0.39 -50.62 -22.53
C ALA F 189 -0.58 -50.63 -24.04
N ARG F 190 -0.37 -49.49 -24.69
CA ARG F 190 -0.55 -49.37 -26.13
C ARG F 190 0.18 -48.11 -26.59
N ALA F 191 0.92 -48.21 -27.68
CA ALA F 191 1.76 -47.13 -28.17
C ALA F 191 1.34 -46.72 -29.58
N TRP F 192 1.29 -45.41 -29.80
CA TRP F 192 0.99 -44.84 -31.11
C TRP F 192 2.13 -43.93 -31.53
N ARG F 193 2.52 -44.03 -32.80
CA ARG F 193 3.51 -43.14 -33.40
C ARG F 193 2.90 -42.53 -34.65
N PHE F 194 3.01 -41.21 -34.78
CA PHE F 194 2.33 -40.48 -35.84
C PHE F 194 3.28 -39.51 -36.52
N ASP F 195 3.00 -39.23 -37.79
CA ASP F 195 3.67 -38.16 -38.54
C ASP F 195 2.70 -36.99 -38.56
N ALA F 196 3.01 -35.96 -37.76
CA ALA F 196 2.04 -34.89 -37.51
C ALA F 196 1.92 -33.93 -38.69
N LEU F 197 2.78 -34.05 -39.70
CA LEU F 197 2.66 -33.17 -40.87
C LEU F 197 1.89 -33.84 -42.00
N ALA F 198 1.94 -35.17 -42.10
CA ALA F 198 1.08 -35.87 -43.04
C ALA F 198 -0.38 -35.72 -42.65
N ILE F 199 -0.68 -35.78 -41.35
CA ILE F 199 -2.02 -35.52 -40.84
C ILE F 199 -2.13 -34.01 -40.68
N GLY F 200 -2.83 -33.36 -41.60
CA GLY F 200 -2.89 -31.92 -41.63
C GLY F 200 -3.78 -31.34 -40.54
N LEU F 201 -3.90 -30.01 -40.57
CA LEU F 201 -4.74 -29.27 -39.64
C LEU F 201 -6.06 -28.84 -40.26
N ARG F 202 -6.50 -29.51 -41.34
CA ARG F 202 -7.67 -29.06 -42.08
C ARG F 202 -8.71 -30.16 -42.23
N ASP F 203 -8.25 -31.40 -42.42
CA ASP F 203 -9.11 -32.51 -42.79
C ASP F 203 -9.15 -33.55 -41.69
N PHE F 204 -10.34 -34.06 -41.40
CA PHE F 204 -10.52 -35.17 -40.46
C PHE F 204 -10.77 -36.43 -41.28
N LYS F 205 -9.68 -37.05 -41.72
CA LYS F 205 -9.75 -38.24 -42.58
C LYS F 205 -9.89 -39.49 -41.71
N ALA F 206 -9.73 -40.66 -42.33
CA ALA F 206 -9.83 -41.93 -41.63
C ALA F 206 -8.51 -42.69 -41.74
N ASP F 207 -8.05 -43.22 -40.62
CA ASP F 207 -6.82 -44.01 -40.58
C ASP F 207 -6.97 -45.06 -39.49
N ALA F 208 -6.32 -46.21 -39.68
CA ALA F 208 -6.47 -47.34 -38.77
C ALA F 208 -5.95 -47.02 -37.37
N GLU F 209 -4.77 -46.38 -37.29
CA GLU F 209 -4.23 -45.99 -36.00
C GLU F 209 -5.05 -44.84 -35.40
N LEU F 210 -5.49 -43.90 -36.25
CA LEU F 210 -6.42 -42.87 -35.80
C LEU F 210 -7.73 -43.50 -35.33
N ASP F 211 -8.18 -44.57 -35.99
CA ASP F 211 -9.40 -45.23 -35.56
C ASP F 211 -9.22 -45.92 -34.20
N ALA F 212 -8.05 -46.54 -33.98
CA ALA F 212 -7.80 -47.18 -32.69
C ALA F 212 -7.74 -46.15 -31.57
N LEU F 213 -7.06 -45.03 -31.80
CA LEU F 213 -7.02 -43.97 -30.78
C LEU F 213 -8.39 -43.36 -30.59
N ALA F 214 -9.19 -43.29 -31.66
CA ALA F 214 -10.56 -42.81 -31.56
C ALA F 214 -11.41 -43.73 -30.69
N GLU F 215 -11.25 -45.05 -30.85
CA GLU F 215 -11.99 -45.98 -30.02
C GLU F 215 -11.55 -45.89 -28.56
N LEU F 216 -10.25 -45.66 -28.32
CA LEU F 216 -9.79 -45.50 -26.95
C LEU F 216 -10.40 -44.25 -26.30
N ILE F 217 -10.38 -43.13 -27.02
CA ILE F 217 -10.96 -41.90 -26.50
C ILE F 217 -12.48 -42.04 -26.36
N ALA F 218 -13.10 -42.82 -27.25
CA ALA F 218 -14.53 -43.10 -27.15
C ALA F 218 -14.86 -43.89 -25.89
N SER F 219 -14.04 -44.89 -25.58
CA SER F 219 -14.23 -45.65 -24.34
C SER F 219 -14.00 -44.76 -23.12
N GLY F 220 -13.08 -43.81 -23.22
CA GLY F 220 -12.91 -42.85 -22.14
C GLY F 220 -14.11 -41.94 -21.95
N LEU F 221 -14.65 -41.42 -23.04
CA LEU F 221 -15.78 -40.48 -22.98
C LEU F 221 -17.08 -41.18 -22.59
N SER F 222 -17.23 -42.45 -22.98
CA SER F 222 -18.45 -43.17 -22.64
C SER F 222 -18.46 -43.62 -21.19
N GLY F 223 -17.31 -43.65 -20.54
CA GLY F 223 -17.20 -44.15 -19.19
C GLY F 223 -16.96 -45.65 -19.08
N SER F 224 -16.63 -46.32 -20.18
CA SER F 224 -16.42 -47.77 -20.14
C SER F 224 -15.20 -48.13 -19.29
N GLY F 225 -14.12 -47.37 -19.42
CA GLY F 225 -12.93 -47.63 -18.63
C GLY F 225 -12.12 -46.37 -18.45
N HIS F 226 -11.11 -46.47 -17.57
CA HIS F 226 -10.19 -45.36 -17.32
C HIS F 226 -9.09 -45.38 -18.37
N VAL F 227 -8.88 -44.24 -19.01
CA VAL F 227 -7.81 -44.08 -19.99
C VAL F 227 -6.97 -42.86 -19.61
N LEU F 228 -5.65 -43.01 -19.65
CA LEU F 228 -4.71 -41.93 -19.45
C LEU F 228 -3.71 -41.96 -20.59
N LEU F 229 -3.60 -40.86 -21.32
CA LEU F 229 -2.77 -40.78 -22.52
C LEU F 229 -1.58 -39.88 -22.25
N GLU F 230 -0.38 -40.41 -22.48
CA GLU F 230 0.85 -39.63 -22.41
C GLU F 230 1.23 -39.25 -23.83
N VAL F 231 1.18 -37.95 -24.13
CA VAL F 231 1.40 -37.45 -25.49
C VAL F 231 2.74 -36.73 -25.52
N VAL F 232 3.62 -37.17 -26.41
CA VAL F 232 4.94 -36.59 -26.60
C VAL F 232 5.09 -36.20 -28.06
N ALA F 233 5.46 -34.94 -28.30
CA ALA F 233 5.63 -34.44 -29.65
C ALA F 233 7.06 -33.95 -29.85
N PHE F 234 7.65 -34.33 -30.99
CA PHE F 234 8.98 -33.91 -31.37
C PHE F 234 8.87 -33.02 -32.60
N ALA F 235 9.52 -31.86 -32.55
CA ALA F 235 9.52 -30.94 -33.69
C ALA F 235 10.95 -30.58 -34.07
N ARG F 236 11.32 -30.91 -35.30
CA ARG F 236 12.63 -30.56 -35.83
C ARG F 236 12.54 -29.13 -36.34
N ILE F 237 13.08 -28.20 -35.55
CA ILE F 237 12.95 -26.78 -35.88
C ILE F 237 14.29 -26.23 -36.39
N GLY F 238 15.37 -26.52 -35.68
CA GLY F 238 16.68 -26.02 -36.06
C GLY F 238 17.56 -25.75 -34.86
N ASP F 239 18.86 -25.60 -35.08
CA ASP F 239 19.81 -25.43 -33.99
C ASP F 239 19.71 -24.01 -33.44
N GLY F 240 19.42 -23.89 -32.15
CA GLY F 240 19.35 -22.59 -31.51
C GLY F 240 18.11 -21.79 -31.85
N GLN F 241 17.12 -22.38 -32.51
CA GLN F 241 15.95 -21.65 -32.94
C GLN F 241 15.04 -21.34 -31.74
N GLU F 242 14.25 -20.28 -31.89
CA GLU F 242 13.36 -19.84 -30.83
C GLU F 242 12.16 -20.77 -30.73
N VAL F 243 11.81 -21.15 -29.51
CA VAL F 243 10.60 -21.90 -29.23
C VAL F 243 9.65 -21.02 -28.44
N PHE F 244 8.37 -21.38 -28.46
CA PHE F 244 7.30 -20.50 -28.00
C PHE F 244 6.46 -21.16 -26.92
N PRO F 245 6.81 -21.00 -25.64
CA PRO F 245 5.90 -21.43 -24.58
C PRO F 245 4.77 -20.43 -24.36
N SER F 246 3.86 -20.74 -23.44
CA SER F 246 2.77 -19.82 -23.15
C SER F 246 3.29 -18.59 -22.42
N GLN F 247 2.59 -17.48 -22.61
CA GLN F 247 3.00 -16.19 -22.07
C GLN F 247 2.12 -15.80 -20.89
N GLU F 248 2.74 -15.23 -19.87
CA GLU F 248 2.08 -14.88 -18.62
C GLU F 248 1.65 -13.41 -18.62
N LEU F 249 1.16 -12.96 -17.46
CA LEU F 249 0.72 -11.59 -17.27
C LEU F 249 1.79 -10.81 -16.51
N ILE F 250 1.95 -9.54 -16.88
CA ILE F 250 2.89 -8.63 -16.22
C ILE F 250 2.09 -7.59 -15.47
N LEU F 251 2.45 -7.36 -14.20
CA LEU F 251 1.74 -6.38 -13.39
C LEU F 251 2.00 -4.95 -13.86
N ASP F 252 3.10 -4.74 -14.59
CA ASP F 252 3.47 -3.45 -15.18
C ASP F 252 3.60 -2.37 -14.10
N LYS F 253 4.57 -2.59 -13.21
CA LYS F 253 4.83 -1.68 -12.11
C LYS F 253 6.28 -1.23 -12.01
N GLY F 254 7.24 -1.99 -12.54
CA GLY F 254 8.64 -1.66 -12.41
C GLY F 254 9.05 -0.51 -13.31
N ASP F 255 10.36 -0.26 -13.31
CA ASP F 255 10.92 0.82 -14.11
C ASP F 255 10.80 0.51 -15.61
N LYS F 256 10.85 1.56 -16.42
CA LYS F 256 10.65 1.40 -17.86
C LYS F 256 11.81 0.65 -18.51
N LYS F 257 13.04 0.85 -18.03
CA LYS F 257 14.18 0.17 -18.62
C LYS F 257 14.15 -1.33 -18.32
N GLY F 258 13.91 -1.69 -17.07
CA GLY F 258 13.69 -3.08 -16.70
C GLY F 258 12.21 -3.42 -16.67
N GLN F 259 11.55 -3.27 -17.82
CA GLN F 259 10.09 -3.30 -17.84
C GLN F 259 9.54 -4.73 -17.71
N LYS F 260 10.27 -5.72 -18.25
CA LYS F 260 9.78 -7.10 -18.41
C LYS F 260 8.47 -7.09 -19.20
N SER F 261 8.61 -6.72 -20.48
CA SER F 261 7.45 -6.60 -21.34
C SER F 261 6.90 -7.96 -21.75
N LYS F 262 7.70 -9.02 -21.64
CA LYS F 262 7.27 -10.36 -22.02
C LYS F 262 7.71 -11.34 -20.94
N THR F 263 6.78 -12.13 -20.43
CA THR F 263 7.05 -13.15 -19.43
C THR F 263 6.57 -14.49 -19.94
N LEU F 264 7.44 -15.49 -19.86
CA LEU F 264 7.13 -16.83 -20.34
C LEU F 264 6.82 -17.76 -19.17
N TYR F 265 6.00 -18.77 -19.45
CA TYR F 265 5.50 -19.68 -18.43
C TYR F 265 6.45 -20.84 -18.24
N SER F 266 6.87 -21.06 -16.99
CA SER F 266 7.66 -22.21 -16.59
C SER F 266 7.17 -22.68 -15.22
N VAL F 267 7.38 -23.95 -14.92
CA VAL F 267 6.97 -24.45 -13.61
C VAL F 267 8.19 -24.58 -12.69
N ARG F 268 9.19 -25.38 -13.09
CA ARG F 268 10.43 -25.50 -12.32
C ARG F 268 11.60 -25.36 -13.30
N ASP F 269 11.93 -24.11 -13.64
CA ASP F 269 13.05 -23.78 -14.53
C ASP F 269 12.98 -24.54 -15.85
N ALA F 270 11.75 -24.72 -16.34
CA ALA F 270 11.52 -25.50 -17.56
C ALA F 270 10.34 -24.89 -18.30
N ALA F 271 10.57 -24.44 -19.54
CA ALA F 271 9.53 -23.79 -20.31
C ALA F 271 8.33 -24.70 -20.51
N ALA F 272 7.14 -24.15 -20.34
CA ALA F 272 5.93 -24.96 -20.31
C ALA F 272 4.81 -24.23 -21.04
N ILE F 273 3.83 -25.03 -21.48
CA ILE F 273 2.63 -24.53 -22.12
C ILE F 273 1.46 -24.76 -21.17
N HIS F 274 0.58 -23.76 -21.06
CA HIS F 274 -0.57 -23.86 -20.18
C HIS F 274 -1.46 -25.03 -20.58
N SER F 275 -2.06 -25.68 -19.58
CA SER F 275 -2.90 -26.84 -19.85
C SER F 275 -4.16 -26.45 -20.61
N GLN F 276 -4.68 -25.24 -20.36
CA GLN F 276 -5.89 -24.82 -21.05
C GLN F 276 -5.60 -24.48 -22.51
N LYS F 277 -4.37 -24.10 -22.84
CA LYS F 277 -3.99 -23.93 -24.24
C LYS F 277 -3.98 -25.28 -24.96
N ILE F 278 -3.45 -26.32 -24.31
CA ILE F 278 -3.48 -27.66 -24.88
C ILE F 278 -4.91 -28.12 -25.06
N GLY F 279 -5.76 -27.87 -24.06
CA GLY F 279 -7.16 -28.25 -24.17
C GLY F 279 -7.89 -27.50 -25.27
N ASN F 280 -7.55 -26.23 -25.48
CA ASN F 280 -8.13 -25.46 -26.56
C ASN F 280 -7.70 -26.01 -27.92
N ALA F 281 -6.44 -26.45 -28.02
CA ALA F 281 -5.96 -26.97 -29.30
C ALA F 281 -6.55 -28.35 -29.59
N LEU F 282 -6.76 -29.16 -28.55
CA LEU F 282 -7.45 -30.44 -28.77
C LEU F 282 -8.92 -30.22 -29.10
N ARG F 283 -9.51 -29.14 -28.58
CA ARG F 283 -10.91 -28.79 -28.79
C ARG F 283 -11.22 -28.33 -30.21
N THR F 284 -10.21 -28.10 -31.03
CA THR F 284 -10.41 -27.57 -32.37
C THR F 284 -10.98 -28.63 -33.30
N ILE F 285 -12.27 -28.94 -33.16
CA ILE F 285 -12.91 -29.98 -33.96
C ILE F 285 -14.15 -29.43 -34.66
N ASP F 286 -14.50 -28.18 -34.34
CA ASP F 286 -15.77 -27.63 -34.82
C ASP F 286 -15.60 -27.17 -36.27
N THR F 287 -16.09 -27.98 -37.20
CA THR F 287 -16.13 -27.64 -38.62
C THR F 287 -17.55 -27.36 -39.11
N TRP F 288 -18.51 -27.25 -38.20
CA TRP F 288 -19.93 -27.20 -38.57
C TRP F 288 -20.53 -25.80 -38.42
N TYR F 289 -19.70 -24.78 -38.18
CA TYR F 289 -20.21 -23.43 -38.03
C TYR F 289 -20.73 -22.91 -39.37
N PRO F 290 -21.71 -21.98 -39.34
CA PRO F 290 -22.37 -21.57 -40.60
C PRO F 290 -21.46 -20.95 -41.64
N ASP F 291 -20.39 -20.28 -41.23
CA ASP F 291 -19.49 -19.67 -42.21
C ASP F 291 -18.69 -20.74 -42.94
N GLU F 292 -17.95 -20.30 -43.96
CA GLU F 292 -17.30 -21.22 -44.90
C GLU F 292 -16.16 -21.99 -44.24
N ASP F 293 -15.61 -22.93 -45.00
CA ASP F 293 -14.52 -23.79 -44.54
C ASP F 293 -13.15 -23.23 -44.86
N GLY F 294 -13.05 -21.92 -45.11
CA GLY F 294 -11.74 -21.32 -45.37
C GLY F 294 -10.84 -21.35 -44.15
N LEU F 295 -11.40 -21.12 -42.97
CA LEU F 295 -10.60 -21.16 -41.75
C LEU F 295 -10.33 -22.59 -41.32
N GLY F 296 -11.28 -23.50 -41.55
CA GLY F 296 -11.16 -24.86 -41.10
C GLY F 296 -11.79 -25.05 -39.73
N PRO F 297 -11.31 -26.04 -38.98
CA PRO F 297 -11.86 -26.28 -37.64
C PRO F 297 -11.54 -25.15 -36.67
N ILE F 298 -12.47 -24.95 -35.74
CA ILE F 298 -12.31 -23.98 -34.65
C ILE F 298 -12.59 -24.68 -33.33
N ALA F 299 -12.22 -24.03 -32.24
CA ALA F 299 -12.47 -24.58 -30.92
C ALA F 299 -13.95 -24.57 -30.60
N VAL F 300 -14.41 -25.62 -29.92
CA VAL F 300 -15.83 -25.79 -29.58
C VAL F 300 -16.09 -24.94 -28.35
N GLU F 301 -16.52 -23.71 -28.57
CA GLU F 301 -16.89 -22.78 -27.51
C GLU F 301 -18.30 -22.30 -27.78
N PRO F 302 -19.05 -21.94 -26.74
CA PRO F 302 -20.32 -21.24 -26.96
C PRO F 302 -20.07 -19.92 -27.68
N TYR F 303 -20.96 -19.61 -28.62
CA TYR F 303 -20.85 -18.48 -29.55
C TYR F 303 -19.62 -18.56 -30.44
N GLY F 304 -19.05 -19.77 -30.63
CA GLY F 304 -17.97 -20.05 -31.56
C GLY F 304 -16.84 -19.04 -31.65
N SER F 305 -16.35 -18.58 -30.50
CA SER F 305 -15.42 -17.47 -30.44
C SER F 305 -14.03 -17.91 -30.88
N VAL F 306 -13.41 -17.13 -31.76
CA VAL F 306 -12.01 -17.29 -32.13
C VAL F 306 -11.27 -16.03 -31.74
N THR F 307 -10.23 -16.19 -30.90
CA THR F 307 -9.53 -15.03 -30.35
C THR F 307 -8.72 -14.31 -31.42
N SER F 308 -8.09 -15.07 -32.33
CA SER F 308 -7.23 -14.46 -33.34
C SER F 308 -8.03 -13.62 -34.34
N GLN F 309 -9.16 -14.16 -34.82
CA GLN F 309 -9.99 -13.42 -35.76
C GLN F 309 -10.84 -12.35 -35.09
N GLY F 310 -10.97 -12.38 -33.77
CA GLY F 310 -11.72 -11.35 -33.07
C GLY F 310 -13.20 -11.34 -33.36
N LYS F 311 -13.74 -12.44 -33.88
CA LYS F 311 -15.13 -12.50 -34.30
C LYS F 311 -15.75 -13.77 -33.76
N ALA F 312 -17.09 -13.84 -33.84
CA ALA F 312 -17.84 -14.99 -33.36
C ALA F 312 -18.54 -15.65 -34.55
N TYR F 313 -18.04 -16.82 -34.94
CA TYR F 313 -18.88 -17.74 -35.70
C TYR F 313 -19.93 -18.32 -34.76
N ARG F 314 -21.02 -18.83 -35.35
CA ARG F 314 -22.19 -19.31 -34.59
C ARG F 314 -22.75 -18.18 -33.71
N GLN F 315 -23.12 -17.08 -34.35
CA GLN F 315 -23.76 -15.98 -33.64
C GLN F 315 -25.11 -16.41 -33.09
N PRO F 316 -25.51 -15.89 -31.93
CA PRO F 316 -26.87 -16.16 -31.43
C PRO F 316 -27.97 -15.65 -32.35
N LYS F 317 -27.68 -14.62 -33.15
CA LYS F 317 -28.67 -14.13 -34.11
C LYS F 317 -28.93 -15.15 -35.20
N GLN F 318 -27.94 -15.99 -35.51
CA GLN F 318 -28.04 -16.99 -36.57
C GLN F 318 -28.60 -18.32 -36.06
N LYS F 319 -28.98 -18.39 -34.78
CA LYS F 319 -29.67 -19.54 -34.19
C LYS F 319 -28.84 -20.81 -34.26
N LEU F 320 -27.51 -20.69 -34.24
CA LEU F 320 -26.64 -21.85 -34.34
C LEU F 320 -25.60 -21.90 -33.21
N ASP F 321 -25.77 -21.08 -32.18
CA ASP F 321 -24.88 -21.16 -31.02
C ASP F 321 -25.27 -22.33 -30.13
N PHE F 322 -24.51 -22.51 -29.05
CA PHE F 322 -24.72 -23.65 -28.17
C PHE F 322 -26.03 -23.52 -27.39
N TYR F 323 -26.35 -22.32 -26.92
CA TYR F 323 -27.46 -22.17 -25.99
C TYR F 323 -28.81 -22.33 -26.68
N THR F 324 -28.99 -21.72 -27.85
CA THR F 324 -30.25 -21.87 -28.58
C THR F 324 -30.46 -23.31 -29.03
N LEU F 325 -29.40 -23.96 -29.52
CA LEU F 325 -29.51 -25.36 -29.93
C LEU F 325 -29.84 -26.27 -28.74
N LEU F 326 -29.19 -26.04 -27.60
CA LEU F 326 -29.47 -26.84 -26.41
C LEU F 326 -30.89 -26.61 -25.90
N ASP F 327 -31.36 -25.36 -25.92
CA ASP F 327 -32.71 -25.07 -25.48
C ASP F 327 -33.75 -25.69 -26.40
N ASN F 328 -33.53 -25.64 -27.71
CA ASN F 328 -34.45 -26.28 -28.63
C ASN F 328 -34.42 -27.80 -28.50
N TRP F 329 -33.24 -28.37 -28.25
CA TRP F 329 -33.11 -29.81 -28.19
C TRP F 329 -33.72 -30.39 -26.92
N VAL F 330 -33.50 -29.74 -25.78
CA VAL F 330 -33.87 -30.27 -24.48
C VAL F 330 -35.28 -29.84 -24.07
N LEU F 331 -35.55 -28.53 -24.09
CA LEU F 331 -36.81 -28.01 -23.56
C LEU F 331 -37.99 -28.43 -24.42
N ARG F 332 -37.86 -28.30 -25.74
CA ARG F 332 -39.00 -28.44 -26.65
C ARG F 332 -38.76 -29.47 -27.74
N ASP F 333 -37.82 -30.39 -27.53
CA ASP F 333 -37.64 -31.61 -28.33
C ASP F 333 -37.34 -31.33 -29.80
N GLU F 334 -36.75 -30.18 -30.12
CA GLU F 334 -36.37 -29.87 -31.49
C GLU F 334 -34.92 -30.29 -31.69
N ALA F 335 -34.72 -31.54 -32.05
CA ALA F 335 -33.38 -32.07 -32.24
C ALA F 335 -32.76 -31.46 -33.50
N PRO F 336 -31.58 -30.84 -33.40
CA PRO F 336 -30.94 -30.27 -34.59
C PRO F 336 -30.31 -31.32 -35.48
N ALA F 337 -29.59 -30.89 -36.50
CA ALA F 337 -28.84 -31.81 -37.34
C ALA F 337 -27.75 -32.51 -36.52
N VAL F 338 -27.30 -33.67 -37.02
CA VAL F 338 -26.33 -34.48 -36.29
C VAL F 338 -25.01 -33.74 -36.10
N GLU F 339 -24.67 -32.85 -37.04
CA GLU F 339 -23.50 -32.01 -36.88
C GLU F 339 -23.65 -31.05 -35.70
N GLN F 340 -24.82 -30.43 -35.59
CA GLN F 340 -25.06 -29.55 -34.45
C GLN F 340 -25.19 -30.34 -33.15
N GLN F 341 -25.67 -31.59 -33.23
CA GLN F 341 -25.68 -32.45 -32.05
C GLN F 341 -24.25 -32.77 -31.60
N HIS F 342 -23.35 -33.04 -32.56
CA HIS F 342 -21.94 -33.22 -32.23
C HIS F 342 -21.37 -31.97 -31.60
N TYR F 343 -21.73 -30.79 -32.12
CA TYR F 343 -21.26 -29.53 -31.54
C TYR F 343 -21.75 -29.35 -30.11
N VAL F 344 -23.03 -29.67 -29.86
CA VAL F 344 -23.60 -29.50 -28.52
C VAL F 344 -22.94 -30.46 -27.53
N ILE F 345 -22.74 -31.71 -27.94
CA ILE F 345 -22.13 -32.68 -27.04
C ILE F 345 -20.66 -32.36 -26.81
N ALA F 346 -19.97 -31.86 -27.84
CA ALA F 346 -18.59 -31.43 -27.65
C ALA F 346 -18.51 -30.22 -26.73
N ASN F 347 -19.52 -29.34 -26.76
CA ASN F 347 -19.54 -28.23 -25.83
C ASN F 347 -19.84 -28.68 -24.41
N LEU F 348 -20.63 -29.74 -24.25
CA LEU F 348 -20.86 -30.30 -22.92
C LEU F 348 -19.61 -31.00 -22.39
N ILE F 349 -18.85 -31.63 -23.30
CA ILE F 349 -17.54 -32.18 -22.93
C ILE F 349 -16.60 -31.05 -22.52
N ARG F 350 -16.67 -29.92 -23.24
CA ARG F 350 -15.86 -28.76 -22.92
C ARG F 350 -16.20 -28.21 -21.53
N GLY F 351 -17.49 -28.17 -21.20
CA GLY F 351 -17.91 -27.76 -19.88
C GLY F 351 -17.93 -26.25 -19.72
N GLY F 352 -18.66 -25.79 -18.72
CA GLY F 352 -18.76 -24.36 -18.48
C GLY F 352 -19.89 -24.04 -17.55
N VAL F 353 -19.93 -22.77 -17.16
CA VAL F 353 -20.98 -22.28 -16.24
C VAL F 353 -22.12 -21.82 -17.13
N PHE F 354 -22.96 -22.77 -17.52
CA PHE F 354 -24.17 -22.45 -18.25
C PHE F 354 -25.30 -22.15 -17.29
N GLY F 355 -26.38 -21.60 -17.83
CA GLY F 355 -27.48 -21.21 -16.97
C GLY F 355 -27.41 -19.75 -16.59
N GLU F 356 -28.56 -19.18 -16.24
CA GLU F 356 -28.64 -17.77 -15.92
C GLU F 356 -28.08 -17.50 -14.53
N ALA F 357 -27.10 -16.60 -14.45
CA ALA F 357 -26.46 -16.27 -13.19
C ALA F 357 -27.39 -15.49 -12.27
N ILE G 23 -45.23 -26.97 30.49
CA ILE G 23 -45.55 -27.26 29.10
C ILE G 23 -44.29 -27.70 28.37
N LEU G 24 -43.14 -27.43 28.99
CA LEU G 24 -41.81 -27.80 28.49
C LEU G 24 -41.57 -27.23 27.08
N SER G 25 -41.48 -25.90 27.05
CA SER G 25 -41.12 -25.21 25.83
C SER G 25 -39.64 -25.42 25.50
N THR G 26 -39.29 -25.22 24.23
CA THR G 26 -37.92 -25.39 23.79
C THR G 26 -37.03 -24.29 24.37
N ALA G 27 -35.81 -24.67 24.74
CA ALA G 27 -34.85 -23.69 25.26
C ALA G 27 -34.41 -22.73 24.15
N SER G 28 -33.95 -21.56 24.57
CA SER G 28 -33.74 -20.48 23.61
C SER G 28 -32.32 -20.50 23.03
N VAL G 29 -31.41 -21.25 23.63
CA VAL G 29 -30.11 -21.54 23.01
C VAL G 29 -29.86 -23.05 23.10
N LEU G 30 -29.44 -23.63 21.99
CA LEU G 30 -29.07 -25.04 21.90
C LEU G 30 -27.75 -25.19 21.16
N ALA G 31 -26.74 -24.44 21.58
CA ALA G 31 -25.42 -24.60 21.00
C ALA G 31 -24.88 -25.99 21.30
N PHE G 32 -24.46 -26.71 20.26
CA PHE G 32 -23.87 -28.03 20.38
C PHE G 32 -22.47 -28.01 19.81
N GLU G 33 -21.55 -28.68 20.50
CA GLU G 33 -20.18 -28.79 20.00
C GLU G 33 -20.08 -29.95 19.02
N ARG G 34 -19.14 -29.82 18.08
CA ARG G 34 -19.02 -30.76 16.99
C ARG G 34 -18.29 -32.01 17.42
N LYS G 35 -18.94 -33.16 17.25
CA LYS G 35 -18.28 -34.46 17.32
C LYS G 35 -17.75 -34.80 15.92
N LEU G 36 -16.85 -35.77 15.88
CA LEU G 36 -16.09 -36.11 14.68
C LEU G 36 -15.33 -34.89 14.16
N ASP G 37 -14.37 -34.43 14.96
CA ASP G 37 -13.61 -33.24 14.64
C ASP G 37 -12.42 -33.60 13.76
N PRO G 38 -12.39 -33.18 12.50
CA PRO G 38 -11.22 -33.46 11.65
C PRO G 38 -10.23 -32.31 11.66
N SER G 39 -9.10 -32.55 11.01
CA SER G 39 -8.09 -31.53 10.79
C SER G 39 -8.08 -31.14 9.31
N ASP G 40 -7.34 -30.08 9.00
CA ASP G 40 -7.12 -29.72 7.61
C ASP G 40 -6.31 -30.83 6.94
N ALA G 41 -6.79 -31.30 5.79
CA ALA G 41 -6.18 -32.44 5.12
C ALA G 41 -5.08 -31.94 4.21
N LEU G 42 -3.82 -32.20 4.58
CA LEU G 42 -2.71 -31.77 3.76
C LEU G 42 -2.47 -32.78 2.65
N MET G 43 -2.20 -32.26 1.45
CA MET G 43 -2.19 -33.05 0.23
C MET G 43 -0.82 -32.93 -0.43
N SER G 44 -0.22 -34.09 -0.72
CA SER G 44 1.14 -34.18 -1.23
C SER G 44 1.18 -35.20 -2.36
N ALA G 45 2.35 -35.33 -2.99
CA ALA G 45 2.46 -36.05 -4.24
C ALA G 45 3.60 -37.05 -4.22
N GLY G 46 3.50 -38.06 -5.08
CA GLY G 46 4.50 -39.08 -5.15
C GLY G 46 4.15 -40.11 -6.20
N ALA G 47 4.82 -41.26 -6.11
CA ALA G 47 4.66 -42.34 -7.06
C ALA G 47 4.01 -43.55 -6.41
N TRP G 48 3.18 -44.24 -7.19
CA TRP G 48 2.57 -45.49 -6.78
C TRP G 48 3.65 -46.55 -6.54
N ALA G 49 3.37 -47.45 -5.58
CA ALA G 49 4.22 -48.57 -5.16
C ALA G 49 5.44 -48.13 -4.37
N GLN G 50 5.68 -46.82 -4.27
CA GLN G 50 6.51 -46.24 -3.22
C GLN G 50 5.66 -45.53 -2.19
N ARG G 51 4.35 -45.79 -2.19
CA ARG G 51 3.43 -45.11 -1.28
C ARG G 51 3.48 -45.66 0.14
N ASP G 52 4.13 -46.81 0.35
CA ASP G 52 4.36 -47.27 1.70
C ASP G 52 5.36 -46.37 2.43
N ALA G 53 6.43 -45.97 1.75
CA ALA G 53 7.38 -45.00 2.27
C ALA G 53 7.06 -43.59 1.77
N SER G 54 5.86 -43.11 2.07
CA SER G 54 5.40 -41.82 1.61
C SER G 54 5.51 -40.73 2.67
N GLN G 55 6.25 -40.98 3.75
CA GLN G 55 6.38 -40.00 4.82
C GLN G 55 7.24 -38.82 4.42
N GLU G 56 8.12 -38.97 3.42
CA GLU G 56 8.98 -37.90 2.95
C GLU G 56 8.60 -37.43 1.55
N TRP G 57 7.36 -37.66 1.14
CA TRP G 57 6.90 -37.17 -0.15
C TRP G 57 6.86 -35.65 -0.14
N PRO G 58 7.30 -35.00 -1.23
CA PRO G 58 7.21 -33.54 -1.30
C PRO G 58 5.75 -33.09 -1.34
N ALA G 59 5.49 -31.95 -0.71
CA ALA G 59 4.14 -31.43 -0.65
C ALA G 59 3.74 -30.83 -1.99
N VAL G 60 2.43 -30.88 -2.27
CA VAL G 60 1.89 -30.23 -3.46
C VAL G 60 1.82 -28.74 -3.20
N THR G 61 2.51 -27.96 -4.03
CA THR G 61 2.59 -26.52 -3.85
C THR G 61 1.56 -25.80 -4.69
N VAL G 62 1.10 -24.66 -4.20
CA VAL G 62 0.09 -23.85 -4.87
C VAL G 62 0.84 -22.77 -5.65
N ARG G 63 0.73 -22.81 -6.97
CA ARG G 63 1.39 -21.83 -7.82
C ARG G 63 0.36 -21.08 -8.66
N GLU G 64 0.84 -20.06 -9.36
CA GLU G 64 0.00 -19.18 -10.15
C GLU G 64 0.28 -19.35 -11.64
N LYS G 65 -0.79 -19.36 -12.43
CA LYS G 65 -0.69 -19.34 -13.88
C LYS G 65 -1.68 -18.32 -14.43
N SER G 66 -1.42 -17.87 -15.65
CA SER G 66 -2.26 -16.87 -16.32
C SER G 66 -3.23 -17.58 -17.25
N VAL G 67 -4.50 -17.17 -17.21
CA VAL G 67 -5.54 -17.74 -18.05
C VAL G 67 -6.16 -16.62 -18.88
N ARG G 68 -6.48 -16.93 -20.13
CA ARG G 68 -7.22 -16.03 -21.01
C ARG G 68 -8.37 -16.81 -21.62
N GLY G 69 -9.55 -16.20 -21.66
CA GLY G 69 -10.72 -16.84 -22.24
C GLY G 69 -11.69 -15.80 -22.77
N THR G 70 -12.67 -16.30 -23.52
CA THR G 70 -13.77 -15.50 -24.03
C THR G 70 -15.02 -15.78 -23.19
N ILE G 71 -16.07 -15.01 -23.45
CA ILE G 71 -17.32 -15.20 -22.71
C ILE G 71 -18.02 -16.45 -23.22
N SER G 72 -18.28 -17.39 -22.29
CA SER G 72 -19.01 -18.60 -22.61
C SER G 72 -20.30 -18.74 -21.83
N ASN G 73 -20.66 -17.77 -20.99
CA ASN G 73 -21.89 -17.81 -20.23
C ASN G 73 -23.05 -17.34 -21.09
N ARG G 74 -24.27 -17.51 -20.56
CA ARG G 74 -25.46 -17.01 -21.24
C ARG G 74 -25.45 -15.49 -21.27
N LEU G 75 -25.88 -14.93 -22.40
CA LEU G 75 -26.01 -13.48 -22.50
C LEU G 75 -27.36 -13.03 -21.96
N LYS G 76 -27.39 -11.78 -21.48
CA LYS G 76 -28.57 -11.22 -20.83
C LYS G 76 -29.67 -10.81 -21.81
N THR G 77 -29.55 -11.20 -23.09
CA THR G 77 -30.38 -10.83 -24.24
C THR G 77 -30.07 -9.38 -24.63
N LYS G 78 -29.31 -8.69 -23.78
CA LYS G 78 -28.78 -7.37 -24.11
C LYS G 78 -27.41 -7.47 -24.74
N ASP G 79 -26.64 -8.51 -24.39
CA ASP G 79 -25.34 -8.77 -24.96
C ASP G 79 -25.40 -9.63 -26.21
N ARG G 80 -26.60 -10.05 -26.62
CA ARG G 80 -26.75 -10.85 -27.83
C ARG G 80 -26.51 -10.06 -29.11
N ASP G 81 -26.36 -8.74 -29.00
CA ASP G 81 -25.98 -7.94 -30.16
C ASP G 81 -24.61 -8.40 -30.66
N PRO G 82 -24.47 -8.69 -31.96
CA PRO G 82 -23.21 -9.28 -32.45
C PRO G 82 -21.99 -8.40 -32.24
N ALA G 83 -22.13 -7.09 -32.33
CA ALA G 83 -20.98 -6.21 -32.16
C ALA G 83 -20.45 -6.23 -30.73
N LYS G 84 -21.36 -6.31 -29.74
CA LYS G 84 -20.92 -6.42 -28.34
C LYS G 84 -20.18 -7.72 -28.09
N LEU G 85 -20.67 -8.81 -28.68
CA LEU G 85 -19.98 -10.10 -28.55
C LEU G 85 -18.60 -10.06 -29.20
N ASP G 86 -18.51 -9.46 -30.39
CA ASP G 86 -17.23 -9.36 -31.07
C ASP G 86 -16.25 -8.47 -30.30
N ALA G 87 -16.75 -7.39 -29.70
CA ALA G 87 -15.89 -6.53 -28.91
C ALA G 87 -15.45 -7.21 -27.62
N SER G 88 -16.31 -8.07 -27.05
CA SER G 88 -15.92 -8.82 -25.86
C SER G 88 -14.88 -9.87 -26.20
N ILE G 89 -14.97 -10.47 -27.40
CA ILE G 89 -13.94 -11.40 -27.83
C ILE G 89 -12.63 -10.66 -28.10
N GLN G 90 -12.70 -9.48 -28.71
CA GLN G 90 -11.50 -8.72 -28.99
C GLN G 90 -10.88 -8.12 -27.74
N SER G 91 -11.61 -8.10 -26.63
CA SER G 91 -11.08 -7.69 -25.33
C SER G 91 -11.37 -8.81 -24.33
N PRO G 92 -10.64 -9.92 -24.43
CA PRO G 92 -10.92 -11.06 -23.54
C PRO G 92 -10.50 -10.75 -22.11
N ASN G 93 -11.13 -11.45 -21.17
CA ASN G 93 -10.82 -11.23 -19.77
C ASN G 93 -9.56 -12.01 -19.38
N LEU G 94 -8.70 -11.34 -18.62
CA LEU G 94 -7.43 -11.91 -18.19
C LEU G 94 -7.47 -12.14 -16.69
N GLN G 95 -7.09 -13.33 -16.27
CA GLN G 95 -7.02 -13.66 -14.84
C GLN G 95 -5.72 -14.40 -14.55
N THR G 96 -5.30 -14.32 -13.30
CA THR G 96 -4.29 -15.21 -12.75
C THR G 96 -4.95 -16.05 -11.68
N VAL G 97 -4.68 -17.35 -11.67
CA VAL G 97 -5.36 -18.28 -10.79
C VAL G 97 -4.33 -19.13 -10.06
N ASP G 98 -4.63 -19.45 -8.80
CA ASP G 98 -3.88 -20.50 -8.12
C ASP G 98 -4.28 -21.86 -8.67
N VAL G 99 -3.27 -22.65 -9.03
CA VAL G 99 -3.48 -23.97 -9.61
C VAL G 99 -2.55 -24.95 -8.90
N ALA G 100 -3.07 -26.13 -8.58
CA ALA G 100 -2.31 -27.18 -7.92
C ALA G 100 -2.18 -28.35 -8.90
N ASN G 101 -0.95 -28.80 -9.11
CA ASN G 101 -0.65 -29.89 -10.02
C ASN G 101 0.29 -30.88 -9.35
N LEU G 102 0.22 -32.13 -9.79
CA LEU G 102 1.23 -33.09 -9.43
C LEU G 102 2.50 -32.82 -10.24
N PRO G 103 3.66 -33.22 -9.73
CA PRO G 103 4.89 -33.12 -10.51
C PRO G 103 4.84 -33.98 -11.76
N SER G 104 5.61 -33.58 -12.77
CA SER G 104 5.69 -34.33 -14.02
C SER G 104 6.45 -35.64 -13.89
N ASP G 105 6.86 -36.02 -12.68
CA ASP G 105 7.42 -37.33 -12.42
C ASP G 105 6.64 -38.09 -11.35
N ALA G 106 5.54 -37.53 -10.86
CA ALA G 106 4.71 -38.15 -9.82
C ALA G 106 3.30 -38.31 -10.34
N ASP G 107 2.70 -39.47 -10.07
CA ASP G 107 1.35 -39.78 -10.51
C ASP G 107 0.37 -40.08 -9.38
N THR G 108 0.82 -40.02 -8.12
CA THR G 108 -0.02 -40.34 -6.97
C THR G 108 -0.08 -39.14 -6.05
N LEU G 109 -1.28 -38.83 -5.56
CA LEU G 109 -1.51 -37.78 -4.58
C LEU G 109 -1.83 -38.40 -3.23
N LYS G 110 -1.13 -37.94 -2.19
CA LYS G 110 -1.35 -38.42 -0.83
C LYS G 110 -2.02 -37.31 -0.03
N VAL G 111 -3.19 -37.60 0.53
CA VAL G 111 -3.93 -36.66 1.36
C VAL G 111 -4.04 -37.25 2.76
N ARG G 112 -3.60 -36.48 3.76
CA ARG G 112 -3.49 -36.96 5.13
C ARG G 112 -4.18 -35.99 6.08
N PHE G 113 -5.07 -36.52 6.92
CA PHE G 113 -5.68 -35.75 7.99
C PHE G 113 -5.90 -36.66 9.18
N THR G 114 -6.10 -36.05 10.35
CA THR G 114 -6.37 -36.77 11.58
C THR G 114 -7.81 -36.53 12.03
N LEU G 115 -8.45 -37.57 12.55
CA LEU G 115 -9.85 -37.52 12.96
C LEU G 115 -9.95 -37.86 14.44
N ARG G 116 -10.76 -37.09 15.16
CA ARG G 116 -11.04 -37.34 16.57
C ARG G 116 -12.51 -37.67 16.72
N VAL G 117 -12.82 -38.76 17.40
CA VAL G 117 -14.19 -39.16 17.70
C VAL G 117 -14.45 -38.92 19.17
N LEU G 118 -15.42 -38.05 19.47
CA LEU G 118 -15.68 -37.60 20.82
C LEU G 118 -17.01 -38.15 21.33
N GLY G 119 -17.12 -38.26 22.65
CA GLY G 119 -18.33 -38.72 23.29
C GLY G 119 -19.15 -37.58 23.89
N GLY G 120 -20.38 -37.92 24.27
CA GLY G 120 -21.29 -36.93 24.81
C GLY G 120 -21.98 -36.12 23.74
N ALA G 121 -22.60 -36.81 22.78
CA ALA G 121 -23.19 -36.12 21.64
C ALA G 121 -24.44 -35.34 22.03
N GLY G 122 -25.28 -35.90 22.89
CA GLY G 122 -26.54 -35.26 23.22
C GLY G 122 -26.43 -34.11 24.21
N THR G 123 -25.27 -33.94 24.84
CA THR G 123 -25.11 -32.88 25.82
C THR G 123 -24.82 -31.55 25.14
N PRO G 124 -25.66 -30.54 25.30
CA PRO G 124 -25.38 -29.25 24.67
C PRO G 124 -24.28 -28.48 25.39
N SER G 125 -23.63 -27.59 24.64
CA SER G 125 -22.61 -26.74 25.23
C SER G 125 -23.24 -25.52 25.92
N ALA G 126 -24.43 -25.12 25.47
CA ALA G 126 -25.16 -24.02 26.07
C ALA G 126 -26.66 -24.31 26.01
N CYS G 127 -27.36 -23.89 27.05
CA CYS G 127 -28.81 -24.10 27.14
C CYS G 127 -29.38 -23.08 28.12
N ASN G 128 -30.68 -22.79 27.97
CA ASN G 128 -31.36 -21.87 28.88
C ASN G 128 -32.27 -22.60 29.87
N ASP G 129 -32.64 -23.84 29.58
CA ASP G 129 -33.67 -24.52 30.35
C ASP G 129 -33.12 -25.81 30.91
N ALA G 130 -33.07 -25.92 32.24
CA ALA G 130 -32.61 -27.16 32.87
C ALA G 130 -33.57 -28.31 32.57
N ALA G 131 -34.88 -28.04 32.58
CA ALA G 131 -35.85 -29.09 32.29
C ALA G 131 -35.72 -29.58 30.86
N TYR G 132 -35.56 -28.67 29.90
CA TYR G 132 -35.40 -29.07 28.50
C TYR G 132 -34.12 -29.87 28.29
N ARG G 133 -33.02 -29.45 28.93
CA ARG G 133 -31.77 -30.17 28.73
C ARG G 133 -31.82 -31.54 29.42
N ASP G 134 -32.52 -31.65 30.55
CA ASP G 134 -32.71 -32.95 31.18
C ASP G 134 -33.55 -33.87 30.30
N LYS G 135 -34.63 -33.35 29.72
CA LYS G 135 -35.47 -34.15 28.83
C LYS G 135 -34.70 -34.57 27.58
N LEU G 136 -33.88 -33.67 27.03
CA LEU G 136 -33.07 -33.99 25.86
C LEU G 136 -32.01 -35.03 26.18
N LEU G 137 -31.37 -34.91 27.34
CA LEU G 137 -30.37 -35.91 27.74
C LEU G 137 -31.02 -37.27 27.96
N GLN G 138 -32.22 -37.29 28.56
CA GLN G 138 -32.93 -38.55 28.73
C GLN G 138 -33.32 -39.16 27.39
N THR G 139 -33.74 -38.33 26.44
CA THR G 139 -34.10 -38.81 25.12
C THR G 139 -32.89 -39.40 24.39
N VAL G 140 -31.75 -38.72 24.43
CA VAL G 140 -30.55 -39.24 23.80
C VAL G 140 -30.08 -40.51 24.50
N ALA G 141 -30.21 -40.57 25.83
CA ALA G 141 -29.79 -41.75 26.57
C ALA G 141 -30.67 -42.95 26.24
N THR G 142 -31.98 -42.74 26.11
CA THR G 142 -32.85 -43.87 25.77
C THR G 142 -32.68 -44.27 24.30
N TYR G 143 -32.27 -43.33 23.44
CA TYR G 143 -31.85 -43.71 22.10
C TYR G 143 -30.64 -44.62 22.13
N VAL G 144 -29.59 -44.19 22.84
CA VAL G 144 -28.34 -44.95 22.89
C VAL G 144 -28.56 -46.32 23.52
N ASN G 145 -29.42 -46.39 24.55
CA ASN G 145 -29.75 -47.67 25.16
C ASN G 145 -30.53 -48.55 24.18
N ASP G 146 -31.54 -48.00 23.51
CA ASP G 146 -32.30 -48.78 22.55
C ASP G 146 -31.45 -49.18 21.35
N GLN G 147 -30.79 -48.21 20.73
CA GLN G 147 -29.89 -48.48 19.60
C GLN G 147 -28.74 -47.50 19.68
N GLY G 148 -27.56 -47.98 20.02
CA GLY G 148 -26.41 -47.11 20.20
C GLY G 148 -25.91 -46.54 18.88
N PHE G 149 -24.69 -46.03 18.92
CA PHE G 149 -24.09 -45.44 17.73
C PHE G 149 -23.52 -46.52 16.82
N ALA G 150 -24.33 -47.51 16.46
CA ALA G 150 -23.87 -48.63 15.65
C ALA G 150 -24.11 -48.40 14.15
N GLU G 151 -25.31 -47.95 13.79
CA GLU G 151 -25.59 -47.67 12.37
C GLU G 151 -24.90 -46.39 11.93
N LEU G 152 -24.93 -45.36 12.78
CA LEU G 152 -24.29 -44.09 12.43
C LEU G 152 -22.79 -44.26 12.27
N ALA G 153 -22.14 -44.98 13.19
CA ALA G 153 -20.70 -45.22 13.06
C ALA G 153 -20.40 -46.15 11.89
N ARG G 154 -21.31 -47.07 11.57
CA ARG G 154 -21.14 -47.89 10.38
C ARG G 154 -21.11 -47.03 9.12
N ARG G 155 -22.03 -46.07 9.03
CA ARG G 155 -22.07 -45.20 7.86
C ARG G 155 -20.89 -44.24 7.83
N TYR G 156 -20.44 -43.76 9.00
CA TYR G 156 -19.24 -42.93 9.06
C TYR G 156 -18.00 -43.72 8.64
N ALA G 157 -17.82 -44.93 9.06
CA ALA G 157 -16.70 -45.70 8.62
C ALA G 157 -16.64 -45.79 7.15
N HIS G 158 -17.75 -45.77 6.46
CA HIS G 158 -17.78 -45.91 5.03
C HIS G 158 -17.32 -44.69 4.34
N ASN G 159 -17.69 -43.51 4.78
CA ASN G 159 -17.33 -42.26 4.15
C ASN G 159 -15.90 -41.95 4.45
N LEU G 160 -15.24 -42.86 5.10
CA LEU G 160 -13.85 -42.78 5.38
C LEU G 160 -13.29 -43.92 4.63
N ALA G 161 -14.05 -45.02 4.49
CA ALA G 161 -13.33 -46.06 3.74
C ALA G 161 -13.36 -45.77 2.24
N ASN G 162 -14.43 -45.14 1.76
CA ASN G 162 -14.40 -44.56 0.45
C ASN G 162 -13.94 -43.11 0.55
N ALA G 163 -12.99 -42.73 -0.31
CA ALA G 163 -12.34 -41.42 -0.21
C ALA G 163 -13.27 -40.31 -0.71
N ARG G 164 -14.38 -40.13 0.01
CA ARG G 164 -15.30 -39.04 -0.30
C ARG G 164 -14.72 -37.68 0.07
N PHE G 165 -13.75 -37.65 0.99
CA PHE G 165 -13.02 -36.42 1.26
C PHE G 165 -12.09 -36.03 0.11
N LEU G 166 -11.75 -36.97 -0.76
CA LEU G 166 -11.13 -36.66 -2.04
C LEU G 166 -12.27 -36.27 -2.99
N TRP G 167 -12.71 -35.03 -2.88
CA TRP G 167 -13.95 -34.60 -3.54
C TRP G 167 -13.87 -34.66 -5.06
N ARG G 168 -12.99 -33.86 -5.67
CA ARG G 168 -12.78 -33.92 -7.10
C ARG G 168 -11.51 -34.68 -7.45
N ASN G 169 -10.79 -35.18 -6.45
CA ASN G 169 -9.60 -35.99 -6.66
C ASN G 169 -9.91 -37.47 -6.82
N ARG G 170 -11.19 -37.82 -6.84
CA ARG G 170 -11.65 -39.20 -6.95
C ARG G 170 -12.43 -39.48 -8.22
N VAL G 171 -12.81 -38.44 -8.97
CA VAL G 171 -13.75 -38.60 -10.07
C VAL G 171 -13.13 -39.41 -11.20
N GLY G 172 -11.90 -39.11 -11.57
CA GLY G 172 -11.26 -39.81 -12.66
C GLY G 172 -10.01 -40.56 -12.25
N ALA G 173 -9.85 -40.76 -10.94
CA ALA G 173 -8.69 -41.48 -10.45
C ALA G 173 -8.79 -42.96 -10.79
N GLU G 174 -7.68 -43.52 -11.28
CA GLU G 174 -7.65 -44.90 -11.71
C GLU G 174 -7.77 -45.87 -10.54
N ALA G 175 -7.02 -45.61 -9.47
CA ALA G 175 -7.05 -46.48 -8.30
C ALA G 175 -6.91 -45.62 -7.06
N VAL G 176 -7.83 -45.79 -6.12
CA VAL G 176 -7.82 -45.06 -4.85
C VAL G 176 -7.83 -46.06 -3.72
N GLU G 177 -6.92 -45.90 -2.77
CA GLU G 177 -6.97 -46.64 -1.53
C GLU G 177 -6.76 -45.70 -0.35
N VAL G 178 -7.29 -46.10 0.79
CA VAL G 178 -7.22 -45.29 2.01
C VAL G 178 -6.61 -46.14 3.11
N ARG G 179 -5.85 -45.51 4.00
CA ARG G 179 -5.22 -46.18 5.12
C ARG G 179 -5.59 -45.46 6.40
N ILE G 180 -6.37 -46.13 7.25
CA ILE G 180 -6.81 -45.59 8.53
C ILE G 180 -6.02 -46.29 9.63
N ASN G 181 -5.31 -45.51 10.44
CA ASN G 181 -4.52 -46.03 11.54
C ASN G 181 -5.08 -45.49 12.85
N HIS G 182 -5.31 -46.39 13.81
CA HIS G 182 -5.77 -46.00 15.13
C HIS G 182 -4.56 -45.64 15.99
N ILE G 183 -4.46 -44.36 16.37
CA ILE G 183 -3.28 -43.85 17.05
C ILE G 183 -3.54 -43.83 18.55
N ARG G 184 -2.85 -44.70 19.29
CA ARG G 184 -3.02 -44.79 20.74
C ARG G 184 -1.63 -44.71 21.37
N GLN G 185 -1.46 -43.77 22.31
CA GLN G 185 -0.15 -43.31 22.80
C GLN G 185 0.80 -42.97 21.66
N GLY G 186 0.30 -42.29 20.62
CA GLY G 186 1.16 -41.85 19.53
C GLY G 186 1.66 -42.94 18.61
N GLU G 187 1.16 -44.16 18.73
CA GLU G 187 1.60 -45.28 17.90
C GLU G 187 0.38 -45.99 17.35
N VAL G 188 0.57 -46.68 16.22
CA VAL G 188 -0.55 -47.32 15.53
C VAL G 188 -1.00 -48.52 16.34
N ALA G 189 -2.24 -48.47 16.83
CA ALA G 189 -2.87 -49.58 17.54
C ALA G 189 -3.48 -50.61 16.59
N ARG G 190 -4.20 -50.15 15.57
CA ARG G 190 -4.69 -51.03 14.52
C ARG G 190 -4.69 -50.26 13.22
N ALA G 191 -4.27 -50.92 12.14
CA ALA G 191 -4.20 -50.31 10.82
C ALA G 191 -5.26 -50.92 9.90
N TRP G 192 -5.92 -50.08 9.12
CA TRP G 192 -6.91 -50.50 8.14
C TRP G 192 -6.43 -50.10 6.75
N ARG G 193 -6.72 -50.94 5.77
CA ARG G 193 -6.43 -50.65 4.37
C ARG G 193 -7.64 -51.04 3.53
N PHE G 194 -8.16 -50.08 2.78
CA PHE G 194 -9.38 -50.27 2.00
C PHE G 194 -9.13 -49.85 0.57
N ASP G 195 -9.75 -50.57 -0.37
CA ASP G 195 -9.76 -50.18 -1.77
C ASP G 195 -10.94 -49.23 -1.93
N ALA G 196 -10.65 -47.93 -1.98
CA ALA G 196 -11.72 -46.93 -1.93
C ALA G 196 -12.60 -46.92 -3.16
N LEU G 197 -12.15 -47.50 -4.28
CA LEU G 197 -13.02 -47.61 -5.44
C LEU G 197 -13.94 -48.81 -5.35
N ALA G 198 -13.56 -49.83 -4.58
CA ALA G 198 -14.44 -50.98 -4.38
C ALA G 198 -15.63 -50.61 -3.51
N ILE G 199 -15.38 -49.92 -2.39
CA ILE G 199 -16.45 -49.38 -1.56
C ILE G 199 -17.01 -48.15 -2.26
N GLY G 200 -18.24 -48.24 -2.75
CA GLY G 200 -18.81 -47.17 -3.53
C GLY G 200 -19.21 -45.97 -2.69
N LEU G 201 -19.72 -44.95 -3.38
CA LEU G 201 -20.18 -43.72 -2.75
C LEU G 201 -21.69 -43.72 -2.52
N ARG G 202 -22.35 -44.85 -2.71
CA ARG G 202 -23.81 -44.92 -2.72
C ARG G 202 -24.38 -45.95 -1.76
N ASP G 203 -23.72 -47.08 -1.58
CA ASP G 203 -24.27 -48.19 -0.81
C ASP G 203 -23.50 -48.39 0.49
N PHE G 204 -24.24 -48.67 1.57
CA PHE G 204 -23.65 -49.00 2.86
C PHE G 204 -23.79 -50.51 3.06
N LYS G 205 -22.82 -51.24 2.54
CA LYS G 205 -22.80 -52.71 2.56
C LYS G 205 -22.13 -53.14 3.88
N ALA G 206 -21.90 -54.44 4.09
CA ALA G 206 -21.28 -54.91 5.33
C ALA G 206 -19.95 -55.58 5.03
N ASP G 207 -18.95 -55.28 5.87
CA ASP G 207 -17.60 -55.78 5.68
C ASP G 207 -16.91 -55.88 7.03
N ALA G 208 -16.02 -56.87 7.17
CA ALA G 208 -15.45 -57.20 8.47
C ALA G 208 -14.52 -56.11 8.97
N GLU G 209 -13.60 -55.65 8.12
CA GLU G 209 -12.73 -54.54 8.51
C GLU G 209 -13.54 -53.26 8.69
N LEU G 210 -14.55 -53.06 7.84
CA LEU G 210 -15.47 -51.95 8.03
C LEU G 210 -16.26 -52.09 9.32
N ASP G 211 -16.62 -53.32 9.69
CA ASP G 211 -17.30 -53.53 10.97
C ASP G 211 -16.39 -53.20 12.15
N ALA G 212 -15.12 -53.57 12.06
CA ALA G 212 -14.18 -53.26 13.14
C ALA G 212 -13.97 -51.75 13.27
N LEU G 213 -13.80 -51.05 12.15
CA LEU G 213 -13.65 -49.60 12.18
C LEU G 213 -14.93 -48.94 12.69
N ALA G 214 -16.09 -49.48 12.31
CA ALA G 214 -17.36 -48.97 12.81
C ALA G 214 -17.49 -49.16 14.31
N GLU G 215 -17.03 -50.30 14.83
CA GLU G 215 -17.06 -50.52 16.28
C GLU G 215 -16.13 -49.56 17.01
N LEU G 216 -14.97 -49.27 16.41
CA LEU G 216 -14.06 -48.29 17.02
C LEU G 216 -14.68 -46.90 17.04
N ILE G 217 -15.31 -46.49 15.94
CA ILE G 217 -15.97 -45.18 15.89
C ILE G 217 -17.15 -45.14 16.85
N ALA G 218 -17.85 -46.27 17.00
CA ALA G 218 -18.96 -46.35 17.95
C ALA G 218 -18.48 -46.21 19.39
N SER G 219 -17.34 -46.83 19.70
CA SER G 219 -16.76 -46.68 21.03
C SER G 219 -16.30 -45.25 21.27
N GLY G 220 -15.80 -44.59 20.23
CA GLY G 220 -15.46 -43.18 20.36
C GLY G 220 -16.67 -42.30 20.60
N LEU G 221 -17.77 -42.55 19.87
CA LEU G 221 -18.99 -41.76 20.02
C LEU G 221 -19.67 -42.02 21.35
N SER G 222 -19.60 -43.24 21.87
CA SER G 222 -20.23 -43.58 23.13
C SER G 222 -19.52 -43.00 24.34
N GLY G 223 -18.31 -42.47 24.17
CA GLY G 223 -17.54 -41.94 25.28
C GLY G 223 -16.79 -42.97 26.08
N SER G 224 -16.75 -44.22 25.63
CA SER G 224 -16.10 -45.30 26.37
C SER G 224 -14.61 -45.39 26.09
N GLY G 225 -14.08 -44.58 25.17
CA GLY G 225 -12.66 -44.60 24.89
C GLY G 225 -12.27 -43.44 24.01
N HIS G 226 -10.97 -43.17 23.99
CA HIS G 226 -10.40 -42.11 23.16
C HIS G 226 -10.03 -42.69 21.81
N VAL G 227 -10.55 -42.10 20.74
CA VAL G 227 -10.30 -42.56 19.38
C VAL G 227 -9.67 -41.42 18.59
N LEU G 228 -8.45 -41.64 18.10
CA LEU G 228 -7.78 -40.73 17.19
C LEU G 228 -7.33 -41.54 15.98
N LEU G 229 -7.77 -41.12 14.79
CA LEU G 229 -7.52 -41.85 13.57
C LEU G 229 -6.63 -41.03 12.65
N GLU G 230 -5.65 -41.68 12.02
CA GLU G 230 -4.84 -41.08 10.98
C GLU G 230 -5.31 -41.64 9.64
N VAL G 231 -5.89 -40.77 8.81
CA VAL G 231 -6.51 -41.17 7.56
C VAL G 231 -5.63 -40.69 6.42
N VAL G 232 -5.08 -41.63 5.65
CA VAL G 232 -4.19 -41.35 4.53
C VAL G 232 -4.80 -41.98 3.29
N ALA G 233 -4.94 -41.20 2.22
CA ALA G 233 -5.53 -41.65 0.98
C ALA G 233 -4.56 -41.44 -0.18
N PHE G 234 -4.44 -42.43 -1.04
CA PHE G 234 -3.62 -42.37 -2.25
C PHE G 234 -4.53 -42.57 -3.45
N ALA G 235 -4.29 -41.81 -4.52
CA ALA G 235 -5.12 -41.88 -5.71
C ALA G 235 -4.27 -41.69 -6.97
N ARG G 236 -4.56 -42.51 -7.99
CA ARG G 236 -3.94 -42.38 -9.31
C ARG G 236 -4.69 -41.31 -10.11
N ILE G 237 -4.38 -40.05 -9.82
CA ILE G 237 -4.91 -38.96 -10.65
C ILE G 237 -4.23 -38.97 -12.02
N GLY G 238 -2.92 -39.17 -12.05
CA GLY G 238 -2.16 -39.18 -13.29
C GLY G 238 -0.86 -38.42 -13.16
N ASP G 239 -0.04 -38.56 -14.19
CA ASP G 239 1.30 -38.00 -14.17
C ASP G 239 1.22 -36.50 -14.49
N GLY G 240 1.46 -35.67 -13.47
CA GLY G 240 1.44 -34.23 -13.67
C GLY G 240 0.06 -33.62 -13.76
N GLN G 241 -0.99 -34.39 -13.48
CA GLN G 241 -2.36 -33.92 -13.65
C GLN G 241 -2.73 -32.95 -12.53
N GLU G 242 -3.83 -32.23 -12.75
CA GLU G 242 -4.29 -31.20 -11.84
C GLU G 242 -5.03 -31.81 -10.67
N VAL G 243 -4.72 -31.33 -9.46
CA VAL G 243 -5.42 -31.73 -8.25
C VAL G 243 -6.18 -30.53 -7.70
N PHE G 244 -7.15 -30.80 -6.84
CA PHE G 244 -8.17 -29.82 -6.47
C PHE G 244 -8.23 -29.62 -4.97
N PRO G 245 -7.47 -28.67 -4.42
CA PRO G 245 -7.64 -28.32 -3.00
C PRO G 245 -8.86 -27.43 -2.78
N SER G 246 -9.04 -26.96 -1.54
CA SER G 246 -10.17 -26.10 -1.23
C SER G 246 -9.88 -24.66 -1.61
N GLN G 247 -10.93 -23.89 -1.89
CA GLN G 247 -10.79 -22.53 -2.42
C GLN G 247 -11.18 -21.50 -1.35
N GLU G 248 -10.59 -20.32 -1.45
CA GLU G 248 -10.86 -19.22 -0.53
C GLU G 248 -11.72 -18.16 -1.21
N LEU G 249 -12.09 -17.14 -0.43
CA LEU G 249 -12.79 -15.99 -0.97
C LEU G 249 -11.84 -15.10 -1.77
N ILE G 250 -12.42 -14.32 -2.68
CA ILE G 250 -11.69 -13.33 -3.46
C ILE G 250 -12.20 -11.96 -3.04
N LEU G 251 -11.29 -11.11 -2.55
CA LEU G 251 -11.68 -9.77 -2.12
C LEU G 251 -11.95 -8.84 -3.30
N ASP G 252 -11.35 -9.13 -4.46
CA ASP G 252 -11.53 -8.35 -5.69
C ASP G 252 -11.17 -6.88 -5.48
N LYS G 253 -10.05 -6.65 -4.78
CA LYS G 253 -9.57 -5.31 -4.50
C LYS G 253 -8.44 -4.89 -5.44
N GLY G 254 -8.18 -5.65 -6.49
CA GLY G 254 -7.14 -5.34 -7.45
C GLY G 254 -7.70 -4.93 -8.80
N ASP G 255 -6.81 -4.88 -9.79
CA ASP G 255 -7.19 -4.53 -11.14
C ASP G 255 -7.94 -5.67 -11.80
N LYS G 256 -8.46 -5.41 -13.00
CA LYS G 256 -9.24 -6.40 -13.72
C LYS G 256 -8.41 -7.27 -14.65
N LYS G 257 -7.09 -7.04 -14.73
CA LYS G 257 -6.24 -7.88 -15.57
C LYS G 257 -5.47 -8.89 -14.71
N GLY G 258 -4.79 -8.41 -13.68
CA GLY G 258 -4.26 -9.29 -12.65
C GLY G 258 -5.28 -9.44 -11.54
N GLN G 259 -6.43 -10.02 -11.87
CA GLN G 259 -7.58 -9.98 -10.98
C GLN G 259 -7.45 -10.95 -9.81
N LYS G 260 -6.66 -12.01 -9.95
CA LYS G 260 -6.55 -13.09 -8.97
C LYS G 260 -7.93 -13.67 -8.66
N SER G 261 -8.54 -14.27 -9.69
CA SER G 261 -9.92 -14.70 -9.59
C SER G 261 -10.09 -15.98 -8.76
N LYS G 262 -9.01 -16.72 -8.50
CA LYS G 262 -9.10 -17.95 -7.73
C LYS G 262 -7.93 -18.05 -6.78
N THR G 263 -8.21 -18.41 -5.54
CA THR G 263 -7.19 -18.69 -4.53
C THR G 263 -7.44 -20.06 -3.93
N LEU G 264 -6.38 -20.80 -3.69
CA LEU G 264 -6.45 -22.14 -3.10
C LEU G 264 -5.96 -22.11 -1.66
N TYR G 265 -6.29 -23.18 -0.93
CA TYR G 265 -6.01 -23.25 0.49
C TYR G 265 -4.67 -23.93 0.72
N SER G 266 -3.81 -23.28 1.51
CA SER G 266 -2.54 -23.84 1.97
C SER G 266 -2.27 -23.38 3.39
N VAL G 267 -1.71 -24.39 4.06
CA VAL G 267 -1.34 -24.23 5.44
C VAL G 267 0.09 -23.72 5.56
N ARG G 268 1.10 -24.51 5.31
CA ARG G 268 2.44 -23.98 5.40
C ARG G 268 3.04 -24.30 4.09
N ASP G 269 2.49 -23.74 3.03
CA ASP G 269 2.97 -23.99 1.67
C ASP G 269 2.65 -25.35 1.08
N ALA G 270 1.74 -26.09 1.65
CA ALA G 270 1.31 -27.33 1.11
C ALA G 270 -0.10 -27.16 0.82
N ALA G 271 -0.53 -27.43 -0.37
CA ALA G 271 -1.97 -27.40 -0.67
C ALA G 271 -2.73 -28.26 0.33
N ALA G 272 -3.94 -27.83 0.66
CA ALA G 272 -4.72 -28.47 1.71
C ALA G 272 -6.20 -28.30 1.44
N ILE G 273 -6.99 -29.14 2.11
CA ILE G 273 -8.45 -29.11 2.04
C ILE G 273 -8.97 -28.67 3.41
N HIS G 274 -9.97 -27.79 3.41
CA HIS G 274 -10.56 -27.31 4.66
C HIS G 274 -11.11 -28.46 5.49
N SER G 275 -11.04 -28.31 6.81
CA SER G 275 -11.51 -29.38 7.70
C SER G 275 -13.02 -29.51 7.65
N GLN G 276 -13.73 -28.40 7.41
CA GLN G 276 -15.18 -28.48 7.29
C GLN G 276 -15.61 -29.21 6.03
N LYS G 277 -14.81 -29.14 4.96
CA LYS G 277 -15.09 -29.93 3.77
C LYS G 277 -14.94 -31.42 4.05
N ILE G 278 -13.92 -31.79 4.83
CA ILE G 278 -13.74 -33.18 5.23
C ILE G 278 -14.90 -33.62 6.13
N GLY G 279 -15.33 -32.75 7.04
CA GLY G 279 -16.45 -33.08 7.90
C GLY G 279 -17.75 -33.28 7.13
N ASN G 280 -17.97 -32.44 6.11
CA ASN G 280 -19.12 -32.63 5.22
C ASN G 280 -18.99 -33.95 4.46
N ALA G 281 -17.78 -34.28 4.01
CA ALA G 281 -17.59 -35.51 3.25
C ALA G 281 -17.88 -36.74 4.10
N LEU G 282 -17.37 -36.77 5.34
CA LEU G 282 -17.70 -37.87 6.25
C LEU G 282 -19.16 -37.82 6.69
N ARG G 283 -19.77 -36.64 6.63
CA ARG G 283 -21.14 -36.44 7.12
C ARG G 283 -22.20 -36.96 6.14
N THR G 284 -21.81 -37.34 4.93
CA THR G 284 -22.76 -37.75 3.88
C THR G 284 -23.27 -39.16 4.19
N ILE G 285 -24.25 -39.24 5.08
CA ILE G 285 -24.79 -40.53 5.50
C ILE G 285 -26.31 -40.54 5.42
N ASP G 286 -26.93 -39.39 5.19
CA ASP G 286 -28.39 -39.29 5.24
C ASP G 286 -28.99 -39.90 3.97
N THR G 287 -29.52 -41.13 4.10
CA THR G 287 -30.27 -41.77 3.04
C THR G 287 -31.74 -41.92 3.41
N TRP G 288 -32.23 -41.11 4.35
CA TRP G 288 -33.56 -41.29 4.92
C TRP G 288 -34.49 -40.13 4.61
N TYR G 289 -34.07 -39.21 3.75
CA TYR G 289 -34.89 -38.08 3.35
C TYR G 289 -36.10 -38.58 2.54
N PRO G 290 -37.22 -37.84 2.56
CA PRO G 290 -38.46 -38.38 1.97
C PRO G 290 -38.39 -38.65 0.48
N ASP G 291 -37.49 -38.00 -0.25
CA ASP G 291 -37.30 -38.34 -1.65
C ASP G 291 -36.60 -39.69 -1.79
N GLU G 292 -36.42 -40.13 -3.02
CA GLU G 292 -35.77 -41.41 -3.27
C GLU G 292 -34.29 -41.33 -2.92
N ASP G 293 -33.79 -42.40 -2.31
CA ASP G 293 -32.37 -42.47 -1.97
C ASP G 293 -31.50 -42.89 -3.15
N GLY G 294 -32.10 -43.12 -4.32
CA GLY G 294 -31.33 -43.38 -5.51
C GLY G 294 -30.57 -42.19 -6.04
N LEU G 295 -30.88 -40.98 -5.54
CA LEU G 295 -30.07 -39.82 -5.86
C LEU G 295 -28.78 -39.82 -5.05
N GLY G 296 -28.70 -40.65 -4.01
CA GLY G 296 -27.50 -40.81 -3.25
C GLY G 296 -27.63 -40.32 -1.82
N PRO G 297 -26.64 -40.64 -0.99
CA PRO G 297 -26.62 -40.10 0.37
C PRO G 297 -26.38 -38.59 0.38
N ILE G 298 -26.86 -37.96 1.45
CA ILE G 298 -26.74 -36.52 1.65
C ILE G 298 -26.05 -36.32 2.99
N ALA G 299 -25.31 -35.21 3.12
CA ALA G 299 -24.80 -34.82 4.43
C ALA G 299 -25.95 -34.49 5.35
N VAL G 300 -25.89 -34.96 6.59
CA VAL G 300 -26.95 -34.64 7.53
C VAL G 300 -26.89 -33.15 7.86
N GLU G 301 -28.00 -32.47 7.66
CA GLU G 301 -28.15 -31.05 7.91
C GLU G 301 -29.54 -30.82 8.47
N PRO G 302 -29.75 -29.75 9.22
CA PRO G 302 -31.11 -29.21 9.31
C PRO G 302 -31.57 -28.84 7.91
N TYR G 303 -32.81 -29.23 7.59
CA TYR G 303 -33.51 -28.86 6.36
C TYR G 303 -32.87 -29.49 5.12
N GLY G 304 -32.06 -30.53 5.30
CA GLY G 304 -31.47 -31.36 4.26
C GLY G 304 -30.92 -30.65 3.04
N SER G 305 -30.18 -29.57 3.26
CA SER G 305 -29.80 -28.66 2.19
C SER G 305 -28.67 -29.21 1.35
N VAL G 306 -28.82 -29.09 0.03
CA VAL G 306 -27.76 -29.35 -0.93
C VAL G 306 -27.57 -28.10 -1.76
N THR G 307 -26.40 -27.48 -1.65
CA THR G 307 -26.14 -26.24 -2.35
C THR G 307 -25.91 -26.44 -3.85
N SER G 308 -25.27 -27.54 -4.25
CA SER G 308 -25.03 -27.80 -5.65
C SER G 308 -26.34 -28.02 -6.40
N GLN G 309 -27.28 -28.73 -5.78
CA GLN G 309 -28.57 -28.98 -6.42
C GLN G 309 -29.60 -27.89 -6.12
N GLY G 310 -29.29 -26.98 -5.20
CA GLY G 310 -30.20 -25.91 -4.85
C GLY G 310 -31.55 -26.36 -4.30
N LYS G 311 -31.65 -27.57 -3.77
CA LYS G 311 -32.90 -28.15 -3.33
C LYS G 311 -32.79 -28.55 -1.87
N ALA G 312 -33.88 -28.36 -1.12
CA ALA G 312 -33.94 -28.77 0.28
C ALA G 312 -34.76 -30.05 0.37
N TYR G 313 -34.08 -31.18 0.55
CA TYR G 313 -34.78 -32.35 1.04
C TYR G 313 -35.10 -32.14 2.52
N ARG G 314 -36.08 -32.90 3.01
CA ARG G 314 -36.59 -32.74 4.38
C ARG G 314 -37.06 -31.30 4.62
N GLN G 315 -38.01 -30.86 3.81
CA GLN G 315 -38.57 -29.53 3.94
C GLN G 315 -39.35 -29.42 5.26
N PRO G 316 -39.37 -28.23 5.87
CA PRO G 316 -40.20 -28.03 7.07
C PRO G 316 -41.68 -28.17 6.81
N LYS G 317 -42.14 -28.02 5.56
CA LYS G 317 -43.53 -28.28 5.24
C LYS G 317 -43.90 -29.73 5.48
N GLN G 318 -43.03 -30.65 5.06
CA GLN G 318 -43.15 -32.04 5.50
C GLN G 318 -42.67 -32.15 6.95
N LYS G 319 -43.13 -33.21 7.61
CA LYS G 319 -42.76 -33.44 9.00
C LYS G 319 -41.55 -34.36 9.11
N LEU G 320 -40.47 -34.02 8.41
CA LEU G 320 -39.27 -34.86 8.37
C LEU G 320 -37.98 -34.05 8.52
N ASP G 321 -38.06 -32.77 8.85
CA ASP G 321 -36.86 -31.99 9.11
C ASP G 321 -36.37 -32.22 10.52
N PHE G 322 -35.18 -31.68 10.82
CA PHE G 322 -34.54 -31.95 12.11
C PHE G 322 -35.28 -31.27 13.26
N TYR G 323 -35.76 -30.04 13.05
CA TYR G 323 -36.31 -29.27 14.16
C TYR G 323 -37.65 -29.81 14.62
N THR G 324 -38.55 -30.12 13.67
CA THR G 324 -39.83 -30.70 14.05
C THR G 324 -39.68 -32.08 14.65
N LEU G 325 -38.75 -32.88 14.12
CA LEU G 325 -38.47 -34.19 14.70
C LEU G 325 -37.94 -34.08 16.13
N LEU G 326 -37.03 -33.15 16.37
CA LEU G 326 -36.48 -32.96 17.71
C LEU G 326 -37.54 -32.43 18.67
N ASP G 327 -38.42 -31.55 18.19
CA ASP G 327 -39.48 -31.02 19.03
C ASP G 327 -40.50 -32.09 19.39
N ASN G 328 -40.94 -32.87 18.40
CA ASN G 328 -41.90 -33.93 18.65
C ASN G 328 -41.33 -35.04 19.53
N TRP G 329 -40.06 -35.40 19.30
CA TRP G 329 -39.43 -36.47 20.08
C TRP G 329 -39.25 -36.09 21.54
N VAL G 330 -38.86 -34.86 21.81
CA VAL G 330 -38.46 -34.43 23.16
C VAL G 330 -39.62 -33.79 23.91
N LEU G 331 -40.26 -32.79 23.32
CA LEU G 331 -41.28 -32.03 24.04
C LEU G 331 -42.53 -32.87 24.33
N ARG G 332 -43.02 -33.59 23.31
CA ARG G 332 -44.27 -34.31 23.43
C ARG G 332 -44.13 -35.81 23.16
N ASP G 333 -42.91 -36.34 23.22
CA ASP G 333 -42.64 -37.78 23.26
C ASP G 333 -43.15 -38.51 22.02
N GLU G 334 -43.19 -37.81 20.90
CA GLU G 334 -43.56 -38.42 19.61
C GLU G 334 -42.27 -38.89 18.95
N ALA G 335 -41.84 -40.09 19.28
CA ALA G 335 -40.61 -40.65 18.74
C ALA G 335 -40.78 -40.97 17.26
N PRO G 336 -39.89 -40.51 16.38
CA PRO G 336 -40.01 -40.84 14.96
C PRO G 336 -39.57 -42.27 14.66
N ALA G 337 -39.51 -42.62 13.38
CA ALA G 337 -38.95 -43.89 12.98
C ALA G 337 -37.46 -43.93 13.31
N VAL G 338 -36.91 -45.15 13.39
CA VAL G 338 -35.53 -45.31 13.83
C VAL G 338 -34.56 -44.68 12.83
N GLU G 339 -34.94 -44.62 11.55
CA GLU G 339 -34.13 -43.92 10.57
C GLU G 339 -34.12 -42.42 10.83
N GLN G 340 -35.29 -41.85 11.12
CA GLN G 340 -35.37 -40.42 11.35
C GLN G 340 -34.70 -40.03 12.66
N GLN G 341 -34.73 -40.92 13.66
CA GLN G 341 -33.99 -40.62 14.88
C GLN G 341 -32.49 -40.84 14.70
N HIS G 342 -32.08 -41.73 13.78
CA HIS G 342 -30.68 -41.77 13.38
C HIS G 342 -30.26 -40.44 12.77
N TYR G 343 -31.13 -39.86 11.94
CA TYR G 343 -30.85 -38.54 11.37
C TYR G 343 -30.76 -37.47 12.45
N VAL G 344 -31.65 -37.51 13.44
CA VAL G 344 -31.63 -36.54 14.52
C VAL G 344 -30.34 -36.65 15.33
N ILE G 345 -29.95 -37.87 15.68
CA ILE G 345 -28.71 -38.04 16.45
C ILE G 345 -27.49 -37.70 15.60
N ALA G 346 -27.56 -37.90 14.28
CA ALA G 346 -26.46 -37.47 13.42
C ALA G 346 -26.34 -35.94 13.42
N ASN G 347 -27.48 -35.23 13.42
CA ASN G 347 -27.43 -33.78 13.57
C ASN G 347 -26.89 -33.36 14.93
N LEU G 348 -27.19 -34.13 15.97
CA LEU G 348 -26.63 -33.82 17.29
C LEU G 348 -25.13 -34.07 17.32
N ILE G 349 -24.67 -35.07 16.58
CA ILE G 349 -23.24 -35.37 16.50
C ILE G 349 -22.50 -34.29 15.72
N ARG G 350 -23.07 -33.82 14.60
CA ARG G 350 -22.40 -32.80 13.81
C ARG G 350 -22.37 -31.45 14.52
N GLY G 351 -23.22 -31.26 15.53
CA GLY G 351 -23.28 -30.01 16.24
C GLY G 351 -24.00 -28.94 15.44
N GLY G 352 -24.12 -27.78 16.06
CA GLY G 352 -24.77 -26.65 15.41
C GLY G 352 -25.40 -25.73 16.43
N VAL G 353 -25.67 -24.50 15.98
CA VAL G 353 -26.34 -23.51 16.83
C VAL G 353 -27.83 -23.70 16.59
N PHE G 354 -28.40 -24.64 17.33
CA PHE G 354 -29.83 -24.90 17.27
C PHE G 354 -30.57 -24.05 18.29
N GLY G 355 -31.88 -24.10 18.24
CA GLY G 355 -32.68 -23.29 19.14
C GLY G 355 -33.12 -21.99 18.50
N GLU G 356 -34.20 -21.44 19.03
CA GLU G 356 -34.79 -20.22 18.49
C GLU G 356 -33.99 -19.02 18.99
N ALA G 357 -34.54 -17.82 18.82
CA ALA G 357 -33.89 -16.61 19.30
C ALA G 357 -34.91 -15.54 19.64
N ILE H 23 -25.77 2.51 63.53
CA ILE H 23 -26.59 1.38 63.12
C ILE H 23 -25.72 0.45 62.25
N LEU H 24 -24.57 0.98 61.83
CA LEU H 24 -23.57 0.24 61.04
C LEU H 24 -24.18 -0.27 59.72
N SER H 25 -24.51 0.69 58.87
CA SER H 25 -24.88 0.37 57.51
C SER H 25 -23.63 0.07 56.67
N THR H 26 -23.83 -0.68 55.59
CA THR H 26 -22.71 -1.06 54.73
C THR H 26 -22.24 0.13 53.91
N ALA H 27 -20.98 0.06 53.47
CA ALA H 27 -20.33 1.17 52.81
C ALA H 27 -20.83 1.36 51.38
N SER H 28 -20.82 2.61 50.93
CA SER H 28 -21.22 2.90 49.56
C SER H 28 -20.14 2.53 48.55
N VAL H 29 -18.87 2.65 48.95
CA VAL H 29 -17.74 2.26 48.13
C VAL H 29 -17.01 1.14 48.85
N LEU H 30 -17.04 -0.05 48.27
CA LEU H 30 -16.42 -1.24 48.88
C LEU H 30 -15.67 -2.02 47.81
N ALA H 31 -14.81 -1.33 47.06
CA ALA H 31 -14.04 -1.98 46.02
C ALA H 31 -13.03 -2.96 46.62
N PHE H 32 -12.82 -4.08 45.93
CA PHE H 32 -11.85 -5.10 46.31
C PHE H 32 -10.95 -5.40 45.14
N GLU H 33 -9.66 -5.59 45.42
CA GLU H 33 -8.72 -5.97 44.38
C GLU H 33 -8.70 -7.48 44.20
N ARG H 34 -8.19 -7.89 43.04
CA ARG H 34 -8.21 -9.30 42.64
C ARG H 34 -7.00 -10.02 43.21
N LYS H 35 -7.24 -11.00 44.07
CA LYS H 35 -6.22 -11.96 44.42
C LYS H 35 -6.22 -13.10 43.41
N LEU H 36 -5.15 -13.90 43.43
CA LEU H 36 -4.89 -14.94 42.43
C LEU H 36 -4.86 -14.33 41.03
N ASP H 37 -3.85 -13.50 40.78
CA ASP H 37 -3.70 -12.86 39.48
C ASP H 37 -3.09 -13.82 38.48
N PRO H 38 -3.79 -14.19 37.41
CA PRO H 38 -3.18 -14.97 36.34
C PRO H 38 -2.64 -14.06 35.24
N SER H 39 -1.98 -14.69 34.27
CA SER H 39 -1.52 -14.02 33.07
C SER H 39 -2.23 -14.60 31.87
N ASP H 40 -2.01 -13.96 30.71
CA ASP H 40 -2.52 -14.52 29.46
C ASP H 40 -1.78 -15.82 29.15
N ALA H 41 -2.52 -16.89 28.88
CA ALA H 41 -1.92 -18.21 28.72
C ALA H 41 -1.50 -18.39 27.28
N LEU H 42 -0.21 -18.32 27.02
CA LEU H 42 0.32 -18.50 25.68
C LEU H 42 0.43 -19.99 25.36
N MET H 43 -0.06 -20.37 24.19
CA MET H 43 -0.12 -21.78 23.80
C MET H 43 0.83 -22.06 22.66
N SER H 44 1.64 -23.10 22.83
CA SER H 44 2.64 -23.55 21.87
C SER H 44 2.38 -25.00 21.51
N ALA H 45 3.19 -25.55 20.61
CA ALA H 45 2.97 -26.88 20.09
C ALA H 45 4.28 -27.65 20.00
N GLY H 46 4.17 -28.97 20.11
CA GLY H 46 5.34 -29.81 20.02
C GLY H 46 4.95 -31.27 19.96
N ALA H 47 5.83 -32.11 20.48
CA ALA H 47 5.64 -33.56 20.48
C ALA H 47 5.63 -34.09 21.90
N TRP H 48 4.74 -35.06 22.15
CA TRP H 48 4.77 -35.78 23.41
C TRP H 48 6.06 -36.58 23.52
N ALA H 49 6.53 -36.74 24.76
CA ALA H 49 7.84 -37.30 25.14
C ALA H 49 8.98 -36.38 24.69
N GLN H 50 8.64 -35.21 24.17
CA GLN H 50 9.58 -34.12 23.97
C GLN H 50 9.19 -32.90 24.79
N ARG H 51 8.25 -33.05 25.72
CA ARG H 51 7.72 -31.94 26.49
C ARG H 51 8.62 -31.55 27.64
N ASP H 52 9.62 -32.36 27.97
CA ASP H 52 10.58 -31.98 29.00
C ASP H 52 11.43 -30.80 28.53
N ALA H 53 11.95 -30.87 27.30
CA ALA H 53 12.64 -29.75 26.68
C ALA H 53 11.70 -29.05 25.70
N SER H 54 10.78 -28.27 26.27
CA SER H 54 9.74 -27.60 25.49
C SER H 54 9.86 -26.08 25.53
N GLN H 55 11.02 -25.55 25.92
CA GLN H 55 11.20 -24.10 25.95
C GLN H 55 11.38 -23.50 24.57
N GLU H 56 11.78 -24.30 23.58
CA GLU H 56 12.01 -23.82 22.23
C GLU H 56 10.86 -24.16 21.28
N TRP H 57 9.73 -24.64 21.81
CA TRP H 57 8.61 -25.05 20.99
C TRP H 57 8.02 -23.84 20.26
N PRO H 58 7.68 -23.97 18.97
CA PRO H 58 7.10 -22.85 18.25
C PRO H 58 5.68 -22.56 18.72
N ALA H 59 5.34 -21.28 18.75
CA ALA H 59 4.02 -20.86 19.21
C ALA H 59 2.96 -21.22 18.19
N VAL H 60 1.75 -21.50 18.69
CA VAL H 60 0.60 -21.76 17.84
C VAL H 60 0.15 -20.44 17.24
N THR H 61 0.04 -20.40 15.91
CA THR H 61 -0.28 -19.17 15.20
C THR H 61 -1.75 -19.16 14.79
N VAL H 62 -2.35 -17.97 14.85
CA VAL H 62 -3.74 -17.79 14.43
C VAL H 62 -3.77 -17.56 12.92
N ARG H 63 -4.46 -18.42 12.21
CA ARG H 63 -4.56 -18.34 10.76
C ARG H 63 -5.98 -17.99 10.34
N GLU H 64 -6.13 -17.67 9.06
CA GLU H 64 -7.42 -17.36 8.48
C GLU H 64 -7.81 -18.43 7.47
N LYS H 65 -9.06 -18.86 7.52
CA LYS H 65 -9.56 -19.82 6.56
C LYS H 65 -10.98 -19.43 6.17
N SER H 66 -11.43 -19.98 5.04
CA SER H 66 -12.72 -19.64 4.47
C SER H 66 -13.72 -20.76 4.75
N VAL H 67 -14.90 -20.39 5.24
CA VAL H 67 -16.00 -21.32 5.45
C VAL H 67 -17.19 -20.85 4.62
N ARG H 68 -18.02 -21.82 4.22
CA ARG H 68 -19.27 -21.54 3.54
C ARG H 68 -20.39 -22.17 4.34
N GLY H 69 -21.21 -21.34 4.98
CA GLY H 69 -22.27 -21.83 5.84
C GLY H 69 -23.55 -22.06 5.09
N THR H 70 -24.27 -23.10 5.48
CA THR H 70 -25.58 -23.40 4.91
C THR H 70 -26.67 -22.91 5.86
N ILE H 71 -27.92 -23.00 5.40
CA ILE H 71 -29.06 -22.60 6.21
C ILE H 71 -29.38 -23.75 7.16
N SER H 72 -29.05 -23.58 8.45
CA SER H 72 -29.23 -24.64 9.42
C SER H 72 -29.85 -24.15 10.72
N ASN H 73 -30.50 -22.99 10.71
CA ASN H 73 -31.12 -22.43 11.89
C ASN H 73 -32.64 -22.49 11.77
N ARG H 74 -33.31 -22.25 12.90
CA ARG H 74 -34.76 -22.29 12.94
C ARG H 74 -35.36 -21.14 12.14
N LEU H 75 -36.33 -21.46 11.29
CA LEU H 75 -37.04 -20.42 10.57
C LEU H 75 -38.21 -19.89 11.41
N LYS H 76 -38.63 -18.66 11.11
CA LYS H 76 -39.59 -17.93 11.92
C LYS H 76 -41.03 -18.14 11.46
N THR H 77 -41.34 -19.30 10.87
CA THR H 77 -42.69 -19.79 10.56
C THR H 77 -43.30 -19.00 9.39
N LYS H 78 -42.62 -17.95 8.95
CA LYS H 78 -43.06 -17.15 7.82
C LYS H 78 -42.39 -17.60 6.53
N ASP H 79 -41.07 -17.85 6.58
CA ASP H 79 -40.31 -18.27 5.42
C ASP H 79 -39.98 -19.76 5.44
N ARG H 80 -40.90 -20.59 5.91
CA ARG H 80 -40.72 -22.05 5.83
C ARG H 80 -41.24 -22.63 4.53
N ASP H 81 -41.78 -21.82 3.63
CA ASP H 81 -42.24 -22.31 2.35
C ASP H 81 -41.05 -22.77 1.52
N PRO H 82 -41.21 -23.84 0.71
CA PRO H 82 -40.06 -24.43 0.02
C PRO H 82 -39.34 -23.50 -0.94
N ALA H 83 -40.06 -22.57 -1.58
CA ALA H 83 -39.43 -21.72 -2.60
C ALA H 83 -38.40 -20.78 -1.97
N LYS H 84 -38.76 -20.12 -0.87
CA LYS H 84 -37.82 -19.20 -0.23
C LYS H 84 -36.65 -19.94 0.41
N LEU H 85 -36.90 -21.12 0.97
CA LEU H 85 -35.82 -21.92 1.54
C LEU H 85 -34.84 -22.36 0.46
N ASP H 86 -35.35 -22.80 -0.69
CA ASP H 86 -34.47 -23.19 -1.78
C ASP H 86 -33.70 -21.99 -2.34
N ALA H 87 -34.36 -20.82 -2.40
CA ALA H 87 -33.68 -19.63 -2.88
C ALA H 87 -32.58 -19.20 -1.91
N SER H 88 -32.79 -19.39 -0.61
CA SER H 88 -31.75 -19.07 0.36
C SER H 88 -30.60 -20.06 0.30
N ILE H 89 -30.92 -21.35 0.07
CA ILE H 89 -29.87 -22.36 -0.06
C ILE H 89 -29.04 -22.14 -1.31
N GLN H 90 -29.66 -21.68 -2.40
CA GLN H 90 -28.92 -21.44 -3.64
C GLN H 90 -27.87 -20.34 -3.49
N SER H 91 -28.00 -19.49 -2.47
CA SER H 91 -27.06 -18.40 -2.22
C SER H 91 -26.54 -18.51 -0.78
N PRO H 92 -25.53 -19.33 -0.53
CA PRO H 92 -24.96 -19.42 0.81
C PRO H 92 -24.08 -18.21 1.10
N ASN H 93 -23.81 -17.99 2.38
CA ASN H 93 -23.02 -16.86 2.84
C ASN H 93 -21.56 -17.26 3.03
N LEU H 94 -20.66 -16.40 2.58
CA LEU H 94 -19.23 -16.62 2.69
C LEU H 94 -18.64 -15.71 3.76
N GLN H 95 -17.74 -16.26 4.57
CA GLN H 95 -17.12 -15.49 5.63
C GLN H 95 -15.76 -16.08 5.96
N THR H 96 -14.92 -15.26 6.58
CA THR H 96 -13.58 -15.64 6.99
C THR H 96 -13.56 -15.76 8.51
N VAL H 97 -12.94 -16.83 9.01
CA VAL H 97 -12.85 -17.06 10.45
C VAL H 97 -11.38 -17.24 10.83
N ASP H 98 -11.01 -16.71 11.99
CA ASP H 98 -9.70 -17.00 12.55
C ASP H 98 -9.70 -18.40 13.13
N VAL H 99 -8.67 -19.18 12.79
CA VAL H 99 -8.60 -20.59 13.18
C VAL H 99 -7.19 -20.88 13.67
N ALA H 100 -7.09 -21.69 14.73
CA ALA H 100 -5.82 -22.06 15.32
C ALA H 100 -5.73 -23.58 15.37
N ASN H 101 -4.66 -24.14 14.80
CA ASN H 101 -4.46 -25.57 14.75
C ASN H 101 -3.03 -25.89 15.16
N LEU H 102 -2.83 -27.14 15.59
CA LEU H 102 -1.49 -27.64 15.77
C LEU H 102 -0.85 -27.91 14.41
N PRO H 103 0.47 -27.95 14.33
CA PRO H 103 1.11 -28.42 13.10
C PRO H 103 0.80 -29.87 12.83
N SER H 104 0.89 -30.26 11.55
CA SER H 104 0.54 -31.62 11.16
C SER H 104 1.54 -32.65 11.67
N ASP H 105 2.72 -32.21 12.11
CA ASP H 105 3.70 -33.10 12.72
C ASP H 105 3.82 -32.88 14.22
N ALA H 106 2.88 -32.15 14.82
CA ALA H 106 2.85 -31.91 16.26
C ALA H 106 1.51 -32.38 16.80
N ASP H 107 1.55 -33.19 17.87
CA ASP H 107 0.34 -33.78 18.41
C ASP H 107 -0.08 -33.22 19.77
N THR H 108 0.77 -32.47 20.45
CA THR H 108 0.46 -31.98 21.77
C THR H 108 0.50 -30.45 21.81
N LEU H 109 -0.26 -29.90 22.74
CA LEU H 109 -0.37 -28.46 22.93
C LEU H 109 0.20 -28.11 24.31
N LYS H 110 1.09 -27.11 24.33
CA LYS H 110 1.67 -26.62 25.58
C LYS H 110 1.09 -25.26 25.89
N VAL H 111 0.43 -25.13 27.04
CA VAL H 111 -0.18 -23.89 27.48
C VAL H 111 0.52 -23.45 28.76
N ARG H 112 1.04 -22.22 28.76
CA ARG H 112 1.92 -21.76 29.82
C ARG H 112 1.48 -20.39 30.29
N PHE H 113 1.33 -20.25 31.61
CA PHE H 113 1.02 -18.97 32.23
C PHE H 113 1.59 -18.98 33.64
N THR H 114 1.67 -17.78 34.24
CA THR H 114 2.17 -17.62 35.60
C THR H 114 1.06 -17.09 36.49
N LEU H 115 0.93 -17.69 37.68
CA LEU H 115 -0.07 -17.29 38.66
C LEU H 115 0.62 -16.67 39.87
N ARG H 116 0.01 -15.63 40.42
CA ARG H 116 0.56 -14.92 41.58
C ARG H 116 -0.51 -14.88 42.66
N VAL H 117 -0.20 -15.45 43.82
CA VAL H 117 -1.10 -15.40 44.97
C VAL H 117 -0.69 -14.21 45.84
N LEU H 118 -1.65 -13.34 46.15
CA LEU H 118 -1.34 -12.05 46.76
C LEU H 118 -1.44 -12.06 48.28
N GLY H 119 -2.61 -12.39 48.82
CA GLY H 119 -2.83 -12.33 50.25
C GLY H 119 -3.40 -10.98 50.68
N GLY H 120 -4.11 -11.02 51.80
CA GLY H 120 -4.80 -9.82 52.28
C GLY H 120 -6.21 -9.69 51.73
N ALA H 121 -6.97 -10.78 51.72
CA ALA H 121 -8.24 -10.80 51.00
C ALA H 121 -9.30 -9.91 51.64
N GLY H 122 -9.33 -9.85 52.98
CA GLY H 122 -10.41 -9.13 53.64
C GLY H 122 -10.27 -7.62 53.54
N THR H 123 -9.08 -7.13 53.26
CA THR H 123 -8.85 -5.70 53.19
C THR H 123 -9.37 -5.13 51.86
N PRO H 124 -10.30 -4.20 51.88
CA PRO H 124 -10.76 -3.58 50.63
C PRO H 124 -9.76 -2.55 50.11
N SER H 125 -9.75 -2.40 48.80
CA SER H 125 -8.90 -1.39 48.18
C SER H 125 -9.44 0.02 48.42
N ALA H 126 -10.77 0.17 48.35
CA ALA H 126 -11.42 1.44 48.61
C ALA H 126 -12.58 1.21 49.56
N CYS H 127 -12.65 2.00 50.63
CA CYS H 127 -13.74 1.89 51.59
C CYS H 127 -13.97 3.26 52.21
N ASN H 128 -15.15 3.82 51.98
CA ASN H 128 -15.44 5.16 52.50
C ASN H 128 -15.96 5.13 53.93
N ASP H 129 -16.36 3.97 54.43
CA ASP H 129 -16.85 3.83 55.81
C ASP H 129 -15.77 3.16 56.64
N ALA H 130 -15.30 3.85 57.68
CA ALA H 130 -14.22 3.31 58.50
C ALA H 130 -14.73 2.25 59.47
N ALA H 131 -15.91 2.48 60.06
CA ALA H 131 -16.48 1.50 61.00
C ALA H 131 -16.84 0.21 60.28
N TYR H 132 -17.42 0.31 59.09
CA TYR H 132 -17.71 -0.88 58.29
C TYR H 132 -16.44 -1.61 57.90
N ARG H 133 -15.38 -0.86 57.56
CA ARG H 133 -14.11 -1.49 57.21
C ARG H 133 -13.53 -2.24 58.41
N ASP H 134 -13.60 -1.65 59.60
CA ASP H 134 -13.11 -2.33 60.79
C ASP H 134 -13.93 -3.58 61.10
N LYS H 135 -15.25 -3.49 60.98
CA LYS H 135 -16.10 -4.65 61.25
C LYS H 135 -15.85 -5.76 60.24
N LEU H 136 -15.68 -5.41 58.96
CA LEU H 136 -15.38 -6.40 57.93
C LEU H 136 -14.02 -7.05 58.16
N LEU H 137 -13.03 -6.25 58.54
CA LEU H 137 -11.71 -6.80 58.84
C LEU H 137 -11.76 -7.74 60.03
N GLN H 138 -12.54 -7.39 61.06
CA GLN H 138 -12.72 -8.28 62.20
C GLN H 138 -13.40 -9.58 61.79
N THR H 139 -14.40 -9.50 60.92
CA THR H 139 -15.08 -10.70 60.45
C THR H 139 -14.15 -11.62 59.67
N VAL H 140 -13.36 -11.04 58.76
CA VAL H 140 -12.41 -11.85 58.00
C VAL H 140 -11.32 -12.41 58.91
N ALA H 141 -10.88 -11.63 59.90
CA ALA H 141 -9.86 -12.10 60.82
C ALA H 141 -10.36 -13.27 61.67
N THR H 142 -11.60 -13.20 62.15
CA THR H 142 -12.11 -14.31 62.95
C THR H 142 -12.42 -15.52 62.07
N TYR H 143 -12.74 -15.29 60.80
CA TYR H 143 -12.82 -16.41 59.86
C TYR H 143 -11.47 -17.10 59.73
N VAL H 144 -10.41 -16.32 59.50
CA VAL H 144 -9.07 -16.88 59.30
C VAL H 144 -8.60 -17.61 60.55
N ASN H 145 -8.89 -17.04 61.72
CA ASN H 145 -8.54 -17.70 62.97
C ASN H 145 -9.32 -19.01 63.13
N ASP H 146 -10.61 -19.00 62.80
CA ASP H 146 -11.40 -20.22 62.89
C ASP H 146 -11.05 -21.21 61.78
N GLN H 147 -11.28 -20.81 60.53
CA GLN H 147 -10.92 -21.63 59.36
C GLN H 147 -10.09 -20.77 58.42
N GLY H 148 -8.79 -21.01 58.39
CA GLY H 148 -7.91 -20.29 57.49
C GLY H 148 -8.14 -20.68 56.04
N PHE H 149 -7.30 -20.14 55.18
CA PHE H 149 -7.40 -20.40 53.74
C PHE H 149 -6.89 -21.80 53.40
N ALA H 150 -7.54 -22.81 53.96
CA ALA H 150 -7.13 -24.20 53.79
C ALA H 150 -8.01 -24.94 52.79
N GLU H 151 -9.33 -24.83 52.92
CA GLU H 151 -10.23 -25.46 51.96
C GLU H 151 -10.24 -24.70 50.63
N LEU H 152 -10.25 -23.37 50.70
CA LEU H 152 -10.23 -22.55 49.49
C LEU H 152 -8.95 -22.79 48.69
N ALA H 153 -7.81 -22.79 49.37
CA ALA H 153 -6.55 -23.06 48.70
C ALA H 153 -6.48 -24.49 48.18
N ARG H 154 -7.10 -25.43 48.89
CA ARG H 154 -7.16 -26.81 48.40
C ARG H 154 -7.93 -26.88 47.08
N ARG H 155 -9.07 -26.19 47.00
CA ARG H 155 -9.87 -26.23 45.78
C ARG H 155 -9.18 -25.48 44.64
N TYR H 156 -8.48 -24.39 44.95
CA TYR H 156 -7.67 -23.72 43.93
C TYR H 156 -6.54 -24.62 43.45
N ALA H 157 -5.96 -25.41 44.35
CA ALA H 157 -4.92 -26.35 43.97
C ALA H 157 -5.49 -27.46 43.08
N HIS H 158 -6.71 -27.92 43.36
CA HIS H 158 -7.37 -28.85 42.46
C HIS H 158 -7.57 -28.24 41.08
N ASN H 159 -8.05 -26.99 41.03
CA ASN H 159 -8.32 -26.36 39.73
C ASN H 159 -7.04 -26.04 38.97
N LEU H 160 -5.91 -25.92 39.66
CA LEU H 160 -4.61 -25.87 39.00
C LEU H 160 -4.12 -27.24 38.56
N ALA H 161 -4.40 -28.28 39.36
CA ALA H 161 -3.87 -29.62 39.07
C ALA H 161 -4.53 -30.23 37.84
N ASN H 162 -5.86 -30.16 37.77
CA ASN H 162 -6.55 -30.50 36.53
C ASN H 162 -6.57 -29.28 35.62
N ALA H 163 -6.49 -29.52 34.32
CA ALA H 163 -6.38 -28.42 33.35
C ALA H 163 -7.76 -27.86 33.01
N ARG H 164 -8.43 -27.34 34.03
CA ARG H 164 -9.70 -26.66 33.79
C ARG H 164 -9.50 -25.34 33.06
N PHE H 165 -8.30 -24.75 33.15
CA PHE H 165 -7.97 -23.60 32.32
C PHE H 165 -7.82 -23.97 30.85
N LEU H 166 -7.68 -25.27 30.54
CA LEU H 166 -7.86 -25.78 29.19
C LEU H 166 -9.35 -26.05 29.04
N TRP H 167 -10.06 -25.08 28.44
CA TRP H 167 -11.51 -25.14 28.44
C TRP H 167 -12.02 -26.16 27.43
N ARG H 168 -11.74 -25.95 26.15
CA ARG H 168 -12.11 -26.91 25.12
C ARG H 168 -10.91 -27.74 24.63
N ASN H 169 -9.72 -27.43 25.11
CA ASN H 169 -8.53 -28.21 24.78
C ASN H 169 -8.40 -29.46 25.63
N ARG H 170 -9.31 -29.67 26.58
CA ARG H 170 -9.26 -30.77 27.52
C ARG H 170 -10.33 -31.83 27.28
N VAL H 171 -11.36 -31.53 26.47
CA VAL H 171 -12.53 -32.39 26.40
C VAL H 171 -12.21 -33.72 25.71
N GLY H 172 -11.38 -33.70 24.68
CA GLY H 172 -11.07 -34.91 23.96
C GLY H 172 -9.60 -35.24 23.92
N ALA H 173 -8.84 -34.72 24.88
CA ALA H 173 -7.41 -34.95 24.91
C ALA H 173 -7.10 -36.38 25.35
N GLU H 174 -6.09 -36.98 24.71
CA GLU H 174 -5.69 -38.34 25.07
C GLU H 174 -5.08 -38.39 26.46
N ALA H 175 -4.21 -37.44 26.79
CA ALA H 175 -3.58 -37.38 28.09
C ALA H 175 -3.18 -35.94 28.39
N VAL H 176 -3.51 -35.46 29.58
CA VAL H 176 -3.21 -34.09 29.99
C VAL H 176 -2.29 -34.16 31.20
N GLU H 177 -1.20 -33.39 31.14
CA GLU H 177 -0.23 -33.30 32.22
C GLU H 177 0.02 -31.83 32.56
N VAL H 178 -0.04 -31.50 33.85
CA VAL H 178 0.16 -30.14 34.32
C VAL H 178 1.40 -30.10 35.21
N ARG H 179 2.30 -29.17 34.91
CA ARG H 179 3.52 -28.98 35.68
C ARG H 179 3.50 -27.59 36.29
N ILE H 180 3.58 -27.52 37.61
CA ILE H 180 3.51 -26.26 38.35
C ILE H 180 4.82 -26.08 39.10
N ASN H 181 5.47 -24.94 38.88
CA ASN H 181 6.76 -24.63 39.50
C ASN H 181 6.63 -23.38 40.36
N HIS H 182 7.06 -23.48 41.61
CA HIS H 182 7.10 -22.33 42.50
C HIS H 182 8.35 -21.53 42.21
N ILE H 183 8.19 -20.28 41.79
CA ILE H 183 9.31 -19.44 41.39
C ILE H 183 9.73 -18.57 42.56
N ARG H 184 10.86 -18.92 43.18
CA ARG H 184 11.47 -18.12 44.23
C ARG H 184 12.80 -17.58 43.72
N GLN H 185 12.93 -16.25 43.70
CA GLN H 185 14.13 -15.56 43.25
C GLN H 185 14.52 -15.96 41.82
N GLY H 186 13.52 -16.16 40.98
CA GLY H 186 13.75 -16.50 39.60
C GLY H 186 14.10 -17.95 39.33
N GLU H 187 14.09 -18.80 40.35
CA GLU H 187 14.43 -20.20 40.21
C GLU H 187 13.32 -21.06 40.78
N VAL H 188 13.25 -22.31 40.31
CA VAL H 188 12.20 -23.22 40.75
C VAL H 188 12.55 -23.71 42.15
N ALA H 189 11.85 -23.17 43.15
CA ALA H 189 12.05 -23.63 44.53
C ALA H 189 11.43 -25.00 44.74
N ARG H 190 10.30 -25.27 44.09
CA ARG H 190 9.61 -26.54 44.24
C ARG H 190 8.79 -26.78 42.98
N ALA H 191 8.78 -28.01 42.49
CA ALA H 191 8.12 -28.36 41.23
C ALA H 191 7.08 -29.44 41.48
N TRP H 192 5.95 -29.32 40.78
CA TRP H 192 4.86 -30.29 40.86
C TRP H 192 4.61 -30.88 39.49
N ARG H 193 4.05 -32.09 39.48
CA ARG H 193 3.68 -32.77 38.24
C ARG H 193 2.41 -33.56 38.50
N PHE H 194 1.39 -33.30 37.71
CA PHE H 194 0.07 -33.90 37.90
C PHE H 194 -0.43 -34.51 36.60
N ASP H 195 -1.12 -35.64 36.73
CA ASP H 195 -1.89 -36.21 35.62
C ASP H 195 -3.28 -35.61 35.70
N ALA H 196 -3.56 -34.64 34.83
CA ALA H 196 -4.77 -33.85 34.95
C ALA H 196 -6.04 -34.62 34.60
N LEU H 197 -5.91 -35.80 33.97
CA LEU H 197 -7.10 -36.59 33.68
C LEU H 197 -7.47 -37.51 34.83
N ALA H 198 -6.50 -37.89 35.66
CA ALA H 198 -6.82 -38.65 36.87
C ALA H 198 -7.51 -37.77 37.89
N ILE H 199 -7.01 -36.57 38.12
CA ILE H 199 -7.66 -35.58 38.97
C ILE H 199 -8.84 -35.01 38.20
N GLY H 200 -10.05 -35.43 38.56
CA GLY H 200 -11.22 -35.04 37.81
C GLY H 200 -11.62 -33.60 38.04
N LEU H 201 -12.63 -33.18 37.28
CA LEU H 201 -13.20 -31.85 37.40
C LEU H 201 -14.38 -31.79 38.36
N ARG H 202 -14.66 -32.89 39.05
CA ARG H 202 -15.88 -33.00 39.85
C ARG H 202 -15.64 -33.18 41.34
N ASP H 203 -14.51 -33.74 41.76
CA ASP H 203 -14.26 -34.10 43.15
C ASP H 203 -13.02 -33.38 43.66
N PHE H 204 -13.09 -32.90 44.91
CA PHE H 204 -11.96 -32.27 45.58
C PHE H 204 -11.42 -33.27 46.60
N LYS H 205 -10.55 -34.15 46.13
CA LYS H 205 -10.04 -35.26 46.92
C LYS H 205 -8.80 -34.82 47.70
N ALA H 206 -8.07 -35.79 48.24
CA ALA H 206 -6.84 -35.53 49.00
C ALA H 206 -5.66 -36.20 48.32
N ASP H 207 -4.57 -35.44 48.16
CA ASP H 207 -3.33 -35.96 47.60
C ASP H 207 -2.17 -35.22 48.25
N ALA H 208 -1.08 -35.95 48.51
CA ALA H 208 0.02 -35.40 49.31
C ALA H 208 0.73 -34.26 48.59
N GLU H 209 1.10 -34.48 47.33
CA GLU H 209 1.70 -33.41 46.53
C GLU H 209 0.72 -32.26 46.34
N LEU H 210 -0.55 -32.61 46.11
CA LEU H 210 -1.57 -31.58 45.94
C LEU H 210 -1.86 -30.86 47.26
N ASP H 211 -1.71 -31.57 48.39
CA ASP H 211 -1.82 -30.91 49.69
C ASP H 211 -0.65 -29.95 49.93
N ALA H 212 0.55 -30.31 49.46
CA ALA H 212 1.68 -29.37 49.55
C ALA H 212 1.42 -28.13 48.69
N LEU H 213 0.87 -28.32 47.49
CA LEU H 213 0.50 -27.18 46.65
C LEU H 213 -0.58 -26.33 47.33
N ALA H 214 -1.55 -26.99 47.97
CA ALA H 214 -2.60 -26.28 48.69
C ALA H 214 -2.02 -25.48 49.86
N GLU H 215 -1.04 -26.04 50.56
CA GLU H 215 -0.41 -25.33 51.67
C GLU H 215 0.39 -24.13 51.17
N LEU H 216 1.04 -24.26 50.02
CA LEU H 216 1.75 -23.11 49.45
C LEU H 216 0.75 -22.01 49.05
N ILE H 217 -0.36 -22.38 48.44
CA ILE H 217 -1.39 -21.40 48.09
C ILE H 217 -1.99 -20.78 49.35
N ALA H 218 -2.12 -21.57 50.42
CA ALA H 218 -2.60 -21.06 51.69
C ALA H 218 -1.64 -20.03 52.27
N SER H 219 -0.33 -20.30 52.19
CA SER H 219 0.66 -19.35 52.67
C SER H 219 0.64 -18.08 51.83
N GLY H 220 0.37 -18.22 50.52
CA GLY H 220 0.22 -17.04 49.69
C GLY H 220 -1.01 -16.22 50.04
N LEU H 221 -2.13 -16.89 50.32
CA LEU H 221 -3.37 -16.18 50.62
C LEU H 221 -3.37 -15.57 52.02
N SER H 222 -2.63 -16.17 52.96
CA SER H 222 -2.57 -15.66 54.32
C SER H 222 -1.61 -14.50 54.49
N GLY H 223 -0.84 -14.15 53.46
CA GLY H 223 0.11 -13.07 53.55
C GLY H 223 1.42 -13.44 54.22
N SER H 224 1.65 -14.71 54.51
CA SER H 224 2.87 -15.13 55.18
C SER H 224 4.05 -15.32 54.24
N GLY H 225 3.83 -15.22 52.93
CA GLY H 225 4.91 -15.36 51.98
C GLY H 225 4.49 -14.97 50.59
N HIS H 226 5.49 -14.70 49.75
CA HIS H 226 5.27 -14.36 48.35
C HIS H 226 5.23 -15.65 47.54
N VAL H 227 4.13 -15.87 46.82
CA VAL H 227 3.94 -17.07 46.03
C VAL H 227 3.74 -16.67 44.58
N LEU H 228 4.61 -17.17 43.70
CA LEU H 228 4.46 -17.02 42.26
C LEU H 228 4.64 -18.39 41.63
N LEU H 229 3.61 -18.87 40.95
CA LEU H 229 3.60 -20.20 40.35
C LEU H 229 3.63 -20.07 38.84
N GLU H 230 4.39 -20.95 38.19
CA GLU H 230 4.42 -21.06 36.74
C GLU H 230 3.75 -22.36 36.35
N VAL H 231 2.59 -22.26 35.68
CA VAL H 231 1.75 -23.41 35.38
C VAL H 231 1.90 -23.73 33.89
N VAL H 232 2.30 -24.95 33.59
CA VAL H 232 2.46 -25.42 32.21
C VAL H 232 1.61 -26.67 32.06
N ALA H 233 0.80 -26.72 31.01
CA ALA H 233 -0.08 -27.84 30.73
C ALA H 233 0.23 -28.43 29.36
N PHE H 234 0.36 -29.75 29.30
CA PHE H 234 0.55 -30.47 28.06
C PHE H 234 -0.63 -31.41 27.84
N ALA H 235 -1.22 -31.35 26.65
CA ALA H 235 -2.38 -32.18 26.32
C ALA H 235 -2.19 -32.77 24.92
N ARG H 236 -2.42 -34.07 24.79
CA ARG H 236 -2.39 -34.74 23.48
C ARG H 236 -3.76 -34.59 22.83
N ILE H 237 -3.85 -33.70 21.85
CA ILE H 237 -5.08 -33.58 21.07
C ILE H 237 -4.98 -34.35 19.76
N GLY H 238 -3.86 -34.22 19.06
CA GLY H 238 -3.67 -34.92 17.80
C GLY H 238 -2.87 -34.12 16.80
N ASP H 239 -2.42 -34.76 15.72
CA ASP H 239 -1.60 -34.11 14.72
C ASP H 239 -2.46 -33.18 13.87
N GLY H 240 -2.15 -31.89 13.88
CA GLY H 240 -2.87 -30.95 13.06
C GLY H 240 -4.26 -30.58 13.54
N GLN H 241 -4.64 -31.05 14.73
CA GLN H 241 -5.98 -30.83 15.25
C GLN H 241 -6.16 -29.38 15.69
N GLU H 242 -7.41 -28.94 15.68
CA GLU H 242 -7.76 -27.56 16.02
C GLU H 242 -7.64 -27.33 17.51
N VAL H 243 -7.01 -26.23 17.89
CA VAL H 243 -6.97 -25.80 19.28
C VAL H 243 -7.86 -24.58 19.44
N PHE H 244 -8.21 -24.26 20.70
CA PHE H 244 -9.23 -23.27 21.00
C PHE H 244 -8.67 -22.21 21.93
N PRO H 245 -8.09 -21.15 21.39
CA PRO H 245 -7.68 -20.00 22.21
C PRO H 245 -8.89 -19.16 22.56
N SER H 246 -8.63 -18.04 23.26
CA SER H 246 -9.69 -17.11 23.58
C SER H 246 -10.18 -16.41 22.32
N GLN H 247 -11.39 -15.89 22.39
CA GLN H 247 -12.08 -15.30 21.24
C GLN H 247 -12.43 -13.85 21.53
N GLU H 248 -12.24 -13.00 20.53
CA GLU H 248 -12.54 -11.58 20.65
C GLU H 248 -13.91 -11.27 20.09
N LEU H 249 -14.47 -10.14 20.52
CA LEU H 249 -15.78 -9.72 20.03
C LEU H 249 -15.63 -8.91 18.74
N ILE H 250 -16.57 -9.10 17.83
CA ILE H 250 -16.59 -8.39 16.55
C ILE H 250 -17.88 -7.59 16.51
N LEU H 251 -17.75 -6.27 16.30
CA LEU H 251 -18.93 -5.42 16.23
C LEU H 251 -19.41 -5.25 14.80
N ASP H 252 -18.50 -4.97 13.88
CA ASP H 252 -18.82 -4.73 12.47
C ASP H 252 -18.12 -5.75 11.59
N LYS H 253 -18.86 -6.34 10.65
CA LYS H 253 -18.29 -7.30 9.70
C LYS H 253 -17.90 -6.62 8.39
N GLY H 254 -18.87 -6.05 7.68
CA GLY H 254 -18.64 -5.28 6.47
C GLY H 254 -18.09 -6.10 5.31
N ASP H 255 -17.72 -5.38 4.25
CA ASP H 255 -17.06 -5.95 3.09
C ASP H 255 -15.61 -5.51 2.93
N LYS H 256 -15.20 -4.42 3.58
CA LYS H 256 -13.81 -4.01 3.55
C LYS H 256 -12.92 -5.07 4.22
N LYS H 257 -13.31 -5.50 5.42
CA LYS H 257 -12.80 -6.74 5.97
C LYS H 257 -13.47 -7.89 5.22
N GLY H 258 -12.72 -8.96 4.97
CA GLY H 258 -13.24 -10.05 4.17
C GLY H 258 -14.25 -10.92 4.89
N GLN H 259 -15.32 -10.29 5.40
CA GLN H 259 -16.36 -10.96 6.17
C GLN H 259 -15.78 -11.74 7.35
N LYS H 260 -14.93 -11.07 8.14
CA LYS H 260 -14.31 -11.68 9.31
C LYS H 260 -15.38 -11.95 10.36
N SER H 261 -15.70 -13.24 10.55
CA SER H 261 -16.78 -13.63 11.45
C SER H 261 -16.29 -14.00 12.85
N LYS H 262 -15.09 -14.58 12.95
CA LYS H 262 -14.54 -14.99 14.23
C LYS H 262 -13.10 -14.50 14.33
N THR H 263 -12.73 -13.93 15.47
CA THR H 263 -11.39 -13.45 15.72
C THR H 263 -10.86 -14.11 16.99
N LEU H 264 -9.67 -14.71 16.90
CA LEU H 264 -9.07 -15.34 18.06
C LEU H 264 -8.05 -14.41 18.72
N TYR H 265 -7.79 -14.68 19.99
CA TYR H 265 -6.92 -13.84 20.80
C TYR H 265 -5.46 -14.24 20.61
N SER H 266 -4.60 -13.25 20.43
CA SER H 266 -3.16 -13.45 20.31
C SER H 266 -2.42 -12.26 20.90
N VAL H 267 -1.21 -12.50 21.38
CA VAL H 267 -0.43 -11.42 21.99
C VAL H 267 0.60 -10.84 21.00
N ARG H 268 1.56 -11.65 20.55
CA ARG H 268 2.50 -11.27 19.50
C ARG H 268 2.62 -12.45 18.54
N ASP H 269 1.68 -12.52 17.59
CA ASP H 269 1.61 -13.60 16.59
C ASP H 269 1.60 -14.98 17.24
N ALA H 270 1.06 -15.07 18.45
CA ALA H 270 1.02 -16.31 19.21
C ALA H 270 -0.34 -16.42 19.86
N ALA H 271 -1.05 -17.52 19.60
CA ALA H 271 -2.39 -17.72 20.16
C ALA H 271 -2.32 -17.74 21.67
N ALA H 272 -3.35 -17.18 22.31
CA ALA H 272 -3.34 -17.02 23.76
C ALA H 272 -4.76 -17.12 24.30
N ILE H 273 -4.85 -17.38 25.60
CA ILE H 273 -6.11 -17.42 26.33
C ILE H 273 -6.13 -16.22 27.27
N HIS H 274 -7.30 -15.56 27.35
CA HIS H 274 -7.45 -14.40 28.23
C HIS H 274 -7.19 -14.77 29.68
N SER H 275 -6.64 -13.81 30.43
CA SER H 275 -6.34 -14.05 31.84
C SER H 275 -7.62 -14.22 32.65
N GLN H 276 -8.69 -13.51 32.27
CA GLN H 276 -9.94 -13.63 33.02
C GLN H 276 -10.60 -14.99 32.80
N LYS H 277 -10.38 -15.63 31.66
CA LYS H 277 -10.86 -16.99 31.46
C LYS H 277 -10.12 -17.97 32.36
N ILE H 278 -8.80 -17.81 32.48
CA ILE H 278 -8.02 -18.63 33.40
C ILE H 278 -8.50 -18.42 34.84
N GLY H 279 -8.71 -17.16 35.22
CA GLY H 279 -9.20 -16.87 36.56
C GLY H 279 -10.56 -17.46 36.84
N ASN H 280 -11.45 -17.43 35.84
CA ASN H 280 -12.75 -18.08 35.96
C ASN H 280 -12.60 -19.59 36.14
N ALA H 281 -11.67 -20.20 35.42
CA ALA H 281 -11.45 -21.64 35.56
C ALA H 281 -10.88 -21.98 36.92
N LEU H 282 -10.04 -21.11 37.49
CA LEU H 282 -9.55 -21.33 38.84
C LEU H 282 -10.65 -21.17 39.89
N ARG H 283 -11.56 -20.21 39.68
CA ARG H 283 -12.60 -19.91 40.66
C ARG H 283 -13.68 -20.98 40.74
N THR H 284 -13.67 -21.99 39.86
CA THR H 284 -14.72 -23.01 39.83
C THR H 284 -14.53 -23.94 41.03
N ILE H 285 -14.89 -23.43 42.21
CA ILE H 285 -14.70 -24.16 43.46
C ILE H 285 -16.02 -24.22 44.22
N ASP H 286 -17.03 -23.49 43.74
CA ASP H 286 -18.28 -23.32 44.47
C ASP H 286 -19.14 -24.56 44.29
N THR H 287 -19.12 -25.45 45.29
CA THR H 287 -20.01 -26.61 45.33
C THR H 287 -21.06 -26.48 46.43
N TRP H 288 -21.32 -25.27 46.90
CA TRP H 288 -22.18 -25.06 48.06
C TRP H 288 -23.46 -24.31 47.70
N TYR H 289 -23.75 -24.18 46.40
CA TYR H 289 -24.96 -23.48 45.98
C TYR H 289 -26.19 -24.33 46.32
N PRO H 290 -27.33 -23.68 46.55
CA PRO H 290 -28.52 -24.41 47.06
C PRO H 290 -29.02 -25.51 46.12
N ASP H 291 -28.77 -25.40 44.83
CA ASP H 291 -29.20 -26.45 43.91
C ASP H 291 -28.32 -27.69 44.07
N GLU H 292 -28.74 -28.76 43.40
CA GLU H 292 -27.99 -30.01 43.46
C GLU H 292 -26.64 -29.84 42.76
N ASP H 293 -25.61 -30.52 43.29
CA ASP H 293 -24.28 -30.48 42.71
C ASP H 293 -24.07 -31.52 41.62
N GLY H 294 -25.16 -31.97 40.97
CA GLY H 294 -25.01 -32.83 39.81
C GLY H 294 -24.29 -32.15 38.67
N LEU H 295 -24.49 -30.84 38.52
CA LEU H 295 -23.69 -30.06 37.59
C LEU H 295 -22.23 -30.03 38.02
N GLY H 296 -21.99 -29.95 39.32
CA GLY H 296 -20.65 -29.90 39.85
C GLY H 296 -20.29 -28.51 40.34
N PRO H 297 -19.00 -28.23 40.45
CA PRO H 297 -18.56 -26.90 40.88
C PRO H 297 -18.87 -25.84 39.84
N ILE H 298 -19.10 -24.62 40.31
CA ILE H 298 -19.32 -23.45 39.47
C ILE H 298 -18.35 -22.36 39.91
N ALA H 299 -18.14 -21.40 39.02
CA ALA H 299 -17.27 -20.27 39.34
C ALA H 299 -17.87 -19.43 40.45
N VAL H 300 -17.00 -18.89 41.31
CA VAL H 300 -17.44 -18.09 42.44
C VAL H 300 -17.79 -16.70 41.93
N GLU H 301 -19.08 -16.38 41.91
CA GLU H 301 -19.58 -15.09 41.47
C GLU H 301 -20.71 -14.69 42.40
N PRO H 302 -20.98 -13.40 42.56
CA PRO H 302 -22.24 -12.99 43.19
C PRO H 302 -23.42 -13.45 42.35
N TYR H 303 -24.47 -13.89 43.04
CA TYR H 303 -25.66 -14.50 42.46
C TYR H 303 -25.34 -15.76 41.64
N GLY H 304 -24.22 -16.42 41.94
CA GLY H 304 -23.87 -17.74 41.44
C GLY H 304 -24.11 -18.04 39.97
N SER H 305 -23.97 -17.02 39.12
CA SER H 305 -24.43 -17.11 37.75
C SER H 305 -23.50 -17.96 36.89
N VAL H 306 -24.09 -18.70 35.95
CA VAL H 306 -23.37 -19.45 34.94
C VAL H 306 -23.82 -18.93 33.58
N THR H 307 -22.86 -18.52 32.75
CA THR H 307 -23.21 -17.93 31.46
C THR H 307 -23.71 -18.99 30.49
N SER H 308 -23.13 -20.20 30.53
CA SER H 308 -23.54 -21.26 29.62
C SER H 308 -24.91 -21.81 30.00
N GLN H 309 -25.19 -21.93 31.29
CA GLN H 309 -26.49 -22.43 31.73
C GLN H 309 -27.59 -21.40 31.65
N GLY H 310 -27.25 -20.12 31.52
CA GLY H 310 -28.25 -19.07 31.41
C GLY H 310 -29.08 -18.84 32.64
N LYS H 311 -28.71 -19.41 33.78
CA LYS H 311 -29.50 -19.35 35.00
C LYS H 311 -28.59 -18.95 36.15
N ALA H 312 -29.20 -18.48 37.24
CA ALA H 312 -28.44 -18.08 38.42
C ALA H 312 -28.77 -19.02 39.58
N TYR H 313 -27.80 -19.83 39.97
CA TYR H 313 -27.84 -20.45 41.29
C TYR H 313 -27.56 -19.38 42.34
N ARG H 314 -27.95 -19.67 43.58
CA ARG H 314 -27.90 -18.69 44.67
C ARG H 314 -28.69 -17.43 44.31
N GLN H 315 -30.01 -17.60 44.12
CA GLN H 315 -30.87 -16.48 43.83
C GLN H 315 -30.93 -15.52 45.01
N PRO H 316 -31.06 -14.21 44.75
CA PRO H 316 -31.25 -13.27 45.87
C PRO H 316 -32.56 -13.46 46.62
N LYS H 317 -33.56 -14.08 45.99
CA LYS H 317 -34.80 -14.39 46.71
C LYS H 317 -34.54 -15.38 47.84
N GLN H 318 -33.72 -16.39 47.57
CA GLN H 318 -33.19 -17.25 48.64
C GLN H 318 -32.09 -16.50 49.36
N LYS H 319 -31.81 -16.90 50.60
CA LYS H 319 -30.82 -16.21 51.42
C LYS H 319 -29.45 -16.87 51.33
N LEU H 320 -28.98 -17.04 50.09
CA LEU H 320 -27.69 -17.70 49.87
C LEU H 320 -26.83 -17.00 48.82
N ASP H 321 -27.20 -15.81 48.36
CA ASP H 321 -26.33 -15.05 47.50
C ASP H 321 -25.26 -14.34 48.33
N PHE H 322 -24.25 -13.81 47.65
CA PHE H 322 -23.09 -13.26 48.34
C PHE H 322 -23.45 -12.03 49.16
N TYR H 323 -24.29 -11.15 48.61
CA TYR H 323 -24.54 -9.85 49.24
C TYR H 323 -25.33 -10.00 50.54
N THR H 324 -26.39 -10.81 50.53
CA THR H 324 -27.18 -11.02 51.74
C THR H 324 -26.37 -11.75 52.80
N LEU H 325 -25.59 -12.75 52.41
CA LEU H 325 -24.75 -13.47 53.36
C LEU H 325 -23.70 -12.54 53.98
N LEU H 326 -23.08 -11.68 53.17
CA LEU H 326 -22.09 -10.75 53.70
C LEU H 326 -22.73 -9.73 54.61
N ASP H 327 -23.91 -9.21 54.25
CA ASP H 327 -24.58 -8.22 55.09
C ASP H 327 -25.03 -8.82 56.42
N ASN H 328 -25.56 -10.05 56.39
CA ASN H 328 -25.95 -10.70 57.64
C ASN H 328 -24.73 -11.03 58.49
N TRP H 329 -23.64 -11.45 57.87
CA TRP H 329 -22.44 -11.83 58.61
C TRP H 329 -21.79 -10.63 59.29
N VAL H 330 -21.73 -9.50 58.59
CA VAL H 330 -21.01 -8.32 59.08
C VAL H 330 -21.90 -7.41 59.89
N LEU H 331 -23.07 -7.05 59.37
CA LEU H 331 -23.89 -6.03 60.03
C LEU H 331 -24.69 -6.61 61.19
N ARG H 332 -25.37 -7.73 60.97
CA ARG H 332 -26.21 -8.33 62.01
C ARG H 332 -25.54 -9.50 62.71
N ASP H 333 -24.24 -9.73 62.46
CA ASP H 333 -23.43 -10.73 63.13
C ASP H 333 -23.96 -12.16 62.93
N GLU H 334 -24.79 -12.38 61.93
CA GLU H 334 -25.37 -13.69 61.66
C GLU H 334 -24.36 -14.47 60.81
N ALA H 335 -23.50 -15.22 61.48
CA ALA H 335 -22.51 -16.02 60.78
C ALA H 335 -23.19 -17.18 60.06
N PRO H 336 -23.02 -17.31 58.73
CA PRO H 336 -23.64 -18.42 58.01
C PRO H 336 -22.93 -19.73 58.26
N ALA H 337 -23.33 -20.78 57.53
CA ALA H 337 -22.64 -22.05 57.60
C ALA H 337 -21.21 -21.90 57.07
N VAL H 338 -20.36 -22.86 57.47
CA VAL H 338 -18.93 -22.80 57.14
C VAL H 338 -18.73 -22.82 55.63
N GLU H 339 -19.56 -23.59 54.93
CA GLU H 339 -19.52 -23.60 53.47
C GLU H 339 -19.85 -22.23 52.89
N GLN H 340 -20.87 -21.56 53.44
CA GLN H 340 -21.23 -20.24 52.95
C GLN H 340 -20.18 -19.21 53.32
N GLN H 341 -19.51 -19.39 54.47
CA GLN H 341 -18.36 -18.54 54.81
C GLN H 341 -17.23 -18.73 53.81
N HIS H 342 -16.97 -19.98 53.40
CA HIS H 342 -15.98 -20.23 52.36
C HIS H 342 -16.36 -19.55 51.06
N TYR H 343 -17.65 -19.58 50.71
CA TYR H 343 -18.12 -18.92 49.49
C TYR H 343 -17.92 -17.41 49.56
N VAL H 344 -18.24 -16.81 50.71
CA VAL H 344 -18.08 -15.36 50.87
C VAL H 344 -16.60 -14.96 50.80
N ILE H 345 -15.74 -15.73 51.46
CA ILE H 345 -14.31 -15.40 51.42
C ILE H 345 -13.74 -15.65 50.03
N ALA H 346 -14.27 -16.63 49.29
CA ALA H 346 -13.85 -16.82 47.90
C ALA H 346 -14.30 -15.64 47.03
N ASN H 347 -15.46 -15.07 47.33
CA ASN H 347 -15.88 -13.85 46.62
C ASN H 347 -14.97 -12.68 46.95
N LEU H 348 -14.54 -12.58 48.21
CA LEU H 348 -13.62 -11.51 48.60
C LEU H 348 -12.26 -11.69 47.91
N ILE H 349 -11.80 -12.93 47.79
CA ILE H 349 -10.58 -13.21 47.04
C ILE H 349 -10.75 -12.84 45.58
N ARG H 350 -11.92 -13.14 45.02
CA ARG H 350 -12.21 -12.82 43.62
C ARG H 350 -12.21 -11.31 43.37
N GLY H 351 -12.70 -10.54 44.33
CA GLY H 351 -12.70 -9.10 44.20
C GLY H 351 -13.93 -8.57 43.49
N GLY H 352 -14.14 -7.27 43.51
CA GLY H 352 -15.30 -6.71 42.85
C GLY H 352 -15.48 -5.24 43.15
N VAL H 353 -16.65 -4.75 42.75
CA VAL H 353 -17.04 -3.35 42.89
C VAL H 353 -18.21 -3.37 43.87
N PHE H 354 -18.12 -4.25 44.85
CA PHE H 354 -19.14 -4.44 45.87
C PHE H 354 -19.53 -3.12 46.53
N GLY H 355 -20.79 -3.05 46.97
CA GLY H 355 -21.31 -1.81 47.53
C GLY H 355 -22.39 -1.19 46.67
N GLU H 356 -23.29 -0.44 47.30
CA GLU H 356 -24.43 0.15 46.60
C GLU H 356 -24.07 1.55 46.11
N ALA H 357 -25.07 2.31 45.67
CA ALA H 357 -24.86 3.67 45.21
C ALA H 357 -24.91 4.65 46.37
N ILE I 23 -3.80 46.11 59.81
CA ILE I 23 -4.73 45.07 60.24
C ILE I 23 -4.30 43.71 59.70
N LEU I 24 -3.46 43.75 58.66
CA LEU I 24 -2.94 42.56 57.98
C LEU I 24 -4.07 41.66 57.47
N SER I 25 -4.86 42.21 56.56
CA SER I 25 -5.89 41.42 55.92
C SER I 25 -5.28 40.39 54.98
N THR I 26 -5.89 39.20 54.95
CA THR I 26 -5.39 38.13 54.11
C THR I 26 -5.57 38.47 52.63
N ALA I 27 -4.69 37.91 51.80
CA ALA I 27 -4.67 38.25 50.38
C ALA I 27 -5.92 37.74 49.68
N SER I 28 -6.48 38.56 48.80
CA SER I 28 -7.63 38.14 48.02
C SER I 28 -7.26 37.11 46.96
N VAL I 29 -6.10 37.27 46.34
CA VAL I 29 -5.58 36.30 45.38
C VAL I 29 -4.27 35.76 45.92
N LEU I 30 -4.21 34.44 46.11
CA LEU I 30 -2.99 33.80 46.60
C LEU I 30 -2.76 32.53 45.80
N ALA I 31 -1.51 32.32 45.37
CA ALA I 31 -1.17 31.13 44.61
C ALA I 31 0.27 30.74 44.92
N PHE I 32 0.57 29.45 44.80
CA PHE I 32 1.92 28.94 45.00
C PHE I 32 2.26 27.99 43.86
N GLU I 33 3.47 28.11 43.34
CA GLU I 33 3.93 27.25 42.27
C GLU I 33 4.20 25.84 42.79
N ARG I 34 3.99 24.85 41.93
CA ARG I 34 4.24 23.46 42.30
C ARG I 34 5.72 23.19 42.40
N LYS I 35 6.24 23.14 43.62
CA LYS I 35 7.60 22.65 43.82
C LYS I 35 7.59 21.13 43.85
N LEU I 36 8.76 20.54 43.58
CA LEU I 36 8.96 19.09 43.57
C LEU I 36 8.00 18.42 42.58
N ASP I 37 8.21 18.72 41.30
CA ASP I 37 7.31 18.25 40.26
C ASP I 37 7.96 17.13 39.48
N PRO I 38 7.36 15.94 39.43
CA PRO I 38 7.94 14.84 38.65
C PRO I 38 7.39 14.79 37.22
N SER I 39 7.99 13.89 36.44
CA SER I 39 7.55 13.65 35.08
C SER I 39 6.70 12.37 35.02
N ASP I 40 6.31 12.00 33.80
CA ASP I 40 5.53 10.78 33.61
C ASP I 40 6.42 9.56 33.81
N ALA I 41 5.93 8.60 34.58
CA ALA I 41 6.71 7.40 34.91
C ALA I 41 6.61 6.43 33.75
N LEU I 42 7.64 6.43 32.91
CA LEU I 42 7.70 5.51 31.77
C LEU I 42 7.88 4.08 32.28
N MET I 43 7.12 3.16 31.70
CA MET I 43 7.11 1.77 32.11
C MET I 43 7.76 0.93 31.02
N SER I 44 8.73 0.10 31.43
CA SER I 44 9.44 -0.78 30.51
C SER I 44 9.70 -2.10 31.23
N ALA I 45 10.03 -3.12 30.45
CA ALA I 45 10.09 -4.48 30.95
C ALA I 45 11.44 -5.12 30.63
N GLY I 46 11.81 -6.07 31.48
CA GLY I 46 13.05 -6.79 31.29
C GLY I 46 13.17 -7.91 32.30
N ALA I 47 14.36 -8.48 32.37
CA ALA I 47 14.66 -9.60 33.26
C ALA I 47 15.51 -9.13 34.44
N TRP I 48 15.24 -9.71 35.60
CA TRP I 48 16.04 -9.41 36.79
C TRP I 48 17.47 -9.90 36.60
N ALA I 49 18.38 -9.28 37.35
CA ALA I 49 19.84 -9.46 37.30
C ALA I 49 20.41 -8.91 35.99
N GLN I 50 19.57 -8.29 35.18
CA GLN I 50 20.00 -7.48 34.03
C GLN I 50 19.52 -6.03 34.16
N ARG I 51 19.26 -5.59 35.41
CA ARG I 51 18.80 -4.23 35.65
C ARG I 51 19.84 -3.18 35.31
N ASP I 52 21.11 -3.55 35.29
CA ASP I 52 22.16 -2.57 34.99
C ASP I 52 22.14 -2.19 33.51
N ALA I 53 21.99 -3.17 32.63
CA ALA I 53 21.91 -2.91 31.18
C ALA I 53 20.45 -2.79 30.75
N SER I 54 19.74 -1.87 31.39
CA SER I 54 18.32 -1.67 31.15
C SER I 54 18.02 -0.40 30.36
N GLN I 55 19.03 0.19 29.70
CA GLN I 55 18.77 1.37 28.89
C GLN I 55 18.10 1.01 27.57
N GLU I 56 18.21 -0.25 27.14
CA GLU I 56 17.58 -0.72 25.91
C GLU I 56 16.45 -1.69 26.18
N TRP I 57 15.88 -1.66 27.38
CA TRP I 57 14.75 -2.53 27.70
C TRP I 57 13.53 -2.13 26.88
N PRO I 58 12.83 -3.08 26.26
CA PRO I 58 11.64 -2.72 25.47
C PRO I 58 10.52 -2.19 26.35
N ALA I 59 9.75 -1.27 25.79
CA ALA I 59 8.69 -0.62 26.53
C ALA I 59 7.48 -1.54 26.70
N VAL I 60 6.72 -1.29 27.74
CA VAL I 60 5.46 -2.02 27.96
C VAL I 60 4.36 -1.33 27.16
N THR I 61 3.72 -2.08 26.28
CA THR I 61 2.71 -1.54 25.38
C THR I 61 1.30 -1.85 25.90
N VAL I 62 0.41 -0.88 25.70
CA VAL I 62 -1.00 -1.00 26.07
C VAL I 62 -1.72 -1.67 24.91
N ARG I 63 -2.35 -2.81 25.18
CA ARG I 63 -3.04 -3.59 24.17
C ARG I 63 -4.56 -3.52 24.37
N GLU I 64 -5.26 -4.28 23.55
CA GLU I 64 -6.72 -4.39 23.61
C GLU I 64 -7.12 -5.84 23.80
N LYS I 65 -8.13 -6.08 24.63
CA LYS I 65 -8.70 -7.40 24.77
C LYS I 65 -10.18 -7.26 25.11
N SER I 66 -10.93 -8.32 24.80
CA SER I 66 -12.37 -8.36 25.04
C SER I 66 -12.63 -9.15 26.31
N VAL I 67 -13.52 -8.63 27.16
CA VAL I 67 -13.93 -9.30 28.38
C VAL I 67 -15.44 -9.51 28.33
N ARG I 68 -15.89 -10.69 28.75
CA ARG I 68 -17.31 -10.99 28.89
C ARG I 68 -17.55 -11.34 30.36
N GLY I 69 -18.22 -10.45 31.07
CA GLY I 69 -18.55 -10.66 32.46
C GLY I 69 -20.02 -11.00 32.64
N THR I 70 -20.42 -11.03 33.91
CA THR I 70 -21.80 -11.26 34.28
C THR I 70 -22.15 -10.23 35.34
N ILE I 71 -23.45 -9.96 35.50
CA ILE I 71 -23.89 -8.96 36.47
C ILE I 71 -23.55 -9.43 37.87
N SER I 72 -22.87 -8.58 38.63
CA SER I 72 -22.44 -8.92 39.98
C SER I 72 -22.62 -7.77 40.96
N ASN I 73 -23.32 -6.71 40.57
CA ASN I 73 -23.54 -5.57 41.46
C ASN I 73 -24.80 -5.76 42.28
N ARG I 74 -24.97 -4.91 43.27
CA ARG I 74 -26.15 -4.99 44.15
C ARG I 74 -27.42 -4.65 43.38
N LEU I 75 -28.48 -5.38 43.69
CA LEU I 75 -29.78 -5.17 43.09
C LEU I 75 -30.64 -4.30 43.99
N LYS I 76 -31.57 -3.55 43.38
CA LYS I 76 -32.34 -2.54 44.08
C LYS I 76 -33.73 -3.01 44.49
N THR I 77 -33.86 -4.29 44.88
CA THR I 77 -35.03 -4.90 45.52
C THR I 77 -36.17 -5.08 44.52
N LYS I 78 -36.03 -4.50 43.32
CA LYS I 78 -36.98 -4.71 42.24
C LYS I 78 -36.43 -5.56 41.12
N ASP I 79 -35.11 -5.68 40.99
CA ASP I 79 -34.47 -6.56 40.03
C ASP I 79 -34.13 -7.91 40.64
N ARG I 80 -34.58 -8.18 41.86
CA ARG I 80 -34.27 -9.42 42.56
C ARG I 80 -35.22 -10.55 42.21
N ASP I 81 -36.19 -10.31 41.34
CA ASP I 81 -37.04 -11.38 40.84
C ASP I 81 -36.20 -12.38 40.02
N PRO I 82 -36.34 -13.67 40.27
CA PRO I 82 -35.50 -14.65 39.56
C PRO I 82 -35.66 -14.65 38.06
N ALA I 83 -36.87 -14.40 37.55
CA ALA I 83 -37.08 -14.37 36.10
C ALA I 83 -36.34 -13.21 35.46
N LYS I 84 -36.45 -12.01 36.04
CA LYS I 84 -35.73 -10.85 35.52
C LYS I 84 -34.23 -11.02 35.64
N LEU I 85 -33.76 -11.61 36.74
CA LEU I 85 -32.33 -11.86 36.90
C LEU I 85 -31.80 -12.82 35.85
N ASP I 86 -32.53 -13.91 35.60
CA ASP I 86 -32.11 -14.86 34.57
C ASP I 86 -32.17 -14.24 33.18
N ALA I 87 -33.18 -13.42 32.91
CA ALA I 87 -33.27 -12.74 31.61
C ALA I 87 -32.13 -11.76 31.41
N SER I 88 -31.72 -11.07 32.47
CA SER I 88 -30.62 -10.12 32.36
C SER I 88 -29.27 -10.84 32.24
N ILE I 89 -29.12 -11.99 32.89
CA ILE I 89 -27.93 -12.80 32.69
C ILE I 89 -27.87 -13.38 31.28
N GLN I 90 -29.02 -13.72 30.69
CA GLN I 90 -29.03 -14.29 29.35
C GLN I 90 -28.58 -13.29 28.30
N SER I 91 -28.56 -12.01 28.64
CA SER I 91 -27.95 -11.01 27.77
C SER I 91 -26.47 -10.90 28.08
N PRO I 92 -25.58 -11.19 27.13
CA PRO I 92 -24.14 -11.15 27.43
C PRO I 92 -23.65 -9.74 27.69
N ASN I 93 -22.80 -9.61 28.70
CA ASN I 93 -22.18 -8.34 29.06
C ASN I 93 -20.77 -8.29 28.48
N LEU I 94 -20.60 -7.55 27.39
CA LEU I 94 -19.35 -7.48 26.67
C LEU I 94 -18.71 -6.13 26.86
N GLN I 95 -17.39 -6.11 27.06
CA GLN I 95 -16.65 -4.87 27.21
C GLN I 95 -15.30 -5.01 26.53
N THR I 96 -14.73 -3.87 26.17
CA THR I 96 -13.38 -3.78 25.64
C THR I 96 -12.53 -2.98 26.62
N VAL I 97 -11.41 -3.55 27.04
CA VAL I 97 -10.56 -2.93 28.05
C VAL I 97 -9.15 -2.80 27.51
N ASP I 98 -8.45 -1.74 27.96
CA ASP I 98 -7.03 -1.62 27.74
C ASP I 98 -6.29 -2.41 28.82
N VAL I 99 -5.31 -3.19 28.41
CA VAL I 99 -4.55 -4.02 29.33
C VAL I 99 -3.06 -3.87 29.03
N ALA I 100 -2.26 -3.85 30.09
CA ALA I 100 -0.81 -3.79 29.99
C ALA I 100 -0.23 -5.00 30.71
N ASN I 101 0.64 -5.72 30.00
CA ASN I 101 1.22 -6.96 30.51
C ASN I 101 2.73 -6.93 30.33
N LEU I 102 3.44 -7.61 31.23
CA LEU I 102 4.83 -7.91 30.98
C LEU I 102 4.92 -8.98 29.89
N PRO I 103 5.98 -8.98 29.09
CA PRO I 103 6.16 -10.04 28.10
C PRO I 103 6.35 -11.39 28.78
N SER I 104 6.00 -12.46 28.05
CA SER I 104 6.02 -13.82 28.56
C SER I 104 7.42 -14.36 28.82
N ASP I 105 8.47 -13.54 28.71
CA ASP I 105 9.82 -13.95 29.07
C ASP I 105 10.52 -12.89 29.93
N ALA I 106 9.77 -11.92 30.44
CA ALA I 106 10.32 -10.85 31.26
C ALA I 106 9.53 -10.77 32.55
N ASP I 107 10.24 -10.72 33.68
CA ASP I 107 9.60 -10.73 35.00
C ASP I 107 9.79 -9.43 35.77
N THR I 108 10.52 -8.46 35.23
CA THR I 108 10.84 -7.24 35.95
C THR I 108 10.25 -6.04 35.23
N LEU I 109 9.52 -5.21 35.97
CA LEU I 109 8.98 -3.96 35.45
C LEU I 109 9.87 -2.81 35.90
N LYS I 110 10.37 -2.04 34.94
CA LYS I 110 11.22 -0.89 35.22
C LYS I 110 10.41 0.38 35.03
N VAL I 111 10.32 1.18 36.09
CA VAL I 111 9.56 2.44 36.09
C VAL I 111 10.56 3.57 36.26
N ARG I 112 10.60 4.48 35.29
CA ARG I 112 11.58 5.56 35.25
C ARG I 112 10.89 6.89 35.03
N PHE I 113 11.24 7.88 35.85
CA PHE I 113 10.74 9.24 35.68
C PHE I 113 11.79 10.21 36.20
N THR I 114 11.62 11.47 35.84
CA THR I 114 12.54 12.54 36.22
C THR I 114 11.85 13.47 37.20
N LEU I 115 12.61 13.97 38.17
CA LEU I 115 12.07 14.80 39.23
C LEU I 115 12.90 16.07 39.37
N ARG I 116 12.23 17.22 39.35
CA ARG I 116 12.86 18.52 39.53
C ARG I 116 12.48 19.07 40.90
N VAL I 117 13.48 19.30 41.74
CA VAL I 117 13.25 19.92 43.05
C VAL I 117 13.56 21.42 42.91
N LEU I 118 12.50 22.22 42.78
CA LEU I 118 12.65 23.64 42.52
C LEU I 118 12.93 24.41 43.81
N GLY I 119 13.67 25.51 43.66
CA GLY I 119 13.95 26.40 44.76
C GLY I 119 12.92 27.51 44.88
N GLY I 120 13.14 28.39 45.86
CA GLY I 120 12.17 29.41 46.17
C GLY I 120 10.88 28.79 46.69
N ALA I 121 11.03 27.84 47.62
CA ALA I 121 9.92 26.99 48.03
C ALA I 121 8.80 27.78 48.69
N GLY I 122 9.14 28.72 49.57
CA GLY I 122 8.13 29.47 50.26
C GLY I 122 7.60 30.71 49.56
N THR I 123 8.09 31.00 48.36
CA THR I 123 7.72 32.21 47.65
C THR I 123 6.40 32.01 46.92
N PRO I 124 5.38 32.82 47.17
CA PRO I 124 4.13 32.69 46.42
C PRO I 124 4.28 33.16 44.98
N SER I 125 3.56 32.49 44.08
CA SER I 125 3.61 32.84 42.67
C SER I 125 2.79 34.11 42.39
N ALA I 126 1.64 34.26 43.05
CA ALA I 126 0.81 35.44 42.92
C ALA I 126 0.21 35.77 44.27
N CYS I 127 0.23 37.06 44.62
CA CYS I 127 -0.27 37.51 45.91
C CYS I 127 -0.52 39.01 45.86
N ASN I 128 -1.64 39.46 46.43
CA ASN I 128 -1.99 40.87 46.34
C ASN I 128 -1.18 41.72 47.32
N ASP I 129 -1.41 41.53 48.61
CA ASP I 129 -1.02 42.50 49.62
C ASP I 129 0.48 42.41 49.90
N ALA I 130 1.16 43.56 49.79
CA ALA I 130 2.61 43.59 49.95
C ALA I 130 3.02 43.37 51.40
N ALA I 131 2.24 43.89 52.35
CA ALA I 131 2.52 43.59 53.75
C ALA I 131 2.31 42.11 54.03
N TYR I 132 1.31 41.49 53.37
CA TYR I 132 1.13 40.05 53.48
C TYR I 132 2.30 39.31 52.85
N ARG I 133 2.84 39.83 51.73
CA ARG I 133 4.09 39.30 51.18
C ARG I 133 5.20 39.30 52.22
N ASP I 134 5.45 40.45 52.85
CA ASP I 134 6.56 40.54 53.80
C ASP I 134 6.32 39.63 55.00
N LYS I 135 5.09 39.57 55.50
CA LYS I 135 4.80 38.76 56.68
C LYS I 135 4.92 37.27 56.37
N LEU I 136 4.43 36.84 55.20
CA LEU I 136 4.54 35.43 54.82
C LEU I 136 5.99 35.03 54.58
N LEU I 137 6.76 35.89 53.90
CA LEU I 137 8.17 35.59 53.68
C LEU I 137 8.94 35.58 54.99
N GLN I 138 8.56 36.44 55.94
CA GLN I 138 9.16 36.40 57.28
C GLN I 138 8.82 35.11 57.99
N THR I 139 7.57 34.63 57.85
CA THR I 139 7.19 33.37 58.46
C THR I 139 7.98 32.19 57.89
N VAL I 140 8.13 32.17 56.56
CA VAL I 140 8.91 31.10 55.93
C VAL I 140 10.37 31.21 56.33
N ALA I 141 10.90 32.44 56.46
CA ALA I 141 12.28 32.61 56.90
C ALA I 141 12.48 32.09 58.33
N THR I 142 11.52 32.36 59.21
CA THR I 142 11.58 31.84 60.57
C THR I 142 11.54 30.31 60.57
N TYR I 143 10.69 29.73 59.73
CA TYR I 143 10.62 28.27 59.64
C TYR I 143 11.93 27.67 59.13
N VAL I 144 12.53 28.29 58.10
CA VAL I 144 13.71 27.68 57.49
C VAL I 144 14.94 27.86 58.37
N ASN I 145 15.07 29.00 59.06
CA ASN I 145 16.23 29.11 59.94
C ASN I 145 15.98 28.52 61.31
N ASP I 146 14.75 28.06 61.60
CA ASP I 146 14.51 27.33 62.84
C ASP I 146 14.88 25.86 62.69
N GLN I 147 14.22 25.13 61.78
CA GLN I 147 14.62 23.76 61.46
C GLN I 147 14.75 23.48 59.98
N GLY I 148 14.24 24.35 59.10
CA GLY I 148 14.42 24.13 57.67
C GLY I 148 13.53 23.03 57.13
N PHE I 149 13.94 22.52 55.95
CA PHE I 149 13.26 21.43 55.29
C PHE I 149 13.84 20.08 55.66
N ALA I 150 14.38 19.93 56.87
CA ALA I 150 15.02 18.68 57.26
C ALA I 150 14.02 17.54 57.34
N GLU I 151 12.87 17.77 57.98
CA GLU I 151 11.87 16.72 58.09
C GLU I 151 11.12 16.50 56.77
N LEU I 152 10.77 17.59 56.09
CA LEU I 152 10.01 17.47 54.84
C LEU I 152 10.81 16.76 53.77
N ALA I 153 12.08 17.14 53.57
CA ALA I 153 12.90 16.46 52.59
C ALA I 153 13.22 15.04 53.01
N ARG I 154 13.28 14.77 54.33
CA ARG I 154 13.42 13.40 54.80
C ARG I 154 12.24 12.55 54.36
N ARG I 155 11.02 13.06 54.53
CA ARG I 155 9.84 12.30 54.18
C ARG I 155 9.70 12.16 52.66
N TYR I 156 10.08 13.20 51.91
CA TYR I 156 10.07 13.11 50.45
C TYR I 156 11.11 12.11 49.95
N ALA I 157 12.30 12.09 50.56
CA ALA I 157 13.30 11.10 50.19
C ALA I 157 12.87 9.70 50.57
N HIS I 158 12.09 9.55 51.65
CA HIS I 158 11.53 8.25 51.99
C HIS I 158 10.51 7.81 50.94
N ASN I 159 9.61 8.71 50.55
CA ASN I 159 8.63 8.40 49.51
C ASN I 159 9.29 8.11 48.17
N LEU I 160 10.48 8.68 47.92
CA LEU I 160 11.25 8.29 46.75
C LEU I 160 11.93 6.94 46.94
N ALA I 161 12.38 6.64 48.16
CA ALA I 161 13.18 5.44 48.40
C ALA I 161 12.31 4.18 48.37
N ASN I 162 11.12 4.24 48.94
CA ASN I 162 10.15 3.17 48.76
C ASN I 162 9.34 3.41 47.49
N ALA I 163 8.86 2.34 46.89
CA ALA I 163 8.24 2.41 45.57
C ALA I 163 6.75 2.77 45.67
N ARG I 164 6.46 3.85 46.39
CA ARG I 164 5.08 4.26 46.57
C ARG I 164 4.49 4.81 45.28
N PHE I 165 5.33 5.27 44.35
CA PHE I 165 4.84 5.77 43.07
C PHE I 165 4.46 4.66 42.11
N LEU I 166 4.80 3.41 42.40
CA LEU I 166 4.29 2.29 41.62
C LEU I 166 2.85 1.95 41.96
N TRP I 167 2.40 2.28 43.17
CA TRP I 167 1.05 2.00 43.65
C TRP I 167 0.73 0.52 43.60
N ARG I 168 -0.18 0.12 42.70
CA ARG I 168 -0.57 -1.29 42.62
C ARG I 168 0.54 -2.17 42.07
N ASN I 169 1.55 -1.59 41.42
CA ASN I 169 2.70 -2.37 40.99
C ASN I 169 3.59 -2.77 42.16
N ARG I 170 3.53 -2.04 43.27
CA ARG I 170 4.32 -2.33 44.45
C ARG I 170 3.70 -3.42 45.33
N VAL I 171 2.48 -3.86 45.02
CA VAL I 171 1.71 -4.67 45.97
C VAL I 171 2.27 -6.10 46.04
N GLY I 172 2.35 -6.77 44.90
CA GLY I 172 2.75 -8.17 44.91
C GLY I 172 4.08 -8.46 44.25
N ALA I 173 5.05 -7.55 44.40
CA ALA I 173 6.36 -7.72 43.81
C ALA I 173 7.27 -8.51 44.74
N GLU I 174 8.02 -9.46 44.16
CA GLU I 174 8.94 -10.27 44.95
C GLU I 174 10.05 -9.42 45.56
N ALA I 175 10.61 -8.50 44.78
CA ALA I 175 11.66 -7.63 45.25
C ALA I 175 11.63 -6.34 44.45
N VAL I 176 11.72 -5.20 45.14
CA VAL I 176 11.72 -3.89 44.50
C VAL I 176 13.02 -3.19 44.86
N GLU I 177 13.69 -2.66 43.86
CA GLU I 177 14.91 -1.87 44.03
C GLU I 177 14.74 -0.54 43.33
N VAL I 178 15.04 0.55 44.05
CA VAL I 178 14.93 1.91 43.51
C VAL I 178 16.33 2.48 43.39
N ARG I 179 16.66 2.95 42.19
CA ARG I 179 17.94 3.60 41.91
C ARG I 179 17.68 5.05 41.58
N ILE I 180 18.28 5.96 42.35
CA ILE I 180 18.09 7.39 42.19
C ILE I 180 19.43 8.02 41.88
N ASN I 181 19.49 8.78 40.79
CA ASN I 181 20.72 9.40 40.33
C ASN I 181 20.56 10.92 40.33
N HIS I 182 21.55 11.61 40.89
CA HIS I 182 21.61 13.07 40.83
C HIS I 182 22.30 13.47 39.53
N ILE I 183 21.64 14.32 38.75
CA ILE I 183 22.16 14.79 37.47
C ILE I 183 22.51 16.26 37.64
N ARG I 184 23.80 16.58 37.51
CA ARG I 184 24.24 17.95 37.73
C ARG I 184 24.32 18.72 36.42
N GLN I 185 25.10 18.23 35.46
CA GLN I 185 25.17 18.83 34.14
C GLN I 185 24.62 17.91 33.06
N GLY I 186 25.22 16.74 32.88
CA GLY I 186 24.69 15.73 31.99
C GLY I 186 25.00 14.32 32.47
N GLU I 187 25.56 14.22 33.68
CA GLU I 187 26.10 12.97 34.18
C GLU I 187 25.69 12.79 35.64
N VAL I 188 25.84 11.55 36.12
CA VAL I 188 25.45 11.21 37.47
C VAL I 188 26.45 11.78 38.46
N ALA I 189 26.07 12.88 39.14
CA ALA I 189 26.93 13.44 40.17
C ALA I 189 26.97 12.55 41.40
N ARG I 190 25.83 11.97 41.78
CA ARG I 190 25.76 11.08 42.94
C ARG I 190 24.62 10.09 42.71
N ALA I 191 24.87 8.83 43.02
CA ALA I 191 23.93 7.75 42.75
C ALA I 191 23.49 7.09 44.05
N TRP I 192 22.23 6.70 44.10
CA TRP I 192 21.65 5.99 45.23
C TRP I 192 21.09 4.65 44.78
N ARG I 193 20.98 3.73 45.73
CA ARG I 193 20.32 2.44 45.50
C ARG I 193 19.64 2.01 46.79
N PHE I 194 18.36 1.68 46.70
CA PHE I 194 17.56 1.35 47.86
C PHE I 194 16.80 0.06 47.63
N ASP I 195 16.46 -0.61 48.73
CA ASP I 195 15.56 -1.76 48.72
C ASP I 195 14.20 -1.25 49.20
N ALA I 196 13.25 -1.15 48.27
CA ALA I 196 11.99 -0.48 48.57
C ALA I 196 11.13 -1.29 49.54
N LEU I 197 11.22 -2.61 49.47
CA LEU I 197 10.39 -3.44 50.35
C LEU I 197 10.89 -3.44 51.78
N ALA I 198 12.18 -3.14 51.99
CA ALA I 198 12.69 -3.04 53.34
C ALA I 198 12.27 -1.73 54.01
N ILE I 199 12.20 -0.65 53.23
CA ILE I 199 11.79 0.64 53.76
C ILE I 199 10.27 0.68 53.81
N GLY I 200 9.72 0.96 54.99
CA GLY I 200 8.29 0.89 55.18
C GLY I 200 7.55 2.01 54.48
N LEU I 201 6.26 1.78 54.25
CA LEU I 201 5.38 2.76 53.64
C LEU I 201 4.70 3.66 54.66
N ARG I 202 4.95 3.47 55.95
CA ARG I 202 4.29 4.24 57.00
C ARG I 202 5.24 4.74 58.08
N ASP I 203 6.49 4.26 58.09
CA ASP I 203 7.45 4.64 59.11
C ASP I 203 8.62 5.38 58.45
N PHE I 204 8.99 6.52 59.05
CA PHE I 204 10.05 7.38 58.54
C PHE I 204 11.22 7.30 59.52
N LYS I 205 12.10 6.32 59.30
CA LYS I 205 13.31 6.14 60.11
C LYS I 205 14.42 7.04 59.57
N ALA I 206 15.65 6.80 60.01
CA ALA I 206 16.81 7.55 59.54
C ALA I 206 17.86 6.58 59.00
N ASP I 207 18.34 6.86 57.79
CA ASP I 207 19.42 6.09 57.17
C ASP I 207 20.42 7.06 56.56
N ALA I 208 21.67 6.62 56.44
CA ALA I 208 22.75 7.50 56.00
C ALA I 208 22.55 7.94 54.56
N GLU I 209 22.27 6.99 53.66
CA GLU I 209 21.97 7.34 52.27
C GLU I 209 20.67 8.13 52.19
N LEU I 210 19.69 7.77 53.01
CA LEU I 210 18.44 8.52 53.06
C LEU I 210 18.67 9.94 53.57
N ASP I 211 19.57 10.11 54.55
CA ASP I 211 19.89 11.45 55.02
C ASP I 211 20.63 12.26 53.96
N ALA I 212 21.50 11.61 53.17
CA ALA I 212 22.16 12.31 52.08
C ALA I 212 21.16 12.76 51.01
N LEU I 213 20.22 11.88 50.66
CA LEU I 213 19.16 12.25 49.71
C LEU I 213 18.29 13.37 50.26
N ALA I 214 17.97 13.31 51.55
CA ALA I 214 17.20 14.37 52.18
C ALA I 214 17.95 15.70 52.18
N GLU I 215 19.26 15.66 52.42
CA GLU I 215 20.06 16.87 52.36
C GLU I 215 20.08 17.46 50.96
N LEU I 216 20.19 16.60 49.94
CA LEU I 216 20.15 17.09 48.56
C LEU I 216 18.80 17.71 48.22
N ILE I 217 17.70 17.07 48.65
CA ILE I 217 16.38 17.59 48.36
C ILE I 217 16.13 18.90 49.10
N ALA I 218 16.59 18.99 50.36
CA ALA I 218 16.43 20.22 51.13
C ALA I 218 17.27 21.35 50.54
N SER I 219 18.47 21.04 50.04
CA SER I 219 19.29 22.05 49.38
C SER I 219 18.64 22.51 48.08
N GLY I 220 17.97 21.60 47.38
CA GLY I 220 17.23 22.01 46.19
C GLY I 220 16.03 22.89 46.53
N LEU I 221 15.33 22.57 47.62
CA LEU I 221 14.20 23.39 48.02
C LEU I 221 14.63 24.77 48.51
N SER I 222 15.77 24.85 49.19
CA SER I 222 16.27 26.13 49.70
C SER I 222 17.09 26.90 48.68
N GLY I 223 17.40 26.31 47.53
CA GLY I 223 18.23 26.96 46.54
C GLY I 223 17.46 27.98 45.72
N SER I 224 18.17 28.52 44.73
CA SER I 224 17.57 29.47 43.78
C SER I 224 17.30 28.86 42.41
N GLY I 225 17.88 27.70 42.12
CA GLY I 225 17.65 27.03 40.86
C GLY I 225 16.81 25.78 41.02
N HIS I 226 17.34 24.64 40.58
CA HIS I 226 16.65 23.36 40.73
C HIS I 226 17.68 22.25 40.81
N VAL I 227 17.28 21.14 41.43
CA VAL I 227 18.07 19.93 41.51
C VAL I 227 17.32 18.81 40.81
N LEU I 228 17.99 18.17 39.85
CA LEU I 228 17.36 17.16 39.00
C LEU I 228 17.72 15.77 39.49
N LEU I 229 16.69 14.93 39.63
CA LEU I 229 16.85 13.54 40.02
C LEU I 229 16.10 12.68 39.03
N GLU I 230 16.68 11.55 38.64
CA GLU I 230 15.96 10.52 37.92
C GLU I 230 15.76 9.33 38.86
N VAL I 231 14.54 8.81 38.89
CA VAL I 231 14.18 7.74 39.80
C VAL I 231 13.79 6.53 38.96
N VAL I 232 14.54 5.45 39.10
CA VAL I 232 14.31 4.22 38.35
C VAL I 232 14.07 3.10 39.34
N ALA I 233 12.88 2.50 39.27
CA ALA I 233 12.48 1.43 40.18
C ALA I 233 12.26 0.16 39.39
N PHE I 234 12.88 -0.93 39.85
CA PHE I 234 12.70 -2.25 39.27
C PHE I 234 11.90 -3.11 40.23
N ALA I 235 10.74 -3.58 39.78
CA ALA I 235 9.87 -4.43 40.58
C ALA I 235 9.79 -5.79 39.91
N ARG I 236 10.10 -6.85 40.66
CA ARG I 236 10.05 -8.21 40.14
C ARG I 236 8.63 -8.72 40.28
N ILE I 237 7.79 -8.34 39.31
CA ILE I 237 6.36 -8.63 39.38
C ILE I 237 6.11 -10.12 39.18
N GLY I 238 6.72 -10.70 38.16
CA GLY I 238 6.47 -12.07 37.76
C GLY I 238 6.53 -12.17 36.25
N ASP I 239 6.80 -13.38 35.77
CA ASP I 239 7.01 -13.60 34.34
C ASP I 239 5.69 -13.45 33.59
N GLY I 240 5.57 -12.37 32.82
CA GLY I 240 4.38 -12.17 32.00
C GLY I 240 3.17 -11.65 32.73
N GLN I 241 3.34 -11.14 33.94
CA GLN I 241 2.21 -10.68 34.75
C GLN I 241 1.66 -9.36 34.21
N GLU I 242 0.62 -8.86 34.86
CA GLU I 242 -0.15 -7.72 34.38
C GLU I 242 0.22 -6.50 35.21
N VAL I 243 0.71 -5.45 34.54
CA VAL I 243 1.15 -4.25 35.22
C VAL I 243 0.03 -3.21 35.17
N PHE I 244 0.18 -2.16 35.98
CA PHE I 244 -0.90 -1.18 36.22
C PHE I 244 -0.41 0.23 35.93
N PRO I 245 -0.50 0.67 34.68
CA PRO I 245 -0.30 2.10 34.39
C PRO I 245 -1.51 2.90 34.86
N SER I 246 -1.35 4.22 34.87
CA SER I 246 -2.42 5.10 35.30
C SER I 246 -3.58 5.06 34.31
N GLN I 247 -4.80 5.04 34.82
CA GLN I 247 -5.99 5.00 33.99
C GLN I 247 -6.42 6.42 33.65
N GLU I 248 -6.91 6.61 32.42
CA GLU I 248 -7.25 7.95 31.96
C GLU I 248 -8.71 8.27 32.29
N LEU I 249 -8.96 9.52 32.68
CA LEU I 249 -10.30 9.97 33.04
C LEU I 249 -10.96 10.55 31.80
N ILE I 250 -11.92 9.82 31.24
CA ILE I 250 -12.70 10.25 30.09
C ILE I 250 -14.17 10.21 30.46
N LEU I 251 -14.87 11.32 30.24
CA LEU I 251 -16.29 11.42 30.55
C LEU I 251 -17.11 10.85 29.40
N ASP I 252 -18.05 9.97 29.72
CA ASP I 252 -18.91 9.38 28.71
C ASP I 252 -19.82 10.40 28.06
N LYS I 253 -20.33 11.35 28.85
CA LYS I 253 -21.14 12.48 28.38
C LYS I 253 -22.42 12.02 27.68
N GLY I 254 -22.95 10.87 28.11
CA GLY I 254 -24.24 10.40 27.64
C GLY I 254 -24.33 10.07 26.16
N ASP I 255 -23.26 9.56 25.57
CA ASP I 255 -23.32 9.14 24.17
C ASP I 255 -24.01 7.79 24.05
N LYS I 256 -24.68 7.58 22.92
CA LYS I 256 -25.52 6.39 22.76
C LYS I 256 -24.67 5.14 22.53
N LYS I 257 -23.56 5.27 21.80
CA LYS I 257 -22.66 4.14 21.58
C LYS I 257 -22.00 3.70 22.87
N GLY I 258 -21.77 2.39 22.97
CA GLY I 258 -20.97 1.86 24.07
C GLY I 258 -19.49 2.12 23.82
N GLN I 259 -18.79 2.52 24.88
CA GLN I 259 -17.38 2.83 24.80
C GLN I 259 -16.55 1.76 25.50
N LYS I 260 -15.24 1.88 25.37
CA LYS I 260 -14.34 1.02 26.11
C LYS I 260 -14.34 1.44 27.59
N SER I 261 -14.44 0.44 28.47
CA SER I 261 -14.63 0.74 29.89
C SER I 261 -13.34 1.20 30.54
N LYS I 262 -12.20 0.67 30.10
CA LYS I 262 -10.91 0.94 30.71
C LYS I 262 -9.95 1.44 29.64
N THR I 263 -9.36 2.61 29.88
CA THR I 263 -8.36 3.18 28.98
C THR I 263 -7.11 3.50 29.79
N LEU I 264 -5.98 2.98 29.34
CA LEU I 264 -4.70 3.16 30.03
C LEU I 264 -3.91 4.30 29.38
N TYR I 265 -3.01 4.90 30.16
CA TYR I 265 -2.24 6.06 29.74
C TYR I 265 -0.92 5.62 29.13
N SER I 266 -0.56 6.23 28.01
CA SER I 266 0.70 5.97 27.34
C SER I 266 1.18 7.25 26.68
N VAL I 267 2.49 7.44 26.63
CA VAL I 267 3.03 8.65 26.02
C VAL I 267 3.39 8.43 24.55
N ARG I 268 4.34 7.53 24.25
CA ARG I 268 4.68 7.22 22.86
C ARG I 268 4.74 5.69 22.73
N ASP I 269 3.57 5.08 22.53
CA ASP I 269 3.41 3.63 22.42
C ASP I 269 4.04 2.89 23.60
N ALA I 270 4.05 3.54 24.77
CA ALA I 270 4.69 3.02 25.97
C ALA I 270 3.85 3.40 27.17
N ALA I 271 3.39 2.39 27.92
CA ALA I 271 2.54 2.63 29.08
C ALA I 271 3.24 3.52 30.09
N ALA I 272 2.49 4.45 30.68
CA ALA I 272 3.06 5.44 31.58
C ALA I 272 2.09 5.71 32.73
N ILE I 273 2.63 6.33 33.77
CA ILE I 273 1.86 6.76 34.94
C ILE I 273 1.83 8.29 34.93
N HIS I 274 0.68 8.86 35.25
CA HIS I 274 0.50 10.30 35.21
C HIS I 274 1.43 11.00 36.20
N SER I 275 1.84 12.22 35.85
CA SER I 275 2.76 12.98 36.68
C SER I 275 2.12 13.35 38.01
N GLN I 276 0.84 13.73 38.00
CA GLN I 276 0.16 14.08 39.23
C GLN I 276 -0.05 12.85 40.12
N LYS I 277 -0.14 11.65 39.53
CA LYS I 277 -0.20 10.43 40.31
C LYS I 277 1.09 10.22 41.09
N ILE I 278 2.24 10.44 40.42
CA ILE I 278 3.54 10.34 41.07
C ILE I 278 3.67 11.41 42.14
N GLY I 279 3.20 12.63 41.85
CA GLY I 279 3.26 13.70 42.83
C GLY I 279 2.42 13.40 44.07
N ASN I 280 1.24 12.83 43.87
CA ASN I 280 0.41 12.41 45.00
C ASN I 280 1.08 11.32 45.80
N ALA I 281 1.81 10.42 45.13
CA ALA I 281 2.58 9.41 45.84
C ALA I 281 3.69 10.03 46.67
N LEU I 282 4.38 11.04 46.12
CA LEU I 282 5.46 11.69 46.86
C LEU I 282 4.94 12.52 48.02
N ARG I 283 3.74 13.09 47.89
CA ARG I 283 3.17 13.96 48.91
C ARG I 283 2.66 13.19 50.13
N THR I 284 2.64 11.87 50.09
CA THR I 284 2.08 11.05 51.18
C THR I 284 3.05 11.07 52.36
N ILE I 285 3.10 12.21 53.06
CA ILE I 285 4.03 12.41 54.17
C ILE I 285 3.27 12.87 55.40
N ASP I 286 2.00 13.23 55.24
CA ASP I 286 1.22 13.85 56.32
C ASP I 286 0.79 12.78 57.31
N THR I 287 1.48 12.72 58.46
CA THR I 287 1.11 11.83 59.56
C THR I 287 0.70 12.62 60.80
N TRP I 288 0.25 13.87 60.61
CA TRP I 288 -0.05 14.75 61.72
C TRP I 288 -1.52 15.17 61.75
N TYR I 289 -2.36 14.54 60.93
CA TYR I 289 -3.78 14.86 60.90
C TYR I 289 -4.45 14.45 62.21
N PRO I 290 -5.51 15.14 62.63
CA PRO I 290 -6.11 14.86 63.95
C PRO I 290 -6.64 13.46 64.12
N ASP I 291 -7.10 12.81 63.05
CA ASP I 291 -7.56 11.43 63.16
C ASP I 291 -6.36 10.50 63.38
N GLU I 292 -6.67 9.28 63.83
CA GLU I 292 -5.63 8.31 64.13
C GLU I 292 -4.92 7.88 62.84
N ASP I 293 -3.66 7.50 62.99
CA ASP I 293 -2.86 7.05 61.84
C ASP I 293 -3.05 5.58 61.56
N GLY I 294 -4.31 5.15 61.45
CA GLY I 294 -4.60 3.82 60.94
C GLY I 294 -4.26 3.69 59.47
N LEU I 295 -4.51 4.76 58.71
CA LEU I 295 -4.08 4.81 57.32
C LEU I 295 -2.56 4.93 57.22
N GLY I 296 -1.96 5.68 58.13
CA GLY I 296 -0.57 6.06 58.02
C GLY I 296 -0.46 7.44 57.43
N PRO I 297 0.58 7.68 56.63
CA PRO I 297 0.70 8.96 55.93
C PRO I 297 -0.40 9.14 54.89
N ILE I 298 -0.76 10.40 54.65
CA ILE I 298 -1.70 10.76 53.61
C ILE I 298 -1.07 11.88 52.78
N ALA I 299 -1.61 12.06 51.57
CA ALA I 299 -1.12 13.11 50.69
C ALA I 299 -1.42 14.49 51.28
N VAL I 300 -0.43 15.37 51.22
CA VAL I 300 -0.60 16.72 51.77
C VAL I 300 -1.52 17.52 50.86
N GLU I 301 -2.70 17.83 51.36
CA GLU I 301 -3.72 18.59 50.63
C GLU I 301 -4.43 19.52 51.61
N PRO I 302 -4.96 20.64 51.12
CA PRO I 302 -5.87 21.43 51.96
C PRO I 302 -7.13 20.64 52.26
N TYR I 303 -7.64 20.81 53.47
CA TYR I 303 -8.75 20.02 54.02
C TYR I 303 -8.50 18.52 53.99
N GLY I 304 -7.22 18.11 54.05
CA GLY I 304 -6.77 16.74 54.22
C GLY I 304 -7.53 15.64 53.50
N SER I 305 -7.91 15.89 52.24
CA SER I 305 -8.78 14.97 51.52
C SER I 305 -8.04 13.72 51.09
N VAL I 306 -8.71 12.57 51.20
CA VAL I 306 -8.20 11.30 50.72
C VAL I 306 -9.23 10.77 49.72
N THR I 307 -8.81 10.61 48.46
CA THR I 307 -9.73 10.14 47.43
C THR I 307 -10.13 8.68 47.65
N SER I 308 -9.18 7.84 48.08
CA SER I 308 -9.48 6.43 48.30
C SER I 308 -10.41 6.20 49.48
N GLN I 309 -10.32 7.05 50.52
CA GLN I 309 -11.17 6.91 51.69
C GLN I 309 -12.46 7.70 51.63
N GLY I 310 -12.63 8.55 50.63
CA GLY I 310 -13.86 9.31 50.47
C GLY I 310 -14.17 10.27 51.60
N LYS I 311 -13.21 10.56 52.46
CA LYS I 311 -13.43 11.37 53.66
C LYS I 311 -12.29 12.36 53.79
N ALA I 312 -12.62 13.59 54.17
CA ALA I 312 -11.65 14.68 54.30
C ALA I 312 -11.33 14.87 55.77
N TYR I 313 -10.14 14.44 56.18
CA TYR I 313 -9.63 14.77 57.50
C TYR I 313 -9.17 16.23 57.53
N ARG I 314 -8.77 16.70 58.71
CA ARG I 314 -8.42 18.11 58.93
C ARG I 314 -9.55 19.03 58.51
N GLN I 315 -10.74 18.75 59.04
CA GLN I 315 -11.91 19.56 58.72
C GLN I 315 -11.77 20.96 59.31
N PRO I 316 -12.38 21.97 58.68
CA PRO I 316 -12.28 23.34 59.22
C PRO I 316 -12.99 23.53 60.55
N LYS I 317 -13.88 22.62 60.95
CA LYS I 317 -14.47 22.71 62.28
C LYS I 317 -13.42 22.50 63.36
N GLN I 318 -12.39 21.70 63.08
CA GLN I 318 -11.19 21.67 63.90
C GLN I 318 -10.20 22.69 63.38
N LYS I 319 -9.31 23.15 64.27
CA LYS I 319 -8.34 24.17 63.92
C LYS I 319 -7.04 23.57 63.38
N LEU I 320 -7.16 22.69 62.38
CA LEU I 320 -6.00 22.01 61.82
C LEU I 320 -6.00 21.97 60.31
N ASP I 321 -6.94 22.62 59.64
CA ASP I 321 -6.88 22.72 58.19
C ASP I 321 -5.82 23.75 57.79
N PHE I 322 -5.41 23.70 56.52
CA PHE I 322 -4.28 24.50 56.07
C PHE I 322 -4.58 25.99 56.11
N TYR I 323 -5.80 26.39 55.72
CA TYR I 323 -6.13 27.82 55.65
C TYR I 323 -6.15 28.47 57.03
N THR I 324 -6.82 27.83 57.99
CA THR I 324 -6.89 28.40 59.33
C THR I 324 -5.52 28.39 60.01
N LEU I 325 -4.76 27.31 59.83
CA LEU I 325 -3.41 27.24 60.40
C LEU I 325 -2.51 28.33 59.83
N LEU I 326 -2.55 28.53 58.51
CA LEU I 326 -1.75 29.58 57.88
C LEU I 326 -2.19 30.96 58.34
N ASP I 327 -3.49 31.19 58.43
CA ASP I 327 -4.00 32.50 58.84
C ASP I 327 -3.63 32.80 60.30
N ASN I 328 -3.69 31.80 61.17
CA ASN I 328 -3.28 32.01 62.55
C ASN I 328 -1.77 32.20 62.65
N TRP I 329 -1.01 31.54 61.77
CA TRP I 329 0.44 31.63 61.86
C TRP I 329 0.96 32.98 61.36
N VAL I 330 0.36 33.51 60.29
CA VAL I 330 0.96 34.68 59.64
C VAL I 330 0.28 35.98 60.07
N LEU I 331 -1.01 35.94 60.38
CA LEU I 331 -1.75 37.16 60.72
C LEU I 331 -1.77 37.43 62.21
N ARG I 332 -2.30 36.49 63.00
CA ARG I 332 -2.37 36.65 64.45
C ARG I 332 -1.12 36.15 65.16
N ASP I 333 -0.11 35.71 64.40
CA ASP I 333 1.18 35.23 64.92
C ASP I 333 1.03 34.06 65.88
N GLU I 334 -0.08 33.31 65.78
CA GLU I 334 -0.29 32.12 66.59
C GLU I 334 0.41 30.96 65.90
N ALA I 335 1.67 30.75 66.26
CA ALA I 335 2.46 29.69 65.64
C ALA I 335 1.94 28.33 66.08
N PRO I 336 1.57 27.45 65.17
CA PRO I 336 1.10 26.12 65.57
C PRO I 336 2.22 25.20 66.02
N ALA I 337 1.89 23.94 66.26
CA ALA I 337 2.91 22.95 66.61
C ALA I 337 3.87 22.75 65.44
N VAL I 338 5.04 22.16 65.76
CA VAL I 338 6.08 21.97 64.76
C VAL I 338 5.58 21.05 63.65
N GLU I 339 4.80 20.03 64.00
CA GLU I 339 4.22 19.15 63.00
C GLU I 339 3.25 19.89 62.09
N GLN I 340 2.42 20.76 62.66
CA GLN I 340 1.51 21.55 61.84
C GLN I 340 2.24 22.57 60.99
N GLN I 341 3.36 23.09 61.48
CA GLN I 341 4.21 23.94 60.65
C GLN I 341 4.78 23.17 59.48
N HIS I 342 5.20 21.91 59.71
CA HIS I 342 5.65 21.05 58.63
C HIS I 342 4.53 20.81 57.62
N TYR I 343 3.31 20.61 58.11
CA TYR I 343 2.17 20.41 57.22
C TYR I 343 1.90 21.64 56.36
N VAL I 344 1.97 22.84 56.97
CA VAL I 344 1.73 24.07 56.24
C VAL I 344 2.81 24.28 55.18
N ILE I 345 4.07 24.07 55.54
CA ILE I 345 5.14 24.24 54.56
C ILE I 345 5.08 23.16 53.48
N ALA I 346 4.60 21.96 53.81
CA ALA I 346 4.40 20.94 52.79
C ALA I 346 3.29 21.33 51.82
N ASN I 347 2.24 21.98 52.33
CA ASN I 347 1.22 22.55 51.44
C ASN I 347 1.82 23.64 50.56
N LEU I 348 2.74 24.43 51.10
CA LEU I 348 3.42 25.43 50.28
C LEU I 348 4.26 24.78 49.19
N ILE I 349 4.87 23.64 49.50
CA ILE I 349 5.58 22.85 48.48
C ILE I 349 4.60 22.36 47.42
N ARG I 350 3.43 21.88 47.86
CA ARG I 350 2.44 21.34 46.93
C ARG I 350 1.90 22.39 45.98
N GLY I 351 1.63 23.58 46.50
CA GLY I 351 1.04 24.64 45.70
C GLY I 351 -0.46 24.71 45.86
N GLY I 352 -1.09 25.45 44.97
CA GLY I 352 -2.53 25.59 44.97
C GLY I 352 -2.97 27.03 44.74
N VAL I 353 -4.23 27.19 44.34
CA VAL I 353 -4.82 28.51 44.14
C VAL I 353 -5.66 28.82 45.37
N PHE I 354 -5.28 29.86 46.10
CA PHE I 354 -5.89 30.19 47.38
C PHE I 354 -6.53 31.59 47.29
N GLY I 355 -7.00 32.09 48.42
CA GLY I 355 -7.52 33.45 48.46
C GLY I 355 -9.03 33.55 48.36
N GLU I 356 -9.63 34.33 49.25
CA GLU I 356 -11.07 34.55 49.25
C GLU I 356 -11.43 35.71 48.32
N ALA I 357 -12.72 35.80 48.02
CA ALA I 357 -13.24 36.86 47.15
C ALA I 357 -13.12 38.23 47.79
N MET J 1 -35.84 -3.73 17.39
CA MET J 1 -37.07 -3.09 16.92
C MET J 1 -37.69 -3.86 15.76
N ASN J 2 -37.83 -3.19 14.63
CA ASN J 2 -38.41 -3.79 13.43
C ASN J 2 -37.47 -3.57 12.26
N ALA J 3 -37.61 -4.42 11.25
CA ALA J 3 -36.75 -4.36 10.08
C ALA J 3 -36.98 -3.07 9.30
N ILE J 4 -35.90 -2.48 8.79
CA ILE J 4 -35.94 -1.27 7.99
C ILE J 4 -35.73 -1.64 6.54
N HIS J 5 -36.66 -1.23 5.68
CA HIS J 5 -36.59 -1.55 4.25
C HIS J 5 -36.25 -0.28 3.48
N ILE J 6 -35.16 -0.32 2.72
CA ILE J 6 -34.74 0.79 1.90
C ILE J 6 -34.60 0.31 0.46
N GLY J 7 -35.68 0.42 -0.31
CA GLY J 7 -35.70 -0.08 -1.67
C GLY J 7 -35.52 -1.59 -1.70
N PRO J 8 -34.48 -2.04 -2.40
CA PRO J 8 -34.17 -3.48 -2.40
C PRO J 8 -33.43 -3.95 -1.15
N PHE J 9 -33.00 -3.04 -0.29
CA PHE J 9 -32.21 -3.38 0.88
C PHE J 9 -33.11 -3.59 2.10
N SER J 10 -32.57 -4.31 3.08
CA SER J 10 -33.30 -4.60 4.31
C SER J 10 -32.31 -4.63 5.46
N ILE J 11 -32.61 -3.91 6.54
CA ILE J 11 -31.79 -3.90 7.74
C ILE J 11 -32.58 -4.63 8.82
N THR J 12 -32.32 -5.92 8.98
CA THR J 12 -33.06 -6.65 10.00
C THR J 12 -32.25 -6.78 11.28
N PRO J 13 -32.87 -6.55 12.44
CA PRO J 13 -32.14 -6.69 13.70
C PRO J 13 -32.11 -8.13 14.17
N ALA J 14 -31.16 -8.40 15.07
CA ALA J 14 -31.09 -9.70 15.69
C ALA J 14 -32.23 -9.87 16.69
N ALA J 15 -32.66 -11.12 16.86
CA ALA J 15 -33.78 -11.40 17.76
C ALA J 15 -33.37 -11.22 19.21
N ARG J 16 -32.16 -11.66 19.57
CA ARG J 16 -31.63 -11.48 20.90
C ARG J 16 -30.57 -10.39 20.90
N GLY J 17 -30.56 -9.59 21.97
CA GLY J 17 -29.64 -8.50 22.11
C GLY J 17 -28.40 -8.87 22.91
N LEU J 18 -27.59 -7.85 23.18
CA LEU J 18 -26.36 -7.99 23.94
C LEU J 18 -26.07 -6.67 24.64
N HIS J 19 -25.06 -6.67 25.50
CA HIS J 19 -24.63 -5.49 26.23
C HIS J 19 -23.17 -5.21 25.87
N TYR J 20 -22.93 -4.09 25.20
CA TYR J 20 -21.58 -3.62 24.94
C TYR J 20 -21.35 -2.37 25.78
N GLY J 21 -20.28 -2.38 26.56
CA GLY J 21 -20.16 -1.40 27.62
C GLY J 21 -21.18 -1.70 28.70
N GLY J 22 -21.98 -0.70 29.08
CA GLY J 22 -23.06 -0.93 30.02
C GLY J 22 -24.43 -0.74 29.39
N LEU J 23 -24.46 -0.57 28.07
CA LEU J 23 -25.68 -0.25 27.34
C LEU J 23 -26.15 -1.43 26.50
N PRO J 24 -27.46 -1.63 26.40
CA PRO J 24 -27.99 -2.72 25.55
C PRO J 24 -27.72 -2.45 24.07
N HIS J 25 -27.50 -3.52 23.32
CA HIS J 25 -27.19 -3.42 21.90
C HIS J 25 -27.85 -4.57 21.14
N HIS J 26 -28.10 -4.33 19.86
CA HIS J 26 -28.50 -5.38 18.92
C HIS J 26 -27.62 -5.29 17.68
N GLN J 27 -27.41 -6.44 17.05
CA GLN J 27 -26.70 -6.49 15.77
C GLN J 27 -27.70 -6.27 14.64
N TRP J 28 -27.42 -5.28 13.81
CA TRP J 28 -28.24 -4.98 12.65
C TRP J 28 -27.47 -5.38 11.40
N THR J 29 -28.06 -6.25 10.59
CA THR J 29 -27.43 -6.79 9.40
C THR J 29 -28.13 -6.27 8.15
N LEU J 30 -27.34 -5.90 7.15
CA LEU J 30 -27.85 -5.34 5.91
C LEU J 30 -27.90 -6.41 4.83
N TYR J 31 -29.01 -6.47 4.10
CA TYR J 31 -29.20 -7.43 3.02
C TYR J 31 -29.45 -6.70 1.71
N TYR J 32 -29.12 -7.39 0.62
CA TYR J 32 -29.55 -7.01 -0.73
C TYR J 32 -30.18 -8.27 -1.31
N GLY J 33 -31.47 -8.46 -1.05
CA GLY J 33 -32.13 -9.72 -1.33
C GLY J 33 -31.63 -10.79 -0.39
N PRO J 34 -30.99 -11.83 -0.95
CA PRO J 34 -30.38 -12.87 -0.10
C PRO J 34 -28.93 -12.60 0.26
N ARG J 35 -28.30 -11.59 -0.33
CA ARG J 35 -26.89 -11.30 -0.09
C ARG J 35 -26.73 -10.45 1.16
N GLU J 36 -26.07 -11.00 2.17
CA GLU J 36 -25.72 -10.22 3.35
C GLU J 36 -24.55 -9.30 3.03
N MET J 37 -24.72 -8.01 3.30
CA MET J 37 -23.72 -7.01 2.96
C MET J 37 -22.87 -6.58 4.13
N ALA J 38 -23.47 -6.23 5.26
CA ALA J 38 -22.71 -5.78 6.42
C ALA J 38 -23.55 -6.00 7.68
N ILE J 39 -22.85 -6.14 8.81
CA ILE J 39 -23.47 -6.28 10.12
C ILE J 39 -22.89 -5.20 11.02
N LYS J 40 -23.76 -4.53 11.77
CA LYS J 40 -23.32 -3.53 12.73
C LYS J 40 -24.03 -3.74 14.07
N THR J 41 -23.28 -3.63 15.16
CA THR J 41 -23.84 -3.70 16.50
C THR J 41 -24.20 -2.28 16.93
N LEU J 42 -25.49 -2.03 17.13
CA LEU J 42 -25.96 -0.68 17.35
C LEU J 42 -26.69 -0.57 18.68
N PRO J 43 -26.62 0.58 19.34
CA PRO J 43 -27.34 0.77 20.61
C PRO J 43 -28.85 0.68 20.42
N ASP J 44 -29.52 0.19 21.47
CA ASP J 44 -30.97 0.10 21.48
C ASP J 44 -31.65 1.47 21.53
N SER J 45 -30.93 2.51 21.91
CA SER J 45 -31.48 3.87 21.96
C SER J 45 -31.48 4.56 20.60
N TYR J 46 -30.86 3.97 19.59
CA TYR J 46 -30.98 4.49 18.24
C TYR J 46 -32.40 4.35 17.71
N THR J 47 -32.85 5.36 16.98
CA THR J 47 -34.09 5.27 16.23
C THR J 47 -33.81 4.65 14.87
N SER J 48 -34.88 4.53 14.06
CA SER J 48 -34.74 3.95 12.73
C SER J 48 -33.88 4.84 11.83
N SER J 49 -33.97 6.16 12.00
CA SER J 49 -33.19 7.07 11.16
C SER J 49 -31.70 6.90 11.38
N GLU J 50 -31.26 6.73 12.63
CA GLU J 50 -29.84 6.54 12.91
C GLU J 50 -29.33 5.19 12.40
N VAL J 51 -30.13 4.13 12.53
CA VAL J 51 -29.76 2.84 11.97
C VAL J 51 -29.63 2.93 10.45
N ARG J 52 -30.55 3.63 9.80
CA ARG J 52 -30.46 3.83 8.36
C ARG J 52 -29.24 4.65 7.96
N ASP J 53 -28.92 5.70 8.73
CA ASP J 53 -27.73 6.50 8.49
C ASP J 53 -26.44 5.72 8.70
N GLU J 54 -26.47 4.69 9.55
CA GLU J 54 -25.28 3.85 9.72
C GLU J 54 -24.94 3.05 8.46
N PHE J 55 -25.95 2.65 7.69
CA PHE J 55 -25.75 1.84 6.49
C PHE J 55 -25.88 2.66 5.21
N SER J 56 -26.17 3.96 5.32
CA SER J 56 -26.30 4.81 4.15
C SER J 56 -25.03 4.85 3.31
N ASP J 57 -23.86 4.84 3.95
CA ASP J 57 -22.61 4.86 3.20
C ASP J 57 -22.39 3.57 2.40
N ILE J 58 -22.70 2.43 2.99
CA ILE J 58 -22.57 1.16 2.29
C ILE J 58 -23.56 1.09 1.14
N ILE J 59 -24.78 1.58 1.35
CA ILE J 59 -25.76 1.64 0.27
C ILE J 59 -25.27 2.56 -0.85
N ALA J 60 -24.67 3.70 -0.49
CA ALA J 60 -24.19 4.64 -1.50
C ALA J 60 -23.05 4.06 -2.31
N GLU J 61 -22.11 3.36 -1.67
CA GLU J 61 -21.03 2.74 -2.43
C GLU J 61 -21.53 1.57 -3.28
N PHE J 62 -22.56 0.85 -2.82
CA PHE J 62 -23.21 -0.14 -3.68
C PHE J 62 -23.79 0.52 -4.92
N VAL J 63 -24.45 1.67 -4.75
CA VAL J 63 -25.06 2.38 -5.87
C VAL J 63 -23.98 2.86 -6.85
N ILE J 64 -22.87 3.37 -6.32
CA ILE J 64 -21.77 3.84 -7.18
C ILE J 64 -21.16 2.67 -7.96
N ASP J 65 -20.91 1.55 -7.28
CA ASP J 65 -20.36 0.38 -7.97
C ASP J 65 -21.33 -0.17 -9.01
N ALA J 66 -22.62 -0.14 -8.74
CA ALA J 66 -23.61 -0.58 -9.71
C ALA J 66 -23.71 0.36 -10.91
N ARG J 67 -23.59 1.67 -10.70
CA ARG J 67 -23.55 2.61 -11.81
C ARG J 67 -22.31 2.43 -12.68
N HIS J 68 -21.14 2.21 -12.07
CA HIS J 68 -19.92 2.02 -12.85
C HIS J 68 -19.82 0.64 -13.51
N ARG J 69 -20.40 -0.39 -12.90
CA ARG J 69 -20.32 -1.73 -13.48
C ARG J 69 -21.24 -1.88 -14.69
N TYR J 70 -22.47 -1.38 -14.59
CA TYR J 70 -23.47 -1.55 -15.64
C TYR J 70 -23.71 -0.28 -16.44
N ALA J 71 -22.72 0.60 -16.52
CA ALA J 71 -22.86 1.79 -17.35
C ALA J 71 -22.95 1.40 -18.81
N PRO J 72 -23.83 2.04 -19.58
CA PRO J 72 -23.94 1.71 -21.01
C PRO J 72 -22.68 2.10 -21.77
N ASP J 73 -22.34 1.29 -22.77
CA ASP J 73 -21.16 1.56 -23.58
C ASP J 73 -21.38 2.76 -24.49
N VAL J 74 -20.29 3.51 -24.72
CA VAL J 74 -20.36 4.82 -25.35
C VAL J 74 -19.82 4.74 -26.78
N LEU J 75 -20.55 5.34 -27.71
CA LEU J 75 -20.10 5.52 -29.08
C LEU J 75 -19.60 6.95 -29.26
N GLU J 76 -18.54 7.11 -30.05
CA GLU J 76 -17.91 8.41 -30.25
C GLU J 76 -17.91 8.75 -31.74
N LEU J 77 -18.34 9.96 -32.07
CA LEU J 77 -18.28 10.47 -33.44
C LEU J 77 -17.01 11.29 -33.60
N VAL J 78 -16.15 10.86 -34.53
CA VAL J 78 -14.85 11.48 -34.73
C VAL J 78 -14.74 11.94 -36.18
N ASN J 79 -13.73 12.76 -36.44
CA ASN J 79 -13.46 13.27 -37.77
C ASN J 79 -12.63 12.26 -38.56
N SER J 80 -12.09 12.71 -39.70
CA SER J 80 -11.29 11.83 -40.54
C SER J 80 -9.98 11.44 -39.86
N ASP J 81 -9.41 12.33 -39.06
CA ASP J 81 -8.17 12.03 -38.34
C ASP J 81 -8.38 11.03 -37.21
N GLY J 82 -9.60 10.91 -36.69
CA GLY J 82 -9.86 9.96 -35.63
C GLY J 82 -9.38 10.39 -34.26
N ASP J 83 -8.93 11.62 -34.08
CA ASP J 83 -8.40 12.10 -32.82
C ASP J 83 -9.38 12.99 -32.06
N ALA J 84 -10.10 13.87 -32.76
CA ALA J 84 -11.00 14.81 -32.11
C ALA J 84 -12.40 14.21 -32.04
N VAL J 85 -12.96 14.20 -30.84
CA VAL J 85 -14.32 13.69 -30.63
C VAL J 85 -15.30 14.84 -30.82
N LEU J 86 -16.23 14.67 -31.76
CA LEU J 86 -17.24 15.68 -32.05
C LEU J 86 -18.53 15.49 -31.26
N ALA J 87 -18.90 14.25 -30.97
CA ALA J 87 -20.09 13.97 -30.18
C ALA J 87 -19.95 12.60 -29.52
N ARG J 88 -20.52 12.48 -28.34
CA ARG J 88 -20.54 11.21 -27.61
C ARG J 88 -21.99 10.82 -27.33
N VAL J 89 -22.33 9.57 -27.60
CA VAL J 89 -23.65 9.02 -27.33
C VAL J 89 -23.49 7.71 -26.57
N ALA J 90 -24.24 7.56 -25.48
CA ALA J 90 -24.27 6.31 -24.75
C ALA J 90 -25.42 5.46 -25.27
N VAL J 91 -25.11 4.24 -25.71
CA VAL J 91 -26.09 3.39 -26.38
C VAL J 91 -26.37 2.16 -25.53
N SER J 92 -27.61 1.69 -25.61
CA SER J 92 -28.00 0.45 -24.95
C SER J 92 -27.43 -0.77 -25.65
N ARG J 93 -27.23 -0.70 -26.96
CA ARG J 93 -26.56 -1.76 -27.70
C ARG J 93 -25.85 -1.13 -28.90
N LEU J 94 -24.87 -1.85 -29.41
CA LEU J 94 -24.04 -1.40 -30.52
C LEU J 94 -24.72 -1.66 -31.86
N PRO J 95 -24.41 -0.86 -32.88
CA PRO J 95 -24.89 -1.18 -34.23
C PRO J 95 -24.31 -2.49 -34.72
N GLU J 96 -25.11 -3.22 -35.51
CA GLU J 96 -24.68 -4.51 -36.01
C GLU J 96 -23.64 -4.41 -37.12
N ALA J 97 -23.34 -3.22 -37.62
CA ALA J 97 -22.37 -3.03 -38.69
C ALA J 97 -20.99 -2.65 -38.15
N LEU J 98 -20.78 -2.76 -36.84
CA LEU J 98 -19.50 -2.39 -36.24
C LEU J 98 -18.47 -3.48 -36.50
N SER J 99 -17.34 -3.09 -37.10
CA SER J 99 -16.20 -3.96 -37.31
C SER J 99 -14.94 -3.20 -36.94
N GLY J 100 -13.82 -3.91 -36.88
CA GLY J 100 -12.53 -3.31 -36.56
C GLY J 100 -12.16 -2.19 -37.52
N CYS J 101 -11.88 -1.00 -36.99
CA CYS J 101 -11.83 0.19 -37.81
C CYS J 101 -10.78 1.18 -37.32
N ILE J 102 -10.03 1.74 -38.26
CA ILE J 102 -9.22 2.93 -38.02
C ILE J 102 -9.69 3.98 -39.03
N PRO J 103 -10.02 5.20 -38.60
CA PRO J 103 -10.56 6.19 -39.53
C PRO J 103 -9.58 6.56 -40.64
N ASP J 104 -10.11 6.74 -41.85
CA ASP J 104 -9.38 7.17 -43.02
C ASP J 104 -9.74 8.62 -43.34
N ASP J 105 -9.21 9.12 -44.45
CA ASP J 105 -9.61 10.40 -45.00
C ASP J 105 -10.62 10.27 -46.13
N ARG J 106 -11.06 9.05 -46.44
CA ARG J 106 -12.07 8.84 -47.48
C ARG J 106 -13.45 9.31 -47.04
N PHE J 107 -13.71 9.35 -45.72
CA PHE J 107 -15.00 9.76 -45.20
C PHE J 107 -14.78 10.78 -44.08
N PRO J 108 -15.62 11.82 -44.01
CA PRO J 108 -15.35 12.89 -43.04
C PRO J 108 -15.72 12.52 -41.62
N TYR J 109 -16.74 11.69 -41.41
CA TYR J 109 -17.25 11.38 -40.09
C TYR J 109 -17.22 9.88 -39.86
N TRP J 110 -16.75 9.48 -38.68
CA TRP J 110 -16.67 8.08 -38.30
C TRP J 110 -17.26 7.90 -36.91
N LEU J 111 -18.07 6.87 -36.74
CA LEU J 111 -18.65 6.50 -35.44
C LEU J 111 -17.84 5.35 -34.87
N LEU J 112 -17.30 5.54 -33.67
CA LEU J 112 -16.38 4.57 -33.08
C LEU J 112 -16.78 4.29 -31.63
N THR J 113 -16.42 3.09 -31.17
CA THR J 113 -16.64 2.72 -29.77
C THR J 113 -15.59 3.38 -28.88
N ALA J 114 -15.96 3.58 -27.61
CA ALA J 114 -15.00 4.10 -26.64
C ALA J 114 -14.07 3.01 -26.11
N SER J 115 -14.37 1.74 -26.38
CA SER J 115 -13.51 0.64 -25.99
C SER J 115 -12.17 0.74 -26.71
N ARG J 116 -11.11 0.24 -26.05
CA ARG J 116 -9.76 0.44 -26.57
C ARG J 116 -9.54 -0.23 -27.92
N PRO J 117 -9.93 -1.51 -28.15
CA PRO J 117 -9.98 -1.98 -29.54
C PRO J 117 -11.23 -1.43 -30.21
N ARG J 118 -11.06 -0.42 -31.07
CA ARG J 118 -12.21 0.35 -31.53
C ARG J 118 -12.91 -0.33 -32.69
N LEU J 119 -14.23 -0.35 -32.63
CA LEU J 119 -15.09 -0.85 -33.70
C LEU J 119 -15.83 0.32 -34.31
N GLY J 120 -16.02 0.29 -35.63
CA GLY J 120 -16.70 1.43 -36.22
C GLY J 120 -16.97 1.24 -37.70
N LEU J 121 -17.57 2.28 -38.27
CA LEU J 121 -17.95 2.33 -39.68
C LEU J 121 -18.03 3.80 -40.08
N PRO J 122 -17.86 4.10 -41.38
CA PRO J 122 -18.11 5.47 -41.84
C PRO J 122 -19.59 5.80 -41.73
N VAL J 123 -19.89 7.01 -41.28
CA VAL J 123 -21.27 7.41 -40.99
C VAL J 123 -21.47 8.85 -41.43
N THR J 124 -22.65 9.13 -41.96
CA THR J 124 -23.07 10.49 -42.23
C THR J 124 -23.78 11.06 -41.02
N LEU J 125 -23.98 12.38 -41.02
CA LEU J 125 -24.68 13.02 -39.91
C LEU J 125 -26.14 12.58 -39.84
N ASN J 126 -26.78 12.34 -40.98
CA ASN J 126 -28.14 11.79 -40.96
C ASN J 126 -28.16 10.36 -40.41
N GLU J 127 -27.24 9.52 -40.88
CA GLU J 127 -27.16 8.15 -40.37
C GLU J 127 -26.76 8.12 -38.90
N TYR J 128 -25.84 8.99 -38.49
CA TYR J 128 -25.47 9.08 -37.07
C TYR J 128 -26.66 9.53 -36.23
N THR J 129 -27.43 10.50 -36.73
CA THR J 129 -28.63 10.94 -36.03
C THR J 129 -29.64 9.81 -35.89
N ALA J 130 -29.85 9.04 -36.97
CA ALA J 130 -30.79 7.93 -36.92
C ALA J 130 -30.33 6.86 -35.93
N LEU J 131 -29.04 6.50 -35.97
CA LEU J 131 -28.51 5.50 -35.05
C LEU J 131 -28.57 5.96 -33.61
N ALA J 132 -28.27 7.23 -33.34
CA ALA J 132 -28.36 7.75 -31.98
C ALA J 132 -29.81 7.79 -31.50
N VAL J 133 -30.75 8.10 -32.39
CA VAL J 133 -32.16 8.12 -32.02
C VAL J 133 -32.63 6.71 -31.67
N GLU J 134 -32.28 5.72 -32.49
CA GLU J 134 -32.84 4.39 -32.27
C GLU J 134 -31.94 3.49 -31.42
N LEU J 135 -30.83 4.01 -30.87
CA LEU J 135 -29.95 3.21 -30.03
C LEU J 135 -29.60 3.84 -28.69
N SER J 136 -30.03 5.07 -28.41
CA SER J 136 -29.55 5.78 -27.23
C SER J 136 -30.00 5.09 -25.94
N ALA J 137 -29.25 5.35 -24.87
CA ALA J 137 -29.50 4.76 -23.57
C ALA J 137 -30.20 5.78 -22.67
N PRO J 138 -31.24 5.35 -21.95
CA PRO J 138 -31.90 6.23 -21.00
C PRO J 138 -30.98 6.56 -19.83
N PRO J 139 -31.25 7.65 -19.10
CA PRO J 139 -30.31 8.09 -18.05
C PRO J 139 -30.12 7.09 -16.91
N LEU J 140 -31.06 6.18 -16.68
CA LEU J 140 -30.95 5.18 -15.63
C LEU J 140 -30.87 3.78 -16.21
N ALA J 141 -30.13 3.63 -17.31
CA ALA J 141 -29.97 2.33 -17.95
C ALA J 141 -29.10 1.38 -17.13
N TRP J 142 -28.35 1.88 -16.14
CA TRP J 142 -27.50 1.02 -15.33
C TRP J 142 -28.30 0.12 -14.40
N ILE J 143 -29.56 0.47 -14.09
CA ILE J 143 -30.41 -0.35 -13.25
C ILE J 143 -30.77 -1.67 -13.90
N THR J 144 -30.81 -1.73 -15.23
CA THR J 144 -31.09 -2.96 -15.96
C THR J 144 -30.04 -4.04 -15.75
N GLY J 145 -28.84 -3.68 -15.32
CA GLY J 145 -27.82 -4.66 -15.03
C GLY J 145 -28.07 -5.37 -13.70
N LEU J 146 -28.88 -4.75 -12.85
CA LEU J 146 -29.27 -5.33 -11.57
C LEU J 146 -30.52 -6.19 -11.69
N LEU J 147 -31.15 -6.25 -12.85
CA LEU J 147 -32.36 -7.02 -13.07
C LEU J 147 -32.06 -8.20 -14.00
N PRO J 148 -32.77 -9.32 -13.84
CA PRO J 148 -32.55 -10.46 -14.73
C PRO J 148 -32.99 -10.17 -16.16
N GLY J 149 -32.46 -10.95 -17.09
CA GLY J 149 -32.81 -10.79 -18.49
C GLY J 149 -34.16 -11.31 -18.89
N GLU J 150 -34.84 -12.05 -18.01
CA GLU J 150 -36.16 -12.59 -18.31
C GLU J 150 -37.30 -11.67 -17.87
N VAL J 151 -36.97 -10.56 -17.19
CA VAL J 151 -37.96 -9.52 -16.92
C VAL J 151 -37.77 -8.30 -17.80
N LEU J 152 -36.64 -8.21 -18.51
CA LEU J 152 -36.32 -7.06 -19.36
C LEU J 152 -36.44 -7.41 -20.84
N THR J 153 -36.93 -8.60 -21.17
CA THR J 153 -37.05 -9.00 -22.56
C THR J 153 -38.38 -8.55 -23.15
N HIS J 154 -38.35 -8.17 -24.43
CA HIS J 154 -39.55 -7.80 -25.16
C HIS J 154 -40.28 -9.00 -25.76
N ASP J 155 -39.68 -10.20 -25.67
CA ASP J 155 -40.32 -11.42 -26.13
C ASP J 155 -41.32 -11.87 -25.07
N ALA J 156 -42.61 -11.81 -25.42
CA ALA J 156 -43.68 -12.15 -24.47
C ALA J 156 -43.68 -13.61 -24.06
N GLU J 157 -43.14 -14.51 -24.89
CA GLU J 157 -43.07 -15.91 -24.53
C GLU J 157 -41.88 -16.25 -23.66
N GLU J 158 -40.89 -15.35 -23.57
CA GLU J 158 -39.74 -15.52 -22.70
C GLU J 158 -39.77 -14.57 -21.51
N TRP J 159 -40.88 -13.85 -21.31
CA TRP J 159 -40.98 -12.82 -20.29
C TRP J 159 -41.57 -13.39 -19.01
N ARG J 160 -41.03 -12.96 -17.88
CA ARG J 160 -41.54 -13.30 -16.56
C ARG J 160 -41.86 -12.01 -15.81
N PRO J 161 -43.00 -11.92 -15.14
CA PRO J 161 -43.30 -10.72 -14.35
C PRO J 161 -42.31 -10.53 -13.22
N PRO J 162 -41.89 -9.30 -12.96
CA PRO J 162 -40.96 -9.06 -11.85
C PRO J 162 -41.62 -9.33 -10.50
N THR J 163 -40.81 -9.76 -9.55
CA THR J 163 -41.25 -9.99 -8.19
C THR J 163 -41.34 -8.66 -7.44
N SER J 164 -41.76 -8.75 -6.17
CA SER J 164 -41.82 -7.55 -5.34
C SER J 164 -40.43 -6.97 -5.12
N TRP J 165 -39.44 -7.83 -4.87
CA TRP J 165 -38.07 -7.36 -4.66
C TRP J 165 -37.50 -6.72 -5.93
N GLU J 166 -37.82 -7.29 -7.10
CA GLU J 166 -37.36 -6.70 -8.35
C GLU J 166 -38.11 -5.42 -8.68
N LEU J 167 -39.36 -5.31 -8.24
CA LEU J 167 -40.08 -4.04 -8.36
C LEU J 167 -39.48 -2.95 -7.49
N ARG J 168 -39.08 -3.29 -6.26
CA ARG J 168 -38.54 -2.30 -5.32
C ARG J 168 -37.19 -1.74 -5.75
N HIS J 169 -36.61 -2.22 -6.84
CA HIS J 169 -35.41 -1.60 -7.38
C HIS J 169 -35.70 -0.20 -7.93
N VAL J 170 -36.94 0.03 -8.39
CA VAL J 170 -37.25 1.22 -9.16
C VAL J 170 -38.46 1.99 -8.65
N VAL J 171 -39.16 1.52 -7.62
CA VAL J 171 -40.49 2.05 -7.31
C VAL J 171 -40.53 2.86 -6.01
N GLY J 172 -39.61 2.61 -5.07
CA GLY J 172 -39.67 3.22 -3.76
C GLY J 172 -38.78 4.44 -3.63
N GLU J 173 -38.95 5.13 -2.50
CA GLU J 173 -38.06 6.24 -2.17
C GLU J 173 -36.63 5.79 -1.89
N GLY J 174 -36.45 4.57 -1.41
CA GLY J 174 -35.13 4.03 -1.19
C GLY J 174 -34.63 3.23 -2.38
N SER J 175 -35.35 3.32 -3.49
CA SER J 175 -34.98 2.61 -4.70
C SER J 175 -33.97 3.42 -5.50
N PHE J 176 -33.58 2.89 -6.66
CA PHE J 176 -32.54 3.51 -7.46
C PHE J 176 -33.06 4.64 -8.34
N THR J 177 -34.37 4.70 -8.59
CA THR J 177 -34.95 5.80 -9.34
C THR J 177 -35.37 6.95 -8.45
N GLY J 178 -35.75 6.66 -7.20
CA GLY J 178 -36.11 7.70 -6.24
C GLY J 178 -37.53 8.20 -6.32
N VAL J 179 -38.35 7.65 -7.21
CA VAL J 179 -39.75 8.03 -7.33
C VAL J 179 -40.55 7.26 -6.29
N SER J 180 -41.72 7.77 -5.92
CA SER J 180 -42.58 7.07 -4.99
C SER J 180 -43.45 6.05 -5.72
N GLY J 181 -44.13 5.22 -4.94
CA GLY J 181 -45.13 4.33 -5.51
C GLY J 181 -46.34 5.04 -6.08
N ALA J 182 -46.78 6.12 -5.45
CA ALA J 182 -47.86 6.94 -6.00
C ALA J 182 -47.46 7.63 -7.29
N ALA J 183 -46.22 8.12 -7.39
CA ALA J 183 -45.73 8.68 -8.63
C ALA J 183 -45.66 7.62 -9.73
N ALA J 184 -45.23 6.40 -9.38
CA ALA J 184 -45.17 5.32 -10.35
C ALA J 184 -46.58 4.93 -10.82
N ALA J 185 -47.55 4.94 -9.92
CA ALA J 185 -48.93 4.70 -10.31
C ALA J 185 -49.51 5.82 -11.15
N ALA J 186 -49.09 7.06 -10.90
CA ALA J 186 -49.52 8.18 -11.73
C ALA J 186 -48.92 8.09 -13.13
N LEU J 187 -47.69 7.59 -13.24
CA LEU J 187 -47.07 7.39 -14.54
C LEU J 187 -47.79 6.36 -15.39
N LEU J 188 -48.39 5.34 -14.78
CA LEU J 188 -49.09 4.30 -15.50
C LEU J 188 -50.59 4.56 -15.63
N GLY J 189 -51.08 5.67 -15.09
CA GLY J 189 -52.51 5.92 -15.08
C GLY J 189 -53.26 4.91 -14.23
N MET J 190 -52.71 4.61 -13.06
CA MET J 190 -53.21 3.55 -12.21
C MET J 190 -53.48 4.09 -10.81
N SER J 191 -54.40 3.43 -10.12
CA SER J 191 -54.68 3.77 -8.73
C SER J 191 -53.49 3.41 -7.85
N ALA J 192 -53.27 4.21 -6.81
CA ALA J 192 -52.13 3.97 -5.92
C ALA J 192 -52.28 2.69 -5.13
N THR J 193 -53.51 2.31 -4.78
CA THR J 193 -53.74 1.06 -4.06
C THR J 193 -53.44 -0.14 -4.94
N ASN J 194 -53.84 -0.09 -6.21
CA ASN J 194 -53.55 -1.18 -7.13
C ASN J 194 -52.06 -1.35 -7.35
N PHE J 195 -51.32 -0.25 -7.41
CA PHE J 195 -49.88 -0.34 -7.58
C PHE J 195 -49.18 -0.77 -6.30
N ARG J 196 -49.75 -0.46 -5.14
CA ARG J 196 -49.19 -0.96 -3.90
C ARG J 196 -49.41 -2.46 -3.86
N LYS J 197 -50.53 -2.93 -4.40
CA LYS J 197 -50.76 -4.37 -4.49
C LYS J 197 -49.68 -5.09 -5.29
N TYR J 198 -48.98 -4.39 -6.18
CA TYR J 198 -47.86 -4.97 -6.92
C TYR J 198 -46.63 -5.15 -6.05
N THR J 199 -46.27 -4.16 -5.23
CA THR J 199 -45.09 -4.19 -4.40
C THR J 199 -45.41 -4.64 -2.97
N ALA J 200 -46.42 -5.49 -2.82
CA ALA J 200 -46.83 -6.00 -1.52
C ALA J 200 -45.86 -7.11 -1.10
N GLY J 201 -45.55 -7.14 0.20
CA GLY J 201 -44.65 -8.15 0.72
C GLY J 201 -45.25 -9.54 0.68
N ASP J 202 -44.41 -10.52 1.00
CA ASP J 202 -44.85 -11.91 0.99
C ASP J 202 -45.86 -12.19 2.09
N SER J 203 -45.85 -11.39 3.17
CA SER J 203 -46.81 -11.51 4.25
C SER J 203 -48.08 -10.71 3.92
N ALA J 204 -48.70 -11.08 2.80
CA ALA J 204 -49.90 -10.41 2.33
C ALA J 204 -50.74 -11.39 1.53
N ALA J 205 -52.06 -11.20 1.57
CA ALA J 205 -52.97 -12.06 0.83
C ALA J 205 -53.35 -11.48 -0.52
N ASN J 206 -53.30 -10.17 -0.68
CA ASN J 206 -53.66 -9.50 -1.93
C ASN J 206 -52.39 -9.08 -2.64
N ARG J 207 -51.90 -9.92 -3.56
CA ARG J 207 -50.73 -9.62 -4.35
C ARG J 207 -51.06 -9.78 -5.82
N GLN J 208 -50.68 -8.81 -6.63
CA GLN J 208 -50.92 -8.83 -8.06
C GLN J 208 -49.60 -8.77 -8.82
N LYS J 209 -49.55 -9.47 -9.94
CA LYS J 209 -48.38 -9.48 -10.80
C LYS J 209 -48.60 -8.52 -11.96
N ILE J 210 -47.61 -7.65 -12.19
CA ILE J 210 -47.72 -6.62 -13.22
C ILE J 210 -47.69 -7.26 -14.60
N SER J 211 -48.38 -6.63 -15.54
CA SER J 211 -48.51 -7.15 -16.90
C SER J 211 -47.30 -6.74 -17.74
N PHE J 212 -47.25 -7.28 -18.96
CA PHE J 212 -46.16 -7.00 -19.88
C PHE J 212 -46.13 -5.52 -20.26
N ALA J 213 -47.26 -5.00 -20.73
CA ALA J 213 -47.32 -3.63 -21.21
C ALA J 213 -47.14 -2.63 -20.08
N ALA J 214 -47.73 -2.90 -18.92
CA ALA J 214 -47.60 -1.99 -17.79
C ALA J 214 -46.16 -1.93 -17.28
N TRP J 215 -45.51 -3.09 -17.17
CA TRP J 215 -44.12 -3.14 -16.72
C TRP J 215 -43.19 -2.42 -17.69
N HIS J 216 -43.36 -2.67 -18.99
CA HIS J 216 -42.46 -2.05 -19.96
C HIS J 216 -42.75 -0.55 -20.12
N TYR J 217 -44.00 -0.13 -20.00
CA TYR J 217 -44.29 1.30 -20.03
C TYR J 217 -43.77 1.99 -18.77
N LEU J 218 -43.80 1.30 -17.63
CA LEU J 218 -43.18 1.84 -16.43
C LEU J 218 -41.68 2.01 -16.60
N LEU J 219 -41.03 1.01 -17.21
CA LEU J 219 -39.59 1.12 -17.47
C LEU J 219 -39.30 2.26 -18.45
N ASP J 220 -40.18 2.46 -19.43
CA ASP J 220 -40.02 3.58 -20.36
C ASP J 220 -40.15 4.91 -19.64
N ARG J 221 -41.20 5.08 -18.84
CA ARG J 221 -41.47 6.36 -18.20
C ARG J 221 -40.52 6.66 -17.06
N LEU J 222 -39.89 5.66 -16.47
CA LEU J 222 -38.92 5.86 -15.41
C LEU J 222 -37.53 6.21 -15.92
N GLY J 223 -37.30 6.08 -17.22
CA GLY J 223 -35.97 6.28 -17.77
C GLY J 223 -35.02 5.13 -17.57
N VAL J 224 -35.50 3.89 -17.56
CA VAL J 224 -34.66 2.73 -17.31
C VAL J 224 -34.40 1.95 -18.60
N LYS J 225 -35.43 1.78 -19.44
CA LYS J 225 -35.28 1.07 -20.69
C LYS J 225 -36.23 1.68 -21.73
N ARG J 226 -35.81 1.65 -22.99
CA ARG J 226 -36.65 1.97 -24.15
C ARG J 226 -37.10 3.44 -24.06
N ALA J 227 -36.17 4.30 -23.65
CA ALA J 227 -36.44 5.73 -23.59
C ALA J 227 -35.47 6.56 -24.41
N SER J 228 -34.39 5.97 -24.93
CA SER J 228 -33.37 6.67 -25.71
C SER J 228 -32.80 7.89 -24.99
N MET K 1 -75.52 -6.70 -49.90
CA MET K 1 -74.92 -7.86 -49.27
C MET K 1 -74.51 -7.56 -47.83
N ASN K 2 -73.20 -7.54 -47.59
CA ASN K 2 -72.65 -7.30 -46.27
C ASN K 2 -71.83 -6.02 -46.26
N ALA K 3 -71.79 -5.37 -45.10
CA ALA K 3 -71.04 -4.14 -44.91
C ALA K 3 -69.56 -4.47 -44.74
N ILE K 4 -68.73 -4.03 -45.68
CA ILE K 4 -67.31 -4.30 -45.66
C ILE K 4 -66.64 -3.26 -44.76
N HIS K 5 -65.92 -3.74 -43.74
CA HIS K 5 -65.20 -2.89 -42.80
C HIS K 5 -63.71 -2.98 -43.08
N ILE K 6 -63.12 -1.86 -43.49
CA ILE K 6 -61.67 -1.81 -43.74
C ILE K 6 -61.05 -0.82 -42.77
N GLY K 7 -60.61 -1.31 -41.60
CA GLY K 7 -60.08 -0.45 -40.56
C GLY K 7 -61.11 0.53 -40.07
N PRO K 8 -60.79 1.82 -40.14
CA PRO K 8 -61.77 2.85 -39.78
C PRO K 8 -62.80 3.13 -40.87
N PHE K 9 -62.67 2.49 -42.04
CA PHE K 9 -63.59 2.68 -43.14
C PHE K 9 -64.65 1.57 -43.15
N SER K 10 -65.84 1.92 -43.64
CA SER K 10 -66.95 0.98 -43.67
C SER K 10 -67.75 1.22 -44.94
N ILE K 11 -67.77 0.24 -45.83
CA ILE K 11 -68.56 0.32 -47.06
C ILE K 11 -69.91 -0.33 -46.82
N THR K 12 -70.95 0.47 -46.59
CA THR K 12 -72.23 -0.17 -46.33
C THR K 12 -73.12 -0.10 -47.57
N PRO K 13 -73.86 -1.18 -47.85
CA PRO K 13 -74.75 -1.17 -49.02
C PRO K 13 -76.11 -0.56 -48.72
N ALA K 14 -76.79 -0.18 -49.78
CA ALA K 14 -78.15 0.33 -49.67
C ALA K 14 -79.11 -0.83 -49.43
N ALA K 15 -80.09 -0.62 -48.56
CA ALA K 15 -81.06 -1.67 -48.27
C ALA K 15 -81.91 -2.00 -49.49
N ARG K 16 -82.36 -0.97 -50.21
CA ARG K 16 -83.06 -1.20 -51.46
C ARG K 16 -82.05 -1.39 -52.60
N GLY K 17 -82.59 -1.79 -53.76
CA GLY K 17 -81.77 -2.03 -54.93
C GLY K 17 -82.34 -1.35 -56.16
N LEU K 18 -81.60 -1.47 -57.26
CA LEU K 18 -81.98 -0.86 -58.52
C LEU K 18 -81.48 -1.74 -59.66
N HIS K 19 -81.98 -1.46 -60.86
CA HIS K 19 -81.63 -2.22 -62.05
C HIS K 19 -81.09 -1.26 -63.10
N TYR K 20 -79.80 -0.95 -63.03
CA TYR K 20 -79.17 -0.14 -64.06
C TYR K 20 -78.83 -1.01 -65.25
N GLY K 21 -79.41 -0.68 -66.40
CA GLY K 21 -79.40 -1.59 -67.53
C GLY K 21 -80.44 -2.68 -67.33
N GLY K 22 -79.99 -3.92 -67.18
CA GLY K 22 -80.88 -5.00 -66.83
C GLY K 22 -80.39 -5.77 -65.63
N LEU K 23 -79.10 -5.62 -65.32
CA LEU K 23 -78.48 -6.36 -64.24
C LEU K 23 -78.88 -5.78 -62.89
N PRO K 24 -78.90 -6.59 -61.83
CA PRO K 24 -79.16 -6.06 -60.48
C PRO K 24 -78.03 -5.16 -60.02
N HIS K 25 -78.38 -4.19 -59.17
CA HIS K 25 -77.45 -3.15 -58.75
C HIS K 25 -77.78 -2.70 -57.34
N HIS K 26 -76.75 -2.24 -56.62
CA HIS K 26 -76.90 -1.68 -55.30
C HIS K 26 -75.98 -0.48 -55.13
N GLN K 27 -76.37 0.41 -54.22
CA GLN K 27 -75.58 1.60 -53.92
C GLN K 27 -74.67 1.33 -52.73
N TRP K 28 -73.37 1.36 -52.97
CA TRP K 28 -72.37 1.17 -51.93
C TRP K 28 -71.83 2.53 -51.50
N THR K 29 -71.81 2.76 -50.18
CA THR K 29 -71.46 4.06 -49.62
C THR K 29 -70.23 3.91 -48.73
N LEU K 30 -69.14 4.58 -49.10
CA LEU K 30 -67.95 4.61 -48.27
C LEU K 30 -68.13 5.57 -47.10
N TYR K 31 -67.66 5.14 -45.93
CA TYR K 31 -67.76 5.96 -44.72
C TYR K 31 -66.40 6.04 -44.06
N TYR K 32 -66.06 7.21 -43.53
CA TYR K 32 -64.96 7.37 -42.58
C TYR K 32 -65.60 7.77 -41.26
N GLY K 33 -66.01 6.76 -40.48
CA GLY K 33 -66.77 7.00 -39.29
C GLY K 33 -68.13 7.60 -39.61
N PRO K 34 -68.41 8.77 -39.06
CA PRO K 34 -69.68 9.44 -39.35
C PRO K 34 -69.62 10.31 -40.60
N ARG K 35 -68.51 10.24 -41.35
CA ARG K 35 -68.29 11.07 -42.51
C ARG K 35 -68.48 10.25 -43.78
N GLU K 36 -69.27 10.78 -44.71
CA GLU K 36 -69.57 10.11 -45.97
C GLU K 36 -68.66 10.66 -47.06
N MET K 37 -67.93 9.76 -47.74
CA MET K 37 -67.00 10.19 -48.77
C MET K 37 -67.47 9.91 -50.18
N ALA K 38 -68.16 8.80 -50.42
CA ALA K 38 -68.52 8.46 -51.80
C ALA K 38 -69.71 7.52 -51.81
N ILE K 39 -70.53 7.65 -52.86
CA ILE K 39 -71.59 6.70 -53.19
C ILE K 39 -71.29 6.16 -54.59
N LYS K 40 -71.20 4.84 -54.70
CA LYS K 40 -70.93 4.20 -55.99
C LYS K 40 -71.90 3.06 -56.20
N THR K 41 -72.66 3.13 -57.31
CA THR K 41 -73.62 2.09 -57.64
C THR K 41 -72.89 0.93 -58.31
N LEU K 42 -73.03 -0.26 -57.75
CA LEU K 42 -72.30 -1.43 -58.18
C LEU K 42 -73.25 -2.61 -58.37
N PRO K 43 -72.89 -3.55 -59.25
CA PRO K 43 -73.72 -4.75 -59.41
C PRO K 43 -73.68 -5.65 -58.19
N ASP K 44 -74.62 -6.59 -58.15
CA ASP K 44 -74.63 -7.61 -57.11
C ASP K 44 -73.74 -8.80 -57.43
N SER K 45 -73.18 -8.85 -58.64
CA SER K 45 -72.33 -9.99 -59.00
C SER K 45 -70.91 -9.81 -58.48
N TYR K 46 -70.54 -8.60 -58.10
CA TYR K 46 -69.21 -8.35 -57.55
C TYR K 46 -69.07 -8.97 -56.17
N THR K 47 -67.89 -9.55 -55.92
CA THR K 47 -67.58 -10.07 -54.60
C THR K 47 -67.12 -8.93 -53.67
N SER K 48 -66.98 -9.26 -52.39
CA SER K 48 -66.54 -8.27 -51.41
C SER K 48 -65.12 -7.78 -51.70
N SER K 49 -64.23 -8.70 -52.09
CA SER K 49 -62.86 -8.35 -52.42
C SER K 49 -62.74 -7.52 -53.70
N GLU K 50 -63.81 -7.44 -54.49
CA GLU K 50 -63.83 -6.61 -55.69
C GLU K 50 -64.46 -5.24 -55.45
N VAL K 51 -65.48 -5.16 -54.59
CA VAL K 51 -65.95 -3.86 -54.13
C VAL K 51 -64.86 -3.16 -53.32
N ARG K 52 -64.07 -3.93 -52.56
CA ARG K 52 -62.95 -3.37 -51.82
C ARG K 52 -61.93 -2.75 -52.77
N ASP K 53 -61.61 -3.45 -53.86
CA ASP K 53 -60.72 -2.92 -54.89
C ASP K 53 -61.33 -1.72 -55.60
N GLU K 54 -62.66 -1.71 -55.78
CA GLU K 54 -63.34 -0.57 -56.39
C GLU K 54 -63.22 0.68 -55.52
N PHE K 55 -63.31 0.53 -54.20
CA PHE K 55 -63.23 1.66 -53.28
C PHE K 55 -61.81 1.93 -52.77
N SER K 56 -60.83 1.12 -53.18
CA SER K 56 -59.46 1.24 -52.68
C SER K 56 -58.78 2.55 -53.05
N ASP K 57 -59.02 3.10 -54.24
CA ASP K 57 -58.32 4.31 -54.66
C ASP K 57 -58.71 5.53 -53.83
N ILE K 58 -59.98 5.67 -53.47
CA ILE K 58 -60.40 6.78 -52.61
C ILE K 58 -59.77 6.65 -51.23
N ILE K 59 -59.69 5.45 -50.69
CA ILE K 59 -59.00 5.22 -49.41
C ILE K 59 -57.52 5.56 -49.52
N ALA K 60 -56.87 5.19 -50.62
CA ALA K 60 -55.47 5.54 -50.83
C ALA K 60 -55.24 7.04 -50.92
N GLU K 61 -56.12 7.76 -51.62
CA GLU K 61 -56.06 9.22 -51.64
C GLU K 61 -56.28 9.84 -50.27
N PHE K 62 -57.22 9.30 -49.49
CA PHE K 62 -57.43 9.78 -48.13
C PHE K 62 -56.18 9.57 -47.27
N VAL K 63 -55.54 8.41 -47.42
CA VAL K 63 -54.34 8.12 -46.62
C VAL K 63 -53.19 9.04 -47.05
N ILE K 64 -53.08 9.31 -48.34
CA ILE K 64 -52.05 10.23 -48.82
C ILE K 64 -52.27 11.64 -48.26
N ASP K 65 -53.51 12.12 -48.30
CA ASP K 65 -53.82 13.44 -47.76
C ASP K 65 -53.58 13.50 -46.25
N ALA K 66 -53.95 12.45 -45.53
CA ALA K 66 -53.74 12.42 -44.09
C ALA K 66 -52.26 12.39 -43.74
N ARG K 67 -51.46 11.62 -44.48
CA ARG K 67 -50.02 11.60 -44.26
C ARG K 67 -49.35 12.92 -44.60
N HIS K 68 -49.83 13.63 -45.63
CA HIS K 68 -49.23 14.90 -46.01
C HIS K 68 -49.63 16.06 -45.10
N ARG K 69 -50.90 16.16 -44.70
CA ARG K 69 -51.31 17.32 -43.90
C ARG K 69 -50.92 17.18 -42.44
N TYR K 70 -50.59 15.96 -41.99
CA TYR K 70 -50.17 15.74 -40.60
C TYR K 70 -48.71 15.30 -40.50
N ALA K 71 -47.89 15.68 -41.47
CA ALA K 71 -46.47 15.36 -41.40
C ALA K 71 -45.80 16.15 -40.28
N PRO K 72 -44.93 15.51 -39.49
CA PRO K 72 -44.25 16.23 -38.40
C PRO K 72 -43.30 17.28 -38.94
N ASP K 73 -43.03 18.29 -38.10
CA ASP K 73 -42.15 19.39 -38.45
C ASP K 73 -40.71 18.88 -38.61
N VAL K 74 -40.03 19.36 -39.65
CA VAL K 74 -38.67 18.94 -39.92
C VAL K 74 -37.70 20.02 -39.45
N LEU K 75 -36.67 19.61 -38.74
CA LEU K 75 -35.58 20.50 -38.33
C LEU K 75 -34.39 20.29 -39.24
N GLU K 76 -33.59 21.33 -39.40
CA GLU K 76 -32.43 21.29 -40.28
C GLU K 76 -31.18 21.71 -39.51
N LEU K 77 -30.12 20.91 -39.64
CA LEU K 77 -28.81 21.25 -39.11
C LEU K 77 -27.97 21.83 -40.24
N VAL K 78 -27.47 23.05 -40.05
CA VAL K 78 -26.75 23.78 -41.08
C VAL K 78 -25.42 24.25 -40.53
N ASN K 79 -24.56 24.71 -41.43
CA ASN K 79 -23.24 25.21 -41.09
C ASN K 79 -23.33 26.67 -40.67
N SER K 80 -22.20 27.36 -40.59
CA SER K 80 -22.15 28.75 -40.15
C SER K 80 -22.60 29.74 -41.24
N ASP K 81 -23.20 29.25 -42.32
CA ASP K 81 -23.73 30.10 -43.37
C ASP K 81 -25.23 29.95 -43.55
N GLY K 82 -25.76 28.74 -43.34
CA GLY K 82 -27.17 28.48 -43.50
C GLY K 82 -27.59 27.98 -44.87
N ASP K 83 -26.65 27.73 -45.76
CA ASP K 83 -26.94 27.28 -47.12
C ASP K 83 -26.95 25.76 -47.26
N ALA K 84 -26.00 25.07 -46.64
CA ALA K 84 -25.90 23.61 -46.76
C ALA K 84 -26.60 22.95 -45.58
N VAL K 85 -27.47 21.98 -45.88
CA VAL K 85 -28.18 21.23 -44.86
C VAL K 85 -27.37 19.96 -44.59
N LEU K 86 -26.72 19.92 -43.43
CA LEU K 86 -25.88 18.76 -43.10
C LEU K 86 -26.70 17.57 -42.63
N ALA K 87 -27.76 17.81 -41.86
CA ALA K 87 -28.62 16.73 -41.39
C ALA K 87 -30.00 17.29 -41.09
N ARG K 88 -31.02 16.49 -41.37
CA ARG K 88 -32.40 16.86 -41.10
C ARG K 88 -33.10 15.76 -40.30
N VAL K 89 -33.92 16.18 -39.34
CA VAL K 89 -34.66 15.25 -38.48
C VAL K 89 -36.09 15.76 -38.33
N ALA K 90 -37.05 14.85 -38.47
CA ALA K 90 -38.43 15.20 -38.22
C ALA K 90 -38.74 15.08 -36.73
N VAL K 91 -39.36 16.11 -36.16
CA VAL K 91 -39.60 16.19 -34.73
C VAL K 91 -41.10 16.25 -34.47
N SER K 92 -41.51 15.63 -33.35
CA SER K 92 -42.90 15.70 -32.91
C SER K 92 -43.22 17.05 -32.27
N ARG K 93 -42.23 17.70 -31.66
CA ARG K 93 -42.41 19.02 -31.10
C ARG K 93 -41.10 19.79 -31.24
N LEU K 94 -41.21 21.11 -31.36
CA LEU K 94 -40.03 21.93 -31.56
C LEU K 94 -39.25 22.09 -30.25
N PRO K 95 -37.96 22.40 -30.33
CA PRO K 95 -37.20 22.71 -29.11
C PRO K 95 -37.76 23.93 -28.38
N GLU K 96 -37.62 23.90 -27.05
CA GLU K 96 -38.19 24.93 -26.19
C GLU K 96 -37.57 26.31 -26.40
N ALA K 97 -36.31 26.37 -26.82
CA ALA K 97 -35.56 27.63 -26.86
C ALA K 97 -35.40 28.17 -28.28
N LEU K 98 -36.29 27.82 -29.20
CA LEU K 98 -36.20 28.34 -30.55
C LEU K 98 -36.65 29.78 -30.61
N SER K 99 -35.88 30.62 -31.29
CA SER K 99 -36.25 31.99 -31.60
C SER K 99 -35.84 32.27 -33.03
N GLY K 100 -36.38 33.35 -33.59
CA GLY K 100 -36.06 33.76 -34.95
C GLY K 100 -34.57 33.99 -35.13
N CYS K 101 -33.97 33.32 -36.12
CA CYS K 101 -32.52 33.25 -36.19
C CYS K 101 -32.05 33.24 -37.63
N ILE K 102 -30.92 33.90 -37.87
CA ILE K 102 -30.17 33.80 -39.11
C ILE K 102 -28.75 33.37 -38.75
N PRO K 103 -28.24 32.28 -39.32
CA PRO K 103 -26.92 31.78 -38.92
C PRO K 103 -25.81 32.77 -39.22
N ASP K 104 -24.82 32.83 -38.33
CA ASP K 104 -23.63 33.65 -38.48
C ASP K 104 -22.40 32.77 -38.32
N ASP K 105 -21.23 33.41 -38.27
CA ASP K 105 -19.96 32.70 -38.31
C ASP K 105 -19.44 32.36 -36.90
N ARG K 106 -19.97 32.99 -35.85
CA ARG K 106 -19.39 32.80 -34.52
C ARG K 106 -19.68 31.39 -34.00
N PHE K 107 -20.69 30.73 -34.55
CA PHE K 107 -20.99 29.35 -34.18
C PHE K 107 -20.98 28.46 -35.42
N PRO K 108 -20.40 27.26 -35.32
CA PRO K 108 -20.25 26.43 -36.53
C PRO K 108 -21.50 25.68 -36.93
N TYR K 109 -22.38 25.39 -35.97
CA TYR K 109 -23.55 24.56 -36.22
C TYR K 109 -24.80 25.29 -35.75
N TRP K 110 -25.86 25.23 -36.57
CA TRP K 110 -27.12 25.89 -36.25
C TRP K 110 -28.26 24.94 -36.55
N LEU K 111 -29.25 24.90 -35.66
CA LEU K 111 -30.42 24.04 -35.79
C LEU K 111 -31.61 24.90 -36.16
N LEU K 112 -31.93 24.96 -37.45
CA LEU K 112 -33.02 25.78 -37.96
C LEU K 112 -34.22 24.93 -38.34
N THR K 113 -35.38 25.57 -38.32
CA THR K 113 -36.62 24.93 -38.77
C THR K 113 -36.69 24.93 -40.30
N ALA K 114 -37.58 24.08 -40.82
CA ALA K 114 -37.80 24.03 -42.26
C ALA K 114 -38.80 25.08 -42.73
N SER K 115 -39.58 25.67 -41.83
CA SER K 115 -40.48 26.74 -42.20
C SER K 115 -39.68 27.98 -42.58
N ARG K 116 -40.19 28.73 -43.56
CA ARG K 116 -39.43 29.85 -44.12
C ARG K 116 -39.11 30.95 -43.10
N PRO K 117 -40.01 31.37 -42.20
CA PRO K 117 -39.50 32.19 -41.08
C PRO K 117 -38.74 31.30 -40.09
N ARG K 118 -37.47 31.04 -40.42
CA ARG K 118 -36.71 30.00 -39.75
C ARG K 118 -36.33 30.39 -38.34
N LEU K 119 -36.97 29.76 -37.37
CA LEU K 119 -36.48 29.81 -36.00
C LEU K 119 -35.21 28.97 -35.88
N GLY K 120 -34.40 29.28 -34.88
CA GLY K 120 -33.13 28.59 -34.77
C GLY K 120 -32.57 28.66 -33.37
N LEU K 121 -31.42 27.99 -33.20
CA LEU K 121 -30.76 27.87 -31.91
C LEU K 121 -29.33 27.41 -32.17
N PRO K 122 -28.32 28.11 -31.63
CA PRO K 122 -26.93 27.64 -31.79
C PRO K 122 -26.69 26.39 -30.95
N VAL K 123 -26.24 25.33 -31.61
CA VAL K 123 -25.99 24.05 -30.95
C VAL K 123 -24.64 23.51 -31.39
N THR K 124 -24.08 22.64 -30.56
CA THR K 124 -22.99 21.76 -30.95
C THR K 124 -23.56 20.41 -31.36
N LEU K 125 -22.68 19.53 -31.84
CA LEU K 125 -23.14 18.21 -32.30
C LEU K 125 -23.69 17.38 -31.15
N ASN K 126 -23.10 17.48 -29.95
CA ASN K 126 -23.59 16.71 -28.82
C ASN K 126 -24.97 17.17 -28.39
N GLU K 127 -25.19 18.48 -28.26
CA GLU K 127 -26.51 19.00 -27.95
C GLU K 127 -27.50 18.79 -29.08
N TYR K 128 -27.05 18.82 -30.34
CA TYR K 128 -27.94 18.49 -31.45
C TYR K 128 -28.42 17.05 -31.36
N THR K 129 -27.51 16.12 -31.04
CA THR K 129 -27.92 14.73 -30.89
C THR K 129 -28.81 14.52 -29.67
N ALA K 130 -28.57 15.27 -28.59
CA ALA K 130 -29.46 15.21 -27.44
C ALA K 130 -30.87 15.68 -27.81
N LEU K 131 -30.97 16.79 -28.54
CA LEU K 131 -32.27 17.28 -28.99
C LEU K 131 -32.94 16.31 -29.95
N ALA K 132 -32.16 15.71 -30.85
CA ALA K 132 -32.72 14.75 -31.80
C ALA K 132 -33.23 13.51 -31.10
N VAL K 133 -32.50 13.03 -30.08
CA VAL K 133 -32.96 11.87 -29.32
C VAL K 133 -34.21 12.21 -28.53
N GLU K 134 -34.25 13.40 -27.93
CA GLU K 134 -35.40 13.78 -27.10
C GLU K 134 -36.65 14.05 -27.93
N LEU K 135 -36.49 14.61 -29.13
CA LEU K 135 -37.60 15.20 -29.86
C LEU K 135 -37.98 14.46 -31.13
N SER K 136 -37.38 13.30 -31.42
CA SER K 136 -37.58 12.65 -32.70
C SER K 136 -39.04 12.20 -32.89
N ALA K 137 -39.42 12.03 -34.15
CA ALA K 137 -40.77 11.63 -34.51
C ALA K 137 -40.79 10.22 -35.04
N PRO K 138 -41.77 9.40 -34.61
CA PRO K 138 -41.86 8.04 -35.13
C PRO K 138 -42.28 8.05 -36.59
N PRO K 139 -42.01 6.97 -37.32
CA PRO K 139 -42.36 6.94 -38.75
C PRO K 139 -43.85 7.10 -39.05
N LEU K 140 -44.73 6.59 -38.19
CA LEU K 140 -46.17 6.68 -38.39
C LEU K 140 -46.78 7.73 -37.46
N ALA K 141 -46.05 8.81 -37.22
CA ALA K 141 -46.53 9.88 -36.36
C ALA K 141 -47.67 10.69 -36.98
N TRP K 142 -47.93 10.53 -38.28
CA TRP K 142 -49.00 11.25 -38.94
C TRP K 142 -50.38 10.75 -38.55
N ILE K 143 -50.48 9.56 -37.96
CA ILE K 143 -51.77 9.03 -37.53
C ILE K 143 -52.30 9.73 -36.29
N THR K 144 -51.43 10.42 -35.54
CA THR K 144 -51.85 11.19 -34.38
C THR K 144 -52.70 12.40 -34.76
N GLY K 145 -52.65 12.86 -36.01
CA GLY K 145 -53.49 13.95 -36.45
C GLY K 145 -54.91 13.50 -36.69
N LEU K 146 -55.10 12.20 -36.94
CA LEU K 146 -56.41 11.61 -37.12
C LEU K 146 -57.02 11.12 -35.82
N LEU K 147 -56.32 11.29 -34.70
CA LEU K 147 -56.79 10.85 -33.40
C LEU K 147 -57.07 12.05 -32.50
N PRO K 148 -58.03 11.95 -31.58
CA PRO K 148 -58.30 13.07 -30.66
C PRO K 148 -57.11 13.36 -29.76
N GLY K 149 -57.00 14.61 -29.34
CA GLY K 149 -55.93 15.00 -28.46
C GLY K 149 -56.05 14.55 -27.03
N GLU K 150 -57.22 14.05 -26.63
CA GLU K 150 -57.42 13.55 -25.28
C GLU K 150 -57.15 12.05 -25.14
N VAL K 151 -56.96 11.34 -26.26
CA VAL K 151 -56.55 9.95 -26.18
C VAL K 151 -55.04 9.78 -26.37
N LEU K 152 -54.34 10.84 -26.78
CA LEU K 152 -52.90 10.80 -26.98
C LEU K 152 -52.14 11.51 -25.86
N THR K 153 -52.84 12.12 -24.92
CA THR K 153 -52.19 12.89 -23.87
C THR K 153 -51.55 11.96 -22.84
N HIS K 154 -50.42 12.40 -22.28
CA HIS K 154 -49.69 11.64 -21.27
C HIS K 154 -50.18 11.92 -19.85
N ASP K 155 -51.09 12.88 -19.68
CA ASP K 155 -51.65 13.18 -18.37
C ASP K 155 -52.79 12.21 -18.11
N ALA K 156 -52.67 11.42 -17.04
CA ALA K 156 -53.64 10.37 -16.73
C ALA K 156 -55.00 10.92 -16.33
N GLU K 157 -55.05 12.10 -15.72
CA GLU K 157 -56.34 12.66 -15.30
C GLU K 157 -57.13 13.20 -16.47
N GLU K 158 -56.45 13.69 -17.51
CA GLU K 158 -57.10 14.25 -18.68
C GLU K 158 -57.17 13.25 -19.84
N TRP K 159 -56.84 11.99 -19.59
CA TRP K 159 -56.81 10.97 -20.62
C TRP K 159 -58.15 10.26 -20.72
N ARG K 160 -58.58 10.01 -21.95
CA ARG K 160 -59.80 9.28 -22.23
C ARG K 160 -59.48 8.05 -23.08
N PRO K 161 -59.96 6.87 -22.71
CA PRO K 161 -59.65 5.66 -23.48
C PRO K 161 -60.21 5.75 -24.89
N PRO K 162 -59.47 5.27 -25.88
CA PRO K 162 -59.98 5.30 -27.26
C PRO K 162 -61.16 4.36 -27.44
N THR K 163 -62.04 4.73 -28.36
CA THR K 163 -63.18 3.90 -28.70
C THR K 163 -62.73 2.79 -29.66
N SER K 164 -63.69 1.96 -30.08
CA SER K 164 -63.38 0.91 -31.05
C SER K 164 -62.97 1.48 -32.40
N TRP K 165 -63.68 2.51 -32.87
CA TRP K 165 -63.34 3.12 -34.15
C TRP K 165 -62.01 3.85 -34.12
N GLU K 166 -61.70 4.52 -33.01
CA GLU K 166 -60.39 5.15 -32.84
C GLU K 166 -59.28 4.13 -32.68
N LEU K 167 -59.59 2.93 -32.18
CA LEU K 167 -58.63 1.85 -32.11
C LEU K 167 -58.38 1.17 -33.46
N ARG K 168 -59.39 1.14 -34.33
CA ARG K 168 -59.23 0.60 -35.68
C ARG K 168 -58.27 1.43 -36.53
N HIS K 169 -57.94 2.66 -36.12
CA HIS K 169 -56.97 3.47 -36.84
C HIS K 169 -55.58 2.88 -36.80
N VAL K 170 -55.24 2.17 -35.73
CA VAL K 170 -53.87 1.71 -35.52
C VAL K 170 -53.74 0.19 -35.52
N VAL K 171 -54.80 -0.57 -35.28
CA VAL K 171 -54.74 -2.03 -35.32
C VAL K 171 -55.81 -2.53 -36.27
N GLY K 172 -55.52 -3.60 -36.97
CA GLY K 172 -56.46 -4.20 -37.92
C GLY K 172 -55.80 -4.41 -39.26
N GLU K 173 -56.43 -5.28 -40.06
CA GLU K 173 -55.93 -5.57 -41.40
C GLU K 173 -55.97 -4.35 -42.31
N GLY K 174 -57.05 -3.58 -42.25
CA GLY K 174 -57.17 -2.39 -43.07
C GLY K 174 -56.91 -1.11 -42.29
N SER K 175 -56.06 -1.20 -41.28
CA SER K 175 -55.71 -0.04 -40.46
C SER K 175 -54.63 0.79 -41.14
N PHE K 176 -54.29 1.93 -40.54
CA PHE K 176 -53.25 2.78 -41.08
C PHE K 176 -51.85 2.27 -40.77
N THR K 177 -51.71 1.34 -39.83
CA THR K 177 -50.45 0.68 -39.56
C THR K 177 -50.32 -0.68 -40.24
N GLY K 178 -51.43 -1.36 -40.48
CA GLY K 178 -51.42 -2.63 -41.17
C GLY K 178 -51.08 -3.83 -40.33
N VAL K 179 -51.13 -3.71 -39.01
CA VAL K 179 -50.83 -4.82 -38.11
C VAL K 179 -52.14 -5.50 -37.71
N SER K 180 -52.10 -6.83 -37.61
CA SER K 180 -53.28 -7.58 -37.24
C SER K 180 -53.53 -7.48 -35.73
N GLY K 181 -54.70 -7.94 -35.31
CA GLY K 181 -55.02 -8.02 -33.90
C GLY K 181 -54.15 -8.99 -33.12
N ALA K 182 -53.80 -10.13 -33.71
CA ALA K 182 -52.88 -11.06 -33.09
C ALA K 182 -51.49 -10.48 -32.91
N ALA K 183 -50.99 -9.75 -33.91
CA ALA K 183 -49.69 -9.10 -33.78
C ALA K 183 -49.72 -8.00 -32.73
N ALA K 184 -50.81 -7.24 -32.65
CA ALA K 184 -50.94 -6.22 -31.62
C ALA K 184 -51.01 -6.83 -30.23
N ALA K 185 -51.71 -7.96 -30.10
CA ALA K 185 -51.77 -8.65 -28.81
C ALA K 185 -50.39 -9.21 -28.43
N ALA K 186 -49.65 -9.72 -29.42
CA ALA K 186 -48.29 -10.20 -29.15
C ALA K 186 -47.36 -9.05 -28.77
N LEU K 187 -47.58 -7.86 -29.32
CA LEU K 187 -46.80 -6.70 -28.92
C LEU K 187 -47.12 -6.25 -27.49
N LEU K 188 -48.36 -6.41 -27.05
CA LEU K 188 -48.76 -6.06 -25.69
C LEU K 188 -48.58 -7.22 -24.72
N GLY K 189 -48.14 -8.38 -25.21
CA GLY K 189 -47.94 -9.54 -24.35
C GLY K 189 -49.21 -10.09 -23.75
N MET K 190 -50.30 -10.05 -24.52
CA MET K 190 -51.60 -10.55 -24.06
C MET K 190 -52.19 -11.44 -25.14
N SER K 191 -53.30 -12.08 -24.82
CA SER K 191 -53.97 -12.99 -25.73
C SER K 191 -54.72 -12.22 -26.80
N ALA K 192 -54.88 -12.83 -27.98
CA ALA K 192 -55.62 -12.21 -29.06
C ALA K 192 -57.11 -12.12 -28.74
N THR K 193 -57.63 -13.05 -27.93
CA THR K 193 -59.04 -13.03 -27.57
C THR K 193 -59.38 -11.82 -26.71
N ASN K 194 -58.44 -11.36 -25.89
CA ASN K 194 -58.68 -10.17 -25.07
C ASN K 194 -58.59 -8.90 -25.91
N PHE K 195 -57.70 -8.88 -26.91
CA PHE K 195 -57.60 -7.72 -27.79
C PHE K 195 -58.80 -7.62 -28.71
N ARG K 196 -59.42 -8.74 -29.03
CA ARG K 196 -60.58 -8.72 -29.87
C ARG K 196 -61.70 -8.11 -29.09
N LYS K 197 -61.70 -8.24 -27.78
CA LYS K 197 -62.67 -7.53 -26.96
C LYS K 197 -62.44 -6.02 -26.97
N TYR K 198 -61.18 -5.59 -27.08
CA TYR K 198 -60.90 -4.16 -27.28
C TYR K 198 -61.46 -3.68 -28.62
N THR K 199 -61.27 -4.47 -29.68
CA THR K 199 -61.67 -4.07 -31.02
C THR K 199 -63.11 -4.44 -31.35
N ALA K 200 -63.85 -5.01 -30.40
CA ALA K 200 -65.23 -5.41 -30.63
C ALA K 200 -66.13 -4.19 -30.73
N GLY K 201 -67.08 -4.23 -31.66
CA GLY K 201 -68.02 -3.14 -31.84
C GLY K 201 -69.44 -3.67 -31.97
N ASP K 202 -70.38 -2.93 -31.39
CA ASP K 202 -71.83 -3.16 -31.44
C ASP K 202 -72.23 -4.42 -30.67
N SER K 203 -71.25 -5.15 -30.13
CA SER K 203 -71.51 -6.34 -29.31
C SER K 203 -71.32 -5.93 -27.85
N ALA K 204 -72.42 -5.49 -27.23
CA ALA K 204 -72.39 -4.98 -25.86
C ALA K 204 -72.01 -6.05 -24.84
N ALA K 205 -72.23 -7.32 -25.14
CA ALA K 205 -71.81 -8.42 -24.27
C ALA K 205 -70.31 -8.59 -24.41
N ASN K 206 -69.60 -8.47 -23.29
CA ASN K 206 -68.15 -8.66 -23.19
C ASN K 206 -67.37 -7.74 -24.13
N ARG K 207 -67.50 -6.43 -23.94
CA ARG K 207 -66.68 -5.45 -24.64
C ARG K 207 -65.89 -4.67 -23.61
N GLN K 208 -64.58 -4.54 -23.84
CA GLN K 208 -63.68 -3.98 -22.85
C GLN K 208 -63.08 -2.67 -23.34
N LYS K 209 -62.39 -1.98 -22.42
CA LYS K 209 -61.70 -0.74 -22.71
C LYS K 209 -60.21 -0.94 -22.44
N ILE K 210 -59.38 -0.31 -23.27
CA ILE K 210 -57.93 -0.40 -23.08
C ILE K 210 -57.51 0.55 -21.96
N SER K 211 -56.38 0.23 -21.34
CA SER K 211 -55.88 1.02 -20.23
C SER K 211 -54.85 2.03 -20.71
N PHE K 212 -54.46 2.93 -19.80
CA PHE K 212 -53.51 3.99 -20.14
C PHE K 212 -52.16 3.41 -20.53
N ALA K 213 -51.60 2.54 -19.69
CA ALA K 213 -50.29 1.96 -19.97
C ALA K 213 -50.32 1.10 -21.22
N ALA K 214 -51.37 0.29 -21.40
CA ALA K 214 -51.47 -0.55 -22.59
C ALA K 214 -51.61 0.27 -23.86
N TRP K 215 -52.44 1.31 -23.83
CA TRP K 215 -52.62 2.17 -25.00
C TRP K 215 -51.33 2.89 -25.38
N HIS K 216 -50.65 3.47 -24.39
CA HIS K 216 -49.43 4.20 -24.71
C HIS K 216 -48.29 3.28 -25.09
N TYR K 217 -48.21 2.08 -24.51
CA TYR K 217 -47.20 1.12 -24.93
C TYR K 217 -47.47 0.59 -26.33
N LEU K 218 -48.75 0.40 -26.69
CA LEU K 218 -49.10 0.00 -28.05
C LEU K 218 -48.72 1.09 -29.04
N LEU K 219 -49.00 2.35 -28.70
CA LEU K 219 -48.59 3.46 -29.57
C LEU K 219 -47.07 3.54 -29.68
N ASP K 220 -46.37 3.20 -28.60
CA ASP K 220 -44.91 3.11 -28.65
C ASP K 220 -44.44 2.02 -29.62
N ARG K 221 -45.02 0.83 -29.52
CA ARG K 221 -44.54 -0.31 -30.29
C ARG K 221 -44.92 -0.25 -31.77
N LEU K 222 -46.08 0.33 -32.08
CA LEU K 222 -46.50 0.43 -33.48
C LEU K 222 -45.74 1.51 -34.24
N GLY K 223 -45.09 2.43 -33.55
CA GLY K 223 -44.43 3.54 -34.20
C GLY K 223 -45.28 4.76 -34.42
N VAL K 224 -46.21 5.06 -33.51
CA VAL K 224 -47.13 6.18 -33.67
C VAL K 224 -46.79 7.34 -32.75
N LYS K 225 -46.34 7.05 -31.53
CA LYS K 225 -46.04 8.08 -30.55
C LYS K 225 -44.98 7.54 -29.59
N ARG K 226 -44.31 8.45 -28.88
CA ARG K 226 -43.37 8.13 -27.80
C ARG K 226 -42.16 7.36 -28.32
N ALA K 227 -41.83 7.57 -29.60
CA ALA K 227 -40.71 6.86 -30.20
C ALA K 227 -39.63 7.83 -30.64
N SER K 228 -39.30 8.78 -29.76
CA SER K 228 -38.28 9.78 -30.05
C SER K 228 -36.90 9.17 -30.10
#